data_4AUB
#
_entry.id   4AUB
#
_cell.length_a   91.813
_cell.length_b   191.092
_cell.length_c   97.303
_cell.angle_alpha   90.00
_cell.angle_beta   105.97
_cell.angle_gamma   90.00
#
_symmetry.space_group_name_H-M   'P 1 21 1'
#
loop_
_entity.id
_entity.type
_entity.pdbx_description
1 polymer 'ALDO-KETO REDUCTASE AKR14A1'
2 non-polymer 'NADP NICOTINAMIDE-ADENINE-DINUCLEOTIDE PHOSPHATE'
3 non-polymer 'CITRATE ANION'
4 water water
#
_entity_poly.entity_id   1
_entity_poly.type   'polypeptide(L)'
_entity_poly.pdbx_seq_one_letter_code
;MGSSHHHHHHSSGLVPRGSHMVWLANPERYGQMQYRYCGKSGLRLPALSLGLWHNFGHVNALESQRAILRKAFDLGITHF
DLANNYGPPPGSAEENFGRLLREDFAAYRDELIISTKAGYDMWPGPYGSGGSRKYLLASLDQSLKRMGLEYVDIFYSHRV
DENTPMEETASALAHAVQSGKALYVGISSYSPERTQKMVELLREWKIPLLIHQPSYNLLNRWVDKSGLLDTLQNNGVGCI
AFTPLAQGLLTGKYLNGIPQDSRMHREGNKVRGLTPKMLTEANLNSLRLLNEMAQQRGQSMAQMALSWLLKDDRVTSVLI
GASRAEQLEENVQALNNLTFSTKELAQIDQHIADGELNLWQASSDK
;
_entity_poly.pdbx_strand_id   A,B,C,D,E,F,G,H
#
loop_
_chem_comp.id
_chem_comp.type
_chem_comp.name
_chem_comp.formula
FLC non-polymer 'CITRATE ANION' 'C6 H5 O7 -3'
NAP non-polymer 'NADP NICOTINAMIDE-ADENINE-DINUCLEOTIDE PHOSPHATE' 'C21 H28 N7 O17 P3'
#
# COMPACT_ATOMS: atom_id res chain seq x y z
N VAL A 22 -24.02 -4.58 14.26
CA VAL A 22 -23.67 -5.98 13.88
C VAL A 22 -25.00 -6.60 13.45
N TRP A 23 -25.09 -7.04 12.19
CA TRP A 23 -26.32 -7.66 11.69
C TRP A 23 -26.11 -9.13 11.39
N LEU A 24 -27.06 -9.94 11.87
CA LEU A 24 -27.14 -11.38 11.60
C LEU A 24 -28.33 -11.75 10.67
N ALA A 25 -28.02 -12.28 9.50
CA ALA A 25 -29.00 -12.82 8.60
C ALA A 25 -29.82 -13.97 9.25
N ASN A 26 -31.04 -14.13 8.82
CA ASN A 26 -31.90 -15.23 9.29
C ASN A 26 -31.26 -16.61 9.10
N PRO A 27 -31.02 -17.36 10.18
CA PRO A 27 -30.40 -18.69 10.00
C PRO A 27 -31.23 -19.66 9.16
N GLU A 28 -32.52 -19.43 9.01
CA GLU A 28 -33.39 -20.30 8.21
C GLU A 28 -33.56 -19.79 6.79
N ARG A 29 -32.71 -18.85 6.36
CA ARG A 29 -32.92 -18.21 5.08
C ARG A 29 -32.87 -19.19 3.89
N TYR A 30 -32.17 -20.32 4.02
CA TYR A 30 -32.14 -21.25 2.90
C TYR A 30 -33.20 -22.35 2.97
N GLY A 31 -34.06 -22.29 3.98
CA GLY A 31 -35.07 -23.35 4.22
C GLY A 31 -36.29 -23.33 3.32
N GLN A 32 -36.75 -22.17 2.89
CA GLN A 32 -37.99 -22.09 2.08
C GLN A 32 -37.76 -21.75 0.58
N MET A 33 -36.75 -20.93 0.24
CA MET A 33 -36.56 -20.51 -1.16
C MET A 33 -36.27 -21.69 -2.07
N GLN A 34 -36.77 -21.63 -3.30
CA GLN A 34 -36.46 -22.62 -4.31
C GLN A 34 -35.27 -22.09 -5.12
N TYR A 35 -34.29 -22.95 -5.38
CA TYR A 35 -33.14 -22.60 -6.26
C TYR A 35 -33.19 -23.47 -7.51
N ARG A 36 -32.82 -22.89 -8.64
CA ARG A 36 -32.82 -23.58 -9.92
C ARG A 36 -31.45 -23.45 -10.56
N TYR A 37 -30.94 -24.56 -11.11
CA TYR A 37 -29.74 -24.52 -11.91
C TYR A 37 -29.97 -23.59 -13.09
N CYS A 38 -28.97 -22.74 -13.36
CA CYS A 38 -29.01 -21.83 -14.45
C CYS A 38 -28.59 -22.50 -15.75
N GLY A 39 -29.54 -22.91 -16.59
CA GLY A 39 -29.23 -23.60 -17.85
C GLY A 39 -28.41 -24.86 -17.51
N LYS A 40 -27.32 -25.14 -18.20
CA LYS A 40 -26.55 -26.37 -17.93
C LYS A 40 -25.45 -26.15 -16.92
N SER A 41 -25.33 -24.95 -16.39
CA SER A 41 -24.24 -24.64 -15.44
C SER A 41 -24.48 -25.25 -14.07
N GLY A 42 -23.49 -25.13 -13.19
CA GLY A 42 -23.66 -25.53 -11.80
C GLY A 42 -24.10 -24.40 -10.88
N LEU A 43 -24.47 -23.24 -11.44
CA LEU A 43 -24.86 -22.09 -10.63
C LEU A 43 -26.35 -22.13 -10.36
N ARG A 44 -26.73 -22.18 -9.09
CA ARG A 44 -28.13 -22.21 -8.77
C ARG A 44 -28.60 -20.79 -8.39
N LEU A 45 -29.56 -20.26 -9.13
CA LEU A 45 -30.16 -18.98 -8.79
C LEU A 45 -31.44 -19.18 -7.94
N PRO A 46 -31.75 -18.22 -7.08
CA PRO A 46 -33.04 -18.27 -6.43
C PRO A 46 -34.15 -18.06 -7.47
N ALA A 47 -35.31 -18.69 -7.25
CA ALA A 47 -36.36 -18.68 -8.20
C ALA A 47 -36.87 -17.23 -8.30
N LEU A 48 -36.77 -16.47 -7.23
CA LEU A 48 -37.00 -15.00 -7.29
C LEU A 48 -35.69 -14.27 -6.97
N SER A 49 -35.32 -13.34 -7.84
CA SER A 49 -34.13 -12.52 -7.67
C SER A 49 -34.59 -11.10 -7.48
N LEU A 50 -33.78 -10.27 -6.80
CA LEU A 50 -34.10 -8.83 -6.69
C LEU A 50 -33.31 -7.97 -7.65
N GLY A 51 -34.05 -7.12 -8.40
CA GLY A 51 -33.46 -6.12 -9.21
C GLY A 51 -33.42 -4.73 -8.55
N LEU A 52 -32.37 -3.95 -8.84
CA LEU A 52 -32.19 -2.64 -8.23
C LEU A 52 -32.44 -1.49 -9.20
N TRP A 53 -33.22 -1.76 -10.25
CA TRP A 53 -33.55 -0.78 -11.28
C TRP A 53 -34.21 0.40 -10.64
N HIS A 54 -35.19 0.16 -9.76
CA HIS A 54 -35.76 1.25 -9.01
C HIS A 54 -35.64 1.08 -7.56
N ASN A 55 -35.70 2.21 -6.86
CA ASN A 55 -35.75 2.30 -5.39
C ASN A 55 -34.41 2.26 -4.66
N PHE A 56 -33.29 2.31 -5.42
CA PHE A 56 -31.97 2.28 -4.81
C PHE A 56 -31.07 3.43 -5.30
N GLY A 57 -31.68 4.53 -5.74
CA GLY A 57 -30.96 5.71 -6.11
C GLY A 57 -30.67 6.59 -4.92
N HIS A 58 -29.93 7.65 -5.18
CA HIS A 58 -29.76 8.71 -4.18
C HIS A 58 -31.03 9.49 -3.87
N VAL A 59 -32.08 9.33 -4.68
CA VAL A 59 -33.40 9.85 -4.35
C VAL A 59 -34.20 9.04 -3.31
N ASN A 60 -33.65 7.91 -2.89
CA ASN A 60 -34.30 7.00 -1.95
C ASN A 60 -33.47 6.88 -0.72
N ALA A 61 -34.10 7.01 0.47
CA ALA A 61 -33.38 7.00 1.70
C ALA A 61 -32.63 5.64 1.89
N LEU A 62 -31.39 5.70 2.36
CA LEU A 62 -30.61 4.50 2.55
C LEU A 62 -31.22 3.51 3.54
N GLU A 63 -31.92 3.98 4.57
CA GLU A 63 -32.57 3.06 5.50
C GLU A 63 -33.61 2.21 4.83
N SER A 64 -34.40 2.80 3.93
CA SER A 64 -35.40 2.06 3.18
C SER A 64 -34.78 1.01 2.29
N GLN A 65 -33.67 1.37 1.61
CA GLN A 65 -32.91 0.40 0.80
C GLN A 65 -32.38 -0.74 1.69
N ARG A 66 -31.81 -0.40 2.84
CA ARG A 66 -31.23 -1.40 3.73
C ARG A 66 -32.27 -2.44 4.17
N ALA A 67 -33.45 -1.98 4.51
CA ALA A 67 -34.47 -2.91 4.97
C ALA A 67 -34.82 -3.89 3.84
N ILE A 68 -34.83 -3.40 2.59
CA ILE A 68 -35.23 -4.22 1.44
C ILE A 68 -34.17 -5.31 1.20
N LEU A 69 -32.91 -4.95 1.19
CA LEU A 69 -31.87 -5.93 0.94
C LEU A 69 -31.79 -6.94 2.05
N ARG A 70 -31.90 -6.49 3.30
CA ARG A 70 -31.87 -7.46 4.41
C ARG A 70 -33.03 -8.47 4.34
N LYS A 71 -34.22 -7.99 4.01
CA LYS A 71 -35.41 -8.87 3.92
C LYS A 71 -35.22 -9.84 2.76
N ALA A 72 -34.69 -9.36 1.63
CA ALA A 72 -34.49 -10.21 0.51
C ALA A 72 -33.55 -11.38 0.94
N PHE A 73 -32.44 -11.08 1.56
CA PHE A 73 -31.45 -12.14 1.93
C PHE A 73 -32.06 -13.06 2.99
N ASP A 74 -32.87 -12.50 3.92
CA ASP A 74 -33.48 -13.31 4.96
C ASP A 74 -34.51 -14.31 4.34
N LEU A 75 -35.14 -13.95 3.21
CA LEU A 75 -36.00 -14.84 2.46
C LEU A 75 -35.24 -15.79 1.50
N GLY A 76 -33.91 -15.74 1.50
CA GLY A 76 -33.11 -16.63 0.69
C GLY A 76 -32.86 -16.14 -0.71
N ILE A 77 -33.25 -14.92 -0.99
CA ILE A 77 -32.92 -14.32 -2.29
C ILE A 77 -31.44 -13.97 -2.23
N THR A 78 -30.64 -14.66 -3.03
CA THR A 78 -29.21 -14.52 -3.04
C THR A 78 -28.66 -13.85 -4.30
N HIS A 79 -29.54 -13.43 -5.21
CA HIS A 79 -29.12 -12.79 -6.39
C HIS A 79 -29.66 -11.36 -6.47
N PHE A 80 -28.75 -10.41 -6.66
CA PHE A 80 -29.05 -9.00 -6.78
C PHE A 80 -28.53 -8.50 -8.09
N ASP A 81 -29.44 -7.92 -8.86
CA ASP A 81 -29.20 -7.58 -10.24
C ASP A 81 -29.11 -6.07 -10.35
N LEU A 82 -27.98 -5.61 -10.87
CA LEU A 82 -27.68 -4.19 -11.01
C LEU A 82 -27.27 -3.90 -12.44
N ALA A 83 -27.15 -2.62 -12.75
CA ALA A 83 -26.56 -2.17 -14.00
C ALA A 83 -25.91 -0.86 -13.73
N ASN A 84 -25.00 -0.48 -14.60
CA ASN A 84 -24.34 0.77 -14.41
C ASN A 84 -25.29 1.95 -14.20
N ASN A 85 -26.34 2.08 -15.01
CA ASN A 85 -27.11 3.30 -15.00
C ASN A 85 -28.33 3.25 -14.06
N TYR A 86 -28.42 2.23 -13.23
CA TYR A 86 -29.52 2.23 -12.27
C TYR A 86 -29.35 3.29 -11.22
N GLY A 87 -30.45 3.98 -10.93
CA GLY A 87 -30.48 5.04 -9.88
C GLY A 87 -31.91 5.52 -9.63
N PRO A 88 -32.20 6.82 -9.86
CA PRO A 88 -31.31 7.88 -10.29
C PRO A 88 -30.53 8.50 -9.13
N PRO A 89 -29.43 9.19 -9.44
CA PRO A 89 -28.84 9.29 -10.77
C PRO A 89 -28.05 8.05 -11.18
N PRO A 90 -27.60 8.03 -12.44
CA PRO A 90 -26.91 6.87 -12.94
C PRO A 90 -25.73 6.52 -12.07
N GLY A 91 -25.52 5.23 -11.79
CA GLY A 91 -24.43 4.81 -10.90
C GLY A 91 -24.81 4.69 -9.43
N SER A 92 -25.87 5.38 -9.02
CA SER A 92 -26.14 5.47 -7.59
C SER A 92 -26.60 4.13 -6.96
N ALA A 93 -27.37 3.31 -7.68
CA ALA A 93 -27.75 1.99 -7.15
C ALA A 93 -26.53 1.16 -6.80
N GLU A 94 -25.56 1.15 -7.67
CA GLU A 94 -24.32 0.40 -7.48
C GLU A 94 -23.54 0.96 -6.27
N GLU A 95 -23.40 2.27 -6.19
CA GLU A 95 -22.78 2.88 -5.00
C GLU A 95 -23.54 2.53 -3.70
N ASN A 96 -24.87 2.72 -3.71
CA ASN A 96 -25.63 2.43 -2.48
C ASN A 96 -25.51 0.92 -2.14
N PHE A 97 -25.57 0.07 -3.13
CA PHE A 97 -25.41 -1.34 -2.91
C PHE A 97 -24.05 -1.64 -2.29
N GLY A 98 -23.01 -1.01 -2.81
CA GLY A 98 -21.66 -1.18 -2.27
C GLY A 98 -21.53 -0.77 -0.83
N ARG A 99 -22.21 0.31 -0.47
CA ARG A 99 -22.29 0.73 0.94
C ARG A 99 -22.97 -0.29 1.85
N LEU A 100 -24.13 -0.78 1.43
CA LEU A 100 -24.85 -1.78 2.22
C LEU A 100 -24.09 -3.09 2.28
N LEU A 101 -23.33 -3.41 1.23
CA LEU A 101 -22.51 -4.64 1.20
C LEU A 101 -21.44 -4.65 2.27
N ARG A 102 -20.79 -3.49 2.38
CA ARG A 102 -19.71 -3.23 3.31
C ARG A 102 -20.27 -3.18 4.76
N GLU A 103 -21.40 -2.53 4.96
CA GLU A 103 -22.02 -2.43 6.28
C GLU A 103 -22.67 -3.73 6.77
N ASP A 104 -23.51 -4.37 5.98
CA ASP A 104 -24.36 -5.47 6.46
C ASP A 104 -23.96 -6.82 5.85
N PHE A 105 -23.24 -6.83 4.72
CA PHE A 105 -22.97 -8.10 4.08
C PHE A 105 -21.51 -8.43 4.03
N ALA A 106 -20.73 -7.84 4.90
CA ALA A 106 -19.27 -8.11 4.96
C ALA A 106 -18.96 -9.58 4.95
N ALA A 107 -19.67 -10.32 5.76
CA ALA A 107 -19.39 -11.74 5.92
C ALA A 107 -20.09 -12.58 4.85
N TYR A 108 -20.92 -11.99 3.99
CA TYR A 108 -21.82 -12.76 3.15
C TYR A 108 -21.58 -12.68 1.62
N ARG A 109 -20.55 -11.95 1.19
CA ARG A 109 -20.37 -11.74 -0.21
C ARG A 109 -20.37 -13.04 -0.98
N ASP A 110 -19.74 -14.05 -0.43
CA ASP A 110 -19.56 -15.30 -1.10
C ASP A 110 -20.85 -16.14 -1.17
N GLU A 111 -21.87 -15.70 -0.45
CA GLU A 111 -23.20 -16.31 -0.54
C GLU A 111 -24.07 -15.50 -1.51
N LEU A 112 -23.52 -14.47 -2.15
CA LEU A 112 -24.37 -13.61 -3.07
C LEU A 112 -23.93 -13.74 -4.54
N ILE A 113 -24.88 -13.58 -5.48
CA ILE A 113 -24.60 -13.50 -6.88
C ILE A 113 -24.96 -12.08 -7.27
N ILE A 114 -23.95 -11.32 -7.64
CA ILE A 114 -24.12 -9.90 -7.97
C ILE A 114 -23.86 -9.76 -9.44
N SER A 115 -24.75 -9.06 -10.15
CA SER A 115 -24.50 -8.81 -11.57
C SER A 115 -24.48 -7.32 -11.86
N THR A 116 -23.77 -6.96 -12.91
CA THR A 116 -23.97 -5.70 -13.51
C THR A 116 -23.90 -5.82 -15.06
N LYS A 117 -24.11 -4.70 -15.72
CA LYS A 117 -24.32 -4.65 -17.12
C LYS A 117 -23.82 -3.35 -17.72
N ALA A 118 -23.52 -3.39 -19.03
CA ALA A 118 -23.26 -2.18 -19.73
C ALA A 118 -23.85 -2.34 -21.13
N GLY A 119 -24.46 -1.27 -21.65
CA GLY A 119 -25.05 -1.24 -22.98
C GLY A 119 -25.92 0.00 -23.26
N TYR A 120 -26.65 0.46 -22.28
CA TYR A 120 -27.46 1.67 -22.44
C TYR A 120 -26.61 2.93 -22.17
N ASP A 121 -27.23 4.09 -22.27
CA ASP A 121 -26.56 5.34 -22.04
C ASP A 121 -26.14 5.42 -20.60
N MET A 122 -24.87 5.67 -20.34
CA MET A 122 -24.39 5.80 -19.01
C MET A 122 -23.70 7.12 -18.81
N TRP A 123 -22.72 7.43 -19.62
CA TRP A 123 -22.05 8.69 -19.55
C TRP A 123 -22.03 9.37 -20.90
N PRO A 124 -21.75 10.66 -20.89
CA PRO A 124 -21.84 11.38 -22.18
C PRO A 124 -20.81 10.97 -23.22
N GLY A 125 -21.19 11.10 -24.48
CA GLY A 125 -20.27 10.87 -25.57
C GLY A 125 -20.31 9.49 -26.20
N PRO A 126 -19.54 9.30 -27.24
CA PRO A 126 -19.53 8.10 -28.03
C PRO A 126 -19.00 6.84 -27.32
N TYR A 127 -18.40 6.94 -26.12
CA TYR A 127 -17.89 5.71 -25.43
C TYR A 127 -18.76 5.40 -24.20
N GLY A 128 -19.90 6.13 -24.07
CA GLY A 128 -20.76 6.02 -22.92
C GLY A 128 -22.02 5.19 -23.10
N SER A 129 -22.10 4.49 -24.23
CA SER A 129 -23.25 3.72 -24.60
C SER A 129 -22.81 2.67 -25.59
N GLY A 130 -23.62 1.62 -25.80
CA GLY A 130 -23.40 0.71 -26.90
C GLY A 130 -22.65 -0.55 -26.48
N GLY A 131 -21.99 -1.20 -27.43
CA GLY A 131 -21.32 -2.49 -27.18
C GLY A 131 -19.82 -2.58 -27.46
N SER A 132 -19.10 -1.43 -27.51
CA SER A 132 -17.68 -1.44 -27.82
C SER A 132 -16.88 -2.04 -26.63
N ARG A 133 -15.66 -2.45 -26.96
CA ARG A 133 -14.72 -2.98 -25.95
C ARG A 133 -14.40 -1.84 -25.01
N LYS A 134 -14.22 -0.64 -25.56
CA LYS A 134 -13.94 0.56 -24.74
C LYS A 134 -15.01 0.72 -23.65
N TYR A 135 -16.25 0.78 -24.08
CA TYR A 135 -17.37 1.12 -23.14
C TYR A 135 -17.52 -0.04 -22.15
N LEU A 136 -17.55 -1.26 -22.63
CA LEU A 136 -17.79 -2.40 -21.73
C LEU A 136 -16.72 -2.53 -20.67
N LEU A 137 -15.49 -2.45 -21.06
CA LEU A 137 -14.38 -2.66 -20.09
C LEU A 137 -14.19 -1.44 -19.17
N ALA A 138 -14.34 -0.24 -19.71
CA ALA A 138 -14.23 0.96 -18.90
C ALA A 138 -15.42 0.92 -17.90
N SER A 139 -16.59 0.54 -18.40
CA SER A 139 -17.81 0.52 -17.52
C SER A 139 -17.69 -0.51 -16.41
N LEU A 140 -17.24 -1.73 -16.73
CA LEU A 140 -17.01 -2.73 -15.73
C LEU A 140 -16.11 -2.22 -14.65
N ASP A 141 -14.98 -1.60 -15.01
CA ASP A 141 -14.14 -1.02 -13.99
C ASP A 141 -14.87 -0.02 -13.13
N GLN A 142 -15.65 0.90 -13.70
CA GLN A 142 -16.37 1.87 -12.88
C GLN A 142 -17.37 1.18 -11.93
N SER A 143 -18.06 0.15 -12.42
CA SER A 143 -19.03 -0.58 -11.63
C SER A 143 -18.36 -1.29 -10.46
N LEU A 144 -17.19 -1.91 -10.70
CA LEU A 144 -16.50 -2.59 -9.60
C LEU A 144 -16.03 -1.60 -8.55
N LYS A 145 -15.60 -0.42 -8.99
CA LYS A 145 -15.19 0.60 -8.05
C LYS A 145 -16.37 1.15 -7.25
N ARG A 146 -17.49 1.43 -7.91
CA ARG A 146 -18.66 1.93 -7.22
C ARG A 146 -19.14 0.93 -6.21
N MET A 147 -19.15 -0.34 -6.54
CA MET A 147 -19.66 -1.38 -5.62
C MET A 147 -18.62 -1.88 -4.60
N GLY A 148 -17.35 -1.51 -4.80
CA GLY A 148 -16.30 -1.93 -3.89
C GLY A 148 -15.99 -3.41 -4.00
N LEU A 149 -16.07 -3.97 -5.19
CA LEU A 149 -15.93 -5.43 -5.39
C LEU A 149 -14.72 -5.69 -6.22
N GLU A 150 -14.09 -6.83 -6.00
CA GLU A 150 -13.04 -7.31 -6.89
CA GLU A 150 -13.02 -7.30 -6.87
C GLU A 150 -13.60 -7.83 -8.19
N TYR A 151 -14.79 -8.44 -8.15
CA TYR A 151 -15.45 -8.99 -9.36
C TYR A 151 -16.93 -9.07 -9.13
N VAL A 152 -17.68 -9.08 -10.24
CA VAL A 152 -19.06 -9.42 -10.25
C VAL A 152 -19.18 -10.89 -10.57
N ASP A 153 -20.25 -11.53 -10.09
CA ASP A 153 -20.58 -12.86 -10.53
C ASP A 153 -21.01 -12.98 -11.95
N ILE A 154 -21.78 -12.01 -12.44
CA ILE A 154 -22.27 -12.04 -13.80
C ILE A 154 -22.14 -10.69 -14.41
N PHE A 155 -21.41 -10.59 -15.57
CA PHE A 155 -21.38 -9.38 -16.30
C PHE A 155 -22.16 -9.54 -17.60
N TYR A 156 -23.04 -8.56 -17.90
CA TYR A 156 -23.84 -8.61 -19.07
C TYR A 156 -23.58 -7.54 -20.12
N SER A 157 -23.68 -7.93 -21.40
CA SER A 157 -24.03 -6.99 -22.46
C SER A 157 -25.51 -6.69 -22.35
N HIS A 158 -25.84 -5.45 -22.06
CA HIS A 158 -27.20 -5.04 -21.56
C HIS A 158 -28.20 -5.00 -22.68
N ARG A 159 -27.72 -4.80 -23.93
CA ARG A 159 -28.64 -4.77 -25.09
C ARG A 159 -27.82 -4.97 -26.31
N VAL A 160 -28.49 -5.15 -27.44
CA VAL A 160 -27.82 -5.31 -28.72
C VAL A 160 -27.30 -3.97 -29.21
N ASP A 161 -26.06 -3.95 -29.73
CA ASP A 161 -25.56 -2.80 -30.43
C ASP A 161 -25.30 -3.29 -31.85
N GLU A 162 -26.10 -2.82 -32.81
CA GLU A 162 -26.03 -3.34 -34.17
C GLU A 162 -24.84 -2.71 -34.90
N ASN A 163 -24.28 -1.65 -34.36
CA ASN A 163 -23.08 -1.01 -34.94
C ASN A 163 -21.76 -1.50 -34.37
N THR A 164 -21.76 -2.40 -33.40
CA THR A 164 -20.51 -3.05 -32.95
C THR A 164 -20.55 -4.51 -33.30
N PRO A 165 -19.50 -5.02 -33.96
CA PRO A 165 -19.54 -6.43 -34.29
C PRO A 165 -19.54 -7.25 -33.04
N MET A 166 -20.39 -8.27 -33.03
CA MET A 166 -20.54 -9.10 -31.85
C MET A 166 -19.27 -9.78 -31.42
N GLU A 167 -18.36 -10.03 -32.39
CA GLU A 167 -16.99 -10.46 -32.08
C GLU A 167 -16.32 -9.55 -31.03
N GLU A 168 -16.56 -8.25 -31.13
CA GLU A 168 -15.91 -7.23 -30.27
C GLU A 168 -16.59 -7.31 -28.88
N THR A 169 -17.90 -7.32 -28.88
CA THR A 169 -18.67 -7.44 -27.59
C THR A 169 -18.31 -8.73 -26.88
N ALA A 170 -18.27 -9.83 -27.60
CA ALA A 170 -17.90 -11.12 -27.05
C ALA A 170 -16.52 -11.17 -26.47
N SER A 171 -15.55 -10.66 -27.22
CA SER A 171 -14.21 -10.62 -26.77
C SER A 171 -14.02 -9.74 -25.53
N ALA A 172 -14.80 -8.66 -25.41
CA ALA A 172 -14.84 -7.88 -24.17
C ALA A 172 -15.34 -8.67 -23.02
N LEU A 173 -16.45 -9.42 -23.22
CA LEU A 173 -16.99 -10.25 -22.14
C LEU A 173 -15.94 -11.30 -21.73
N ALA A 174 -15.23 -11.86 -22.72
CA ALA A 174 -14.18 -12.89 -22.47
C ALA A 174 -13.02 -12.31 -21.67
N HIS A 175 -12.62 -11.07 -22.00
CA HIS A 175 -11.60 -10.42 -21.25
C HIS A 175 -11.99 -10.19 -19.76
N ALA A 176 -13.22 -9.82 -19.52
CA ALA A 176 -13.77 -9.68 -18.16
C ALA A 176 -13.58 -10.98 -17.35
N VAL A 177 -13.88 -12.12 -17.96
CA VAL A 177 -13.72 -13.40 -17.33
C VAL A 177 -12.26 -13.75 -17.13
N GLN A 178 -11.49 -13.72 -18.22
CA GLN A 178 -10.04 -14.02 -18.19
C GLN A 178 -9.26 -13.18 -17.19
N SER A 179 -9.63 -11.91 -17.05
CA SER A 179 -8.96 -11.05 -16.10
C SER A 179 -9.45 -11.20 -14.68
N GLY A 180 -10.49 -11.99 -14.42
CA GLY A 180 -10.93 -12.17 -13.04
C GLY A 180 -11.86 -11.09 -12.58
N LYS A 181 -12.46 -10.32 -13.51
CA LYS A 181 -13.38 -9.26 -13.10
C LYS A 181 -14.87 -9.70 -13.12
N ALA A 182 -15.14 -10.85 -13.69
CA ALA A 182 -16.46 -11.44 -13.77
C ALA A 182 -16.27 -12.97 -13.73
N LEU A 183 -17.10 -13.69 -12.96
CA LEU A 183 -17.04 -15.14 -12.93
C LEU A 183 -17.76 -15.73 -14.13
N TYR A 184 -18.85 -15.07 -14.58
CA TYR A 184 -19.65 -15.58 -15.65
C TYR A 184 -20.22 -14.37 -16.46
N VAL A 185 -20.68 -14.63 -17.67
CA VAL A 185 -21.19 -13.60 -18.48
C VAL A 185 -22.59 -13.88 -19.00
N GLY A 186 -23.30 -12.80 -19.33
CA GLY A 186 -24.65 -12.95 -19.80
C GLY A 186 -25.01 -11.88 -20.81
N ILE A 187 -26.17 -12.06 -21.42
CA ILE A 187 -26.71 -11.09 -22.35
C ILE A 187 -28.12 -10.77 -22.08
N SER A 188 -28.54 -9.59 -22.54
CA SER A 188 -29.88 -9.18 -22.25
C SER A 188 -30.55 -8.56 -23.47
N SER A 189 -31.80 -9.00 -23.74
CA SER A 189 -32.60 -8.54 -24.87
C SER A 189 -31.97 -8.81 -26.23
N TYR A 190 -31.24 -9.92 -26.40
CA TYR A 190 -30.74 -10.36 -27.70
C TYR A 190 -31.79 -11.31 -28.36
N SER A 191 -32.04 -11.11 -29.67
CA SER A 191 -32.81 -12.04 -30.49
C SER A 191 -32.23 -13.44 -30.47
N PRO A 192 -33.03 -14.46 -30.87
CA PRO A 192 -32.51 -15.81 -30.83
C PRO A 192 -31.29 -15.98 -31.73
N GLU A 193 -31.30 -15.33 -32.88
CA GLU A 193 -30.18 -15.47 -33.81
C GLU A 193 -28.94 -14.80 -33.25
N ARG A 194 -29.08 -13.63 -32.64
CA ARG A 194 -27.90 -13.00 -32.05
C ARG A 194 -27.38 -13.78 -30.82
N THR A 195 -28.30 -14.37 -30.05
CA THR A 195 -27.96 -15.16 -28.89
C THR A 195 -27.12 -16.36 -29.28
N GLN A 196 -27.56 -17.02 -30.33
CA GLN A 196 -26.85 -18.17 -30.90
C GLN A 196 -25.47 -17.77 -31.38
N LYS A 197 -25.37 -16.64 -32.02
CA LYS A 197 -24.04 -16.12 -32.42
C LYS A 197 -23.14 -15.79 -31.22
N MET A 198 -23.70 -15.21 -30.16
CA MET A 198 -22.92 -14.90 -28.97
C MET A 198 -22.46 -16.19 -28.25
N VAL A 199 -23.30 -17.23 -28.22
CA VAL A 199 -22.88 -18.50 -27.67
C VAL A 199 -21.69 -19.03 -28.42
N GLU A 200 -21.77 -18.99 -29.74
CA GLU A 200 -20.68 -19.49 -30.57
C GLU A 200 -19.38 -18.70 -30.41
N LEU A 201 -19.48 -17.39 -30.43
CA LEU A 201 -18.25 -16.56 -30.27
C LEU A 201 -17.60 -16.78 -28.90
N LEU A 202 -18.41 -16.94 -27.84
CA LEU A 202 -17.87 -17.13 -26.51
C LEU A 202 -17.24 -18.52 -26.40
N ARG A 203 -17.80 -19.51 -27.11
CA ARG A 203 -17.23 -20.88 -27.13
CA ARG A 203 -17.22 -20.87 -27.14
C ARG A 203 -15.84 -20.87 -27.73
N GLU A 204 -15.59 -19.98 -28.66
CA GLU A 204 -14.23 -19.86 -29.21
C GLU A 204 -13.22 -19.46 -28.14
N TRP A 205 -13.70 -18.84 -27.05
CA TRP A 205 -12.87 -18.51 -25.92
C TRP A 205 -12.93 -19.57 -24.82
N LYS A 206 -13.65 -20.67 -25.05
CA LYS A 206 -13.99 -21.68 -24.07
C LYS A 206 -14.75 -21.11 -22.88
N ILE A 207 -15.67 -20.19 -23.15
CA ILE A 207 -16.57 -19.64 -22.13
C ILE A 207 -18.05 -19.93 -22.53
N PRO A 208 -18.84 -20.58 -21.64
CA PRO A 208 -20.21 -20.83 -21.92
C PRO A 208 -21.03 -19.66 -21.53
N LEU A 209 -21.90 -19.19 -22.40
CA LEU A 209 -22.80 -18.13 -22.06
C LEU A 209 -23.66 -18.64 -20.90
N LEU A 210 -23.63 -17.94 -19.75
CA LEU A 210 -24.43 -18.40 -18.60
C LEU A 210 -25.95 -18.15 -18.69
N ILE A 211 -26.35 -16.95 -19.10
CA ILE A 211 -27.70 -16.55 -18.89
C ILE A 211 -28.12 -15.50 -19.88
N HIS A 212 -29.42 -15.46 -20.13
CA HIS A 212 -30.10 -14.45 -21.00
C HIS A 212 -31.20 -13.83 -20.18
N GLN A 213 -31.28 -12.49 -20.21
CA GLN A 213 -32.21 -11.73 -19.41
C GLN A 213 -33.15 -10.97 -20.40
N PRO A 214 -34.32 -11.58 -20.73
CA PRO A 214 -35.34 -10.93 -21.57
C PRO A 214 -36.51 -10.37 -20.80
N SER A 215 -37.21 -9.37 -21.35
CA SER A 215 -38.44 -8.95 -20.77
C SER A 215 -39.41 -10.10 -21.08
N TYR A 216 -40.17 -10.53 -20.08
CA TYR A 216 -41.03 -11.71 -20.22
C TYR A 216 -42.03 -11.67 -19.09
N ASN A 217 -43.31 -11.65 -19.44
CA ASN A 217 -44.40 -11.70 -18.48
C ASN A 217 -45.65 -12.17 -19.21
N LEU A 218 -46.70 -12.40 -18.46
CA LEU A 218 -47.96 -12.88 -19.03
C LEU A 218 -48.43 -12.04 -20.22
N LEU A 219 -48.13 -10.74 -20.23
CA LEU A 219 -48.59 -9.80 -21.30
C LEU A 219 -47.55 -9.48 -22.35
N ASN A 220 -46.41 -10.19 -22.33
CA ASN A 220 -45.27 -9.86 -23.21
C ASN A 220 -44.51 -11.13 -23.42
N ARG A 221 -44.84 -11.82 -24.52
CA ARG A 221 -44.31 -13.16 -24.79
C ARG A 221 -43.52 -13.29 -26.07
N TRP A 222 -42.78 -12.25 -26.42
CA TRP A 222 -41.93 -12.35 -27.56
C TRP A 222 -40.99 -13.52 -27.34
N VAL A 223 -40.65 -13.82 -26.08
CA VAL A 223 -39.70 -14.88 -25.79
C VAL A 223 -40.23 -16.22 -26.32
N ASP A 224 -41.53 -16.45 -26.12
CA ASP A 224 -42.17 -17.69 -26.57
C ASP A 224 -42.23 -17.68 -28.11
N LYS A 225 -42.90 -16.66 -28.63
CA LYS A 225 -43.16 -16.52 -30.06
C LYS A 225 -41.89 -16.53 -30.93
N SER A 226 -40.82 -15.87 -30.45
CA SER A 226 -39.60 -15.74 -31.21
C SER A 226 -38.81 -17.07 -31.28
N GLY A 227 -39.08 -17.99 -30.40
CA GLY A 227 -38.20 -19.18 -30.31
C GLY A 227 -36.94 -19.03 -29.45
N LEU A 228 -36.92 -17.98 -28.64
CA LEU A 228 -35.79 -17.79 -27.71
C LEU A 228 -35.64 -18.94 -26.76
N LEU A 229 -36.72 -19.42 -26.17
CA LEU A 229 -36.55 -20.46 -25.16
C LEU A 229 -35.90 -21.71 -25.74
N ASP A 230 -36.18 -21.99 -27.00
CA ASP A 230 -35.56 -23.15 -27.65
C ASP A 230 -34.06 -22.89 -27.79
N THR A 231 -33.69 -21.69 -28.25
CA THR A 231 -32.25 -21.37 -28.43
C THR A 231 -31.56 -21.55 -27.07
N LEU A 232 -32.18 -21.07 -26.00
CA LEU A 232 -31.58 -21.14 -24.71
C LEU A 232 -31.41 -22.58 -24.26
N GLN A 233 -32.49 -23.37 -24.31
CA GLN A 233 -32.41 -24.75 -23.89
C GLN A 233 -31.42 -25.54 -24.74
N ASN A 234 -31.42 -25.32 -26.03
CA ASN A 234 -30.47 -26.03 -26.90
C ASN A 234 -29.02 -25.72 -26.58
N ASN A 235 -28.76 -24.56 -26.01
CA ASN A 235 -27.38 -24.17 -25.73
C ASN A 235 -27.07 -24.23 -24.23
N GLY A 236 -28.02 -24.70 -23.40
CA GLY A 236 -27.83 -24.73 -21.96
C GLY A 236 -27.71 -23.36 -21.31
N VAL A 237 -28.40 -22.35 -21.82
CA VAL A 237 -28.33 -20.99 -21.31
C VAL A 237 -29.56 -20.77 -20.42
N GLY A 238 -29.35 -20.19 -19.23
CA GLY A 238 -30.43 -19.87 -18.29
C GLY A 238 -31.29 -18.70 -18.81
N CYS A 239 -32.41 -18.46 -18.15
CA CYS A 239 -33.31 -17.36 -18.50
C CYS A 239 -33.76 -16.68 -17.25
N ILE A 240 -33.51 -15.37 -17.10
CA ILE A 240 -34.02 -14.63 -15.97
C ILE A 240 -34.98 -13.54 -16.48
N ALA A 241 -36.26 -13.61 -16.07
CA ALA A 241 -37.33 -12.81 -16.66
C ALA A 241 -37.38 -11.44 -16.03
N PHE A 242 -37.25 -10.41 -16.81
CA PHE A 242 -37.33 -9.08 -16.25
C PHE A 242 -38.66 -8.37 -16.57
N THR A 243 -39.00 -7.42 -15.72
CA THR A 243 -40.41 -6.87 -15.62
C THR A 243 -41.47 -7.99 -15.60
N PRO A 244 -41.29 -8.97 -14.71
CA PRO A 244 -42.22 -10.07 -14.66
C PRO A 244 -43.65 -9.68 -14.25
N LEU A 245 -43.83 -8.46 -13.71
CA LEU A 245 -45.15 -7.94 -13.39
C LEU A 245 -45.58 -6.87 -14.31
N ALA A 246 -44.98 -6.82 -15.48
CA ALA A 246 -45.20 -5.77 -16.44
C ALA A 246 -45.18 -4.38 -15.76
N GLN A 247 -44.22 -4.22 -14.84
CA GLN A 247 -44.07 -2.99 -14.06
C GLN A 247 -45.42 -2.64 -13.40
N GLY A 248 -46.03 -3.60 -12.75
CA GLY A 248 -47.16 -3.29 -11.88
C GLY A 248 -48.55 -3.44 -12.53
N LEU A 249 -48.62 -3.42 -13.84
CA LEU A 249 -49.83 -3.77 -14.54
C LEU A 249 -50.42 -5.13 -14.09
N LEU A 250 -49.56 -6.13 -13.83
CA LEU A 250 -49.99 -7.47 -13.44
C LEU A 250 -50.08 -7.55 -11.95
N THR A 251 -50.37 -6.45 -11.29
CA THR A 251 -50.56 -6.47 -9.85
C THR A 251 -51.98 -6.13 -9.45
N GLY A 252 -52.81 -5.65 -10.37
CA GLY A 252 -54.16 -5.19 -10.05
C GLY A 252 -54.28 -3.66 -9.80
N LYS A 253 -53.39 -3.09 -8.99
CA LYS A 253 -53.30 -1.65 -9.00
C LYS A 253 -53.22 -1.18 -10.44
N LEU A 279 -55.42 2.55 -21.51
CA LEU A 279 -55.89 1.22 -21.19
C LEU A 279 -57.36 1.20 -21.50
N THR A 280 -57.74 0.37 -22.47
CA THR A 280 -59.11 0.40 -22.98
C THR A 280 -60.09 -0.31 -22.05
N GLU A 281 -61.39 -0.29 -22.38
CA GLU A 281 -62.40 -0.95 -21.55
C GLU A 281 -62.17 -2.50 -21.58
N ALA A 282 -61.94 -3.04 -22.79
CA ALA A 282 -61.63 -4.47 -22.98
C ALA A 282 -60.33 -4.88 -22.24
N ASN A 283 -59.34 -3.97 -22.17
CA ASN A 283 -58.13 -4.24 -21.41
C ASN A 283 -58.50 -4.46 -19.94
N LEU A 284 -59.09 -3.44 -19.33
CA LEU A 284 -59.45 -3.48 -17.91
C LEU A 284 -60.33 -4.71 -17.56
N ASN A 285 -61.26 -5.02 -18.43
CA ASN A 285 -62.19 -6.10 -18.18
C ASN A 285 -61.46 -7.45 -18.17
N SER A 286 -60.47 -7.61 -19.05
CA SER A 286 -59.59 -8.80 -19.05
C SER A 286 -58.71 -8.85 -17.82
N LEU A 287 -58.17 -7.72 -17.43
CA LEU A 287 -57.30 -7.68 -16.25
C LEU A 287 -58.13 -8.05 -15.04
N ARG A 288 -59.37 -7.58 -15.04
CA ARG A 288 -60.28 -7.97 -13.97
C ARG A 288 -60.48 -9.50 -13.94
N LEU A 289 -60.63 -10.11 -15.10
CA LEU A 289 -60.91 -11.55 -15.18
C LEU A 289 -59.62 -12.32 -14.79
N LEU A 290 -58.46 -11.88 -15.25
CA LEU A 290 -57.21 -12.47 -14.77
C LEU A 290 -57.06 -12.37 -13.24
N ASN A 291 -57.47 -11.25 -12.66
CA ASN A 291 -57.48 -11.10 -11.20
C ASN A 291 -58.42 -12.11 -10.52
N GLU A 292 -59.56 -12.35 -11.16
CA GLU A 292 -60.50 -13.33 -10.64
C GLU A 292 -59.91 -14.74 -10.71
N MET A 293 -59.18 -15.05 -11.76
CA MET A 293 -58.49 -16.36 -11.81
C MET A 293 -57.50 -16.51 -10.67
N ALA A 294 -56.77 -15.42 -10.40
CA ALA A 294 -55.78 -15.45 -9.35
C ALA A 294 -56.50 -15.67 -8.00
N GLN A 295 -57.58 -14.94 -7.78
CA GLN A 295 -58.42 -15.15 -6.57
C GLN A 295 -58.87 -16.61 -6.46
N GLN A 296 -59.35 -17.21 -7.55
CA GLN A 296 -59.73 -18.63 -7.56
C GLN A 296 -58.60 -19.53 -7.10
N ARG A 297 -57.37 -19.16 -7.42
CA ARG A 297 -56.18 -19.98 -7.03
C ARG A 297 -55.72 -19.70 -5.60
N GLY A 298 -56.34 -18.73 -4.93
CA GLY A 298 -55.86 -18.29 -3.64
C GLY A 298 -54.57 -17.43 -3.73
N GLN A 299 -54.36 -16.78 -4.87
CA GLN A 299 -53.20 -15.92 -5.09
C GLN A 299 -53.59 -14.48 -5.39
N SER A 300 -52.75 -13.53 -5.04
CA SER A 300 -52.90 -12.21 -5.62
C SER A 300 -52.56 -12.32 -7.11
N MET A 301 -52.93 -11.32 -7.86
CA MET A 301 -52.55 -11.22 -9.24
C MET A 301 -51.03 -11.26 -9.49
N ALA A 302 -50.29 -10.50 -8.65
CA ALA A 302 -48.81 -10.48 -8.66
C ALA A 302 -48.29 -11.90 -8.50
N GLN A 303 -48.75 -12.62 -7.50
CA GLN A 303 -48.26 -14.00 -7.24
C GLN A 303 -48.57 -14.91 -8.40
N MET A 304 -49.72 -14.73 -9.07
CA MET A 304 -50.07 -15.64 -10.20
C MET A 304 -49.21 -15.33 -11.41
N ALA A 305 -48.98 -14.05 -11.66
CA ALA A 305 -48.05 -13.62 -12.74
C ALA A 305 -46.62 -14.24 -12.59
N LEU A 306 -46.13 -14.29 -11.37
CA LEU A 306 -44.84 -14.90 -11.09
C LEU A 306 -44.87 -16.43 -11.18
N SER A 307 -45.86 -17.07 -10.58
CA SER A 307 -46.05 -18.52 -10.67
C SER A 307 -46.16 -18.97 -12.13
N TRP A 308 -46.84 -18.21 -12.95
CA TRP A 308 -46.98 -18.51 -14.34
C TRP A 308 -45.63 -18.54 -15.07
N LEU A 309 -44.75 -17.58 -14.78
CA LEU A 309 -43.43 -17.60 -15.40
C LEU A 309 -42.62 -18.82 -14.89
N LEU A 310 -42.83 -19.15 -13.63
CA LEU A 310 -42.09 -20.24 -12.96
C LEU A 310 -42.74 -21.65 -13.10
N LYS A 311 -43.81 -21.75 -13.90
CA LYS A 311 -44.61 -22.97 -14.01
C LYS A 311 -43.84 -24.11 -14.60
N ASP A 312 -42.74 -23.80 -15.29
CA ASP A 312 -41.93 -24.83 -15.81
C ASP A 312 -40.42 -24.42 -15.73
N ASP A 313 -39.61 -25.35 -16.18
CA ASP A 313 -38.17 -25.25 -16.02
C ASP A 313 -37.54 -24.28 -16.98
N ARG A 314 -38.36 -23.62 -17.79
CA ARG A 314 -37.88 -22.80 -18.91
C ARG A 314 -37.31 -21.48 -18.45
N VAL A 315 -37.70 -21.09 -17.26
CA VAL A 315 -37.27 -19.87 -16.62
C VAL A 315 -36.52 -20.21 -15.32
N THR A 316 -35.29 -19.69 -15.21
CA THR A 316 -34.42 -19.94 -14.07
C THR A 316 -34.86 -19.12 -12.87
N SER A 317 -35.28 -17.85 -13.12
CA SER A 317 -35.59 -16.95 -12.08
C SER A 317 -36.45 -15.83 -12.65
N VAL A 318 -37.22 -15.21 -11.78
CA VAL A 318 -37.95 -13.95 -12.16
C VAL A 318 -37.32 -12.85 -11.33
N LEU A 319 -37.14 -11.70 -11.94
CA LEU A 319 -36.43 -10.64 -11.38
C LEU A 319 -37.40 -9.60 -10.98
N ILE A 320 -37.74 -9.56 -9.67
CA ILE A 320 -38.73 -8.68 -9.17
C ILE A 320 -38.06 -7.40 -8.63
N GLY A 321 -38.81 -6.30 -8.59
CA GLY A 321 -38.45 -5.09 -7.87
C GLY A 321 -39.23 -5.04 -6.59
N ALA A 322 -38.87 -4.14 -5.67
CA ALA A 322 -39.62 -3.87 -4.45
C ALA A 322 -39.33 -2.47 -4.03
N SER A 323 -40.33 -1.80 -3.47
CA SER A 323 -40.14 -0.51 -2.80
C SER A 323 -40.26 -0.65 -1.29
N ARG A 324 -40.67 -1.82 -0.80
CA ARG A 324 -40.66 -2.10 0.63
C ARG A 324 -40.61 -3.61 0.93
N ALA A 325 -40.19 -3.96 2.14
CA ALA A 325 -39.97 -5.38 2.54
C ALA A 325 -41.23 -6.27 2.39
N GLU A 326 -42.42 -5.70 2.63
CA GLU A 326 -43.69 -6.48 2.58
C GLU A 326 -44.00 -7.00 1.20
N GLN A 327 -43.54 -6.31 0.16
CA GLN A 327 -43.70 -6.78 -1.19
C GLN A 327 -42.89 -8.01 -1.47
N LEU A 328 -41.68 -8.11 -0.89
CA LEU A 328 -40.88 -9.33 -1.03
C LEU A 328 -41.57 -10.52 -0.37
N GLU A 329 -42.09 -10.32 0.82
CA GLU A 329 -42.82 -11.36 1.54
C GLU A 329 -44.01 -11.88 0.74
N GLU A 330 -44.81 -10.99 0.14
CA GLU A 330 -45.90 -11.44 -0.70
C GLU A 330 -45.42 -12.19 -1.96
N ASN A 331 -44.43 -11.64 -2.69
CA ASN A 331 -44.03 -12.23 -3.93
C ASN A 331 -43.41 -13.62 -3.85
N VAL A 332 -42.59 -13.86 -2.82
CA VAL A 332 -41.97 -15.16 -2.67
C VAL A 332 -43.03 -16.27 -2.39
N GLN A 333 -44.21 -15.89 -1.93
CA GLN A 333 -45.27 -16.88 -1.72
C GLN A 333 -45.83 -17.46 -3.02
N ALA A 334 -45.45 -16.86 -4.18
CA ALA A 334 -45.78 -17.44 -5.47
C ALA A 334 -45.30 -18.85 -5.56
N LEU A 335 -44.21 -19.18 -4.85
CA LEU A 335 -43.68 -20.51 -4.88
C LEU A 335 -44.58 -21.59 -4.27
N ASN A 336 -45.57 -21.18 -3.45
CA ASN A 336 -46.55 -22.13 -2.91
C ASN A 336 -47.55 -22.67 -3.92
N ASN A 337 -47.66 -22.05 -5.08
CA ASN A 337 -48.54 -22.57 -6.12
C ASN A 337 -47.97 -22.31 -7.53
N LEU A 338 -47.08 -23.20 -7.96
CA LEU A 338 -46.53 -23.17 -9.28
C LEU A 338 -47.28 -24.06 -10.32
N THR A 339 -48.41 -24.67 -9.94
CA THR A 339 -49.10 -25.58 -10.91
C THR A 339 -50.28 -24.86 -11.59
N PHE A 340 -50.34 -25.03 -12.91
CA PHE A 340 -51.44 -24.53 -13.70
C PHE A 340 -51.96 -25.74 -14.52
N SER A 341 -53.26 -25.94 -14.56
CA SER A 341 -53.89 -26.95 -15.40
C SER A 341 -53.84 -26.46 -16.82
N THR A 342 -53.97 -27.38 -17.77
CA THR A 342 -54.05 -27.05 -19.18
C THR A 342 -55.24 -26.09 -19.46
N LYS A 343 -56.33 -26.31 -18.75
CA LYS A 343 -57.51 -25.47 -18.93
C LYS A 343 -57.20 -24.02 -18.50
N GLU A 344 -56.58 -23.86 -17.34
CA GLU A 344 -56.14 -22.53 -16.82
C GLU A 344 -55.24 -21.80 -17.78
N LEU A 345 -54.24 -22.48 -18.31
CA LEU A 345 -53.35 -21.87 -19.30
C LEU A 345 -54.12 -21.38 -20.53
N ALA A 346 -55.13 -22.14 -20.96
CA ALA A 346 -55.94 -21.73 -22.10
C ALA A 346 -56.76 -20.52 -21.72
N GLN A 347 -57.43 -20.59 -20.56
CA GLN A 347 -58.30 -19.46 -20.11
C GLN A 347 -57.52 -18.17 -19.94
N ILE A 348 -56.32 -18.28 -19.39
CA ILE A 348 -55.40 -17.12 -19.28
C ILE A 348 -55.10 -16.51 -20.66
N ASP A 349 -54.59 -17.31 -21.59
CA ASP A 349 -54.38 -16.85 -22.99
C ASP A 349 -55.66 -16.28 -23.62
N GLN A 350 -56.81 -16.90 -23.36
CA GLN A 350 -58.06 -16.42 -23.92
C GLN A 350 -58.41 -15.02 -23.41
N HIS A 351 -58.30 -14.80 -22.13
CA HIS A 351 -58.66 -13.49 -21.63
C HIS A 351 -57.71 -12.48 -22.15
N ILE A 352 -56.44 -12.88 -22.33
CA ILE A 352 -55.45 -11.94 -22.89
C ILE A 352 -55.86 -11.62 -24.36
N ALA A 353 -56.22 -12.67 -25.14
CA ALA A 353 -56.72 -12.49 -26.50
C ALA A 353 -57.95 -11.54 -26.53
N ASP A 354 -58.90 -11.80 -25.63
CA ASP A 354 -60.17 -11.07 -25.63
C ASP A 354 -59.96 -9.59 -25.27
N GLY A 355 -59.07 -9.28 -24.32
CA GLY A 355 -58.80 -7.88 -23.93
C GLY A 355 -57.76 -7.19 -24.79
N GLU A 356 -57.16 -7.91 -25.72
CA GLU A 356 -56.06 -7.41 -26.57
C GLU A 356 -54.93 -6.83 -25.74
N LEU A 357 -54.51 -7.61 -24.75
CA LEU A 357 -53.38 -7.28 -23.93
C LEU A 357 -52.07 -7.85 -24.51
N ASN A 358 -52.07 -8.35 -25.74
CA ASN A 358 -50.85 -8.93 -26.30
C ASN A 358 -49.71 -7.89 -26.49
N TRP B 23 26.36 8.63 -11.06
CA TRP B 23 27.14 7.89 -12.13
C TRP B 23 26.56 7.99 -13.53
N LEU B 24 27.41 8.45 -14.46
CA LEU B 24 27.10 8.61 -15.88
C LEU B 24 27.89 7.62 -16.76
N ALA B 25 27.16 6.76 -17.45
CA ALA B 25 27.72 5.83 -18.37
C ALA B 25 28.45 6.59 -19.52
N ASN B 26 29.45 5.94 -20.08
CA ASN B 26 30.14 6.47 -21.22
C ASN B 26 29.17 6.81 -22.39
N PRO B 27 29.09 8.09 -22.83
CA PRO B 27 28.19 8.41 -23.94
C PRO B 27 28.53 7.72 -25.25
N GLU B 28 29.75 7.22 -25.41
CA GLU B 28 30.13 6.55 -26.66
C GLU B 28 30.02 5.05 -26.54
N ARG B 29 29.31 4.56 -25.51
CA ARG B 29 29.30 3.11 -25.21
C ARG B 29 28.72 2.27 -26.36
N TYR B 30 27.92 2.86 -27.24
CA TYR B 30 27.34 2.06 -28.32
C TYR B 30 28.13 2.21 -29.65
N GLY B 31 29.22 2.97 -29.64
CA GLY B 31 29.97 3.28 -30.83
C GLY B 31 30.84 2.17 -31.38
N GLN B 32 31.41 1.33 -30.51
CA GLN B 32 32.36 0.30 -30.95
C GLN B 32 31.88 -1.17 -30.84
N MET B 33 31.03 -1.50 -29.86
CA MET B 33 30.55 -2.88 -29.72
C MET B 33 29.76 -3.36 -30.96
N GLN B 34 29.95 -4.62 -31.31
CA GLN B 34 29.19 -5.26 -32.37
C GLN B 34 27.98 -5.95 -31.71
N TYR B 35 26.81 -5.77 -32.31
CA TYR B 35 25.57 -6.42 -31.85
C TYR B 35 25.08 -7.38 -32.93
N ARG B 36 24.58 -8.54 -32.51
CA ARG B 36 24.10 -9.59 -33.42
C ARG B 36 22.67 -9.92 -33.10
N TYR B 37 21.82 -10.00 -34.12
CA TYR B 37 20.49 -10.46 -33.91
C TYR B 37 20.54 -11.86 -33.35
N CYS B 38 19.69 -12.13 -32.35
CA CYS B 38 19.65 -13.41 -31.70
C CYS B 38 18.78 -14.32 -32.50
N GLY B 39 19.36 -15.20 -33.33
CA GLY B 39 18.57 -16.13 -34.14
C GLY B 39 17.65 -15.34 -35.02
N LYS B 40 16.37 -15.71 -35.14
CA LYS B 40 15.47 -14.99 -36.04
C LYS B 40 14.72 -13.86 -35.34
N SER B 41 15.02 -13.61 -34.07
CA SER B 41 14.30 -12.59 -33.29
C SER B 41 14.79 -11.19 -33.67
N GLY B 42 14.12 -10.19 -33.13
CA GLY B 42 14.55 -8.83 -33.23
C GLY B 42 15.48 -8.36 -32.13
N LEU B 43 15.90 -9.27 -31.24
CA LEU B 43 16.71 -8.91 -30.09
C LEU B 43 18.19 -8.95 -30.46
N ARG B 44 18.88 -7.84 -30.30
CA ARG B 44 20.31 -7.80 -30.59
C ARG B 44 21.16 -7.91 -29.36
N LEU B 45 21.94 -8.98 -29.26
CA LEU B 45 22.85 -9.15 -28.15
C LEU B 45 24.25 -8.59 -28.48
N PRO B 46 24.95 -8.02 -27.49
CA PRO B 46 26.35 -7.68 -27.75
C PRO B 46 27.16 -8.95 -28.05
N ALA B 47 28.17 -8.82 -28.89
CA ALA B 47 28.92 -9.94 -29.37
C ALA B 47 29.71 -10.55 -28.19
N LEU B 48 30.05 -9.72 -27.20
CA LEU B 48 30.51 -10.19 -25.90
C LEU B 48 29.51 -9.80 -24.79
N SER B 49 29.10 -10.81 -24.02
CA SER B 49 28.20 -10.65 -22.85
C SER B 49 28.94 -11.03 -21.59
N LEU B 50 28.55 -10.44 -20.46
CA LEU B 50 29.21 -10.71 -19.19
C LEU B 50 28.40 -11.65 -18.34
N GLY B 51 29.03 -12.73 -17.90
CA GLY B 51 28.45 -13.64 -16.97
C GLY B 51 28.84 -13.37 -15.54
N LEU B 52 27.96 -13.70 -14.58
CA LEU B 52 28.25 -13.47 -13.20
C LEU B 52 28.47 -14.74 -12.37
N TRP B 53 28.84 -15.82 -13.05
CA TRP B 53 29.08 -17.13 -12.40
C TRP B 53 30.14 -17.02 -11.35
N HIS B 54 31.25 -16.34 -11.67
CA HIS B 54 32.23 -15.99 -10.64
C HIS B 54 32.48 -14.52 -10.49
N ASN B 55 32.93 -14.16 -9.29
CA ASN B 55 33.41 -12.83 -8.92
C ASN B 55 32.35 -11.87 -8.39
N PHE B 56 31.12 -12.35 -8.22
CA PHE B 56 30.01 -11.49 -7.79
C PHE B 56 29.28 -12.04 -6.56
N GLY B 57 29.94 -12.89 -5.79
CA GLY B 57 29.39 -13.41 -4.60
C GLY B 57 29.67 -12.49 -3.41
N HIS B 58 29.14 -12.87 -2.27
CA HIS B 58 29.41 -12.13 -1.04
C HIS B 58 30.88 -12.28 -0.62
N VAL B 59 31.61 -13.22 -1.23
CA VAL B 59 33.05 -13.36 -0.98
C VAL B 59 33.89 -12.37 -1.79
N ASN B 60 33.24 -11.58 -2.63
CA ASN B 60 33.90 -10.57 -3.46
C ASN B 60 33.42 -9.19 -3.08
N ALA B 61 34.35 -8.24 -2.89
CA ALA B 61 33.99 -6.91 -2.45
C ALA B 61 33.09 -6.23 -3.46
N LEU B 62 32.06 -5.59 -2.98
CA LEU B 62 31.12 -4.88 -3.83
C LEU B 62 31.75 -3.83 -4.69
N GLU B 63 32.76 -3.12 -4.19
CA GLU B 63 33.46 -2.12 -5.05
C GLU B 63 34.13 -2.75 -6.24
N SER B 64 34.76 -3.91 -6.10
CA SER B 64 35.33 -4.61 -7.23
C SER B 64 34.28 -5.03 -8.25
N GLN B 65 33.13 -5.54 -7.78
CA GLN B 65 32.04 -5.89 -8.63
C GLN B 65 31.55 -4.64 -9.39
N ARG B 66 31.38 -3.53 -8.68
CA ARG B 66 30.86 -2.32 -9.26
C ARG B 66 31.75 -1.85 -10.42
N ALA B 67 33.06 -1.93 -10.23
CA ALA B 67 34.01 -1.46 -11.24
C ALA B 67 33.84 -2.34 -12.52
N ILE B 68 33.60 -3.64 -12.35
CA ILE B 68 33.48 -4.53 -13.48
C ILE B 68 32.20 -4.19 -14.27
N LEU B 69 31.08 -4.07 -13.60
CA LEU B 69 29.80 -3.83 -14.31
C LEU B 69 29.80 -2.50 -14.99
N ARG B 70 30.37 -1.48 -14.35
CA ARG B 70 30.42 -0.17 -14.99
C ARG B 70 31.28 -0.19 -16.27
N LYS B 71 32.39 -0.89 -16.24
CA LYS B 71 33.25 -1.00 -17.37
C LYS B 71 32.56 -1.78 -18.48
N ALA B 72 31.84 -2.86 -18.13
CA ALA B 72 31.17 -3.64 -19.16
C ALA B 72 30.18 -2.76 -19.90
N PHE B 73 29.40 -2.03 -19.19
CA PHE B 73 28.38 -1.17 -19.84
C PHE B 73 29.03 -0.06 -20.61
N ASP B 74 30.13 0.53 -20.10
CA ASP B 74 30.84 1.58 -20.80
C ASP B 74 31.41 1.06 -22.13
N LEU B 75 31.76 -0.24 -22.21
CA LEU B 75 32.22 -0.87 -23.45
C LEU B 75 31.05 -1.35 -24.38
N GLY B 76 29.82 -1.09 -23.98
CA GLY B 76 28.66 -1.46 -24.74
C GLY B 76 28.17 -2.86 -24.51
N ILE B 77 28.69 -3.53 -23.50
CA ILE B 77 28.15 -4.82 -23.11
C ILE B 77 26.82 -4.57 -22.37
N THR B 78 25.72 -5.00 -22.98
CA THR B 78 24.42 -4.76 -22.48
C THR B 78 23.72 -5.99 -21.91
N HIS B 79 24.37 -7.14 -21.95
CA HIS B 79 23.79 -8.36 -21.50
C HIS B 79 24.58 -8.89 -20.34
N PHE B 80 23.88 -9.13 -19.23
CA PHE B 80 24.43 -9.68 -18.03
C PHE B 80 23.68 -10.95 -17.71
N ASP B 81 24.44 -12.03 -17.54
CA ASP B 81 23.88 -13.36 -17.42
C ASP B 81 24.06 -13.82 -15.99
N LEU B 82 22.97 -14.24 -15.39
CA LEU B 82 22.96 -14.73 -14.04
C LEU B 82 22.28 -16.05 -13.96
N ALA B 83 22.29 -16.61 -12.76
CA ALA B 83 21.51 -17.80 -12.46
C ALA B 83 21.23 -17.78 -11.01
N ASN B 84 20.23 -18.53 -10.59
CA ASN B 84 19.90 -18.56 -9.17
C ASN B 84 21.06 -18.88 -8.26
N ASN B 85 21.84 -19.90 -8.60
CA ASN B 85 22.84 -20.34 -7.61
C ASN B 85 24.20 -19.67 -7.72
N TYR B 86 24.34 -18.67 -8.59
CA TYR B 86 25.63 -18.01 -8.71
C TYR B 86 25.98 -17.26 -7.43
N GLY B 87 27.25 -17.38 -7.01
CA GLY B 87 27.75 -16.72 -5.84
C GLY B 87 29.26 -16.92 -5.73
N PRO B 88 29.74 -17.50 -4.61
CA PRO B 88 28.99 -17.99 -3.45
C PRO B 88 28.72 -16.90 -2.45
N PRO B 89 27.74 -17.11 -1.60
CA PRO B 89 26.89 -18.31 -1.59
C PRO B 89 25.78 -18.22 -2.65
N PRO B 90 25.00 -19.30 -2.82
CA PRO B 90 23.94 -19.28 -3.80
C PRO B 90 23.00 -18.12 -3.64
N GLY B 91 22.61 -17.50 -4.72
CA GLY B 91 21.76 -16.29 -4.70
C GLY B 91 22.48 -14.95 -4.58
N SER B 92 23.76 -14.95 -4.20
CA SER B 92 24.42 -13.71 -3.87
C SER B 92 24.78 -12.85 -5.08
N ALA B 93 25.12 -13.47 -6.21
CA ALA B 93 25.36 -12.73 -7.43
C ALA B 93 24.11 -11.94 -7.83
N GLU B 94 22.96 -12.58 -7.80
CA GLU B 94 21.67 -11.94 -8.09
C GLU B 94 21.40 -10.78 -7.11
N GLU B 95 21.60 -10.99 -5.82
CA GLU B 95 21.44 -9.90 -4.84
C GLU B 95 22.42 -8.76 -5.12
N ASN B 96 23.68 -9.10 -5.26
CA ASN B 96 24.67 -8.00 -5.54
C ASN B 96 24.35 -7.26 -6.80
N PHE B 97 23.92 -8.00 -7.81
CA PHE B 97 23.57 -7.36 -9.06
C PHE B 97 22.40 -6.42 -8.87
N GLY B 98 21.40 -6.88 -8.13
CA GLY B 98 20.23 -6.06 -7.82
C GLY B 98 20.59 -4.78 -7.10
N ARG B 99 21.51 -4.87 -6.16
CA ARG B 99 22.02 -3.67 -5.48
C ARG B 99 22.67 -2.69 -6.45
N LEU B 100 23.56 -3.21 -7.26
CA LEU B 100 24.29 -2.33 -8.20
C LEU B 100 23.34 -1.73 -9.24
N LEU B 101 22.32 -2.47 -9.61
CA LEU B 101 21.31 -1.99 -10.56
C LEU B 101 20.61 -0.74 -10.03
N ARG B 102 20.22 -0.83 -8.75
CA ARG B 102 19.52 0.20 -8.03
C ARG B 102 20.43 1.39 -7.82
N GLU B 103 21.69 1.15 -7.45
CA GLU B 103 22.64 2.25 -7.22
C GLU B 103 23.15 2.94 -8.50
N ASP B 104 23.59 2.19 -9.50
CA ASP B 104 24.29 2.76 -10.66
C ASP B 104 23.50 2.64 -11.96
N PHE B 105 22.52 1.74 -12.04
CA PHE B 105 21.81 1.52 -13.28
C PHE B 105 20.32 1.88 -13.22
N ALA B 106 19.94 2.73 -12.25
CA ALA B 106 18.56 3.13 -12.07
C ALA B 106 17.97 3.65 -13.38
N ALA B 107 18.72 4.43 -14.12
CA ALA B 107 18.20 5.02 -15.36
C ALA B 107 18.41 4.11 -16.55
N TYR B 108 19.02 2.91 -16.38
CA TYR B 108 19.50 2.14 -17.54
C TYR B 108 18.86 0.75 -17.72
N ARG B 109 17.90 0.39 -16.89
CA ARG B 109 17.39 -0.96 -16.91
C ARG B 109 16.89 -1.37 -18.29
N ASP B 110 16.22 -0.44 -18.97
CA ASP B 110 15.65 -0.70 -20.24
C ASP B 110 16.71 -0.74 -21.39
N GLU B 111 17.95 -0.41 -21.08
CA GLU B 111 19.09 -0.66 -22.01
C GLU B 111 19.79 -1.97 -21.71
N LEU B 112 19.32 -2.73 -20.73
CA LEU B 112 20.03 -3.98 -20.35
C LEU B 112 19.20 -5.20 -20.66
N ILE B 113 19.87 -6.32 -20.95
CA ILE B 113 19.28 -7.61 -21.07
C ILE B 113 19.81 -8.42 -19.89
N ILE B 114 18.90 -8.84 -19.04
CA ILE B 114 19.25 -9.53 -17.84
C ILE B 114 18.65 -10.91 -17.93
N SER B 115 19.42 -11.94 -17.62
CA SER B 115 18.87 -13.28 -17.61
C SER B 115 19.04 -13.95 -16.29
N THR B 116 18.17 -14.91 -16.01
CA THR B 116 18.46 -15.87 -14.98
C THR B 116 17.93 -17.24 -15.38
N LYS B 117 18.19 -18.22 -14.51
CA LYS B 117 18.02 -19.63 -14.83
C LYS B 117 17.63 -20.45 -13.62
N ALA B 118 16.98 -21.57 -13.88
CA ALA B 118 16.80 -22.57 -12.86
C ALA B 118 17.01 -23.96 -13.47
N GLY B 119 17.65 -24.84 -12.71
CA GLY B 119 17.84 -26.23 -13.14
C GLY B 119 18.88 -27.03 -12.30
N TYR B 120 19.93 -26.36 -11.80
CA TYR B 120 20.90 -27.00 -10.90
C TYR B 120 20.45 -26.88 -9.43
N ASP B 121 21.24 -27.46 -8.54
CA ASP B 121 20.91 -27.45 -7.14
C ASP B 121 20.92 -26.04 -6.63
N MET B 122 19.81 -25.61 -6.03
CA MET B 122 19.75 -24.30 -5.47
C MET B 122 19.45 -24.35 -4.00
N TRP B 123 18.37 -25.04 -3.64
CA TRP B 123 17.99 -25.17 -2.24
C TRP B 123 17.71 -26.62 -1.91
N PRO B 124 17.72 -26.94 -0.63
CA PRO B 124 17.69 -28.36 -0.31
C PRO B 124 16.34 -28.99 -0.69
N GLY B 125 16.38 -30.28 -0.97
CA GLY B 125 15.14 -31.06 -1.10
C GLY B 125 14.76 -31.30 -2.53
N PRO B 126 13.69 -32.06 -2.74
CA PRO B 126 13.23 -32.45 -4.03
C PRO B 126 12.63 -31.32 -4.93
N TYR B 127 12.41 -30.14 -4.40
CA TYR B 127 11.89 -29.00 -5.25
C TYR B 127 12.98 -27.96 -5.54
N GLY B 128 14.22 -28.29 -5.14
CA GLY B 128 15.34 -27.33 -5.18
C GLY B 128 16.32 -27.50 -6.32
N SER B 129 15.94 -28.33 -7.26
CA SER B 129 16.76 -28.74 -8.36
C SER B 129 15.88 -29.32 -9.45
N GLY B 130 16.39 -29.38 -10.67
CA GLY B 130 15.70 -30.09 -11.72
C GLY B 130 14.84 -29.20 -12.64
N GLY B 131 13.81 -29.78 -13.25
CA GLY B 131 12.97 -29.05 -14.25
C GLY B 131 11.48 -28.88 -13.98
N SER B 132 11.04 -29.07 -12.72
CA SER B 132 9.59 -29.11 -12.43
C SER B 132 9.05 -27.69 -12.50
N ARG B 133 7.73 -27.61 -12.67
CA ARG B 133 7.03 -26.33 -12.67
C ARG B 133 7.20 -25.70 -11.31
N LYS B 134 7.18 -26.51 -10.27
CA LYS B 134 7.34 -26.03 -8.84
C LYS B 134 8.66 -25.33 -8.71
N TYR B 135 9.74 -25.98 -9.12
CA TYR B 135 11.06 -25.42 -8.92
C TYR B 135 11.25 -24.19 -9.81
N LEU B 136 10.93 -24.30 -11.07
CA LEU B 136 11.20 -23.22 -12.01
C LEU B 136 10.44 -21.93 -11.60
N LEU B 137 9.16 -22.06 -11.30
CA LEU B 137 8.36 -20.89 -11.03
C LEU B 137 8.65 -20.32 -9.63
N ALA B 138 8.87 -21.19 -8.62
CA ALA B 138 9.26 -20.68 -7.28
C ALA B 138 10.60 -20.00 -7.43
N SER B 139 11.51 -20.62 -8.21
CA SER B 139 12.89 -20.07 -8.34
C SER B 139 12.86 -18.72 -9.03
N LEU B 140 12.11 -18.60 -10.11
CA LEU B 140 11.98 -17.31 -10.79
C LEU B 140 11.50 -16.24 -9.86
N ASP B 141 10.50 -16.53 -9.06
CA ASP B 141 10.03 -15.56 -8.04
C ASP B 141 11.12 -15.15 -7.04
N GLN B 142 11.94 -16.10 -6.57
CA GLN B 142 13.04 -15.76 -5.71
C GLN B 142 14.08 -14.91 -6.45
N SER B 143 14.35 -15.21 -7.72
CA SER B 143 15.36 -14.49 -8.51
C SER B 143 14.91 -13.05 -8.73
N LEU B 144 13.65 -12.87 -9.08
CA LEU B 144 13.14 -11.49 -9.29
C LEU B 144 13.18 -10.67 -7.95
N LYS B 145 12.91 -11.32 -6.84
CA LYS B 145 12.98 -10.64 -5.56
C LYS B 145 14.41 -10.30 -5.19
N ARG B 146 15.33 -11.23 -5.35
CA ARG B 146 16.74 -10.94 -5.06
C ARG B 146 17.27 -9.82 -5.94
N MET B 147 16.93 -9.82 -7.22
CA MET B 147 17.45 -8.76 -8.12
C MET B 147 16.63 -7.45 -8.09
N GLY B 148 15.47 -7.49 -7.47
CA GLY B 148 14.64 -6.26 -7.39
C GLY B 148 14.00 -5.89 -8.70
N LEU B 149 13.64 -6.88 -9.52
CA LEU B 149 13.20 -6.67 -10.90
C LEU B 149 11.76 -7.16 -11.05
N GLU B 150 10.98 -6.48 -11.89
CA GLU B 150 9.65 -6.95 -12.19
C GLU B 150 9.70 -8.17 -13.15
N TYR B 151 10.69 -8.18 -14.05
CA TYR B 151 10.88 -9.27 -14.95
C TYR B 151 12.35 -9.38 -15.37
N VAL B 152 12.73 -10.57 -15.84
CA VAL B 152 14.00 -10.75 -16.54
C VAL B 152 13.71 -10.73 -18.01
N ASP B 153 14.70 -10.35 -18.79
CA ASP B 153 14.63 -10.40 -20.23
C ASP B 153 14.64 -11.80 -20.76
N ILE B 154 15.46 -12.68 -20.15
CA ILE B 154 15.51 -14.06 -20.57
C ILE B 154 15.51 -14.98 -19.36
N PHE B 155 14.53 -15.89 -19.31
CA PHE B 155 14.52 -16.92 -18.33
C PHE B 155 14.85 -18.28 -18.94
N TYR B 156 15.82 -18.99 -18.35
CA TYR B 156 16.27 -20.30 -18.88
C TYR B 156 15.91 -21.49 -18.02
N SER B 157 15.59 -22.60 -18.68
CA SER B 157 15.87 -23.93 -18.13
C SER B 157 17.38 -24.17 -18.23
N HIS B 158 18.00 -24.37 -17.08
CA HIS B 158 19.48 -24.32 -16.94
C HIS B 158 20.16 -25.59 -17.39
N ARG B 159 19.42 -26.68 -17.38
CA ARG B 159 19.95 -27.96 -17.87
C ARG B 159 18.79 -28.88 -18.14
N VAL B 160 19.09 -30.07 -18.68
CA VAL B 160 18.10 -31.08 -18.94
C VAL B 160 17.75 -31.81 -17.65
N ASP B 161 16.47 -32.07 -17.42
CA ASP B 161 16.03 -32.95 -16.33
C ASP B 161 15.28 -34.09 -17.02
N GLU B 162 15.88 -35.30 -17.02
CA GLU B 162 15.32 -36.42 -17.78
C GLU B 162 14.13 -37.00 -17.04
N ASN B 163 13.97 -36.65 -15.78
CA ASN B 163 12.82 -37.09 -14.98
C ASN B 163 11.63 -36.12 -14.94
N THR B 164 11.71 -34.97 -15.61
CA THR B 164 10.53 -34.14 -15.77
C THR B 164 10.21 -34.12 -17.25
N PRO B 165 8.97 -34.38 -17.60
CA PRO B 165 8.65 -34.28 -19.00
C PRO B 165 8.83 -32.88 -19.49
N MET B 166 9.38 -32.77 -20.69
CA MET B 166 9.69 -31.48 -21.26
C MET B 166 8.43 -30.62 -21.40
N GLU B 167 7.28 -31.25 -21.54
CA GLU B 167 6.00 -30.54 -21.57
C GLU B 167 5.82 -29.69 -20.32
N GLU B 168 6.29 -30.20 -19.17
CA GLU B 168 6.10 -29.52 -17.91
C GLU B 168 7.09 -28.34 -17.89
N THR B 169 8.34 -28.62 -18.16
CA THR B 169 9.38 -27.53 -18.23
C THR B 169 8.95 -26.43 -19.22
N ALA B 170 8.48 -26.81 -20.40
CA ALA B 170 8.05 -25.83 -21.43
C ALA B 170 6.90 -24.98 -20.96
N SER B 171 5.94 -25.61 -20.31
CA SER B 171 4.76 -24.89 -19.86
C SER B 171 5.09 -23.96 -18.75
N ALA B 172 6.06 -24.31 -17.93
CA ALA B 172 6.57 -23.40 -16.91
C ALA B 172 7.24 -22.18 -17.53
N LEU B 173 8.06 -22.41 -18.56
CA LEU B 173 8.70 -21.27 -19.24
C LEU B 173 7.57 -20.39 -19.92
N ALA B 174 6.53 -21.04 -20.46
CA ALA B 174 5.39 -20.30 -21.11
C ALA B 174 4.63 -19.46 -20.07
N HIS B 175 4.44 -19.99 -18.87
CA HIS B 175 3.78 -19.25 -17.79
C HIS B 175 4.59 -18.04 -17.36
N ALA B 176 5.90 -18.19 -17.33
CA ALA B 176 6.78 -17.04 -17.07
C ALA B 176 6.53 -15.89 -18.05
N VAL B 177 6.44 -16.22 -19.34
CA VAL B 177 6.23 -15.24 -20.37
C VAL B 177 4.84 -14.64 -20.30
N GLN B 178 3.83 -15.50 -20.24
CA GLN B 178 2.44 -15.05 -20.16
C GLN B 178 2.18 -14.16 -18.95
N SER B 179 2.81 -14.47 -17.85
CA SER B 179 2.60 -13.69 -16.61
C SER B 179 3.45 -12.44 -16.54
N GLY B 180 4.27 -12.17 -17.55
CA GLY B 180 5.03 -10.93 -17.56
C GLY B 180 6.27 -11.00 -16.68
N LYS B 181 6.72 -12.20 -16.29
CA LYS B 181 7.95 -12.32 -15.47
C LYS B 181 9.23 -12.55 -16.28
N ALA B 182 9.10 -12.86 -17.56
CA ALA B 182 10.19 -13.02 -18.50
C ALA B 182 9.73 -12.55 -19.86
N LEU B 183 10.54 -11.78 -20.56
CA LEU B 183 10.18 -11.32 -21.89
C LEU B 183 10.39 -12.43 -22.90
N TYR B 184 11.45 -13.23 -22.70
CA TYR B 184 11.82 -14.29 -23.62
C TYR B 184 12.35 -15.48 -22.78
N VAL B 185 12.39 -16.66 -23.39
CA VAL B 185 12.93 -17.82 -22.72
C VAL B 185 14.01 -18.51 -23.46
N GLY B 186 14.82 -19.27 -22.72
CA GLY B 186 15.95 -19.94 -23.32
C GLY B 186 16.22 -21.24 -22.63
N ILE B 187 17.12 -22.01 -23.22
CA ILE B 187 17.57 -23.28 -22.64
C ILE B 187 19.06 -23.38 -22.69
N SER B 188 19.60 -24.25 -21.83
CA SER B 188 21.01 -24.36 -21.72
C SER B 188 21.41 -25.83 -21.61
N SER B 189 22.44 -26.20 -22.39
CA SER B 189 23.02 -27.54 -22.39
C SER B 189 22.04 -28.65 -22.78
N TYR B 190 21.09 -28.33 -23.66
CA TYR B 190 20.19 -29.32 -24.24
C TYR B 190 20.82 -29.87 -25.55
N SER B 191 20.78 -31.20 -25.74
CA SER B 191 21.12 -31.86 -27.00
C SER B 191 20.30 -31.29 -28.17
N PRO B 192 20.74 -31.53 -29.42
CA PRO B 192 19.98 -31.07 -30.58
C PRO B 192 18.57 -31.64 -30.62
N GLU B 193 18.39 -32.90 -30.24
CA GLU B 193 17.06 -33.51 -30.23
C GLU B 193 16.14 -32.90 -29.16
N ARG B 194 16.65 -32.67 -27.97
CA ARG B 194 15.81 -32.07 -26.92
C ARG B 194 15.53 -30.57 -27.19
N THR B 195 16.49 -29.88 -27.83
CA THR B 195 16.30 -28.51 -28.29
C THR B 195 15.19 -28.39 -29.27
N GLN B 196 15.21 -29.27 -30.25
CA GLN B 196 14.15 -29.32 -31.25
C GLN B 196 12.77 -29.59 -30.61
N LYS B 197 12.70 -30.56 -29.71
CA LYS B 197 11.43 -30.80 -28.98
C LYS B 197 10.96 -29.54 -28.16
N MET B 198 11.89 -28.84 -27.50
CA MET B 198 11.54 -27.65 -26.75
C MET B 198 11.00 -26.56 -27.71
N VAL B 199 11.60 -26.40 -28.88
CA VAL B 199 11.14 -25.42 -29.84
C VAL B 199 9.69 -25.73 -30.19
N GLU B 200 9.42 -27.01 -30.42
CA GLU B 200 8.08 -27.44 -30.82
C GLU B 200 7.05 -27.25 -29.70
N LEU B 201 7.43 -27.58 -28.49
CA LEU B 201 6.49 -27.42 -27.36
C LEU B 201 6.18 -25.97 -27.12
N LEU B 202 7.19 -25.11 -27.20
CA LEU B 202 6.97 -23.70 -26.94
C LEU B 202 6.13 -23.07 -28.08
N ARG B 203 6.27 -23.58 -29.31
CA ARG B 203 5.44 -23.10 -30.44
C ARG B 203 4.01 -23.40 -30.20
N GLU B 204 3.70 -24.48 -29.52
CA GLU B 204 2.29 -24.77 -29.16
C GLU B 204 1.70 -23.65 -28.30
N TRP B 205 2.55 -22.90 -27.61
CA TRP B 205 2.09 -21.79 -26.82
C TRP B 205 2.24 -20.49 -27.56
N LYS B 206 2.64 -20.54 -28.82
CA LYS B 206 2.99 -19.36 -29.63
C LYS B 206 4.12 -18.56 -29.02
N ILE B 207 5.12 -19.25 -28.49
CA ILE B 207 6.31 -18.62 -27.98
C ILE B 207 7.51 -19.19 -28.73
N PRO B 208 8.32 -18.32 -29.36
CA PRO B 208 9.54 -18.82 -30.00
C PRO B 208 10.63 -18.95 -29.00
N LEU B 209 11.31 -20.09 -28.95
CA LEU B 209 12.49 -20.19 -28.15
C LEU B 209 13.53 -19.17 -28.65
N LEU B 210 14.01 -18.30 -27.77
CA LEU B 210 14.94 -17.25 -28.15
C LEU B 210 16.40 -17.73 -28.33
N ILE B 211 16.89 -18.52 -27.39
CA ILE B 211 18.29 -18.72 -27.32
C ILE B 211 18.67 -20.06 -26.67
N HIS B 212 19.83 -20.56 -27.05
CA HIS B 212 20.47 -21.78 -26.42
C HIS B 212 21.81 -21.34 -25.91
N GLN B 213 22.18 -21.77 -24.73
CA GLN B 213 23.43 -21.46 -24.10
C GLN B 213 24.24 -22.79 -23.84
N PRO B 214 25.21 -23.14 -24.72
CA PRO B 214 26.05 -24.33 -24.56
C PRO B 214 27.44 -24.00 -24.17
N SER B 215 28.14 -24.93 -23.51
CA SER B 215 29.57 -24.77 -23.30
C SER B 215 30.18 -24.94 -24.66
N TYR B 216 31.06 -24.03 -25.03
CA TYR B 216 31.61 -24.02 -26.40
C TYR B 216 32.88 -23.17 -26.40
N ASN B 217 33.99 -23.81 -26.70
CA ASN B 217 35.29 -23.12 -26.82
C ASN B 217 36.21 -23.94 -27.73
N LEU B 218 37.35 -23.39 -28.06
CA LEU B 218 38.34 -24.11 -28.91
C LEU B 218 38.63 -25.55 -28.45
N LEU B 219 38.62 -25.81 -27.14
CA LEU B 219 38.92 -27.14 -26.55
C LEU B 219 37.69 -27.96 -26.17
N ASN B 220 36.50 -27.53 -26.61
CA ASN B 220 35.23 -28.20 -26.25
C ASN B 220 34.21 -27.90 -27.33
N ARG B 221 34.08 -28.82 -28.27
CA ARG B 221 33.27 -28.60 -29.48
C ARG B 221 32.16 -29.56 -29.71
N TRP B 222 31.56 -30.06 -28.65
CA TRP B 222 30.42 -30.91 -28.83
C TRP B 222 29.37 -30.19 -29.64
N VAL B 223 29.30 -28.87 -29.51
CA VAL B 223 28.31 -28.09 -30.27
C VAL B 223 28.46 -28.30 -31.78
N ASP B 224 29.72 -28.30 -32.24
CA ASP B 224 30.00 -28.49 -33.69
C ASP B 224 29.67 -29.94 -34.09
N LYS B 225 30.32 -30.86 -33.39
CA LYS B 225 30.20 -32.30 -33.64
C LYS B 225 28.76 -32.83 -33.57
N SER B 226 27.98 -32.35 -32.59
CA SER B 226 26.63 -32.82 -32.42
C SER B 226 25.67 -32.32 -33.50
N GLY B 227 26.04 -31.25 -34.23
CA GLY B 227 25.05 -30.63 -35.15
C GLY B 227 24.17 -29.53 -34.53
N LEU B 228 24.51 -29.09 -33.31
CA LEU B 228 23.61 -28.17 -32.58
C LEU B 228 23.47 -26.87 -33.33
N LEU B 229 24.55 -26.32 -33.85
CA LEU B 229 24.45 -25.06 -34.55
C LEU B 229 23.50 -25.12 -35.75
N ASP B 230 23.40 -26.28 -36.40
CA ASP B 230 22.43 -26.42 -37.49
C ASP B 230 21.01 -26.44 -36.95
N THR B 231 20.78 -27.18 -35.86
CA THR B 231 19.42 -27.23 -35.28
C THR B 231 18.98 -25.78 -34.90
N LEU B 232 19.88 -25.03 -34.29
CA LEU B 232 19.58 -23.69 -33.83
C LEU B 232 19.25 -22.78 -34.99
N GLN B 233 20.13 -22.76 -36.02
CA GLN B 233 19.86 -21.96 -37.21
C GLN B 233 18.56 -22.35 -37.89
N ASN B 234 18.32 -23.62 -38.03
CA ASN B 234 17.08 -24.06 -38.69
C ASN B 234 15.86 -23.65 -37.97
N ASN B 235 15.95 -23.46 -36.66
CA ASN B 235 14.79 -23.10 -35.89
C ASN B 235 14.80 -21.61 -35.49
N GLY B 236 15.78 -20.84 -35.98
CA GLY B 236 15.91 -19.46 -35.62
C GLY B 236 16.24 -19.18 -34.16
N VAL B 237 16.96 -20.07 -33.52
CA VAL B 237 17.36 -19.91 -32.14
C VAL B 237 18.81 -19.38 -32.05
N GLY B 238 19.05 -18.37 -31.21
CA GLY B 238 20.38 -17.82 -31.02
C GLY B 238 21.27 -18.77 -30.23
N CYS B 239 22.56 -18.46 -30.17
CA CYS B 239 23.55 -19.31 -29.45
C CYS B 239 24.46 -18.39 -28.69
N ILE B 240 24.53 -18.56 -27.38
CA ILE B 240 25.48 -17.81 -26.58
C ILE B 240 26.45 -18.81 -25.90
N ALA B 241 27.74 -18.68 -26.19
CA ALA B 241 28.80 -19.63 -25.82
C ALA B 241 29.28 -19.41 -24.43
N PHE B 242 29.15 -20.41 -23.57
CA PHE B 242 29.65 -20.27 -22.21
C PHE B 242 30.99 -21.00 -21.94
N THR B 243 31.72 -20.51 -20.95
CA THR B 243 33.14 -20.83 -20.74
C THR B 243 33.94 -20.73 -22.06
N PRO B 244 33.81 -19.63 -22.77
CA PRO B 244 34.50 -19.49 -24.05
C PRO B 244 36.03 -19.48 -23.97
N LEU B 245 36.57 -19.23 -22.78
CA LEU B 245 38.01 -19.25 -22.54
C LEU B 245 38.44 -20.48 -21.77
N ALA B 246 37.62 -21.53 -21.80
CA ALA B 246 37.78 -22.71 -20.91
C ALA B 246 38.15 -22.29 -19.46
N GLN B 247 37.46 -21.26 -18.95
CA GLN B 247 37.64 -20.70 -17.60
C GLN B 247 38.92 -19.86 -17.32
N GLY B 248 39.68 -19.53 -18.38
CA GLY B 248 41.07 -18.98 -18.26
C GLY B 248 42.22 -19.82 -18.82
N LEU B 249 42.00 -21.12 -18.99
CA LEU B 249 42.97 -21.98 -19.67
C LEU B 249 43.41 -21.42 -21.04
N LEU B 250 42.47 -20.89 -21.82
CA LEU B 250 42.76 -20.37 -23.15
C LEU B 250 43.20 -18.93 -23.07
N THR B 251 43.78 -18.52 -21.96
CA THR B 251 44.35 -17.20 -21.87
C THR B 251 45.88 -17.25 -21.82
N GLY B 252 46.48 -18.44 -21.67
CA GLY B 252 47.94 -18.49 -21.62
C GLY B 252 48.44 -18.14 -20.24
N LYS B 253 47.54 -17.68 -19.37
CA LYS B 253 47.84 -17.36 -17.99
C LYS B 253 48.49 -18.49 -17.18
N TYR B 254 48.31 -19.72 -17.65
CA TYR B 254 48.87 -20.88 -16.97
C TYR B 254 49.97 -21.56 -17.78
N LEU B 255 50.67 -20.81 -18.63
CA LEU B 255 51.79 -21.37 -19.39
C LEU B 255 53.04 -21.54 -18.49
N ASN B 256 53.38 -20.53 -17.70
CA ASN B 256 54.58 -20.55 -16.84
C ASN B 256 54.28 -20.30 -15.36
N GLY B 257 53.44 -21.15 -14.77
CA GLY B 257 53.06 -21.05 -13.36
C GLY B 257 51.57 -20.82 -13.17
N ILE B 258 51.10 -21.06 -11.94
CA ILE B 258 49.71 -20.78 -11.54
C ILE B 258 49.70 -19.49 -10.67
N PRO B 259 49.34 -18.30 -11.26
CA PRO B 259 49.42 -17.03 -10.51
C PRO B 259 48.58 -16.99 -9.24
N GLN B 260 49.03 -16.20 -8.26
CA GLN B 260 48.36 -16.07 -6.94
C GLN B 260 46.92 -15.46 -7.12
N ASP B 261 46.81 -14.32 -7.80
CA ASP B 261 45.53 -13.76 -8.24
C ASP B 261 45.00 -14.47 -9.52
N SER B 262 44.52 -15.71 -9.35
CA SER B 262 43.90 -16.47 -10.45
C SER B 262 42.84 -17.45 -9.90
N ARG B 263 41.84 -17.78 -10.72
CA ARG B 263 40.79 -18.75 -10.36
C ARG B 263 41.37 -20.11 -9.93
N MET B 264 42.42 -20.55 -10.63
CA MET B 264 43.02 -21.87 -10.36
C MET B 264 43.74 -21.91 -8.99
N HIS B 265 44.28 -20.78 -8.50
CA HIS B 265 44.87 -20.76 -7.14
C HIS B 265 43.82 -20.68 -6.05
N ARG B 266 42.59 -20.27 -6.38
CA ARG B 266 41.52 -20.07 -5.37
C ARG B 266 40.61 -21.28 -5.21
N PRO B 276 44.65 -27.74 -11.54
CA PRO B 276 45.86 -28.17 -12.26
C PRO B 276 45.74 -29.57 -12.90
N LYS B 277 44.73 -30.36 -12.51
CA LYS B 277 44.39 -31.62 -13.19
C LYS B 277 44.12 -31.38 -14.68
N MET B 278 43.52 -30.22 -14.99
CA MET B 278 43.25 -29.83 -16.39
C MET B 278 44.51 -29.49 -17.18
N LEU B 279 45.60 -29.11 -16.51
CA LEU B 279 46.87 -28.92 -17.22
C LEU B 279 47.53 -30.29 -17.66
N THR B 280 46.88 -31.07 -18.54
CA THR B 280 47.46 -32.35 -19.00
C THR B 280 48.54 -32.09 -20.07
N GLU B 281 49.22 -33.13 -20.55
CA GLU B 281 50.21 -32.97 -21.63
C GLU B 281 49.55 -32.50 -22.94
N ALA B 282 48.46 -33.19 -23.31
CA ALA B 282 47.71 -32.88 -24.53
C ALA B 282 47.21 -31.47 -24.46
N ASN B 283 46.86 -30.99 -23.28
CA ASN B 283 46.48 -29.58 -23.18
C ASN B 283 47.69 -28.65 -23.44
N LEU B 284 48.73 -28.76 -22.63
CA LEU B 284 49.89 -27.83 -22.66
C LEU B 284 50.50 -27.65 -24.04
N ASN B 285 50.71 -28.77 -24.72
CA ASN B 285 51.39 -28.72 -26.02
C ASN B 285 50.49 -28.02 -27.08
N SER B 286 49.19 -28.24 -26.99
CA SER B 286 48.22 -27.52 -27.82
C SER B 286 48.11 -26.03 -27.46
N LEU B 287 48.08 -25.73 -26.16
CA LEU B 287 48.01 -24.35 -25.72
C LEU B 287 49.25 -23.60 -26.21
N ARG B 288 50.41 -24.24 -26.16
CA ARG B 288 51.63 -23.57 -26.64
C ARG B 288 51.51 -23.29 -28.14
N LEU B 289 50.92 -24.22 -28.90
CA LEU B 289 50.76 -23.99 -30.34
C LEU B 289 49.74 -22.89 -30.62
N LEU B 290 48.61 -22.93 -29.91
CA LEU B 290 47.63 -21.90 -30.07
C LEU B 290 48.20 -20.54 -29.77
N ASN B 291 49.03 -20.46 -28.73
CA ASN B 291 49.58 -19.16 -28.35
C ASN B 291 50.43 -18.55 -29.46
N GLU B 292 51.19 -19.40 -30.14
CA GLU B 292 52.03 -18.90 -31.24
C GLU B 292 51.14 -18.48 -32.43
N MET B 293 50.06 -19.21 -32.71
CA MET B 293 49.11 -18.79 -33.76
C MET B 293 48.48 -17.44 -33.42
N ALA B 294 48.18 -17.23 -32.13
CA ALA B 294 47.59 -15.97 -31.67
C ALA B 294 48.60 -14.85 -31.86
N GLN B 295 49.84 -15.11 -31.45
CA GLN B 295 50.92 -14.12 -31.69
C GLN B 295 51.06 -13.75 -33.17
N GLN B 296 51.04 -14.75 -34.05
CA GLN B 296 51.09 -14.51 -35.49
C GLN B 296 49.96 -13.58 -35.96
N ARG B 297 48.79 -13.66 -35.33
CA ARG B 297 47.64 -12.80 -35.68
C ARG B 297 47.67 -11.45 -35.03
N GLY B 298 48.62 -11.21 -34.15
CA GLY B 298 48.65 -9.96 -33.38
C GLY B 298 47.61 -9.92 -32.27
N GLN B 299 47.22 -11.09 -31.77
CA GLN B 299 46.25 -11.23 -30.70
C GLN B 299 46.82 -11.95 -29.51
N SER B 300 46.30 -11.65 -28.32
CA SER B 300 46.54 -12.54 -27.18
C SER B 300 45.78 -13.81 -27.42
N MET B 301 46.16 -14.84 -26.70
CA MET B 301 45.48 -16.11 -26.78
C MET B 301 43.97 -15.97 -26.48
N ALA B 302 43.65 -15.16 -25.46
CA ALA B 302 42.26 -14.87 -25.04
C ALA B 302 41.49 -14.31 -26.20
N GLN B 303 42.04 -13.29 -26.82
CA GLN B 303 41.38 -12.63 -27.95
C GLN B 303 41.16 -13.60 -29.08
N MET B 304 42.12 -14.47 -29.35
CA MET B 304 41.96 -15.39 -30.48
C MET B 304 40.85 -16.42 -30.16
N ALA B 305 40.87 -16.95 -28.94
CA ALA B 305 39.86 -17.91 -28.53
C ALA B 305 38.42 -17.33 -28.72
N LEU B 306 38.25 -16.04 -28.43
CA LEU B 306 36.95 -15.37 -28.57
C LEU B 306 36.62 -15.10 -30.02
N SER B 307 37.59 -14.57 -30.76
CA SER B 307 37.42 -14.38 -32.20
C SER B 307 37.01 -15.68 -32.91
N TRP B 308 37.60 -16.79 -32.50
CA TRP B 308 37.33 -18.06 -33.12
C TRP B 308 35.88 -18.48 -32.95
N LEU B 309 35.32 -18.30 -31.75
CA LEU B 309 33.89 -18.57 -31.56
C LEU B 309 33.03 -17.61 -32.43
N LEU B 310 33.46 -16.38 -32.54
CA LEU B 310 32.69 -15.34 -33.24
C LEU B 310 32.99 -15.29 -34.74
N LYS B 311 33.79 -16.23 -35.24
CA LYS B 311 34.09 -16.29 -36.69
C LYS B 311 32.81 -16.63 -37.54
N ASP B 312 31.82 -17.26 -36.90
CA ASP B 312 30.59 -17.91 -37.47
C ASP B 312 29.43 -16.97 -37.14
N ASP B 313 28.48 -16.72 -38.07
CA ASP B 313 27.31 -15.86 -37.81
C ASP B 313 26.26 -16.58 -36.97
N ARG B 314 26.48 -17.85 -36.68
CA ARG B 314 25.50 -18.60 -35.89
C ARG B 314 25.72 -18.47 -34.40
N VAL B 315 26.88 -17.95 -34.01
CA VAL B 315 27.18 -17.70 -32.62
C VAL B 315 26.77 -16.27 -32.40
N THR B 316 25.78 -16.05 -31.50
CA THR B 316 25.24 -14.72 -31.26
C THR B 316 26.15 -13.93 -30.36
N SER B 317 26.76 -14.59 -29.39
CA SER B 317 27.52 -13.89 -28.39
C SER B 317 28.43 -14.91 -27.66
N VAL B 318 29.50 -14.40 -27.05
CA VAL B 318 30.35 -15.24 -26.19
C VAL B 318 30.20 -14.66 -24.82
N LEU B 319 30.01 -15.53 -23.86
CA LEU B 319 29.66 -15.12 -22.50
C LEU B 319 30.94 -15.21 -21.66
N ILE B 320 31.64 -14.08 -21.49
CA ILE B 320 32.90 -14.03 -20.79
C ILE B 320 32.70 -13.70 -19.32
N GLY B 321 33.67 -14.14 -18.49
CA GLY B 321 33.74 -13.73 -17.10
C GLY B 321 34.87 -12.74 -17.01
N ALA B 322 34.94 -12.01 -15.91
CA ALA B 322 36.03 -11.11 -15.68
C ALA B 322 36.12 -10.95 -14.17
N SER B 323 37.38 -10.84 -13.69
CA SER B 323 37.64 -10.57 -12.27
C SER B 323 38.16 -9.15 -12.10
N ARG B 324 38.44 -8.47 -13.21
CA ARG B 324 38.77 -7.05 -13.15
C ARG B 324 38.52 -6.35 -14.47
N ALA B 325 38.35 -5.04 -14.43
CA ALA B 325 37.92 -4.26 -15.59
C ALA B 325 38.89 -4.40 -16.80
N GLU B 326 40.18 -4.54 -16.53
CA GLU B 326 41.20 -4.60 -17.61
C GLU B 326 40.97 -5.79 -18.51
N GLN B 327 40.43 -6.88 -17.95
CA GLN B 327 40.19 -8.09 -18.72
C GLN B 327 39.09 -7.86 -19.74
N LEU B 328 38.07 -7.05 -19.38
CA LEU B 328 37.06 -6.67 -20.35
C LEU B 328 37.64 -5.86 -21.50
N GLU B 329 38.48 -4.88 -21.18
CA GLU B 329 39.13 -4.05 -22.19
C GLU B 329 39.95 -4.87 -23.18
N GLU B 330 40.72 -5.83 -22.70
CA GLU B 330 41.44 -6.73 -23.57
C GLU B 330 40.51 -7.61 -24.41
N ASN B 331 39.50 -8.24 -23.78
CA ASN B 331 38.68 -9.21 -24.48
C ASN B 331 37.85 -8.62 -25.62
N VAL B 332 37.29 -7.44 -25.44
CA VAL B 332 36.44 -6.86 -26.49
C VAL B 332 37.26 -6.57 -27.78
N GLN B 333 38.57 -6.42 -27.66
CA GLN B 333 39.39 -6.15 -28.85
C GLN B 333 39.44 -7.37 -29.77
N ALA B 334 38.98 -8.53 -29.32
CA ALA B 334 38.80 -9.68 -30.20
C ALA B 334 37.99 -9.31 -31.46
N LEU B 335 37.12 -8.34 -31.33
CA LEU B 335 36.30 -7.91 -32.46
C LEU B 335 37.06 -7.31 -33.61
N ASN B 336 38.29 -6.86 -33.36
CA ASN B 336 39.13 -6.31 -34.41
C ASN B 336 39.63 -7.34 -35.41
N ASN B 337 39.58 -8.62 -35.05
CA ASN B 337 40.05 -9.66 -35.95
C ASN B 337 39.21 -10.93 -35.83
N LEU B 338 38.09 -10.94 -36.52
CA LEU B 338 37.22 -12.13 -36.58
C LEU B 338 37.45 -13.11 -37.78
N THR B 339 38.48 -12.86 -38.60
CA THR B 339 38.75 -13.71 -39.79
C THR B 339 39.79 -14.77 -39.49
N PHE B 340 39.50 -16.00 -39.92
CA PHE B 340 40.45 -17.11 -39.92
C PHE B 340 40.60 -17.72 -41.33
N SER B 341 41.83 -17.95 -41.80
CA SER B 341 42.09 -18.62 -43.10
C SER B 341 41.76 -20.08 -42.96
N THR B 342 41.61 -20.77 -44.09
CA THR B 342 41.47 -22.23 -44.12
C THR B 342 42.62 -22.95 -43.42
N LYS B 343 43.83 -22.44 -43.61
CA LYS B 343 45.03 -23.06 -43.03
C LYS B 343 44.94 -22.99 -41.51
N GLU B 344 44.61 -21.80 -41.01
CA GLU B 344 44.42 -21.58 -39.55
C GLU B 344 43.39 -22.52 -38.93
N LEU B 345 42.22 -22.61 -39.56
CA LEU B 345 41.18 -23.50 -39.08
C LEU B 345 41.61 -24.95 -39.15
N ALA B 346 42.40 -25.31 -40.17
CA ALA B 346 42.90 -26.66 -40.33
C ALA B 346 43.83 -26.99 -39.20
N GLN B 347 44.79 -26.11 -38.96
CA GLN B 347 45.79 -26.38 -37.91
C GLN B 347 45.14 -26.56 -36.55
N ILE B 348 44.17 -25.70 -36.27
CA ILE B 348 43.43 -25.78 -35.04
C ILE B 348 42.72 -27.14 -34.94
N ASP B 349 41.89 -27.47 -35.93
CA ASP B 349 41.17 -28.76 -35.97
C ASP B 349 42.10 -29.95 -35.87
N GLN B 350 43.25 -29.88 -36.54
CA GLN B 350 44.17 -31.02 -36.60
C GLN B 350 44.82 -31.20 -35.21
N HIS B 351 45.29 -30.10 -34.66
CA HIS B 351 46.33 -30.15 -33.66
C HIS B 351 45.85 -29.84 -32.27
N ILE B 352 44.54 -29.65 -32.07
CA ILE B 352 43.93 -29.35 -30.76
C ILE B 352 42.97 -30.42 -30.22
N ALA B 353 43.44 -31.26 -29.30
CA ALA B 353 42.67 -32.36 -28.71
C ALA B 353 41.49 -31.78 -27.91
N ASP B 354 40.39 -32.54 -27.80
CA ASP B 354 39.40 -32.20 -26.81
C ASP B 354 40.14 -32.08 -25.50
N GLY B 355 39.75 -31.07 -24.73
CA GLY B 355 40.42 -30.74 -23.48
C GLY B 355 39.92 -31.50 -22.27
N GLU B 356 38.86 -32.32 -22.46
CA GLU B 356 38.21 -33.04 -21.35
C GLU B 356 37.84 -32.10 -20.19
N LEU B 357 37.26 -30.96 -20.54
CA LEU B 357 36.93 -29.91 -19.55
C LEU B 357 35.46 -29.49 -19.60
N ASN B 358 34.63 -30.19 -20.36
CA ASN B 358 33.18 -29.96 -20.34
C ASN B 358 32.57 -30.58 -19.09
N LEU B 359 32.57 -29.79 -18.00
CA LEU B 359 31.96 -30.20 -16.74
C LEU B 359 30.39 -30.22 -16.81
N TRP B 360 29.78 -29.87 -17.95
CA TRP B 360 28.30 -29.81 -18.14
C TRP B 360 27.84 -30.80 -19.19
N GLN B 361 28.67 -31.83 -19.39
CA GLN B 361 28.43 -32.86 -20.41
C GLN B 361 27.26 -33.80 -20.02
N ALA B 362 27.07 -34.05 -18.71
CA ALA B 362 25.94 -34.83 -18.20
C ALA B 362 24.62 -34.37 -18.88
N SER B 363 24.40 -33.04 -18.91
CA SER B 363 23.18 -32.48 -19.48
C SER B 363 23.06 -32.71 -21.00
N SER B 364 24.13 -32.38 -21.76
CA SER B 364 24.11 -32.47 -23.26
C SER B 364 24.13 -33.89 -23.83
N ASP B 365 24.57 -34.87 -23.02
CA ASP B 365 24.51 -36.33 -23.39
C ASP B 365 23.13 -37.00 -23.28
N LYS B 366 22.16 -36.35 -22.64
CA LYS B 366 20.81 -36.93 -22.50
C LYS B 366 19.92 -36.66 -23.73
N VAL C 22 13.91 -18.71 17.40
CA VAL C 22 13.97 -19.11 15.96
C VAL C 22 14.19 -20.64 15.77
N TRP C 23 13.55 -21.23 14.76
CA TRP C 23 13.54 -22.71 14.60
C TRP C 23 14.31 -23.18 13.37
N LEU C 24 15.17 -24.18 13.59
CA LEU C 24 15.99 -24.83 12.56
C LEU C 24 15.57 -26.30 12.31
N ALA C 25 15.11 -26.55 11.09
CA ALA C 25 14.77 -27.88 10.65
C ALA C 25 15.99 -28.80 10.72
N ASN C 26 15.72 -30.08 10.94
CA ASN C 26 16.77 -31.10 10.92
C ASN C 26 17.59 -31.08 9.61
N PRO C 27 18.90 -30.81 9.68
CA PRO C 27 19.68 -30.80 8.41
C PRO C 27 19.66 -32.13 7.67
N GLU C 28 19.39 -33.25 8.35
CA GLU C 28 19.38 -34.56 7.69
C GLU C 28 17.98 -34.94 7.24
N ARG C 29 17.06 -33.97 7.18
CA ARG C 29 15.67 -34.28 6.90
C ARG C 29 15.48 -34.95 5.55
N TYR C 30 16.38 -34.74 4.59
CA TYR C 30 16.13 -35.35 3.29
C TYR C 30 16.88 -36.70 3.14
N GLY C 31 17.54 -37.16 4.20
CA GLY C 31 18.43 -38.35 4.10
C GLY C 31 17.71 -39.68 4.06
N GLN C 32 16.60 -39.82 4.76
CA GLN C 32 15.92 -41.10 4.93
C GLN C 32 14.59 -41.23 4.17
N MET C 33 13.82 -40.14 4.04
CA MET C 33 12.56 -40.21 3.32
C MET C 33 12.74 -40.67 1.86
N GLN C 34 11.80 -41.48 1.38
CA GLN C 34 11.73 -41.84 -0.03
C GLN C 34 10.79 -40.83 -0.74
N TYR C 35 11.17 -40.38 -1.90
CA TYR C 35 10.35 -39.51 -2.75
C TYR C 35 10.01 -40.24 -4.06
N ARG C 36 8.78 -40.04 -4.55
CA ARG C 36 8.27 -40.67 -5.75
C ARG C 36 7.72 -39.60 -6.71
N TYR C 37 8.09 -39.72 -7.98
CA TYR C 37 7.56 -38.87 -8.98
C TYR C 37 6.07 -39.08 -9.04
N CYS C 38 5.32 -37.98 -9.09
CA CYS C 38 3.88 -38.03 -9.13
C CYS C 38 3.43 -38.29 -10.55
N GLY C 39 3.04 -39.53 -10.86
CA GLY C 39 2.60 -39.91 -12.21
C GLY C 39 3.71 -39.59 -13.20
N LYS C 40 3.39 -38.96 -14.32
CA LYS C 40 4.43 -38.62 -15.32
C LYS C 40 5.07 -37.24 -15.10
N SER C 41 4.69 -36.52 -14.04
CA SER C 41 5.17 -35.16 -13.80
C SER C 41 6.59 -35.18 -13.23
N GLY C 42 7.18 -34.00 -13.12
CA GLY C 42 8.46 -33.86 -12.45
C GLY C 42 8.37 -33.61 -10.94
N LEU C 43 7.16 -33.67 -10.38
CA LEU C 43 6.96 -33.32 -8.94
C LEU C 43 7.15 -34.55 -8.11
N ARG C 44 8.08 -34.50 -7.18
CA ARG C 44 8.33 -35.66 -6.32
C ARG C 44 7.67 -35.46 -4.96
N LEU C 45 6.73 -36.32 -4.62
CA LEU C 45 6.11 -36.27 -3.34
C LEU C 45 6.85 -37.24 -2.34
N PRO C 46 6.80 -36.93 -1.05
CA PRO C 46 7.29 -37.89 -0.08
C PRO C 46 6.37 -39.08 -0.09
N ALA C 47 6.92 -40.25 0.22
CA ALA C 47 6.15 -41.50 0.18
C ALA C 47 5.08 -41.45 1.25
N LEU C 48 5.34 -40.75 2.36
CA LEU C 48 4.34 -40.43 3.33
C LEU C 48 4.11 -38.90 3.34
N SER C 49 2.86 -38.51 3.24
CA SER C 49 2.40 -37.11 3.32
C SER C 49 1.58 -36.98 4.57
N LEU C 50 1.52 -35.77 5.16
CA LEU C 50 0.64 -35.49 6.32
C LEU C 50 -0.62 -34.72 5.94
N GLY C 51 -1.77 -35.28 6.31
CA GLY C 51 -3.03 -34.62 6.15
C GLY C 51 -3.47 -33.91 7.41
N LEU C 52 -4.24 -32.83 7.25
CA LEU C 52 -4.66 -32.04 8.37
C LEU C 52 -6.17 -32.08 8.61
N TRP C 53 -6.77 -33.17 8.16
CA TRP C 53 -8.19 -33.41 8.38
C TRP C 53 -8.58 -33.41 9.83
N HIS C 54 -7.82 -34.11 10.68
CA HIS C 54 -7.98 -34.02 12.12
C HIS C 54 -6.75 -33.54 12.83
N ASN C 55 -6.99 -32.95 14.00
CA ASN C 55 -5.97 -32.52 14.96
C ASN C 55 -5.36 -31.14 14.75
N PHE C 56 -5.92 -30.36 13.82
CA PHE C 56 -5.46 -29.00 13.54
C PHE C 56 -6.56 -27.97 13.54
N GLY C 57 -7.64 -28.24 14.27
CA GLY C 57 -8.69 -27.30 14.46
C GLY C 57 -8.43 -26.38 15.63
N HIS C 58 -9.35 -25.42 15.81
CA HIS C 58 -9.27 -24.55 17.01
C HIS C 58 -9.57 -25.27 18.28
N VAL C 59 -10.12 -26.50 18.20
CA VAL C 59 -10.31 -27.37 19.36
C VAL C 59 -9.01 -28.09 19.77
N ASN C 60 -7.91 -27.87 19.04
CA ASN C 60 -6.64 -28.52 19.35
C ASN C 60 -5.66 -27.45 19.68
N ALA C 61 -4.94 -27.61 20.78
CA ALA C 61 -3.94 -26.66 21.20
C ALA C 61 -2.87 -26.40 20.06
N LEU C 62 -2.57 -25.14 19.78
CA LEU C 62 -1.59 -24.81 18.72
C LEU C 62 -0.20 -25.43 19.01
N GLU C 63 0.20 -25.54 20.29
CA GLU C 63 1.51 -26.17 20.57
C GLU C 63 1.56 -27.60 20.16
N SER C 64 0.48 -28.35 20.36
CA SER C 64 0.43 -29.72 19.89
C SER C 64 0.58 -29.82 18.37
N GLN C 65 -0.10 -28.90 17.64
CA GLN C 65 -0.05 -28.86 16.20
C GLN C 65 1.36 -28.55 15.73
N ARG C 66 2.00 -27.57 16.37
CA ARG C 66 3.34 -27.19 16.03
C ARG C 66 4.35 -28.35 16.15
N ALA C 67 4.24 -29.12 17.22
CA ALA C 67 5.16 -30.28 17.43
C ALA C 67 4.96 -31.31 16.33
N ILE C 68 3.71 -31.51 15.88
CA ILE C 68 3.46 -32.45 14.76
C ILE C 68 4.05 -31.96 13.40
N LEU C 69 3.79 -30.70 13.01
CA LEU C 69 4.33 -30.22 11.77
C LEU C 69 5.86 -30.18 11.78
N ARG C 70 6.47 -29.74 12.86
CA ARG C 70 7.94 -29.69 12.90
C ARG C 70 8.56 -31.08 12.74
N LYS C 71 7.92 -32.05 13.39
CA LYS C 71 8.43 -33.43 13.32
C LYS C 71 8.28 -33.97 11.89
N ALA C 72 7.16 -33.62 11.24
CA ALA C 72 6.89 -34.12 9.90
C ALA C 72 8.00 -33.62 9.01
N PHE C 73 8.26 -32.35 9.05
CA PHE C 73 9.28 -31.77 8.17
C PHE C 73 10.68 -32.35 8.51
N ASP C 74 10.97 -32.53 9.78
CA ASP C 74 12.27 -33.08 10.21
C ASP C 74 12.46 -34.51 9.69
N LEU C 75 11.37 -35.26 9.50
CA LEU C 75 11.41 -36.57 8.88
C LEU C 75 11.38 -36.56 7.36
N GLY C 76 11.38 -35.37 6.77
CA GLY C 76 11.37 -35.24 5.31
C GLY C 76 9.99 -35.22 4.65
N ILE C 77 8.93 -35.19 5.44
CA ILE C 77 7.60 -35.10 4.88
C ILE C 77 7.42 -33.63 4.45
N THR C 78 7.36 -33.43 3.14
CA THR C 78 7.29 -32.12 2.53
C THR C 78 5.95 -31.76 1.99
N HIS C 79 4.97 -32.65 2.11
CA HIS C 79 3.66 -32.42 1.57
C HIS C 79 2.64 -32.41 2.69
N PHE C 80 1.87 -31.33 2.78
CA PHE C 80 0.83 -31.13 3.79
C PHE C 80 -0.47 -30.88 3.07
N ASP C 81 -1.45 -31.71 3.36
CA ASP C 81 -2.67 -31.74 2.62
C ASP C 81 -3.77 -31.12 3.49
N LEU C 82 -4.45 -30.13 2.92
CA LEU C 82 -5.51 -29.44 3.61
C LEU C 82 -6.80 -29.42 2.74
N ALA C 83 -7.88 -28.91 3.31
CA ALA C 83 -9.10 -28.59 2.55
C ALA C 83 -9.77 -27.47 3.24
N ASN C 84 -10.68 -26.79 2.54
CA ASN C 84 -11.36 -25.68 3.14
C ASN C 84 -12.03 -25.99 4.47
N ASN C 85 -12.73 -27.12 4.55
CA ASN C 85 -13.55 -27.36 5.70
C ASN C 85 -12.86 -28.16 6.80
N TYR C 86 -11.54 -28.37 6.69
CA TYR C 86 -10.83 -29.08 7.80
C TYR C 86 -10.74 -28.25 9.07
N GLY C 87 -10.99 -28.89 10.19
CA GLY C 87 -11.02 -28.23 11.49
C GLY C 87 -11.22 -29.25 12.60
N PRO C 88 -12.26 -29.07 13.46
CA PRO C 88 -13.27 -28.01 13.48
C PRO C 88 -12.79 -26.75 14.19
N PRO C 89 -13.41 -25.61 13.94
CA PRO C 89 -14.48 -25.48 12.95
C PRO C 89 -13.92 -25.36 11.53
N PRO C 90 -14.81 -25.41 10.54
CA PRO C 90 -14.37 -25.31 9.15
C PRO C 90 -13.45 -24.13 8.91
N GLY C 91 -12.39 -24.34 8.15
CA GLY C 91 -11.41 -23.26 7.91
C GLY C 91 -10.25 -23.19 8.90
N SER C 92 -10.42 -23.76 10.07
CA SER C 92 -9.45 -23.53 11.15
C SER C 92 -8.09 -24.26 10.91
N ALA C 93 -8.10 -25.44 10.29
CA ALA C 93 -6.86 -26.12 9.95
C ALA C 93 -5.99 -25.24 9.02
N GLU C 94 -6.62 -24.65 8.03
CA GLU C 94 -5.94 -23.73 7.10
C GLU C 94 -5.40 -22.48 7.82
N GLU C 95 -6.19 -21.89 8.71
CA GLU C 95 -5.71 -20.74 9.53
C GLU C 95 -4.55 -21.14 10.42
N ASN C 96 -4.74 -22.23 11.15
CA ASN C 96 -3.63 -22.68 12.07
C ASN C 96 -2.38 -23.02 11.26
N PHE C 97 -2.56 -23.66 10.12
CA PHE C 97 -1.41 -23.93 9.26
C PHE C 97 -0.71 -22.64 8.84
N GLY C 98 -1.51 -21.66 8.41
CA GLY C 98 -0.96 -20.37 8.00
C GLY C 98 -0.16 -19.68 9.07
N ARG C 99 -0.65 -19.74 10.30
CA ARG C 99 0.09 -19.26 11.41
C ARG C 99 1.41 -19.97 11.58
N LEU C 100 1.40 -21.30 11.57
CA LEU C 100 2.63 -22.04 11.87
C LEU C 100 3.61 -21.86 10.73
N LEU C 101 3.08 -21.68 9.52
CA LEU C 101 3.93 -21.41 8.34
C LEU C 101 4.76 -20.14 8.55
N ARG C 102 4.09 -19.10 9.02
CA ARG C 102 4.63 -17.78 9.26
C ARG C 102 5.63 -17.85 10.39
N GLU C 103 5.29 -18.56 11.46
CA GLU C 103 6.16 -18.61 12.64
C GLU C 103 7.38 -19.51 12.43
N ASP C 104 7.19 -20.70 11.92
CA ASP C 104 8.28 -21.71 11.89
C ASP C 104 8.77 -22.02 10.50
N PHE C 105 7.96 -21.76 9.47
CA PHE C 105 8.35 -22.16 8.12
C PHE C 105 8.54 -20.99 7.16
N ALA C 106 8.84 -19.82 7.67
CA ALA C 106 9.06 -18.64 6.83
C ALA C 106 10.11 -18.91 5.79
N ALA C 107 11.22 -19.55 6.16
CA ALA C 107 12.31 -19.79 5.20
C ALA C 107 12.04 -21.04 4.36
N TYR C 108 10.98 -21.78 4.61
CA TYR C 108 10.85 -23.12 4.01
C TYR C 108 9.65 -23.32 3.08
N ARG C 109 8.90 -22.27 2.79
CA ARG C 109 7.72 -22.46 1.90
C ARG C 109 8.02 -23.18 0.60
N ASP C 110 9.11 -22.82 -0.04
CA ASP C 110 9.47 -23.32 -1.28
C ASP C 110 10.01 -24.77 -1.21
N GLU C 111 10.23 -25.28 -0.01
CA GLU C 111 10.52 -26.73 0.18
C GLU C 111 9.23 -27.51 0.46
N LEU C 112 8.04 -26.85 0.47
CA LEU C 112 6.82 -27.55 0.82
C LEU C 112 5.84 -27.65 -0.32
N ILE C 113 5.02 -28.70 -0.31
CA ILE C 113 3.91 -28.83 -1.23
C ILE C 113 2.64 -28.74 -0.40
N ILE C 114 1.84 -27.72 -0.64
CA ILE C 114 0.66 -27.44 0.15
C ILE C 114 -0.51 -27.57 -0.74
N SER C 115 -1.49 -28.35 -0.35
CA SER C 115 -2.69 -28.48 -1.15
C SER C 115 -3.94 -27.96 -0.42
N THR C 116 -4.93 -27.50 -1.19
CA THR C 116 -6.25 -27.38 -0.66
C THR C 116 -7.29 -27.83 -1.67
N LYS C 117 -8.56 -27.78 -1.25
CA LYS C 117 -9.65 -28.41 -1.99
C LYS C 117 -10.95 -27.67 -1.78
N ALA C 118 -11.87 -27.89 -2.70
CA ALA C 118 -13.23 -27.41 -2.56
C ALA C 118 -14.15 -28.40 -3.18
N GLY C 119 -15.26 -28.67 -2.52
CA GLY C 119 -16.29 -29.58 -3.05
C GLY C 119 -17.33 -30.04 -2.04
N TYR C 120 -16.94 -30.21 -0.78
CA TYR C 120 -17.90 -30.53 0.28
C TYR C 120 -18.52 -29.28 0.89
N ASP C 121 -19.39 -29.45 1.88
CA ASP C 121 -20.08 -28.32 2.48
C ASP C 121 -19.09 -27.48 3.22
N MET C 122 -19.05 -26.18 2.94
CA MET C 122 -18.13 -25.30 3.60
C MET C 122 -18.85 -24.18 4.22
N TRP C 123 -19.70 -23.48 3.47
CA TRP C 123 -20.49 -22.39 4.01
C TRP C 123 -21.93 -22.51 3.57
N PRO C 124 -22.83 -21.82 4.28
CA PRO C 124 -24.22 -22.03 4.00
C PRO C 124 -24.64 -21.57 2.59
N GLY C 125 -25.67 -22.22 2.07
CA GLY C 125 -26.28 -21.77 0.85
C GLY C 125 -25.81 -22.50 -0.39
N PRO C 126 -26.31 -22.09 -1.54
CA PRO C 126 -26.13 -22.88 -2.76
C PRO C 126 -24.77 -22.69 -3.40
N TYR C 127 -23.94 -21.78 -2.88
CA TYR C 127 -22.61 -21.55 -3.43
C TYR C 127 -21.55 -22.06 -2.50
N GLY C 128 -22.00 -22.76 -1.46
CA GLY C 128 -21.10 -23.24 -0.38
C GLY C 128 -20.73 -24.70 -0.40
N SER C 129 -21.05 -25.34 -1.48
CA SER C 129 -20.84 -26.74 -1.66
C SER C 129 -20.88 -27.07 -3.14
N GLY C 130 -20.30 -28.21 -3.54
CA GLY C 130 -20.42 -28.65 -4.95
C GLY C 130 -19.24 -28.34 -5.84
N GLY C 131 -19.48 -28.26 -7.15
CA GLY C 131 -18.38 -28.03 -8.14
C GLY C 131 -18.44 -26.81 -9.07
N SER C 132 -19.22 -25.81 -8.72
CA SER C 132 -19.41 -24.65 -9.57
C SER C 132 -18.16 -23.80 -9.59
N ARG C 133 -18.05 -23.00 -10.63
CA ARG C 133 -16.97 -22.01 -10.74
C ARG C 133 -17.05 -21.03 -9.59
N LYS C 134 -18.29 -20.62 -9.24
CA LYS C 134 -18.49 -19.70 -8.14
C LYS C 134 -17.87 -20.24 -6.85
N TYR C 135 -18.24 -21.45 -6.49
CA TYR C 135 -17.79 -22.05 -5.21
C TYR C 135 -16.28 -22.31 -5.22
N LEU C 136 -15.78 -22.92 -6.28
CA LEU C 136 -14.37 -23.32 -6.36
C LEU C 136 -13.42 -22.06 -6.35
N LEU C 137 -13.75 -21.03 -7.12
CA LEU C 137 -12.91 -19.86 -7.17
C LEU C 137 -13.03 -18.97 -5.94
N ALA C 138 -14.25 -18.81 -5.44
CA ALA C 138 -14.40 -18.09 -4.18
C ALA C 138 -13.71 -18.83 -3.06
N SER C 139 -13.84 -20.15 -3.04
CA SER C 139 -13.25 -20.95 -1.93
C SER C 139 -11.75 -20.89 -1.97
N LEU C 140 -11.15 -21.05 -3.14
CA LEU C 140 -9.69 -20.93 -3.28
C LEU C 140 -9.25 -19.60 -2.74
N ASP C 141 -9.95 -18.50 -3.06
CA ASP C 141 -9.57 -17.19 -2.53
C ASP C 141 -9.64 -17.14 -1.01
N GLN C 142 -10.69 -17.71 -0.40
CA GLN C 142 -10.77 -17.77 1.07
C GLN C 142 -9.63 -18.64 1.64
N SER C 143 -9.31 -19.74 0.98
CA SER C 143 -8.23 -20.65 1.49
C SER C 143 -6.86 -19.97 1.45
N LEU C 144 -6.58 -19.27 0.37
CA LEU C 144 -5.32 -18.55 0.26
C LEU C 144 -5.20 -17.44 1.33
N LYS C 145 -6.28 -16.73 1.58
CA LYS C 145 -6.27 -15.73 2.61
C LYS C 145 -6.10 -16.37 4.02
N ARG C 146 -6.81 -17.46 4.32
CA ARG C 146 -6.68 -18.12 5.60
C ARG C 146 -5.25 -18.62 5.80
N MET C 147 -4.63 -19.18 4.78
CA MET C 147 -3.28 -19.75 4.90
C MET C 147 -2.18 -18.69 4.69
N GLY C 148 -2.54 -17.48 4.25
CA GLY C 148 -1.51 -16.44 4.02
C GLY C 148 -0.61 -16.77 2.85
N LEU C 149 -1.13 -17.39 1.80
CA LEU C 149 -0.32 -17.87 0.67
C LEU C 149 -0.71 -17.14 -0.57
N GLU C 150 0.26 -16.91 -1.45
CA GLU C 150 -0.04 -16.43 -2.80
C GLU C 150 -0.63 -17.53 -3.67
N TYR C 151 -0.21 -18.77 -3.49
CA TYR C 151 -0.74 -19.91 -4.21
C TYR C 151 -0.55 -21.18 -3.41
N VAL C 152 -1.41 -22.19 -3.71
CA VAL C 152 -1.21 -23.54 -3.31
C VAL C 152 -0.51 -24.27 -4.41
N ASP C 153 0.25 -25.30 -4.02
CA ASP C 153 0.89 -26.15 -4.97
C ASP C 153 -0.09 -27.02 -5.72
N ILE C 154 -1.16 -27.47 -5.05
CA ILE C 154 -2.14 -28.30 -5.66
C ILE C 154 -3.47 -27.85 -5.21
N PHE C 155 -4.32 -27.53 -6.17
CA PHE C 155 -5.73 -27.31 -5.87
C PHE C 155 -6.61 -28.43 -6.41
N TYR C 156 -7.48 -28.97 -5.57
CA TYR C 156 -8.39 -30.07 -5.96
C TYR C 156 -9.85 -29.70 -6.04
N SER C 157 -10.53 -30.30 -6.99
CA SER C 157 -11.95 -30.62 -6.85
C SER C 157 -12.03 -31.78 -5.85
N HIS C 158 -12.73 -31.57 -4.74
CA HIS C 158 -12.70 -32.47 -3.59
C HIS C 158 -13.57 -33.67 -3.78
N ARG C 159 -14.60 -33.57 -4.61
CA ARG C 159 -15.49 -34.70 -4.91
C ARG C 159 -16.28 -34.41 -6.15
N VAL C 160 -17.03 -35.41 -6.64
CA VAL C 160 -17.83 -35.28 -7.84
C VAL C 160 -19.07 -34.48 -7.54
N ASP C 161 -19.43 -33.56 -8.42
CA ASP C 161 -20.73 -32.91 -8.32
C ASP C 161 -21.43 -33.28 -9.63
N GLU C 162 -22.46 -34.13 -9.55
CA GLU C 162 -23.13 -34.63 -10.76
C GLU C 162 -24.04 -33.55 -11.36
N ASN C 163 -24.34 -32.50 -10.60
CA ASN C 163 -25.14 -31.37 -11.09
C ASN C 163 -24.36 -30.17 -11.59
N THR C 164 -23.02 -30.21 -11.54
CA THR C 164 -22.23 -29.28 -12.33
C THR C 164 -21.54 -29.97 -13.47
N PRO C 165 -21.65 -29.43 -14.68
CA PRO C 165 -20.91 -30.07 -15.75
C PRO C 165 -19.44 -30.00 -15.51
N MET C 166 -18.76 -31.08 -15.82
CA MET C 166 -17.33 -31.19 -15.57
C MET C 166 -16.51 -30.15 -16.35
N GLU C 167 -17.06 -29.69 -17.46
CA GLU C 167 -16.53 -28.60 -18.23
C GLU C 167 -16.37 -27.35 -17.34
N GLU C 168 -17.33 -27.14 -16.44
CA GLU C 168 -17.30 -25.94 -15.59
C GLU C 168 -16.24 -26.13 -14.52
N THR C 169 -16.30 -27.25 -13.85
CA THR C 169 -15.30 -27.58 -12.84
C THR C 169 -13.88 -27.50 -13.43
N ALA C 170 -13.66 -28.11 -14.60
CA ALA C 170 -12.32 -28.16 -15.22
C ALA C 170 -11.83 -26.77 -15.56
N SER C 171 -12.72 -25.94 -16.09
CA SER C 171 -12.37 -24.58 -16.44
CA SER C 171 -12.39 -24.58 -16.43
C SER C 171 -12.06 -23.74 -15.22
N ALA C 172 -12.73 -23.98 -14.09
CA ALA C 172 -12.36 -23.32 -12.86
C ALA C 172 -10.98 -23.73 -12.41
N LEU C 173 -10.70 -25.04 -12.47
CA LEU C 173 -9.32 -25.50 -12.11
C LEU C 173 -8.30 -24.86 -13.03
N ALA C 174 -8.62 -24.75 -14.31
CA ALA C 174 -7.69 -24.14 -15.25
C ALA C 174 -7.46 -22.65 -14.90
N HIS C 175 -8.54 -21.94 -14.52
CA HIS C 175 -8.39 -20.54 -14.18
C HIS C 175 -7.48 -20.37 -12.95
N ALA C 176 -7.60 -21.29 -12.02
CA ALA C 176 -6.71 -21.31 -10.86
C ALA C 176 -5.23 -21.39 -11.25
N VAL C 177 -4.90 -22.27 -12.16
CA VAL C 177 -3.54 -22.39 -12.68
C VAL C 177 -3.14 -21.15 -13.47
N GLN C 178 -3.95 -20.75 -14.45
CA GLN C 178 -3.63 -19.62 -15.30
C GLN C 178 -3.41 -18.35 -14.52
N SER C 179 -4.21 -18.15 -13.49
CA SER C 179 -4.12 -16.94 -12.65
C SER C 179 -3.04 -17.02 -11.62
N GLY C 180 -2.29 -18.10 -11.56
CA GLY C 180 -1.18 -18.18 -10.60
C GLY C 180 -1.61 -18.47 -9.19
N LYS C 181 -2.83 -18.96 -8.97
CA LYS C 181 -3.28 -19.29 -7.58
C LYS C 181 -3.03 -20.75 -7.20
N ALA C 182 -2.72 -21.57 -8.17
CA ALA C 182 -2.38 -23.02 -7.95
C ALA C 182 -1.31 -23.39 -9.01
N LEU C 183 -0.25 -24.11 -8.61
CA LEU C 183 0.77 -24.58 -9.57
C LEU C 183 0.27 -25.78 -10.36
N TYR C 184 -0.54 -26.62 -9.73
CA TYR C 184 -1.01 -27.84 -10.31
C TYR C 184 -2.44 -28.10 -9.77
N VAL C 185 -3.18 -28.97 -10.43
CA VAL C 185 -4.48 -29.33 -10.01
C VAL C 185 -4.68 -30.83 -9.81
N GLY C 186 -5.68 -31.18 -9.00
CA GLY C 186 -5.96 -32.56 -8.72
C GLY C 186 -7.42 -32.78 -8.58
N ILE C 187 -7.78 -34.05 -8.52
CA ILE C 187 -9.18 -34.45 -8.17
C ILE C 187 -9.21 -35.51 -7.06
N SER C 188 -10.33 -35.60 -6.37
CA SER C 188 -10.48 -36.55 -5.31
C SER C 188 -11.80 -37.31 -5.43
N SER C 189 -11.72 -38.63 -5.29
CA SER C 189 -12.87 -39.52 -5.28
C SER C 189 -13.68 -39.50 -6.57
N TYR C 190 -13.01 -39.33 -7.71
CA TYR C 190 -13.67 -39.45 -9.02
C TYR C 190 -13.53 -40.88 -9.52
N SER C 191 -14.61 -41.42 -10.09
CA SER C 191 -14.60 -42.72 -10.78
C SER C 191 -13.60 -42.72 -11.92
N PRO C 192 -13.18 -43.92 -12.36
CA PRO C 192 -12.28 -43.96 -13.52
C PRO C 192 -12.82 -43.21 -14.75
N GLU C 193 -14.10 -43.32 -15.01
CA GLU C 193 -14.70 -42.66 -16.18
C GLU C 193 -14.68 -41.14 -16.04
N ARG C 194 -14.97 -40.64 -14.86
CA ARG C 194 -14.97 -39.19 -14.68
C ARG C 194 -13.54 -38.61 -14.64
N THR C 195 -12.59 -39.40 -14.12
CA THR C 195 -11.21 -39.09 -14.11
C THR C 195 -10.71 -38.91 -15.53
N GLN C 196 -10.99 -39.87 -16.37
CA GLN C 196 -10.61 -39.85 -17.76
C GLN C 196 -11.19 -38.60 -18.46
N LYS C 197 -12.43 -38.27 -18.16
CA LYS C 197 -13.04 -37.04 -18.76
C LYS C 197 -12.34 -35.80 -18.23
N MET C 198 -12.01 -35.75 -16.92
CA MET C 198 -11.34 -34.58 -16.38
C MET C 198 -9.96 -34.43 -17.03
N VAL C 199 -9.24 -35.53 -17.26
CA VAL C 199 -7.94 -35.44 -17.88
C VAL C 199 -8.10 -34.80 -19.26
N GLU C 200 -9.08 -35.26 -20.01
CA GLU C 200 -9.31 -34.75 -21.37
C GLU C 200 -9.69 -33.27 -21.35
N LEU C 201 -10.55 -32.86 -20.41
CA LEU C 201 -11.02 -31.47 -20.40
C LEU C 201 -9.86 -30.55 -20.01
N LEU C 202 -9.00 -31.02 -19.08
CA LEU C 202 -7.88 -30.22 -18.69
C LEU C 202 -6.80 -30.14 -19.80
N ARG C 203 -6.68 -31.19 -20.60
CA ARG C 203 -5.78 -31.19 -21.77
C ARG C 203 -6.21 -30.16 -22.78
N GLU C 204 -7.48 -29.88 -22.88
CA GLU C 204 -7.93 -28.78 -23.78
C GLU C 204 -7.36 -27.44 -23.35
N TRP C 205 -6.99 -27.30 -22.06
CA TRP C 205 -6.39 -26.10 -21.53
C TRP C 205 -4.87 -26.21 -21.50
N LYS C 206 -4.32 -27.28 -22.03
CA LYS C 206 -2.90 -27.63 -21.95
C LYS C 206 -2.45 -27.72 -20.50
N ILE C 207 -3.29 -28.27 -19.64
CA ILE C 207 -2.93 -28.54 -18.24
C ILE C 207 -3.05 -30.06 -17.96
N PRO C 208 -1.97 -30.69 -17.46
CA PRO C 208 -2.05 -32.14 -17.14
C PRO C 208 -2.59 -32.31 -15.77
N LEU C 209 -3.57 -33.19 -15.59
CA LEU C 209 -4.07 -33.46 -14.28
C LEU C 209 -2.90 -34.10 -13.48
N LEU C 210 -2.56 -33.52 -12.34
CA LEU C 210 -1.40 -34.02 -11.60
C LEU C 210 -1.70 -35.28 -10.86
N ILE C 211 -2.78 -35.27 -10.09
CA ILE C 211 -2.91 -36.26 -9.04
C ILE C 211 -4.39 -36.55 -8.75
N HIS C 212 -4.64 -37.77 -8.27
CA HIS C 212 -5.94 -38.24 -7.84
C HIS C 212 -5.78 -38.66 -6.43
N GLN C 213 -6.70 -38.28 -5.57
CA GLN C 213 -6.69 -38.63 -4.12
C GLN C 213 -7.91 -39.51 -3.78
N PRO C 214 -7.75 -40.86 -3.74
CA PRO C 214 -8.90 -41.76 -3.41
C PRO C 214 -8.74 -42.34 -2.05
N SER C 215 -9.83 -42.75 -1.42
CA SER C 215 -9.73 -43.50 -0.19
C SER C 215 -9.23 -44.88 -0.61
N TYR C 216 -8.19 -45.37 0.07
CA TYR C 216 -7.53 -46.59 -0.36
C TYR C 216 -6.74 -47.16 0.81
N ASN C 217 -7.05 -48.38 1.19
CA ASN C 217 -6.30 -49.09 2.27
C ASN C 217 -6.55 -50.56 2.15
N LEU C 218 -5.86 -51.36 2.99
CA LEU C 218 -6.04 -52.81 2.95
C LEU C 218 -7.51 -53.27 3.00
N LEU C 219 -8.35 -52.57 3.75
CA LEU C 219 -9.77 -52.90 3.94
C LEU C 219 -10.74 -52.12 3.04
N ASN C 220 -10.22 -51.41 2.03
CA ASN C 220 -11.05 -50.59 1.13
C ASN C 220 -10.30 -50.46 -0.19
N ARG C 221 -10.66 -51.30 -1.15
CA ARG C 221 -9.92 -51.41 -2.41
C ARG C 221 -10.72 -51.15 -3.66
N TRP C 222 -11.69 -50.25 -3.57
CA TRP C 222 -12.44 -49.90 -4.78
C TRP C 222 -11.50 -49.43 -5.85
N VAL C 223 -10.41 -48.79 -5.46
CA VAL C 223 -9.41 -48.33 -6.39
C VAL C 223 -8.89 -49.46 -7.27
N ASP C 224 -8.59 -50.61 -6.65
CA ASP C 224 -8.06 -51.78 -7.39
C ASP C 224 -9.18 -52.34 -8.29
N LYS C 225 -10.28 -52.69 -7.64
CA LYS C 225 -11.42 -53.32 -8.30
C LYS C 225 -12.03 -52.49 -9.45
N SER C 226 -12.11 -51.18 -9.26
CA SER C 226 -12.71 -50.30 -10.28
C SER C 226 -11.81 -50.15 -11.53
N GLY C 227 -10.53 -50.47 -11.42
CA GLY C 227 -9.63 -50.11 -12.51
C GLY C 227 -8.99 -48.70 -12.46
N LEU C 228 -9.15 -48.00 -11.35
CA LEU C 228 -8.66 -46.60 -11.26
C LEU C 228 -7.16 -46.52 -11.41
N LEU C 229 -6.40 -47.40 -10.76
CA LEU C 229 -4.97 -47.35 -10.89
C LEU C 229 -4.49 -47.50 -12.34
N ASP C 230 -5.21 -48.28 -13.14
CA ASP C 230 -4.86 -48.38 -14.55
C ASP C 230 -5.14 -47.02 -15.24
N THR C 231 -6.31 -46.42 -14.98
CA THR C 231 -6.67 -45.14 -15.63
C THR C 231 -5.60 -44.12 -15.30
N LEU C 232 -5.20 -44.09 -14.04
CA LEU C 232 -4.17 -43.15 -13.59
C LEU C 232 -2.83 -43.37 -14.26
N GLN C 233 -2.34 -44.59 -14.24
CA GLN C 233 -1.09 -44.89 -14.93
C GLN C 233 -1.18 -44.58 -16.39
N ASN C 234 -2.24 -44.97 -17.04
CA ASN C 234 -2.34 -44.73 -18.48
C ASN C 234 -2.32 -43.25 -18.81
N ASN C 235 -2.75 -42.42 -17.87
CA ASN C 235 -2.82 -40.99 -18.16
C ASN C 235 -1.65 -40.23 -17.50
N GLY C 236 -0.72 -40.95 -16.84
CA GLY C 236 0.34 -40.33 -16.09
C GLY C 236 -0.09 -39.53 -14.87
N VAL C 237 -1.15 -39.93 -14.21
CA VAL C 237 -1.66 -39.20 -13.04
C VAL C 237 -1.25 -39.92 -11.76
N GLY C 238 -0.77 -39.15 -10.78
CA GLY C 238 -0.33 -39.70 -9.52
C GLY C 238 -1.50 -40.14 -8.66
N CYS C 239 -1.20 -40.86 -7.58
CA CYS C 239 -2.20 -41.38 -6.69
C CYS C 239 -1.73 -41.18 -5.28
N ILE C 240 -2.50 -40.45 -4.48
CA ILE C 240 -2.21 -40.29 -3.09
C ILE C 240 -3.36 -40.89 -2.29
N ALA C 241 -3.04 -41.90 -1.48
CA ALA C 241 -4.06 -42.68 -0.79
C ALA C 241 -4.48 -42.03 0.49
N PHE C 242 -5.79 -41.77 0.63
CA PHE C 242 -6.30 -41.20 1.89
C PHE C 242 -7.02 -42.20 2.82
N THR C 243 -7.04 -41.91 4.11
CA THR C 243 -7.35 -42.86 5.18
C THR C 243 -6.61 -44.21 4.97
N PRO C 244 -5.29 -44.16 4.84
CA PRO C 244 -4.50 -45.42 4.58
C PRO C 244 -4.45 -46.38 5.75
N LEU C 245 -4.80 -45.91 6.92
CA LEU C 245 -4.93 -46.77 8.08
C LEU C 245 -6.39 -47.04 8.48
N ALA C 246 -7.33 -46.81 7.55
CA ALA C 246 -8.76 -46.88 7.80
C ALA C 246 -9.12 -46.11 9.09
N GLN C 247 -8.50 -44.93 9.22
CA GLN C 247 -8.65 -44.01 10.37
C GLN C 247 -8.03 -44.42 11.72
N GLY C 248 -7.24 -45.49 11.74
CA GLY C 248 -6.81 -46.14 12.99
C GLY C 248 -7.22 -47.59 13.21
N LEU C 249 -8.26 -48.04 12.51
CA LEU C 249 -8.60 -49.45 12.52
C LEU C 249 -7.39 -50.38 12.20
N LEU C 250 -6.56 -50.00 11.23
CA LEU C 250 -5.45 -50.80 10.79
C LEU C 250 -4.23 -50.44 11.60
N THR C 251 -4.43 -50.03 12.83
CA THR C 251 -3.32 -49.84 13.71
C THR C 251 -3.30 -50.88 14.82
N GLY C 252 -4.35 -51.67 14.95
CA GLY C 252 -4.38 -52.62 16.05
C GLY C 252 -4.76 -51.93 17.35
N LYS C 253 -4.80 -50.59 17.39
CA LYS C 253 -5.18 -49.90 18.63
C LYS C 253 -6.61 -50.29 19.12
N TYR C 254 -7.44 -50.93 18.32
CA TYR C 254 -8.75 -51.38 18.77
C TYR C 254 -8.90 -52.90 18.85
N LEU C 255 -7.80 -53.63 19.05
CA LEU C 255 -7.84 -55.08 19.23
C LEU C 255 -8.35 -55.48 20.64
N ASN C 256 -7.85 -54.82 21.69
CA ASN C 256 -8.22 -55.14 23.08
C ASN C 256 -8.77 -53.93 23.87
N GLY C 257 -9.82 -53.32 23.35
CA GLY C 257 -10.44 -52.13 23.97
C GLY C 257 -10.40 -50.88 23.10
N ILE C 258 -11.23 -49.90 23.44
CA ILE C 258 -11.26 -48.58 22.77
C ILE C 258 -10.55 -47.55 23.67
N PRO C 259 -9.25 -47.26 23.41
CA PRO C 259 -8.51 -46.35 24.31
C PRO C 259 -9.05 -44.94 24.47
N GLN C 260 -8.73 -44.34 25.62
CA GLN C 260 -8.80 -42.92 25.80
C GLN C 260 -7.62 -42.55 24.94
N ASP C 261 -7.59 -41.33 24.46
CA ASP C 261 -6.51 -40.88 23.55
C ASP C 261 -6.63 -41.66 22.25
N SER C 262 -7.86 -41.77 21.76
CA SER C 262 -8.11 -42.35 20.44
C SER C 262 -9.24 -41.57 19.77
N ARG C 263 -9.16 -41.49 18.44
CA ARG C 263 -10.21 -40.85 17.64
C ARG C 263 -11.60 -41.45 17.92
N MET C 264 -11.68 -42.78 18.10
CA MET C 264 -12.96 -43.48 18.28
C MET C 264 -13.59 -43.20 19.65
N PRO C 276 -17.68 -47.44 16.77
CA PRO C 276 -17.69 -48.87 17.16
C PRO C 276 -18.58 -49.76 16.27
N LYS C 277 -19.44 -49.12 15.45
CA LYS C 277 -20.20 -49.81 14.38
C LYS C 277 -19.26 -50.56 13.42
N MET C 278 -18.10 -49.96 13.15
CA MET C 278 -17.08 -50.58 12.31
C MET C 278 -16.35 -51.77 12.97
N LEU C 279 -16.30 -51.86 14.30
CA LEU C 279 -15.63 -53.02 14.95
C LEU C 279 -16.46 -54.33 14.87
N THR C 280 -16.68 -54.85 13.67
CA THR C 280 -17.57 -56.01 13.49
C THR C 280 -16.81 -57.31 13.81
N GLU C 281 -17.46 -58.46 13.75
CA GLU C 281 -16.63 -59.66 13.99
C GLU C 281 -15.76 -60.08 12.79
N ALA C 282 -16.29 -59.85 11.58
CA ALA C 282 -15.55 -60.06 10.33
C ALA C 282 -14.30 -59.21 10.37
N ASN C 283 -14.37 -58.05 11.02
CA ASN C 283 -13.14 -57.32 11.30
C ASN C 283 -12.25 -58.05 12.33
N LEU C 284 -12.66 -58.13 13.59
CA LEU C 284 -11.70 -58.46 14.66
C LEU C 284 -10.75 -59.67 14.49
N ASN C 285 -11.30 -60.83 14.18
CA ASN C 285 -10.51 -62.06 14.13
C ASN C 285 -9.51 -61.98 12.94
N SER C 286 -9.94 -61.36 11.85
CA SER C 286 -9.05 -61.09 10.73
C SER C 286 -8.00 -60.02 11.06
N LEU C 287 -8.40 -58.96 11.76
CA LEU C 287 -7.47 -57.92 12.17
C LEU C 287 -6.42 -58.55 13.06
N ARG C 288 -6.83 -59.48 13.91
CA ARG C 288 -5.90 -60.22 14.75
C ARG C 288 -4.86 -60.99 13.93
N LEU C 289 -5.31 -61.62 12.86
CA LEU C 289 -4.41 -62.40 11.98
C LEU C 289 -3.52 -61.48 11.13
N LEU C 290 -4.08 -60.39 10.62
CA LEU C 290 -3.25 -59.40 10.00
C LEU C 290 -2.16 -58.84 10.96
N ASN C 291 -2.51 -58.61 12.21
CA ASN C 291 -1.54 -58.21 13.19
C ASN C 291 -0.45 -59.25 13.36
N GLU C 292 -0.82 -60.51 13.29
CA GLU C 292 0.18 -61.59 13.41
C GLU C 292 1.09 -61.64 12.17
N MET C 293 0.55 -61.36 10.98
CA MET C 293 1.41 -61.22 9.78
C MET C 293 2.38 -60.07 9.92
N ALA C 294 1.93 -58.97 10.54
CA ALA C 294 2.77 -57.81 10.72
C ALA C 294 3.89 -58.18 11.68
N GLN C 295 3.53 -58.84 12.76
CA GLN C 295 4.53 -59.30 13.76
C GLN C 295 5.59 -60.16 13.08
N GLN C 296 5.15 -61.09 12.25
CA GLN C 296 6.01 -61.93 11.44
C GLN C 296 7.06 -61.11 10.62
N ARG C 297 6.65 -59.94 10.14
CA ARG C 297 7.49 -59.08 9.29
C ARG C 297 8.30 -58.11 10.13
N GLY C 298 8.12 -58.13 11.45
CA GLY C 298 8.79 -57.20 12.35
C GLY C 298 8.21 -55.79 12.26
N GLN C 299 6.94 -55.68 11.89
CA GLN C 299 6.25 -54.37 11.74
C GLN C 299 5.02 -54.30 12.59
N SER C 300 4.72 -53.08 13.06
CA SER C 300 3.42 -52.85 13.63
C SER C 300 2.41 -53.01 12.52
N MET C 301 1.18 -53.23 12.91
CA MET C 301 0.09 -53.27 11.95
C MET C 301 0.01 -51.98 11.07
N ALA C 302 0.20 -50.81 11.69
CA ALA C 302 0.22 -49.51 10.98
C ALA C 302 1.27 -49.56 9.90
N GLN C 303 2.47 -50.00 10.25
CA GLN C 303 3.58 -49.98 9.32
C GLN C 303 3.33 -50.91 8.19
N MET C 304 2.75 -52.06 8.47
CA MET C 304 2.45 -53.02 7.41
C MET C 304 1.36 -52.46 6.48
N ALA C 305 0.32 -51.90 7.07
CA ALA C 305 -0.72 -51.23 6.26
C ALA C 305 -0.18 -50.19 5.26
N LEU C 306 0.74 -49.36 5.72
CA LEU C 306 1.37 -48.37 4.86
C LEU C 306 2.30 -48.97 3.84
N SER C 307 3.17 -49.93 4.26
CA SER C 307 3.99 -50.64 3.36
C SER C 307 3.24 -51.32 2.25
N TRP C 308 2.09 -51.92 2.58
CA TRP C 308 1.30 -52.59 1.62
C TRP C 308 0.83 -51.65 0.51
N LEU C 309 0.41 -50.44 0.88
CA LEU C 309 -0.04 -49.47 -0.18
C LEU C 309 1.17 -49.12 -1.02
N LEU C 310 2.34 -49.03 -0.38
CA LEU C 310 3.56 -48.54 -1.05
C LEU C 310 4.34 -49.64 -1.73
N LYS C 311 3.80 -50.87 -1.69
CA LYS C 311 4.56 -52.03 -2.19
C LYS C 311 4.91 -51.91 -3.67
N ASP C 312 4.19 -51.07 -4.38
CA ASP C 312 4.46 -50.93 -5.80
C ASP C 312 4.28 -49.45 -6.23
N ASP C 313 4.69 -49.22 -7.45
CA ASP C 313 4.84 -47.88 -7.96
C ASP C 313 3.49 -47.28 -8.33
N ARG C 314 2.41 -47.97 -7.97
CA ARG C 314 1.06 -47.55 -8.34
C ARG C 314 0.53 -46.41 -7.46
N VAL C 315 1.12 -46.27 -6.28
CA VAL C 315 0.76 -45.29 -5.28
C VAL C 315 1.97 -44.34 -5.14
N THR C 316 1.73 -43.05 -5.32
CA THR C 316 2.76 -42.03 -5.15
C THR C 316 3.06 -41.80 -3.69
N SER C 317 2.02 -41.77 -2.87
CA SER C 317 2.15 -41.39 -1.47
C SER C 317 0.96 -41.89 -0.70
N VAL C 318 1.15 -42.06 0.61
CA VAL C 318 0.08 -42.39 1.53
C VAL C 318 -0.07 -41.21 2.45
N LEU C 319 -1.32 -40.79 2.67
CA LEU C 319 -1.61 -39.54 3.33
C LEU C 319 -2.03 -39.93 4.72
N ILE C 320 -1.11 -39.85 5.67
CA ILE C 320 -1.39 -40.21 7.03
C ILE C 320 -1.87 -38.99 7.83
N GLY C 321 -2.61 -39.27 8.91
CA GLY C 321 -2.86 -38.30 9.96
C GLY C 321 -2.00 -38.65 11.15
N ALA C 322 -1.92 -37.74 12.10
CA ALA C 322 -1.22 -37.99 13.32
C ALA C 322 -1.78 -37.05 14.35
N SER C 323 -1.85 -37.55 15.57
CA SER C 323 -2.28 -36.74 16.72
C SER C 323 -1.11 -36.42 17.62
N ARG C 324 0.05 -37.02 17.35
CA ARG C 324 1.28 -36.69 18.07
C ARG C 324 2.52 -37.08 17.29
N ALA C 325 3.62 -36.45 17.61
CA ALA C 325 4.89 -36.62 16.86
C ALA C 325 5.37 -38.08 16.79
N GLU C 326 5.18 -38.81 17.87
CA GLU C 326 5.68 -40.22 17.93
C GLU C 326 5.06 -41.09 16.85
N GLN C 327 3.83 -40.78 16.46
CA GLN C 327 3.14 -41.56 15.43
C GLN C 327 3.78 -41.41 14.08
N LEU C 328 4.25 -40.19 13.77
CA LEU C 328 5.01 -39.98 12.56
C LEU C 328 6.30 -40.81 12.56
N GLU C 329 7.03 -40.80 13.68
CA GLU C 329 8.29 -41.57 13.79
C GLU C 329 8.06 -43.04 13.53
N GLU C 330 7.00 -43.60 14.10
CA GLU C 330 6.65 -44.99 13.84
C GLU C 330 6.27 -45.20 12.37
N ASN C 331 5.40 -44.36 11.81
CA ASN C 331 4.89 -44.60 10.47
C ASN C 331 5.90 -44.59 9.37
N VAL C 332 6.89 -43.69 9.45
CA VAL C 332 7.85 -43.59 8.37
C VAL C 332 8.75 -44.81 8.32
N GLN C 333 8.84 -45.55 9.40
CA GLN C 333 9.64 -46.80 9.38
C GLN C 333 9.04 -47.87 8.50
N ALA C 334 7.81 -47.66 8.02
CA ALA C 334 7.22 -48.53 7.00
C ALA C 334 8.13 -48.67 5.80
N LEU C 335 8.93 -47.64 5.54
CA LEU C 335 9.80 -47.62 4.37
C LEU C 335 10.89 -48.70 4.48
N ASN C 336 11.18 -49.19 5.67
CA ASN C 336 12.23 -50.22 5.85
C ASN C 336 11.83 -51.57 5.27
N ASN C 337 10.54 -51.78 5.02
CA ASN C 337 10.07 -53.05 4.52
C ASN C 337 8.85 -52.90 3.59
N LEU C 338 9.15 -52.63 2.34
CA LEU C 338 8.14 -52.50 1.29
C LEU C 338 7.92 -53.78 0.46
N THR C 339 8.57 -54.89 0.81
CA THR C 339 8.44 -56.10 -0.02
C THR C 339 7.46 -57.08 0.60
N PHE C 340 6.59 -57.59 -0.24
CA PHE C 340 5.62 -58.62 0.13
C PHE C 340 5.78 -59.79 -0.85
N SER C 341 5.90 -61.01 -0.34
CA SER C 341 5.94 -62.21 -1.19
C SER C 341 4.56 -62.43 -1.78
N THR C 342 4.50 -63.22 -2.86
CA THR C 342 3.23 -63.67 -3.46
C THR C 342 2.32 -64.39 -2.42
N LYS C 343 2.95 -65.16 -1.53
CA LYS C 343 2.30 -65.91 -0.46
C LYS C 343 1.57 -64.95 0.46
N GLU C 344 2.32 -63.96 0.92
CA GLU C 344 1.80 -62.88 1.79
C GLU C 344 0.59 -62.17 1.20
N LEU C 345 0.69 -61.77 -0.05
CA LEU C 345 -0.38 -61.01 -0.69
C LEU C 345 -1.63 -61.86 -0.81
N ALA C 346 -1.43 -63.15 -1.04
CA ALA C 346 -2.57 -64.09 -1.08
C ALA C 346 -3.16 -64.30 0.34
N GLN C 347 -2.31 -64.50 1.33
CA GLN C 347 -2.76 -64.70 2.71
C GLN C 347 -3.52 -63.49 3.20
N ILE C 348 -2.98 -62.31 2.89
CA ILE C 348 -3.62 -61.07 3.29
C ILE C 348 -5.01 -61.03 2.72
N ASP C 349 -5.11 -61.17 1.41
CA ASP C 349 -6.42 -61.28 0.76
C ASP C 349 -7.15 -62.50 1.38
N ASP C 354 -13.78 -56.79 2.60
CA ASP C 354 -14.00 -55.36 2.67
C ASP C 354 -14.47 -55.00 4.05
N GLY C 355 -14.00 -53.85 4.51
CA GLY C 355 -14.33 -53.36 5.86
C GLY C 355 -15.60 -52.52 5.95
N GLU C 356 -16.25 -52.25 4.81
CA GLU C 356 -17.47 -51.42 4.75
C GLU C 356 -17.26 -50.06 5.43
N LEU C 357 -16.12 -49.44 5.13
CA LEU C 357 -15.71 -48.20 5.81
C LEU C 357 -15.38 -47.06 4.86
N ASN C 358 -15.64 -47.24 3.56
CA ASN C 358 -15.51 -46.13 2.61
C ASN C 358 -16.69 -45.16 2.77
N LEU C 359 -16.53 -44.19 3.66
CA LEU C 359 -17.52 -43.12 3.88
C LEU C 359 -17.57 -42.07 2.69
N TRP C 360 -16.73 -42.22 1.65
CA TRP C 360 -16.65 -41.31 0.48
C TRP C 360 -17.05 -42.00 -0.78
N GLN C 361 -17.83 -43.07 -0.61
CA GLN C 361 -18.28 -43.93 -1.72
C GLN C 361 -19.35 -43.25 -2.60
N ALA C 362 -20.18 -42.39 -2.00
CA ALA C 362 -21.15 -41.55 -2.76
C ALA C 362 -20.48 -40.93 -3.99
N SER C 363 -19.30 -40.33 -3.79
CA SER C 363 -18.59 -39.61 -4.87
C SER C 363 -18.08 -40.58 -5.97
N SER C 364 -17.41 -41.69 -5.56
CA SER C 364 -16.76 -42.63 -6.48
C SER C 364 -17.77 -43.50 -7.27
N ASP C 365 -19.00 -43.62 -6.76
CA ASP C 365 -20.11 -44.37 -7.45
C ASP C 365 -20.83 -43.61 -8.56
N LYS C 366 -20.57 -42.31 -8.69
CA LYS C 366 -21.18 -41.51 -9.75
C LYS C 366 -20.41 -41.58 -11.09
N TRP D 23 -12.28 22.80 -13.27
CA TRP D 23 -12.70 22.95 -14.70
C TRP D 23 -13.89 22.09 -15.17
N LEU D 24 -14.86 22.75 -15.83
CA LEU D 24 -16.01 22.11 -16.49
C LEU D 24 -15.99 22.19 -18.03
N ALA D 25 -15.93 21.02 -18.67
CA ALA D 25 -16.01 20.88 -20.10
C ALA D 25 -17.37 21.44 -20.63
N ASN D 26 -17.33 21.95 -21.83
CA ASN D 26 -18.51 22.45 -22.48
C ASN D 26 -19.66 21.39 -22.54
N PRO D 27 -20.84 21.68 -21.95
CA PRO D 27 -21.88 20.67 -21.97
C PRO D 27 -22.34 20.30 -23.39
N GLU D 28 -22.13 21.18 -24.36
CA GLU D 28 -22.59 20.96 -25.72
C GLU D 28 -21.49 20.37 -26.54
N ARG D 29 -20.45 19.83 -25.90
CA ARG D 29 -19.30 19.36 -26.67
C ARG D 29 -19.63 18.23 -27.64
N TYR D 30 -20.65 17.45 -27.39
CA TYR D 30 -20.94 16.34 -28.28
C TYR D 30 -22.02 16.71 -29.35
N GLY D 31 -22.45 17.97 -29.37
CA GLY D 31 -23.53 18.39 -30.23
C GLY D 31 -23.16 18.58 -31.68
N GLN D 32 -21.95 19.01 -31.98
CA GLN D 32 -21.59 19.36 -33.34
C GLN D 32 -20.58 18.40 -34.00
N MET D 33 -19.63 17.82 -33.24
CA MET D 33 -18.62 16.93 -33.82
C MET D 33 -19.24 15.73 -34.47
N GLN D 34 -18.65 15.31 -35.58
CA GLN D 34 -19.09 14.11 -36.26
C GLN D 34 -18.17 12.98 -35.76
N TYR D 35 -18.74 11.83 -35.49
CA TYR D 35 -17.98 10.64 -35.06
C TYR D 35 -18.17 9.57 -36.13
N ARG D 36 -17.10 8.80 -36.39
CA ARG D 36 -17.09 7.74 -37.33
C ARG D 36 -16.65 6.45 -36.70
N TYR D 37 -17.35 5.37 -36.99
CA TYR D 37 -16.88 4.07 -36.63
C TYR D 37 -15.54 3.78 -37.26
N CYS D 38 -14.61 3.24 -36.46
CA CYS D 38 -13.27 2.97 -36.91
C CYS D 38 -13.26 1.62 -37.59
N GLY D 39 -13.26 1.60 -38.92
CA GLY D 39 -13.29 0.33 -39.66
C GLY D 39 -14.53 -0.45 -39.28
N LYS D 40 -14.41 -1.75 -39.03
CA LYS D 40 -15.58 -2.57 -38.68
C LYS D 40 -15.84 -2.61 -37.15
N SER D 41 -15.04 -1.91 -36.35
CA SER D 41 -15.13 -1.94 -34.91
C SER D 41 -16.25 -1.12 -34.40
N GLY D 42 -16.49 -1.21 -33.11
CA GLY D 42 -17.51 -0.39 -32.49
C GLY D 42 -17.01 0.94 -31.95
N LEU D 43 -15.73 1.24 -32.18
CA LEU D 43 -15.10 2.44 -31.60
C LEU D 43 -15.34 3.60 -32.50
N ARG D 44 -16.01 4.62 -32.02
CA ARG D 44 -16.29 5.80 -32.85
C ARG D 44 -15.26 6.93 -32.53
N LEU D 45 -14.42 7.27 -33.50
CA LEU D 45 -13.47 8.34 -33.35
C LEU D 45 -14.12 9.68 -33.84
N PRO D 46 -13.70 10.80 -33.28
CA PRO D 46 -14.06 12.03 -33.86
C PRO D 46 -13.45 12.17 -35.23
N ALA D 47 -14.13 12.87 -36.11
CA ALA D 47 -13.73 13.00 -37.51
C ALA D 47 -12.42 13.80 -37.52
N LEU D 48 -12.22 14.69 -36.56
CA LEU D 48 -10.93 15.36 -36.34
C LEU D 48 -10.39 14.94 -34.94
N SER D 49 -9.17 14.47 -34.96
CA SER D 49 -8.42 14.05 -33.75
C SER D 49 -7.25 15.03 -33.59
N LEU D 50 -6.77 15.21 -32.37
CA LEU D 50 -5.61 16.06 -32.09
C LEU D 50 -4.40 15.22 -31.85
N GLY D 51 -3.36 15.51 -32.61
CA GLY D 51 -2.04 14.92 -32.36
C GLY D 51 -1.11 15.81 -31.57
N LEU D 52 -0.21 15.20 -30.78
CA LEU D 52 0.66 15.95 -29.89
C LEU D 52 2.13 15.90 -30.31
N TRP D 53 2.34 15.65 -31.62
CA TRP D 53 3.66 15.62 -32.18
C TRP D 53 4.43 16.90 -31.96
N HIS D 54 3.80 18.04 -32.23
CA HIS D 54 4.37 19.30 -31.84
C HIS D 54 3.51 20.10 -30.86
N ASN D 55 4.17 21.00 -30.14
CA ASN D 55 3.57 22.00 -29.26
C ASN D 55 3.29 21.53 -27.85
N PHE D 56 3.74 20.31 -27.48
CA PHE D 56 3.47 19.78 -26.16
C PHE D 56 4.73 19.29 -25.45
N GLY D 57 5.89 19.82 -25.85
CA GLY D 57 7.13 19.51 -25.21
C GLY D 57 7.35 20.38 -24.00
N HIS D 58 8.43 20.08 -23.29
CA HIS D 58 8.91 20.98 -22.26
C HIS D 58 9.38 22.33 -22.77
N VAL D 59 9.62 22.48 -24.09
CA VAL D 59 9.93 23.80 -24.65
C VAL D 59 8.70 24.68 -24.82
N ASN D 60 7.53 24.17 -24.54
CA ASN D 60 6.25 24.89 -24.74
C ASN D 60 5.61 25.08 -23.37
N ALA D 61 5.15 26.30 -23.08
CA ALA D 61 4.57 26.63 -21.77
C ALA D 61 3.32 25.71 -21.53
N LEU D 62 3.21 25.20 -20.33
CA LEU D 62 2.09 24.33 -19.97
C LEU D 62 0.73 25.03 -20.12
N GLU D 63 0.66 26.33 -19.86
CA GLU D 63 -0.61 27.03 -19.99
C GLU D 63 -1.07 27.06 -21.40
N SER D 64 -0.15 27.24 -22.35
CA SER D 64 -0.52 27.13 -23.77
C SER D 64 -1.05 25.73 -24.14
N GLN D 65 -0.43 24.67 -23.60
CA GLN D 65 -0.87 23.32 -23.84
C GLN D 65 -2.24 23.06 -23.27
N ARG D 66 -2.47 23.54 -22.05
CA ARG D 66 -3.72 23.39 -21.39
C ARG D 66 -4.88 24.03 -22.17
N ALA D 67 -4.66 25.22 -22.68
CA ALA D 67 -5.73 25.91 -23.46
C ALA D 67 -6.06 25.10 -24.73
N ILE D 68 -5.06 24.45 -25.34
CA ILE D 68 -5.33 23.65 -26.51
C ILE D 68 -6.15 22.37 -26.21
N LEU D 69 -5.78 21.62 -25.19
CA LEU D 69 -6.47 20.39 -24.87
C LEU D 69 -7.87 20.72 -24.42
N ARG D 70 -8.05 21.77 -23.63
CA ARG D 70 -9.38 22.10 -23.16
C ARG D 70 -10.32 22.48 -24.33
N LYS D 71 -9.78 23.21 -25.27
CA LYS D 71 -10.56 23.61 -26.46
C LYS D 71 -10.90 22.36 -27.30
N ALA D 72 -9.95 21.46 -27.44
CA ALA D 72 -10.15 20.27 -28.27
C ALA D 72 -11.37 19.48 -27.67
N PHE D 73 -11.34 19.24 -26.36
CA PHE D 73 -12.41 18.46 -25.73
C PHE D 73 -13.75 19.25 -25.82
N ASP D 74 -13.71 20.57 -25.68
CA ASP D 74 -14.90 21.40 -25.74
C ASP D 74 -15.51 21.32 -27.15
N LEU D 75 -14.70 21.09 -28.18
CA LEU D 75 -15.19 20.92 -29.54
C LEU D 75 -15.60 19.48 -29.85
N GLY D 76 -15.51 18.59 -28.86
CA GLY D 76 -15.90 17.22 -29.05
C GLY D 76 -14.80 16.34 -29.62
N ILE D 77 -13.59 16.84 -29.69
CA ILE D 77 -12.43 15.99 -30.09
C ILE D 77 -12.07 15.15 -28.86
N THR D 78 -12.29 13.87 -28.97
CA THR D 78 -12.10 12.92 -27.91
C THR D 78 -10.92 12.06 -28.04
N HIS D 79 -10.17 12.21 -29.13
CA HIS D 79 -9.02 11.36 -29.39
C HIS D 79 -7.77 12.20 -29.42
N PHE D 80 -6.78 11.81 -28.61
CA PHE D 80 -5.51 12.49 -28.48
C PHE D 80 -4.41 11.50 -28.74
N ASP D 81 -3.59 11.81 -29.74
CA ASP D 81 -2.65 10.85 -30.29
C ASP D 81 -1.25 11.26 -29.88
N LEU D 82 -0.56 10.33 -29.23
CA LEU D 82 0.79 10.59 -28.70
C LEU D 82 1.77 9.52 -29.24
N ALA D 83 3.07 9.72 -28.99
CA ALA D 83 4.05 8.68 -29.18
C ALA D 83 5.12 8.88 -28.16
N ASN D 84 5.92 7.84 -27.91
CA ASN D 84 6.93 7.92 -26.89
C ASN D 84 7.84 9.08 -27.09
N ASN D 85 8.27 9.32 -28.31
CA ASN D 85 9.31 10.31 -28.52
C ASN D 85 8.77 11.70 -28.85
N TYR D 86 7.47 11.92 -28.74
CA TYR D 86 7.00 13.31 -28.99
C TYR D 86 7.48 14.27 -27.88
N GLY D 87 7.88 15.46 -28.29
CA GLY D 87 8.34 16.48 -27.39
C GLY D 87 8.59 17.79 -28.16
N PRO D 88 9.81 18.33 -28.13
CA PRO D 88 10.99 17.82 -27.42
C PRO D 88 11.06 18.28 -25.97
N PRO D 89 11.89 17.59 -25.16
CA PRO D 89 12.56 16.38 -25.50
C PRO D 89 11.70 15.13 -25.53
N PRO D 90 12.29 14.00 -25.96
CA PRO D 90 11.52 12.78 -26.09
C PRO D 90 10.82 12.45 -24.80
N GLY D 91 9.55 12.09 -24.86
CA GLY D 91 8.79 11.77 -23.63
C GLY D 91 7.98 12.86 -23.03
N SER D 92 8.33 14.10 -23.35
CA SER D 92 7.76 15.22 -22.64
C SER D 92 6.30 15.49 -22.98
N ALA D 93 5.88 15.22 -24.20
CA ALA D 93 4.43 15.30 -24.60
C ALA D 93 3.55 14.38 -23.73
N GLU D 94 4.03 13.16 -23.52
CA GLU D 94 3.38 12.19 -22.71
C GLU D 94 3.33 12.64 -21.24
N GLU D 95 4.45 13.14 -20.72
CA GLU D 95 4.44 13.67 -19.36
C GLU D 95 3.48 14.86 -19.22
N ASN D 96 3.62 15.81 -20.10
CA ASN D 96 2.75 17.01 -20.02
C ASN D 96 1.31 16.63 -20.14
N PHE D 97 1.02 15.69 -21.03
CA PHE D 97 -0.38 15.23 -21.17
C PHE D 97 -0.87 14.64 -19.88
N GLY D 98 -0.03 13.80 -19.26
CA GLY D 98 -0.42 13.16 -18.04
C GLY D 98 -0.74 14.12 -16.94
N ARG D 99 0.06 15.17 -16.84
CA ARG D 99 -0.12 16.24 -15.92
C ARG D 99 -1.48 16.91 -16.15
N LEU D 100 -1.77 17.26 -17.38
CA LEU D 100 -3.04 17.95 -17.68
C LEU D 100 -4.23 17.00 -17.49
N LEU D 101 -4.01 15.74 -17.75
CA LEU D 101 -5.08 14.73 -17.56
C LEU D 101 -5.55 14.67 -16.08
N ARG D 102 -4.56 14.69 -15.19
CA ARG D 102 -4.73 14.68 -13.75
C ARG D 102 -5.37 15.97 -13.26
N GLU D 103 -4.89 17.11 -13.75
CA GLU D 103 -5.42 18.42 -13.36
C GLU D 103 -6.81 18.70 -13.89
N ASP D 104 -7.04 18.50 -15.17
CA ASP D 104 -8.28 18.99 -15.81
C ASP D 104 -9.19 17.88 -16.31
N PHE D 105 -8.69 16.67 -16.51
CA PHE D 105 -9.49 15.60 -17.07
C PHE D 105 -9.70 14.44 -16.12
N ALA D 106 -9.56 14.68 -14.82
CA ALA D 106 -9.74 13.66 -13.79
C ALA D 106 -11.08 12.94 -13.97
N ALA D 107 -12.14 13.66 -14.28
CA ALA D 107 -13.45 13.02 -14.39
C ALA D 107 -13.73 12.53 -15.80
N TYR D 108 -12.82 12.75 -16.74
CA TYR D 108 -13.15 12.54 -18.15
C TYR D 108 -12.35 11.47 -18.86
N ARG D 109 -11.54 10.71 -18.12
CA ARG D 109 -10.67 9.73 -18.81
C ARG D 109 -11.44 8.76 -19.69
N ASP D 110 -12.58 8.33 -19.21
CA ASP D 110 -13.37 7.36 -19.86
C ASP D 110 -14.14 7.93 -21.05
N GLU D 111 -14.09 9.26 -21.24
CA GLU D 111 -14.66 9.89 -22.45
C GLU D 111 -13.54 10.07 -23.48
N LEU D 112 -12.32 9.63 -23.19
CA LEU D 112 -11.16 9.95 -24.12
C LEU D 112 -10.57 8.69 -24.73
N ILE D 113 -10.05 8.80 -25.95
CA ILE D 113 -9.27 7.77 -26.57
C ILE D 113 -7.85 8.28 -26.63
N ILE D 114 -6.95 7.59 -25.93
CA ILE D 114 -5.59 8.00 -25.87
C ILE D 114 -4.74 6.96 -26.51
N SER D 115 -3.83 7.37 -27.39
CA SER D 115 -2.91 6.42 -27.99
C SER D 115 -1.48 6.74 -27.72
N THR D 116 -0.63 5.72 -27.73
CA THR D 116 0.76 5.94 -27.89
C THR D 116 1.36 4.89 -28.87
N LYS D 117 2.66 5.01 -29.09
CA LYS D 117 3.34 4.21 -30.06
C LYS D 117 4.74 3.93 -29.66
N ALA D 118 5.32 2.89 -30.27
CA ALA D 118 6.76 2.65 -30.17
C ALA D 118 7.25 2.14 -31.50
N GLY D 119 8.43 2.61 -31.92
CA GLY D 119 9.05 2.14 -33.19
C GLY D 119 10.24 3.00 -33.65
N TYR D 120 10.18 4.32 -33.44
CA TYR D 120 11.29 5.19 -33.76
C TYR D 120 12.29 5.26 -32.63
N ASP D 121 13.37 6.02 -32.83
CA ASP D 121 14.45 6.14 -31.82
C ASP D 121 13.88 6.84 -30.61
N MET D 122 13.99 6.19 -29.48
CA MET D 122 13.51 6.79 -28.26
C MET D 122 14.63 6.91 -27.30
N TRP D 123 15.37 5.84 -27.05
CA TRP D 123 16.47 5.90 -26.10
C TRP D 123 17.68 5.20 -26.68
N PRO D 124 18.86 5.46 -26.12
CA PRO D 124 20.04 4.98 -26.80
C PRO D 124 20.17 3.44 -26.77
N GLY D 125 20.85 2.90 -27.77
CA GLY D 125 21.22 1.54 -27.80
C GLY D 125 20.30 0.68 -28.61
N PRO D 126 20.61 -0.62 -28.66
CA PRO D 126 19.91 -1.57 -29.47
C PRO D 126 18.49 -1.94 -29.03
N TYR D 127 18.04 -1.55 -27.81
CA TYR D 127 16.67 -1.81 -27.41
C TYR D 127 15.78 -0.55 -27.44
N GLY D 128 16.31 0.54 -28.03
CA GLY D 128 15.64 1.85 -27.99
C GLY D 128 14.92 2.30 -29.23
N SER D 129 14.82 1.39 -30.17
CA SER D 129 14.26 1.67 -31.45
C SER D 129 13.80 0.35 -32.07
N GLY D 130 12.92 0.43 -33.06
CA GLY D 130 12.61 -0.73 -33.85
C GLY D 130 11.33 -1.46 -33.40
N GLY D 131 11.28 -2.78 -33.61
CA GLY D 131 10.05 -3.56 -33.36
C GLY D 131 10.08 -4.74 -32.40
N SER D 132 11.14 -4.86 -31.60
CA SER D 132 11.37 -6.04 -30.80
C SER D 132 10.38 -6.01 -29.62
N ARG D 133 10.16 -7.19 -29.07
CA ARG D 133 9.29 -7.35 -27.92
C ARG D 133 9.85 -6.55 -26.78
N LYS D 134 11.18 -6.62 -26.62
CA LYS D 134 11.87 -5.84 -25.57
C LYS D 134 11.51 -4.35 -25.65
N TYR D 135 11.72 -3.76 -26.81
CA TYR D 135 11.52 -2.30 -26.99
C TYR D 135 10.04 -1.96 -26.82
N LEU D 136 9.18 -2.68 -27.51
CA LEU D 136 7.73 -2.35 -27.48
C LEU D 136 7.13 -2.43 -26.08
N LEU D 137 7.42 -3.50 -25.36
CA LEU D 137 6.85 -3.67 -24.06
C LEU D 137 7.50 -2.75 -23.02
N ALA D 138 8.82 -2.58 -23.06
CA ALA D 138 9.50 -1.72 -22.14
C ALA D 138 9.03 -0.26 -22.42
N SER D 139 8.83 0.06 -23.70
CA SER D 139 8.39 1.40 -24.07
C SER D 139 6.94 1.67 -23.61
N LEU D 140 6.04 0.73 -23.87
CA LEU D 140 4.63 0.85 -23.36
C LEU D 140 4.64 1.11 -21.86
N ASP D 141 5.40 0.35 -21.08
CA ASP D 141 5.47 0.59 -19.65
C ASP D 141 5.93 2.02 -19.35
N GLN D 142 6.97 2.52 -20.07
CA GLN D 142 7.48 3.89 -19.79
C GLN D 142 6.39 4.90 -20.16
N SER D 143 5.67 4.66 -21.26
CA SER D 143 4.60 5.62 -21.70
C SER D 143 3.47 5.65 -20.66
N LEU D 144 3.10 4.49 -20.13
CA LEU D 144 2.00 4.46 -19.15
C LEU D 144 2.42 5.21 -17.88
N LYS D 145 3.67 5.07 -17.49
CA LYS D 145 4.14 5.73 -16.31
C LYS D 145 4.23 7.24 -16.53
N ARG D 146 4.76 7.67 -17.66
CA ARG D 146 4.83 9.11 -17.95
C ARG D 146 3.45 9.73 -18.03
N MET D 147 2.47 9.02 -18.54
CA MET D 147 1.10 9.58 -18.65
C MET D 147 0.24 9.37 -17.38
N GLY D 148 0.67 8.47 -16.48
CA GLY D 148 -0.09 8.19 -15.30
C GLY D 148 -1.34 7.38 -15.56
N LEU D 149 -1.30 6.45 -16.50
CA LEU D 149 -2.44 5.71 -16.98
C LEU D 149 -2.24 4.26 -16.73
N GLU D 150 -3.34 3.53 -16.46
CA GLU D 150 -3.30 2.09 -16.35
C GLU D 150 -3.21 1.45 -17.70
N TYR D 151 -3.85 2.07 -18.68
CA TYR D 151 -3.81 1.57 -20.04
C TYR D 151 -4.00 2.71 -21.02
N VAL D 152 -3.49 2.51 -22.24
CA VAL D 152 -3.89 3.33 -23.42
C VAL D 152 -5.03 2.65 -24.13
N ASP D 153 -5.90 3.42 -24.75
CA ASP D 153 -6.88 2.90 -25.64
C ASP D 153 -6.30 2.23 -26.89
N ILE D 154 -5.25 2.81 -27.48
CA ILE D 154 -4.65 2.29 -28.74
C ILE D 154 -3.18 2.30 -28.58
N PHE D 155 -2.53 1.11 -28.65
CA PHE D 155 -1.11 1.08 -28.76
C PHE D 155 -0.70 0.73 -30.20
N TYR D 156 0.21 1.51 -30.78
CA TYR D 156 0.74 1.27 -32.11
C TYR D 156 2.20 0.80 -32.21
N SER D 157 2.45 -0.07 -33.17
CA SER D 157 3.76 -0.22 -33.83
C SER D 157 3.89 1.00 -34.75
N HIS D 158 4.87 1.84 -34.45
CA HIS D 158 4.98 3.20 -35.03
C HIS D 158 5.54 3.19 -36.42
N ARG D 159 6.26 2.14 -36.80
CA ARG D 159 6.76 2.00 -38.17
C ARG D 159 7.24 0.56 -38.38
N VAL D 160 7.61 0.21 -39.61
CA VAL D 160 8.11 -1.11 -39.94
C VAL D 160 9.53 -1.29 -39.46
N ASP D 161 9.83 -2.44 -38.88
CA ASP D 161 11.21 -2.83 -38.58
C ASP D 161 11.46 -4.10 -39.39
N GLU D 162 12.28 -3.99 -40.45
CA GLU D 162 12.45 -5.10 -41.37
C GLU D 162 13.37 -6.14 -40.77
N ASN D 163 14.04 -5.80 -39.67
CA ASN D 163 14.90 -6.76 -38.99
C ASN D 163 14.27 -7.50 -37.83
N THR D 164 13.03 -7.18 -37.50
CA THR D 164 12.32 -7.96 -36.51
C THR D 164 11.22 -8.71 -37.26
N PRO D 165 11.14 -9.99 -37.04
CA PRO D 165 9.96 -10.66 -37.63
C PRO D 165 8.64 -10.14 -37.10
N MET D 166 7.69 -9.92 -38.02
CA MET D 166 6.42 -9.35 -37.69
C MET D 166 5.69 -10.22 -36.67
N GLU D 167 6.01 -11.53 -36.65
CA GLU D 167 5.47 -12.42 -35.60
C GLU D 167 5.79 -11.88 -34.18
N GLU D 168 6.99 -11.36 -34.01
CA GLU D 168 7.45 -10.88 -32.71
C GLU D 168 6.71 -9.58 -32.39
N THR D 169 6.68 -8.66 -33.35
CA THR D 169 5.94 -7.41 -33.14
C THR D 169 4.49 -7.65 -32.83
N ALA D 170 3.84 -8.53 -33.56
CA ALA D 170 2.43 -8.84 -33.35
C ALA D 170 2.18 -9.44 -32.03
N SER D 171 3.05 -10.34 -31.60
CA SER D 171 2.87 -10.96 -30.30
C SER D 171 3.07 -10.00 -29.17
N ALA D 172 3.98 -9.04 -29.32
CA ALA D 172 4.13 -7.98 -28.35
C ALA D 172 2.85 -7.12 -28.25
N LEU D 173 2.25 -6.80 -29.43
CA LEU D 173 1.01 -6.04 -29.39
C LEU D 173 -0.08 -6.89 -28.67
N ALA D 174 -0.10 -8.19 -28.94
CA ALA D 174 -1.09 -9.06 -28.33
C ALA D 174 -0.91 -9.13 -26.81
N HIS D 175 0.35 -9.15 -26.35
CA HIS D 175 0.60 -9.18 -24.93
C HIS D 175 0.11 -7.90 -24.28
N ALA D 176 0.29 -6.80 -24.97
CA ALA D 176 -0.27 -5.54 -24.50
C ALA D 176 -1.77 -5.58 -24.22
N VAL D 177 -2.51 -6.13 -25.16
CA VAL D 177 -3.95 -6.29 -25.04
C VAL D 177 -4.30 -7.27 -23.94
N GLN D 178 -3.71 -8.46 -23.98
CA GLN D 178 -3.96 -9.49 -23.00
C GLN D 178 -3.69 -9.03 -21.58
N SER D 179 -2.63 -8.29 -21.39
CA SER D 179 -2.27 -7.84 -20.05
C SER D 179 -3.09 -6.65 -19.60
N GLY D 180 -3.97 -6.11 -20.43
CA GLY D 180 -4.76 -4.97 -20.01
C GLY D 180 -4.00 -3.65 -20.08
N LYS D 181 -2.91 -3.56 -20.85
CA LYS D 181 -2.18 -2.28 -20.98
C LYS D 181 -2.59 -1.44 -22.19
N ALA D 182 -3.31 -2.06 -23.12
CA ALA D 182 -3.86 -1.41 -24.32
C ALA D 182 -5.23 -2.05 -24.61
N LEU D 183 -6.28 -1.26 -24.91
CA LEU D 183 -7.59 -1.85 -25.27
C LEU D 183 -7.59 -2.35 -26.72
N TYR D 184 -6.88 -1.65 -27.61
CA TYR D 184 -6.81 -1.98 -29.02
C TYR D 184 -5.41 -1.71 -29.52
N VAL D 185 -5.09 -2.20 -30.71
CA VAL D 185 -3.81 -1.99 -31.28
C VAL D 185 -3.87 -1.44 -32.66
N GLY D 186 -2.80 -0.76 -33.07
CA GLY D 186 -2.75 -0.20 -34.40
C GLY D 186 -1.39 -0.26 -34.95
N ILE D 187 -1.27 0.09 -36.23
CA ILE D 187 0.01 0.21 -36.93
C ILE D 187 0.11 1.49 -37.71
N SER D 188 1.34 1.93 -37.93
CA SER D 188 1.53 3.18 -38.64
C SER D 188 2.60 3.02 -39.73
N SER D 189 2.31 3.54 -40.91
CA SER D 189 3.24 3.54 -42.04
C SER D 189 3.68 2.14 -42.46
N TYR D 190 2.77 1.15 -42.40
CA TYR D 190 2.99 -0.20 -42.97
C TYR D 190 2.43 -0.27 -44.41
N SER D 191 3.18 -0.88 -45.33
CA SER D 191 2.71 -1.15 -46.71
C SER D 191 1.45 -2.00 -46.69
N PRO D 192 0.73 -2.08 -47.83
CA PRO D 192 -0.48 -2.91 -47.84
C PRO D 192 -0.17 -4.38 -47.55
N GLU D 193 0.96 -4.84 -48.04
CA GLU D 193 1.33 -6.25 -47.84
C GLU D 193 1.66 -6.50 -46.39
N ARG D 194 2.39 -5.60 -45.77
CA ARG D 194 2.75 -5.84 -44.36
C ARG D 194 1.52 -5.68 -43.44
N THR D 195 0.63 -4.76 -43.79
CA THR D 195 -0.58 -4.55 -43.07
C THR D 195 -1.43 -5.81 -43.08
N GLN D 196 -1.56 -6.42 -44.26
CA GLN D 196 -2.32 -7.65 -44.41
C GLN D 196 -1.69 -8.78 -43.57
N LYS D 197 -0.38 -8.88 -43.59
CA LYS D 197 0.30 -9.87 -42.72
C LYS D 197 0.05 -9.58 -41.19
N MET D 198 0.09 -8.31 -40.77
CA MET D 198 -0.21 -7.97 -39.38
C MET D 198 -1.65 -8.29 -39.00
N VAL D 199 -2.61 -8.03 -39.88
CA VAL D 199 -3.99 -8.44 -39.63
C VAL D 199 -4.07 -9.93 -39.38
N GLU D 200 -3.40 -10.70 -40.18
CA GLU D 200 -3.46 -12.16 -40.06
C GLU D 200 -2.78 -12.64 -38.78
N LEU D 201 -1.65 -12.04 -38.44
CA LEU D 201 -0.90 -12.50 -37.26
C LEU D 201 -1.70 -12.18 -36.00
N LEU D 202 -2.36 -11.03 -36.00
CA LEU D 202 -3.13 -10.63 -34.86
C LEU D 202 -4.41 -11.46 -34.73
N ARG D 203 -4.97 -11.87 -35.86
CA ARG D 203 -6.12 -12.79 -35.87
C ARG D 203 -5.79 -14.13 -35.23
N GLU D 204 -4.56 -14.58 -35.35
CA GLU D 204 -4.17 -15.80 -34.65
C GLU D 204 -4.33 -15.64 -33.14
N TRP D 205 -4.27 -14.40 -32.64
CA TRP D 205 -4.46 -14.13 -31.23
C TRP D 205 -5.90 -13.72 -30.91
N LYS D 206 -6.79 -13.80 -31.89
CA LYS D 206 -8.19 -13.35 -31.81
C LYS D 206 -8.22 -11.86 -31.49
N ILE D 207 -7.30 -11.08 -32.06
CA ILE D 207 -7.31 -9.62 -31.91
C ILE D 207 -7.45 -8.99 -33.31
N PRO D 208 -8.50 -8.17 -33.52
CA PRO D 208 -8.58 -7.44 -34.77
C PRO D 208 -7.72 -6.21 -34.75
N LEU D 209 -6.93 -5.98 -35.81
CA LEU D 209 -6.23 -4.75 -35.93
C LEU D 209 -7.24 -3.62 -36.03
N LEU D 210 -7.12 -2.61 -35.15
CA LEU D 210 -8.12 -1.53 -35.11
C LEU D 210 -7.95 -0.49 -36.19
N ILE D 211 -6.69 -0.04 -36.35
CA ILE D 211 -6.47 1.15 -37.09
C ILE D 211 -5.07 1.20 -37.75
N HIS D 212 -5.00 1.93 -38.86
CA HIS D 212 -3.74 2.20 -39.56
C HIS D 212 -3.65 3.70 -39.60
N GLN D 213 -2.48 4.23 -39.31
CA GLN D 213 -2.22 5.66 -39.35
C GLN D 213 -1.09 5.93 -40.46
N PRO D 214 -1.49 6.31 -41.69
CA PRO D 214 -0.55 6.70 -42.73
C PRO D 214 -0.48 8.18 -42.93
N SER D 215 0.58 8.69 -43.56
CA SER D 215 0.49 10.04 -44.10
C SER D 215 -0.44 10.07 -45.28
N TYR D 216 -1.34 11.05 -45.34
CA TYR D 216 -2.32 11.10 -46.39
C TYR D 216 -2.92 12.54 -46.41
N ASN D 217 -2.85 13.19 -47.56
CA ASN D 217 -3.44 14.51 -47.77
C ASN D 217 -3.67 14.72 -49.25
N LEU D 218 -4.30 15.85 -49.61
CA LEU D 218 -4.48 16.20 -51.03
C LEU D 218 -3.24 16.05 -51.91
N LEU D 219 -2.06 16.37 -51.40
CA LEU D 219 -0.84 16.33 -52.18
C LEU D 219 -0.01 15.04 -51.99
N ASN D 220 -0.54 14.05 -51.28
CA ASN D 220 0.24 12.81 -50.96
C ASN D 220 -0.76 11.70 -50.85
N ARG D 221 -0.96 11.00 -51.97
CA ARG D 221 -1.97 9.95 -52.07
C ARG D 221 -1.44 8.58 -52.31
N TRP D 222 -0.26 8.25 -51.78
CA TRP D 222 0.27 6.89 -51.88
C TRP D 222 -0.73 5.94 -51.34
N VAL D 223 -1.50 6.35 -50.33
CA VAL D 223 -2.43 5.44 -49.69
C VAL D 223 -3.46 4.95 -50.68
N ASP D 224 -3.92 5.86 -51.55
CA ASP D 224 -4.90 5.45 -52.52
C ASP D 224 -4.20 4.56 -53.58
N LYS D 225 -3.19 5.12 -54.22
CA LYS D 225 -2.49 4.48 -55.32
C LYS D 225 -1.90 3.09 -54.94
N SER D 226 -1.36 2.94 -53.73
CA SER D 226 -0.70 1.67 -53.32
C SER D 226 -1.72 0.56 -53.16
N GLY D 227 -2.99 0.90 -53.02
CA GLY D 227 -3.97 -0.10 -52.61
C GLY D 227 -4.21 -0.20 -51.08
N LEU D 228 -3.60 0.68 -50.29
CA LEU D 228 -3.76 0.65 -48.81
C LEU D 228 -5.18 0.86 -48.36
N LEU D 229 -5.88 1.86 -48.88
CA LEU D 229 -7.24 2.07 -48.50
C LEU D 229 -8.11 0.86 -48.74
N ASP D 230 -7.89 0.16 -49.85
CA ASP D 230 -8.66 -1.03 -50.13
C ASP D 230 -8.27 -2.08 -49.06
N THR D 231 -6.99 -2.28 -48.79
CA THR D 231 -6.57 -3.34 -47.85
C THR D 231 -7.27 -3.05 -46.52
N LEU D 232 -7.31 -1.77 -46.13
CA LEU D 232 -7.91 -1.40 -44.82
C LEU D 232 -9.38 -1.70 -44.77
N GLN D 233 -10.10 -1.19 -45.77
CA GLN D 233 -11.51 -1.47 -45.85
C GLN D 233 -11.81 -2.96 -45.96
N ASN D 234 -11.05 -3.67 -46.76
CA ASN D 234 -11.31 -5.10 -46.92
C ASN D 234 -11.10 -5.88 -45.64
N ASN D 235 -10.26 -5.37 -44.75
CA ASN D 235 -10.01 -6.06 -43.49
C ASN D 235 -10.73 -5.39 -42.31
N GLY D 236 -11.56 -4.39 -42.58
CA GLY D 236 -12.28 -3.67 -41.52
C GLY D 236 -11.37 -2.88 -40.57
N VAL D 237 -10.26 -2.37 -41.08
CA VAL D 237 -9.31 -1.55 -40.35
C VAL D 237 -9.62 -0.08 -40.63
N GLY D 238 -9.68 0.72 -39.56
CA GLY D 238 -9.82 2.20 -39.72
C GLY D 238 -8.58 2.85 -40.30
N CYS D 239 -8.72 4.11 -40.69
CA CYS D 239 -7.65 4.89 -41.28
C CYS D 239 -7.66 6.26 -40.68
N ILE D 240 -6.54 6.65 -40.05
CA ILE D 240 -6.45 8.01 -39.49
C ILE D 240 -5.29 8.70 -40.17
N ALA D 241 -5.60 9.82 -40.84
CA ALA D 241 -4.66 10.48 -41.79
C ALA D 241 -3.75 11.41 -41.02
N PHE D 242 -2.44 11.17 -41.11
CA PHE D 242 -1.44 12.01 -40.47
C PHE D 242 -0.96 13.08 -41.44
N THR D 243 -0.51 14.22 -40.92
CA THR D 243 -0.11 15.41 -41.71
C THR D 243 -1.16 15.70 -42.79
N PRO D 244 -2.40 15.81 -42.36
CA PRO D 244 -3.50 16.07 -43.35
C PRO D 244 -3.46 17.44 -44.01
N LEU D 245 -2.64 18.34 -43.48
CA LEU D 245 -2.42 19.66 -44.09
C LEU D 245 -1.03 19.78 -44.69
N ALA D 246 -0.41 18.63 -44.94
CA ALA D 246 0.92 18.53 -45.49
C ALA D 246 1.87 19.45 -44.71
N GLN D 247 1.66 19.44 -43.37
CA GLN D 247 2.45 20.25 -42.45
C GLN D 247 2.40 21.72 -42.96
N GLY D 248 1.23 22.21 -43.27
CA GLY D 248 1.06 23.64 -43.42
C GLY D 248 1.10 24.12 -44.84
N LEU D 249 1.64 23.31 -45.73
CA LEU D 249 1.58 23.59 -47.16
C LEU D 249 0.13 23.83 -47.62
N LEU D 250 -0.82 23.05 -47.11
CA LEU D 250 -2.20 23.14 -47.50
C LEU D 250 -2.94 24.13 -46.66
N THR D 251 -2.22 25.14 -46.20
CA THR D 251 -2.84 26.19 -45.49
C THR D 251 -2.62 27.50 -46.26
N LEU D 279 9.65 25.56 -53.01
CA LEU D 279 8.40 25.60 -53.76
C LEU D 279 8.63 26.30 -55.07
N THR D 280 8.30 25.62 -56.16
CA THR D 280 8.53 26.21 -57.48
C THR D 280 7.41 27.23 -57.81
N GLU D 281 7.50 27.89 -58.97
CA GLU D 281 6.47 28.84 -59.38
C GLU D 281 5.16 28.12 -59.66
N ALA D 282 5.24 27.01 -60.41
CA ALA D 282 4.08 26.22 -60.77
C ALA D 282 3.44 25.66 -59.49
N ASN D 283 4.24 25.31 -58.49
CA ASN D 283 3.65 24.84 -57.21
C ASN D 283 2.79 25.97 -56.59
N LEU D 284 3.40 27.11 -56.31
CA LEU D 284 2.72 28.26 -55.72
C LEU D 284 1.46 28.69 -56.49
N ASN D 285 1.55 28.70 -57.82
CA ASN D 285 0.45 29.14 -58.64
C ASN D 285 -0.75 28.16 -58.51
N SER D 286 -0.46 26.86 -58.45
CA SER D 286 -1.48 25.84 -58.20
C SER D 286 -2.09 25.95 -56.78
N LEU D 287 -1.24 26.19 -55.79
CA LEU D 287 -1.70 26.36 -54.43
C LEU D 287 -2.60 27.61 -54.39
N ARG D 288 -2.23 28.65 -55.12
CA ARG D 288 -3.09 29.86 -55.23
C ARG D 288 -4.46 29.51 -55.82
N LEU D 289 -4.50 28.66 -56.83
CA LEU D 289 -5.76 28.28 -57.47
C LEU D 289 -6.60 27.36 -56.54
N LEU D 290 -5.94 26.41 -55.87
CA LEU D 290 -6.63 25.62 -54.84
C LEU D 290 -7.20 26.49 -53.72
N ASN D 291 -6.46 27.50 -53.31
CA ASN D 291 -6.96 28.48 -52.37
C ASN D 291 -8.23 29.20 -52.89
N GLU D 292 -8.24 29.51 -54.17
CA GLU D 292 -9.39 30.18 -54.76
C GLU D 292 -10.59 29.23 -54.80
N MET D 293 -10.38 27.95 -55.07
CA MET D 293 -11.50 26.98 -55.00
C MET D 293 -12.07 26.92 -53.57
N ALA D 294 -11.19 27.01 -52.58
CA ALA D 294 -11.64 26.99 -51.20
C ALA D 294 -12.45 28.22 -50.92
N GLN D 295 -11.93 29.37 -51.30
CA GLN D 295 -12.69 30.64 -51.20
C GLN D 295 -14.06 30.53 -51.82
N GLN D 296 -14.15 29.96 -53.00
CA GLN D 296 -15.46 29.75 -53.67
C GLN D 296 -16.43 28.92 -52.81
N ARG D 297 -15.89 27.94 -52.06
CA ARG D 297 -16.68 27.08 -51.21
C ARG D 297 -17.03 27.75 -49.88
N GLY D 298 -16.51 28.93 -49.63
CA GLY D 298 -16.61 29.54 -48.31
C GLY D 298 -15.70 28.90 -47.25
N GLN D 299 -14.60 28.29 -47.68
CA GLN D 299 -13.65 27.61 -46.77
C GLN D 299 -12.23 28.12 -46.90
N SER D 300 -11.48 28.08 -45.83
CA SER D 300 -10.05 28.34 -45.93
C SER D 300 -9.50 27.15 -46.66
N MET D 301 -8.29 27.28 -47.13
CA MET D 301 -7.60 26.16 -47.74
C MET D 301 -7.44 24.93 -46.80
N ALA D 302 -7.11 25.20 -45.54
CA ALA D 302 -7.01 24.15 -44.54
C ALA D 302 -8.35 23.41 -44.46
N GLN D 303 -9.48 24.15 -44.36
CA GLN D 303 -10.76 23.53 -44.15
C GLN D 303 -11.08 22.68 -45.35
N MET D 304 -10.70 23.15 -46.57
CA MET D 304 -11.02 22.38 -47.76
C MET D 304 -10.17 21.09 -47.79
N ALA D 305 -8.92 21.23 -47.43
CA ALA D 305 -7.98 20.08 -47.37
C ALA D 305 -8.50 18.98 -46.42
N LEU D 306 -9.04 19.37 -45.27
CA LEU D 306 -9.62 18.43 -44.32
C LEU D 306 -10.94 17.85 -44.81
N SER D 307 -11.85 18.72 -45.33
CA SER D 307 -13.10 18.25 -45.90
C SER D 307 -12.86 17.22 -47.02
N TRP D 308 -11.86 17.45 -47.85
CA TRP D 308 -11.56 16.55 -48.92
C TRP D 308 -11.23 15.18 -48.42
N LEU D 309 -10.44 15.08 -47.34
CA LEU D 309 -10.11 13.76 -46.78
C LEU D 309 -11.35 13.10 -46.20
N LEU D 310 -12.20 13.92 -45.61
CA LEU D 310 -13.43 13.44 -44.96
C LEU D 310 -14.66 13.35 -45.92
N LYS D 311 -14.43 13.54 -47.23
CA LYS D 311 -15.57 13.57 -48.20
C LYS D 311 -16.26 12.22 -48.32
N ASP D 312 -15.59 11.14 -47.93
CA ASP D 312 -16.15 9.84 -47.98
C ASP D 312 -15.67 8.97 -46.74
N ASP D 313 -16.21 7.78 -46.71
CA ASP D 313 -16.03 6.87 -45.56
C ASP D 313 -14.69 6.18 -45.53
N ARG D 314 -13.79 6.53 -46.45
CA ARG D 314 -12.51 5.83 -46.56
C ARG D 314 -11.51 6.23 -45.47
N VAL D 315 -11.77 7.38 -44.84
CA VAL D 315 -10.96 7.93 -43.80
C VAL D 315 -11.88 7.99 -42.55
N THR D 316 -11.38 7.42 -41.46
CA THR D 316 -12.07 7.51 -40.18
C THR D 316 -11.90 8.87 -39.53
N SER D 317 -10.70 9.45 -39.63
CA SER D 317 -10.37 10.65 -38.91
C SER D 317 -9.16 11.29 -39.54
N VAL D 318 -9.04 12.60 -39.37
CA VAL D 318 -7.84 13.37 -39.78
C VAL D 318 -7.18 13.87 -38.47
N LEU D 319 -5.88 13.68 -38.39
CA LEU D 319 -5.12 13.94 -37.20
C LEU D 319 -4.44 15.26 -37.36
N ILE D 320 -5.02 16.31 -36.78
CA ILE D 320 -4.51 17.64 -36.92
C ILE D 320 -3.63 17.99 -35.72
N GLY D 321 -2.70 18.90 -35.93
CA GLY D 321 -1.96 19.56 -34.86
C GLY D 321 -2.49 20.94 -34.64
N ALA D 322 -2.08 21.58 -33.53
CA ALA D 322 -2.46 22.92 -33.26
C ALA D 322 -1.37 23.52 -32.39
N SER D 323 -1.07 24.80 -32.61
CA SER D 323 -0.24 25.58 -31.69
C SER D 323 -1.06 26.59 -30.87
N ARG D 324 -2.33 26.74 -31.21
CA ARG D 324 -3.24 27.54 -30.39
C ARG D 324 -4.70 27.11 -30.58
N ALA D 325 -5.54 27.44 -29.61
CA ALA D 325 -6.95 27.04 -29.61
C ALA D 325 -7.71 27.48 -30.89
N GLU D 326 -7.42 28.68 -31.38
CA GLU D 326 -8.16 29.24 -32.53
C GLU D 326 -8.05 28.33 -33.77
N GLN D 327 -6.95 27.62 -33.92
CA GLN D 327 -6.73 26.77 -35.08
C GLN D 327 -7.60 25.57 -35.03
N LEU D 328 -7.85 25.03 -33.82
CA LEU D 328 -8.82 23.96 -33.67
C LEU D 328 -10.22 24.45 -34.08
N GLU D 329 -10.61 25.63 -33.61
CA GLU D 329 -11.92 26.22 -33.97
C GLU D 329 -12.11 26.31 -35.46
N GLU D 330 -11.10 26.81 -36.16
CA GLU D 330 -11.18 26.90 -37.61
C GLU D 330 -11.30 25.53 -38.23
N ASN D 331 -10.42 24.59 -37.83
CA ASN D 331 -10.34 23.33 -38.53
C ASN D 331 -11.59 22.45 -38.43
N VAL D 332 -12.25 22.45 -37.29
CA VAL D 332 -13.43 21.62 -37.11
C VAL D 332 -14.62 22.15 -37.97
N GLN D 333 -14.57 23.42 -38.38
CA GLN D 333 -15.60 23.96 -39.28
C GLN D 333 -15.58 23.28 -40.65
N ALA D 334 -14.54 22.49 -40.94
CA ALA D 334 -14.51 21.71 -42.18
C ALA D 334 -15.75 20.81 -42.29
N LEU D 335 -16.29 20.39 -41.14
CA LEU D 335 -17.44 19.54 -41.12
C LEU D 335 -18.71 20.20 -41.72
N ASN D 336 -18.74 21.52 -41.83
CA ASN D 336 -19.88 22.21 -42.42
C ASN D 336 -19.98 22.02 -43.90
N ASN D 337 -18.91 21.59 -44.56
CA ASN D 337 -18.96 21.37 -46.00
C ASN D 337 -18.08 20.19 -46.43
N LEU D 338 -18.64 19.00 -46.30
CA LEU D 338 -17.98 17.77 -46.75
C LEU D 338 -18.32 17.30 -48.19
N THR D 339 -19.11 18.09 -48.93
CA THR D 339 -19.51 17.69 -50.29
C THR D 339 -18.61 18.30 -51.33
N PHE D 340 -18.19 17.47 -52.27
CA PHE D 340 -17.47 17.92 -53.46
C PHE D 340 -18.21 17.36 -54.67
N SER D 341 -18.51 18.22 -55.65
CA SER D 341 -19.04 17.74 -56.95
C SER D 341 -17.95 17.01 -57.71
N THR D 342 -18.37 16.19 -58.69
CA THR D 342 -17.42 15.53 -59.63
C THR D 342 -16.53 16.53 -60.35
N LYS D 343 -17.09 17.67 -60.69
CA LYS D 343 -16.32 18.70 -61.36
C LYS D 343 -15.20 19.23 -60.46
N GLU D 344 -15.57 19.57 -59.22
CA GLU D 344 -14.61 20.03 -58.21
C GLU D 344 -13.45 19.09 -58.01
N LEU D 345 -13.76 17.81 -57.84
CA LEU D 345 -12.70 16.80 -57.64
C LEU D 345 -11.76 16.75 -58.85
N ALA D 346 -12.30 16.93 -60.06
CA ALA D 346 -11.47 16.92 -61.29
C ALA D 346 -10.63 18.16 -61.29
N GLN D 347 -11.23 19.32 -61.02
CA GLN D 347 -10.47 20.61 -61.06
C GLN D 347 -9.33 20.61 -60.03
N ILE D 348 -9.62 20.05 -58.84
CA ILE D 348 -8.61 19.92 -57.80
C ILE D 348 -7.45 19.08 -58.32
N ASP D 349 -7.74 17.88 -58.76
CA ASP D 349 -6.68 17.01 -59.32
C ASP D 349 -5.92 17.68 -60.50
N GLN D 350 -6.64 18.43 -61.33
CA GLN D 350 -6.03 19.13 -62.47
C GLN D 350 -5.06 20.20 -62.03
N HIS D 351 -5.44 21.01 -61.06
CA HIS D 351 -4.52 22.02 -60.57
C HIS D 351 -3.34 21.36 -59.87
N ILE D 352 -3.54 20.21 -59.25
CA ILE D 352 -2.42 19.48 -58.61
C ILE D 352 -1.50 18.98 -59.72
N ALA D 353 -2.09 18.40 -60.76
CA ALA D 353 -1.29 17.91 -61.92
C ALA D 353 -0.48 19.07 -62.53
N ASP D 354 -1.13 20.22 -62.70
CA ASP D 354 -0.53 21.35 -63.40
C ASP D 354 0.63 21.90 -62.59
N GLY D 355 0.50 21.97 -61.26
CA GLY D 355 1.57 22.52 -60.42
C GLY D 355 2.61 21.49 -60.01
N GLU D 356 2.40 20.25 -60.43
CA GLU D 356 3.26 19.10 -60.04
C GLU D 356 3.41 19.00 -58.53
N LEU D 357 2.28 19.13 -57.85
CA LEU D 357 2.30 19.02 -56.43
C LEU D 357 2.15 17.49 -56.19
N VAL E 22 -21.06 -14.88 12.01
CA VAL E 22 -21.04 -13.55 12.70
C VAL E 22 -21.40 -13.82 14.15
N TRP E 23 -20.76 -13.11 15.07
CA TRP E 23 -21.08 -13.19 16.50
C TRP E 23 -21.64 -11.88 17.03
N LEU E 24 -22.76 -12.00 17.75
CA LEU E 24 -23.46 -10.88 18.41
C LEU E 24 -23.36 -11.02 19.93
N ALA E 25 -22.73 -10.04 20.54
CA ALA E 25 -22.71 -9.93 21.97
C ALA E 25 -24.11 -9.79 22.56
N ASN E 26 -24.27 -10.25 23.78
CA ASN E 26 -25.51 -10.11 24.50
C ASN E 26 -26.00 -8.63 24.60
N PRO E 27 -27.22 -8.31 24.09
CA PRO E 27 -27.67 -6.90 24.16
C PRO E 27 -27.88 -6.39 25.58
N GLU E 28 -28.04 -7.28 26.54
CA GLU E 28 -28.21 -6.86 27.94
C GLU E 28 -26.89 -6.87 28.71
N ARG E 29 -25.75 -6.91 28.01
CA ARG E 29 -24.47 -7.06 28.67
C ARG E 29 -24.16 -5.93 29.65
N TYR E 30 -24.73 -4.74 29.47
CA TYR E 30 -24.42 -3.67 30.38
C TYR E 30 -25.48 -3.54 31.54
N GLY E 31 -26.45 -4.44 31.59
CA GLY E 31 -27.55 -4.38 32.55
C GLY E 31 -27.24 -4.78 33.98
N GLN E 32 -26.33 -5.72 34.18
CA GLN E 32 -26.07 -6.26 35.51
C GLN E 32 -24.73 -5.82 36.09
N MET E 33 -23.69 -5.70 35.27
CA MET E 33 -22.35 -5.39 35.80
C MET E 33 -22.31 -4.03 36.48
N GLN E 34 -21.56 -3.97 37.56
CA GLN E 34 -21.28 -2.70 38.21
C GLN E 34 -19.95 -2.12 37.64
N TYR E 35 -19.94 -0.83 37.35
CA TYR E 35 -18.74 -0.12 36.89
C TYR E 35 -18.33 0.92 37.92
N ARG E 36 -17.02 1.07 38.12
CA ARG E 36 -16.43 1.96 39.10
C ARG E 36 -15.42 2.89 38.43
N TYR E 37 -15.50 4.18 38.73
CA TYR E 37 -14.53 5.15 38.27
C TYR E 37 -13.18 4.78 38.83
N CYS E 38 -12.17 4.82 37.96
CA CYS E 38 -10.83 4.42 38.31
C CYS E 38 -10.15 5.58 38.95
N GLY E 39 -10.10 5.61 40.27
CA GLY E 39 -9.48 6.76 40.99
C GLY E 39 -10.20 8.03 40.64
N LYS E 40 -9.47 9.13 40.37
CA LYS E 40 -10.12 10.41 40.05
C LYS E 40 -10.40 10.56 38.56
N SER E 41 -10.09 9.55 37.75
CA SER E 41 -10.28 9.66 36.29
C SER E 41 -11.73 9.50 35.89
N GLY E 42 -12.00 9.69 34.61
CA GLY E 42 -13.33 9.44 34.06
C GLY E 42 -13.51 8.04 33.53
N LEU E 43 -12.52 7.18 33.72
CA LEU E 43 -12.55 5.84 33.11
C LEU E 43 -13.25 4.88 34.07
N ARG E 44 -14.31 4.26 33.63
CA ARG E 44 -15.03 3.35 34.50
C ARG E 44 -14.66 1.91 34.17
N LEU E 45 -14.06 1.21 35.11
CA LEU E 45 -13.77 -0.20 34.91
C LEU E 45 -14.93 -1.11 35.43
N PRO E 46 -15.13 -2.30 34.83
CA PRO E 46 -16.01 -3.24 35.48
C PRO E 46 -15.46 -3.68 36.82
N ALA E 47 -16.36 -4.01 37.77
CA ALA E 47 -15.96 -4.36 39.12
C ALA E 47 -15.18 -5.65 39.06
N LEU E 48 -15.47 -6.50 38.08
CA LEU E 48 -14.67 -7.67 37.80
C LEU E 48 -14.07 -7.55 36.38
N SER E 49 -12.76 -7.72 36.31
CA SER E 49 -12.00 -7.70 35.07
C SER E 49 -11.40 -9.06 34.86
N LEU E 50 -11.12 -9.41 33.57
CA LEU E 50 -10.52 -10.70 33.26
C LEU E 50 -9.06 -10.56 32.93
N GLY E 51 -8.24 -11.34 33.59
CA GLY E 51 -6.85 -11.43 33.27
C GLY E 51 -6.52 -12.63 32.42
N LEU E 52 -5.49 -12.50 31.57
CA LEU E 52 -5.12 -13.56 30.67
C LEU E 52 -3.75 -14.15 31.00
N TRP E 53 -3.37 -14.05 32.28
CA TRP E 53 -2.14 -14.71 32.77
C TRP E 53 -2.11 -16.21 32.50
N HIS E 54 -3.20 -16.90 32.80
CA HIS E 54 -3.33 -18.29 32.44
C HIS E 54 -4.51 -18.58 31.57
N ASN E 55 -4.41 -19.70 30.85
CA ASN E 55 -5.47 -20.27 30.06
C ASN E 55 -5.60 -19.69 28.67
N PHE E 56 -4.67 -18.83 28.25
CA PHE E 56 -4.72 -18.23 26.91
C PHE E 56 -3.41 -18.37 26.11
N GLY E 57 -2.63 -19.40 26.42
CA GLY E 57 -1.43 -19.69 25.70
C GLY E 57 -1.70 -20.58 24.50
N HIS E 58 -0.62 -20.84 23.75
CA HIS E 58 -0.68 -21.83 22.68
C HIS E 58 -0.86 -23.24 23.21
N VAL E 59 -0.68 -23.45 24.52
CA VAL E 59 -1.00 -24.77 25.16
C VAL E 59 -2.49 -24.98 25.41
N ASN E 60 -3.31 -23.96 25.13
CA ASN E 60 -4.75 -24.00 25.37
C ASN E 60 -5.49 -23.84 24.05
N ALA E 61 -6.50 -24.67 23.82
CA ALA E 61 -7.28 -24.66 22.61
C ALA E 61 -7.92 -23.30 22.39
N LEU E 62 -7.84 -22.79 21.17
CA LEU E 62 -8.44 -21.49 20.88
C LEU E 62 -9.93 -21.46 21.09
N GLU E 63 -10.63 -22.56 20.82
CA GLU E 63 -12.06 -22.58 21.07
C GLU E 63 -12.40 -22.39 22.53
N SER E 64 -11.65 -22.99 23.44
CA SER E 64 -11.87 -22.76 24.85
C SER E 64 -11.67 -21.31 25.25
N GLN E 65 -10.59 -20.70 24.74
CA GLN E 65 -10.29 -19.27 24.98
C GLN E 65 -11.44 -18.42 24.46
N ARG E 66 -11.95 -18.74 23.28
CA ARG E 66 -13.01 -17.96 22.67
C ARG E 66 -14.24 -17.97 23.55
N ALA E 67 -14.58 -19.14 24.06
CA ALA E 67 -15.83 -19.26 24.89
C ALA E 67 -15.70 -18.41 26.16
N ILE E 68 -14.51 -18.35 26.73
CA ILE E 68 -14.28 -17.52 27.92
C ILE E 68 -14.39 -16.01 27.62
N LEU E 69 -13.75 -15.51 26.58
CA LEU E 69 -13.83 -14.10 26.28
C LEU E 69 -15.24 -13.69 25.92
N ARG E 70 -15.93 -14.49 25.15
CA ARG E 70 -17.30 -14.15 24.77
C ARG E 70 -18.22 -14.06 25.99
N LYS E 71 -18.06 -14.99 26.91
CA LYS E 71 -18.90 -14.99 28.10
C LYS E 71 -18.55 -13.76 28.96
N ALA E 72 -17.28 -13.46 29.07
CA ALA E 72 -16.85 -12.29 29.84
C ALA E 72 -17.51 -11.03 29.33
N PHE E 73 -17.44 -10.80 28.04
CA PHE E 73 -18.08 -9.61 27.47
C PHE E 73 -19.59 -9.65 27.63
N ASP E 74 -20.21 -10.82 27.47
CA ASP E 74 -21.65 -10.95 27.57
C ASP E 74 -22.12 -10.66 29.02
N LEU E 75 -21.26 -10.87 30.01
CA LEU E 75 -21.50 -10.46 31.39
C LEU E 75 -21.11 -9.02 31.70
N GLY E 76 -20.65 -8.27 30.70
CA GLY E 76 -20.32 -6.86 30.87
C GLY E 76 -18.93 -6.62 31.37
N ILE E 77 -18.09 -7.65 31.41
CA ILE E 77 -16.70 -7.45 31.68
C ILE E 77 -16.01 -6.87 30.43
N THR E 78 -15.56 -5.62 30.53
CA THR E 78 -15.04 -4.85 29.42
C THR E 78 -13.56 -4.65 29.48
N HIS E 79 -12.93 -5.15 30.54
CA HIS E 79 -11.52 -4.95 30.71
C HIS E 79 -10.80 -6.30 30.68
N PHE E 80 -9.79 -6.38 29.82
CA PHE E 80 -8.98 -7.54 29.64
C PHE E 80 -7.55 -7.16 29.85
N ASP E 81 -6.88 -7.89 30.73
CA ASP E 81 -5.61 -7.54 31.23
C ASP E 81 -4.59 -8.55 30.74
N LEU E 82 -3.58 -8.05 30.03
CA LEU E 82 -2.53 -8.87 29.43
C LEU E 82 -1.16 -8.38 29.86
N ALA E 83 -0.12 -9.13 29.50
CA ALA E 83 1.26 -8.68 29.63
C ALA E 83 2.05 -9.37 28.54
N ASN E 84 3.22 -8.83 28.25
CA ASN E 84 4.05 -9.39 27.21
C ASN E 84 4.32 -10.85 27.37
N ASN E 85 4.68 -11.27 28.56
CA ASN E 85 5.13 -12.66 28.73
C ASN E 85 4.00 -13.64 29.11
N TYR E 86 2.75 -13.23 29.05
CA TYR E 86 1.66 -14.22 29.34
C TYR E 86 1.56 -15.28 28.24
N GLY E 87 1.37 -16.54 28.67
CA GLY E 87 1.21 -17.66 27.76
C GLY E 87 0.85 -18.93 28.52
N PRO E 88 1.65 -19.98 28.39
CA PRO E 88 2.89 -20.08 27.62
C PRO E 88 2.64 -20.49 26.18
N PRO E 89 3.62 -20.24 25.30
CA PRO E 89 4.85 -19.54 25.60
C PRO E 89 4.68 -18.01 25.65
N PRO E 90 5.76 -17.31 26.05
CA PRO E 90 5.65 -15.86 26.20
C PRO E 90 5.13 -15.21 24.92
N GLY E 91 4.25 -14.22 25.04
CA GLY E 91 3.65 -13.59 23.89
C GLY E 91 2.37 -14.20 23.34
N SER E 92 2.09 -15.44 23.70
CA SER E 92 1.00 -16.15 23.06
C SER E 92 -0.39 -15.68 23.50
N ALA E 93 -0.58 -15.26 24.75
CA ALA E 93 -1.85 -14.70 25.16
C ALA E 93 -2.21 -13.48 24.31
N GLU E 94 -1.24 -12.60 24.11
CA GLU E 94 -1.41 -11.40 23.33
C GLU E 94 -1.74 -11.77 21.89
N GLU E 95 -1.02 -12.72 21.31
CA GLU E 95 -1.36 -13.20 19.95
C GLU E 95 -2.75 -13.81 19.87
N ASN E 96 -3.04 -14.73 20.79
CA ASN E 96 -4.39 -15.35 20.80
C ASN E 96 -5.50 -14.30 20.98
N PHE E 97 -5.24 -13.33 21.83
CA PHE E 97 -6.19 -12.28 22.07
C PHE E 97 -6.41 -11.44 20.84
N GLY E 98 -5.33 -11.11 20.16
CA GLY E 98 -5.41 -10.40 18.90
C GLY E 98 -6.24 -11.11 17.88
N ARG E 99 -6.08 -12.43 17.80
CA ARG E 99 -6.87 -13.23 16.87
C ARG E 99 -8.34 -13.18 17.18
N LEU E 100 -8.69 -13.42 18.45
CA LEU E 100 -10.06 -13.41 18.83
C LEU E 100 -10.67 -12.01 18.65
N LEU E 101 -9.89 -10.97 18.86
CA LEU E 101 -10.34 -9.60 18.71
C LEU E 101 -10.80 -9.37 17.28
N ARG E 102 -9.98 -9.81 16.34
CA ARG E 102 -10.19 -9.69 14.92
C ARG E 102 -11.38 -10.53 14.49
N GLU E 103 -11.48 -11.76 14.99
CA GLU E 103 -12.59 -12.65 14.64
C GLU E 103 -13.93 -12.26 15.26
N ASP E 104 -13.98 -12.01 16.57
CA ASP E 104 -15.27 -11.86 17.28
C ASP E 104 -15.52 -10.45 17.81
N PHE E 105 -14.48 -9.63 17.95
CA PHE E 105 -14.65 -8.32 18.54
C PHE E 105 -14.31 -7.18 17.58
N ALA E 106 -14.37 -7.44 16.27
CA ALA E 106 -14.09 -6.43 15.25
C ALA E 106 -14.95 -5.16 15.50
N ALA E 107 -16.21 -5.32 15.85
CA ALA E 107 -17.10 -4.17 16.03
C ALA E 107 -17.01 -3.61 17.44
N TYR E 108 -16.24 -4.24 18.33
CA TYR E 108 -16.32 -3.91 19.76
C TYR E 108 -15.05 -3.34 20.39
N ARG E 109 -14.00 -3.10 19.61
CA ARG E 109 -12.74 -2.63 20.24
C ARG E 109 -12.94 -1.43 21.16
N ASP E 110 -13.78 -0.49 20.72
CA ASP E 110 -13.96 0.74 21.42
C ASP E 110 -14.82 0.60 22.67
N GLU E 111 -15.44 -0.58 22.87
CA GLU E 111 -16.11 -0.91 24.09
C GLU E 111 -15.18 -1.68 25.04
N LEU E 112 -13.92 -1.89 24.67
CA LEU E 112 -13.01 -2.66 25.51
C LEU E 112 -11.84 -1.84 26.07
N ILE E 113 -11.36 -2.21 27.28
CA ILE E 113 -10.18 -1.62 27.87
C ILE E 113 -9.16 -2.76 27.88
N ILE E 114 -8.07 -2.59 27.11
CA ILE E 114 -7.08 -3.60 26.96
C ILE E 114 -5.79 -3.11 27.53
N SER E 115 -5.12 -3.92 28.33
CA SER E 115 -3.85 -3.45 28.88
C SER E 115 -2.75 -4.39 28.52
N THR E 116 -1.54 -3.88 28.51
CA THR E 116 -0.40 -4.77 28.57
C THR E 116 0.70 -4.10 29.44
N LYS E 117 1.82 -4.82 29.58
CA LYS E 117 2.85 -4.46 30.54
C LYS E 117 4.22 -4.86 30.03
N ALA E 118 5.25 -4.24 30.59
CA ALA E 118 6.61 -4.73 30.47
C ALA E 118 7.32 -4.52 31.80
N GLY E 119 8.17 -5.48 32.15
CA GLY E 119 8.97 -5.39 33.36
C GLY E 119 9.61 -6.70 33.80
N TYR E 120 8.92 -7.81 33.62
CA TYR E 120 9.52 -9.12 33.89
C TYR E 120 10.30 -9.65 32.68
N ASP E 121 10.90 -10.83 32.84
CA ASP E 121 11.69 -11.41 31.80
C ASP E 121 10.80 -11.71 30.61
N MET E 122 11.22 -11.26 29.44
CA MET E 122 10.44 -11.51 28.22
C MET E 122 11.29 -12.13 27.15
N TRP E 123 12.41 -11.52 26.83
CA TRP E 123 13.33 -12.05 25.85
C TRP E 123 14.75 -12.01 26.35
N PRO E 124 15.62 -12.75 25.69
CA PRO E 124 16.91 -12.96 26.36
C PRO E 124 17.72 -11.67 26.36
N GLY E 125 18.63 -11.58 27.32
CA GLY E 125 19.62 -10.52 27.29
C GLY E 125 19.27 -9.34 28.13
N PRO E 126 20.17 -8.38 28.18
CA PRO E 126 20.04 -7.24 29.07
C PRO E 126 18.93 -6.21 28.71
N TYR E 127 18.29 -6.32 27.53
CA TYR E 127 17.19 -5.39 27.14
C TYR E 127 15.82 -6.10 27.22
N GLY E 128 15.83 -7.32 27.76
CA GLY E 128 14.61 -8.17 27.77
C GLY E 128 13.87 -8.30 29.08
N SER E 129 14.25 -7.44 30.01
CA SER E 129 13.70 -7.42 31.34
C SER E 129 13.95 -6.07 31.96
N GLY E 130 13.23 -5.71 33.01
CA GLY E 130 13.54 -4.51 33.78
C GLY E 130 12.70 -3.28 33.38
N GLY E 131 13.25 -2.08 33.61
CA GLY E 131 12.50 -0.81 33.43
C GLY E 131 13.08 0.23 32.50
N SER E 132 14.02 -0.18 31.63
CA SER E 132 14.68 0.78 30.75
C SER E 132 13.71 1.25 29.64
N ARG E 133 14.07 2.38 29.09
CA ARG E 133 13.32 2.97 27.97
C ARG E 133 13.40 2.01 26.80
N LYS E 134 14.56 1.40 26.61
CA LYS E 134 14.75 0.46 25.52
C LYS E 134 13.75 -0.68 25.65
N TYR E 135 13.75 -1.33 26.81
CA TYR E 135 12.87 -2.52 27.00
C TYR E 135 11.38 -2.15 26.93
N LEU E 136 10.98 -1.11 27.62
CA LEU E 136 9.60 -0.75 27.68
C LEU E 136 9.07 -0.37 26.28
N LEU E 137 9.77 0.48 25.56
CA LEU E 137 9.26 0.93 24.29
C LEU E 137 9.32 -0.17 23.21
N ALA E 138 10.39 -0.97 23.22
CA ALA E 138 10.54 -2.02 22.19
C ALA E 138 9.45 -3.02 22.52
N SER E 139 9.21 -3.27 23.81
CA SER E 139 8.22 -4.28 24.22
C SER E 139 6.82 -3.83 23.87
N LEU E 140 6.47 -2.59 24.20
CA LEU E 140 5.18 -2.06 23.76
C LEU E 140 4.99 -2.28 22.25
N ASP E 141 5.97 -1.95 21.43
CA ASP E 141 5.83 -2.16 19.96
C ASP E 141 5.56 -3.64 19.60
N GLN E 142 6.27 -4.59 20.22
CA GLN E 142 5.98 -5.98 20.00
C GLN E 142 4.58 -6.37 20.45
N SER E 143 4.13 -5.86 21.59
CA SER E 143 2.83 -6.18 22.11
C SER E 143 1.75 -5.69 21.11
N LEU E 144 1.90 -4.47 20.61
CA LEU E 144 0.90 -3.92 19.72
C LEU E 144 0.84 -4.73 18.43
N LYS E 145 1.99 -5.17 17.96
CA LYS E 145 2.04 -5.99 16.78
C LYS E 145 1.42 -7.38 17.03
N ARG E 146 1.73 -8.02 18.15
CA ARG E 146 1.12 -9.30 18.47
C ARG E 146 -0.41 -9.19 18.55
N MET E 147 -0.92 -8.13 19.17
CA MET E 147 -2.35 -7.99 19.38
C MET E 147 -3.07 -7.33 18.18
N GLY E 148 -2.32 -6.82 17.21
CA GLY E 148 -2.93 -6.19 16.05
C GLY E 148 -3.65 -4.91 16.41
N LEU E 149 -3.11 -4.13 17.34
CA LEU E 149 -3.75 -2.91 17.88
C LEU E 149 -2.91 -1.70 17.59
N GLU E 150 -3.55 -0.55 17.34
CA GLU E 150 -2.80 0.71 17.24
C GLU E 150 -2.34 1.16 18.60
N TYR E 151 -3.15 0.91 19.62
CA TYR E 151 -2.79 1.33 21.00
C TYR E 151 -3.46 0.44 22.00
N VAL E 152 -2.86 0.40 23.20
CA VAL E 152 -3.50 -0.21 24.37
C VAL E 152 -4.13 0.91 25.13
N ASP E 153 -5.20 0.60 25.83
CA ASP E 153 -5.83 1.52 26.75
C ASP E 153 -4.93 1.83 27.95
N ILE E 154 -4.26 0.81 28.51
CA ILE E 154 -3.40 1.01 29.63
C ILE E 154 -2.10 0.31 29.40
N PHE E 155 -0.98 1.04 29.51
CA PHE E 155 0.32 0.39 29.52
C PHE E 155 0.95 0.51 30.90
N TYR E 156 1.46 -0.61 31.41
CA TYR E 156 2.05 -0.66 32.73
C TYR E 156 3.54 -0.91 32.77
N SER E 157 4.22 -0.27 33.71
CA SER E 157 5.47 -0.81 34.25
C SER E 157 5.08 -1.94 35.17
N HIS E 158 5.54 -3.12 34.84
CA HIS E 158 5.00 -4.37 35.42
C HIS E 158 5.54 -4.64 36.82
N ARG E 159 6.69 -4.06 37.13
CA ARG E 159 7.28 -4.21 38.47
C ARG E 159 8.32 -3.17 38.65
N VAL E 160 8.88 -3.10 39.86
CA VAL E 160 9.94 -2.13 40.15
C VAL E 160 11.24 -2.61 39.58
N ASP E 161 12.02 -1.72 38.99
CA ASP E 161 13.41 -2.05 38.61
C ASP E 161 14.28 -1.08 39.38
N GLU E 162 15.00 -1.57 40.39
CA GLU E 162 15.71 -0.67 41.29
C GLU E 162 16.99 -0.18 40.63
N ASN E 163 17.39 -0.81 39.54
CA ASN E 163 18.53 -0.41 38.78
C ASN E 163 18.27 0.55 37.59
N THR E 164 17.02 0.90 37.33
CA THR E 164 16.69 1.95 36.38
C THR E 164 16.11 3.10 37.12
N PRO E 165 16.59 4.29 36.84
CA PRO E 165 15.99 5.38 37.56
C PRO E 165 14.57 5.56 37.12
N MET E 166 13.70 5.85 38.09
CA MET E 166 12.29 5.98 37.83
C MET E 166 11.99 7.07 36.84
N GLU E 167 12.86 8.08 36.76
CA GLU E 167 12.76 9.14 35.77
C GLU E 167 12.75 8.54 34.33
N GLU E 168 13.55 7.50 34.14
CA GLU E 168 13.66 6.88 32.81
C GLU E 168 12.36 6.08 32.53
N THR E 169 11.98 5.25 33.48
CA THR E 169 10.76 4.49 33.31
C THR E 169 9.57 5.41 33.07
N ALA E 170 9.45 6.46 33.86
CA ALA E 170 8.33 7.39 33.71
C ALA E 170 8.30 8.00 32.35
N SER E 171 9.47 8.45 31.90
CA SER E 171 9.55 9.12 30.66
C SER E 171 9.19 8.18 29.50
N ALA E 172 9.51 6.91 29.64
CA ALA E 172 9.11 5.90 28.65
C ALA E 172 7.59 5.75 28.64
N LEU E 173 6.96 5.74 29.84
CA LEU E 173 5.50 5.66 29.90
C LEU E 173 4.91 6.93 29.29
N ALA E 174 5.53 8.08 29.54
CA ALA E 174 5.04 9.35 28.98
C ALA E 174 5.17 9.37 27.42
N HIS E 175 6.24 8.79 26.89
CA HIS E 175 6.39 8.72 25.45
C HIS E 175 5.32 7.82 24.84
N ALA E 176 5.00 6.74 25.52
CA ALA E 176 3.91 5.87 25.03
C ALA E 176 2.65 6.68 24.83
N VAL E 177 2.34 7.51 25.81
CA VAL E 177 1.10 8.24 25.78
C VAL E 177 1.18 9.31 24.67
N GLN E 178 2.24 10.13 24.69
CA GLN E 178 2.45 11.19 23.72
C GLN E 178 2.47 10.70 22.28
N SER E 179 3.02 9.54 22.07
CA SER E 179 3.01 8.95 20.74
C SER E 179 1.72 8.25 20.35
N GLY E 180 0.72 8.15 21.24
CA GLY E 180 -0.54 7.56 20.85
C GLY E 180 -0.52 6.05 20.92
N LYS E 181 0.47 5.44 21.57
CA LYS E 181 0.50 3.98 21.69
C LYS E 181 -0.23 3.45 22.97
N ALA E 182 -0.51 4.32 23.92
CA ALA E 182 -1.25 3.99 25.17
C ALA E 182 -2.10 5.19 25.50
N LEU E 183 -3.37 4.98 25.87
CA LEU E 183 -4.24 6.07 26.29
C LEU E 183 -3.93 6.49 27.74
N TYR E 184 -3.54 5.53 28.59
CA TYR E 184 -3.31 5.78 29.97
C TYR E 184 -2.18 4.87 30.41
N VAL E 185 -1.57 5.17 31.56
CA VAL E 185 -0.47 4.35 32.07
C VAL E 185 -0.68 3.91 33.50
N GLY E 186 -0.01 2.84 33.88
CA GLY E 186 -0.25 2.27 35.19
C GLY E 186 1.02 1.65 35.69
N ILE E 187 0.99 1.28 36.98
CA ILE E 187 2.12 0.54 37.56
C ILE E 187 1.62 -0.65 38.37
N SER E 188 2.53 -1.60 38.58
CA SER E 188 2.16 -2.81 39.24
C SER E 188 3.22 -3.22 40.26
N SER E 189 2.76 -3.55 41.46
CA SER E 189 3.62 -4.00 42.57
C SER E 189 4.67 -2.96 42.97
N TYR E 190 4.34 -1.68 42.92
CA TYR E 190 5.20 -0.62 43.44
C TYR E 190 4.81 -0.32 44.89
N SER E 191 5.81 -0.13 45.76
CA SER E 191 5.59 0.32 47.16
C SER E 191 4.88 1.68 47.18
N PRO E 192 4.30 2.05 48.35
CA PRO E 192 3.66 3.35 48.41
C PRO E 192 4.62 4.50 48.08
N GLU E 193 5.86 4.39 48.52
CA GLU E 193 6.83 5.46 48.30
C GLU E 193 7.16 5.55 46.80
N ARG E 194 7.36 4.43 46.12
CA ARG E 194 7.72 4.48 44.71
C ARG E 194 6.53 4.91 43.86
N THR E 195 5.33 4.54 44.30
CA THR E 195 4.08 4.96 43.68
C THR E 195 3.99 6.46 43.71
N GLN E 196 4.22 7.04 44.87
CA GLN E 196 4.15 8.48 45.04
C GLN E 196 5.17 9.20 44.17
N LYS E 197 6.38 8.67 44.13
CA LYS E 197 7.39 9.23 43.21
C LYS E 197 6.91 9.13 41.74
N MET E 198 6.32 7.99 41.33
CA MET E 198 5.87 7.83 39.94
C MET E 198 4.75 8.80 39.64
N VAL E 199 3.86 9.06 40.60
CA VAL E 199 2.81 10.04 40.39
C VAL E 199 3.46 11.38 40.07
N GLU E 200 4.47 11.74 40.85
CA GLU E 200 5.08 13.05 40.74
C GLU E 200 5.84 13.16 39.43
N LEU E 201 6.56 12.11 39.05
CA LEU E 201 7.32 12.19 37.81
C LEU E 201 6.38 12.31 36.59
N LEU E 202 5.28 11.57 36.62
CA LEU E 202 4.38 11.56 35.48
C LEU E 202 3.66 12.93 35.42
N ARG E 203 3.42 13.56 36.57
CA ARG E 203 2.82 14.92 36.62
C ARG E 203 3.71 15.94 35.94
N GLU E 204 4.99 15.76 36.03
CA GLU E 204 5.92 16.67 35.30
C GLU E 204 5.67 16.59 33.79
N TRP E 205 5.06 15.50 33.32
CA TRP E 205 4.70 15.37 31.91
C TRP E 205 3.25 15.69 31.66
N LYS E 206 2.55 16.18 32.69
CA LYS E 206 1.12 16.41 32.66
C LYS E 206 0.33 15.14 32.38
N ILE E 207 0.80 14.02 32.90
CA ILE E 207 0.08 12.78 32.80
C ILE E 207 -0.27 12.26 34.18
N PRO E 208 -1.55 11.99 34.43
CA PRO E 208 -1.92 11.37 35.73
C PRO E 208 -1.72 9.86 35.68
N LEU E 209 -1.06 9.28 36.68
CA LEU E 209 -1.01 7.87 36.82
C LEU E 209 -2.47 7.37 36.99
N LEU E 210 -2.91 6.47 36.10
CA LEU E 210 -4.29 6.01 36.20
C LEU E 210 -4.53 5.00 37.31
N ILE E 211 -3.63 4.03 37.44
CA ILE E 211 -4.00 2.85 38.15
C ILE E 211 -2.77 2.12 38.69
N HIS E 212 -3.01 1.38 39.78
CA HIS E 212 -1.99 0.54 40.42
C HIS E 212 -2.58 -0.83 40.49
N GLN E 213 -1.78 -1.85 40.17
CA GLN E 213 -2.23 -3.24 40.17
C GLN E 213 -1.35 -4.03 41.16
N PRO E 214 -1.84 -4.21 42.41
CA PRO E 214 -1.13 -5.00 43.45
C PRO E 214 -1.75 -6.35 43.66
N SER E 215 -0.96 -7.33 44.12
CA SER E 215 -1.56 -8.55 44.58
C SER E 215 -2.33 -8.20 45.87
N TYR E 216 -3.56 -8.67 45.99
CA TYR E 216 -4.42 -8.30 47.12
C TYR E 216 -5.55 -9.31 47.19
N ASN E 217 -5.68 -9.97 48.33
CA ASN E 217 -6.80 -10.89 48.60
C ASN E 217 -6.93 -11.06 50.11
N LEU E 218 -7.96 -11.77 50.54
CA LEU E 218 -8.19 -12.03 51.95
C LEU E 218 -6.95 -12.51 52.70
N LEU E 219 -6.11 -13.34 52.05
CA LEU E 219 -4.92 -13.91 52.65
C LEU E 219 -3.61 -13.15 52.37
N ASN E 220 -3.68 -11.95 51.80
CA ASN E 220 -2.50 -11.21 51.38
C ASN E 220 -2.84 -9.75 51.35
N ARG E 221 -2.52 -9.07 52.44
CA ARG E 221 -2.98 -7.69 52.66
C ARG E 221 -1.88 -6.70 52.86
N TRP E 222 -0.74 -6.90 52.22
CA TRP E 222 0.31 -5.90 52.28
C TRP E 222 -0.24 -4.56 51.86
N VAL E 223 -1.20 -4.56 50.93
CA VAL E 223 -1.79 -3.33 50.43
C VAL E 223 -2.41 -2.49 51.57
N ASP E 224 -3.13 -3.16 52.48
CA ASP E 224 -3.75 -2.51 53.66
C ASP E 224 -2.62 -2.04 54.62
N LYS E 225 -1.82 -2.99 55.06
CA LYS E 225 -0.76 -2.78 56.05
C LYS E 225 0.28 -1.74 55.63
N SER E 226 0.66 -1.74 54.36
CA SER E 226 1.68 -0.79 53.88
C SER E 226 1.17 0.64 53.81
N GLY E 227 -0.13 0.85 53.78
CA GLY E 227 -0.67 2.19 53.48
C GLY E 227 -0.90 2.52 51.98
N LEU E 228 -0.81 1.51 51.11
CA LEU E 228 -0.93 1.76 49.67
C LEU E 228 -2.28 2.34 49.33
N LEU E 229 -3.36 1.79 49.86
CA LEU E 229 -4.70 2.32 49.50
C LEU E 229 -4.85 3.78 49.84
N ASP E 230 -4.21 4.24 50.91
CA ASP E 230 -4.23 5.66 51.25
C ASP E 230 -3.44 6.45 50.21
N THR E 231 -2.25 5.97 49.85
CA THR E 231 -1.44 6.68 48.81
C THR E 231 -2.26 6.83 47.51
N LEU E 232 -2.93 5.75 47.13
CA LEU E 232 -3.71 5.72 45.90
C LEU E 232 -4.85 6.71 45.97
N GLN E 233 -5.65 6.66 47.03
CA GLN E 233 -6.76 7.57 47.18
C GLN E 233 -6.30 8.99 47.23
N ASN E 234 -5.22 9.26 47.97
CA ASN E 234 -4.74 10.64 48.06
C ASN E 234 -4.28 11.19 46.72
N ASN E 235 -3.87 10.31 45.82
CA ASN E 235 -3.36 10.75 44.53
C ASN E 235 -4.36 10.48 43.39
N GLY E 236 -5.58 10.02 43.72
CA GLY E 236 -6.58 9.74 42.73
C GLY E 236 -6.27 8.57 41.81
N VAL E 237 -5.49 7.62 42.28
CA VAL E 237 -5.09 6.47 41.48
C VAL E 237 -5.99 5.30 41.79
N GLY E 238 -6.44 4.60 40.76
CA GLY E 238 -7.29 3.40 40.92
C GLY E 238 -6.49 2.20 41.40
N CYS E 239 -7.20 1.14 41.79
CA CYS E 239 -6.58 -0.06 42.31
C CYS E 239 -7.25 -1.24 41.75
N ILE E 240 -6.50 -2.09 41.07
CA ILE E 240 -7.08 -3.31 40.53
C ILE E 240 -6.33 -4.48 41.16
N ALA E 241 -7.08 -5.33 41.88
CA ALA E 241 -6.52 -6.39 42.71
C ALA E 241 -6.23 -7.62 41.91
N PHE E 242 -5.01 -8.08 41.96
CA PHE E 242 -4.67 -9.30 41.24
C PHE E 242 -4.47 -10.50 42.14
N THR E 243 -4.63 -11.69 41.58
CA THR E 243 -4.80 -12.96 42.32
C THR E 243 -5.82 -12.79 43.48
N PRO E 244 -6.99 -12.23 43.17
CA PRO E 244 -7.98 -11.99 44.21
C PRO E 244 -8.56 -13.25 44.88
N LEU E 245 -8.36 -14.40 44.26
CA LEU E 245 -8.78 -15.67 44.83
C LEU E 245 -7.58 -16.49 45.28
N ALA E 246 -6.44 -15.83 45.49
CA ALA E 246 -5.18 -16.50 45.81
C ALA E 246 -4.93 -17.67 44.87
N GLN E 247 -5.24 -17.43 43.60
CA GLN E 247 -5.07 -18.40 42.48
C GLN E 247 -6.09 -19.57 42.41
N GLY E 248 -7.13 -19.53 43.26
CA GLY E 248 -8.00 -20.71 43.52
C GLY E 248 -8.06 -21.26 44.95
N LEU E 249 -7.04 -20.97 45.76
CA LEU E 249 -7.08 -21.31 47.19
C LEU E 249 -8.35 -20.82 47.90
N LEU E 250 -8.82 -19.63 47.56
CA LEU E 250 -10.03 -19.08 48.16
C LEU E 250 -11.28 -19.50 47.42
N THR E 251 -11.25 -20.65 46.79
CA THR E 251 -12.45 -21.17 46.14
C THR E 251 -12.97 -22.42 46.80
N GLY E 252 -12.19 -23.07 47.67
CA GLY E 252 -12.61 -24.36 48.25
C GLY E 252 -11.93 -25.60 47.67
N LYS E 253 -11.84 -25.75 46.35
CA LYS E 253 -10.98 -26.82 45.86
C LYS E 253 -9.63 -26.78 46.61
N LEU E 289 -13.34 -23.43 57.45
CA LEU E 289 -14.12 -22.58 58.34
C LEU E 289 -14.59 -21.28 57.65
N LEU E 290 -13.73 -20.65 56.86
CA LEU E 290 -14.17 -19.54 55.98
C LEU E 290 -15.31 -19.94 55.01
N ASN E 291 -15.27 -21.20 54.58
CA ASN E 291 -16.32 -21.73 53.72
C ASN E 291 -17.67 -21.72 54.41
N GLU E 292 -17.66 -21.96 55.71
CA GLU E 292 -18.88 -21.90 56.50
C GLU E 292 -19.43 -20.47 56.63
N MET E 293 -18.58 -19.47 56.77
CA MET E 293 -19.06 -18.07 56.73
C MET E 293 -19.69 -17.73 55.38
N ALA E 294 -19.11 -18.25 54.30
CA ALA E 294 -19.62 -17.99 52.96
C ALA E 294 -20.99 -18.64 52.84
N GLN E 295 -21.09 -19.89 53.28
CA GLN E 295 -22.38 -20.60 53.31
C GLN E 295 -23.43 -19.79 54.05
N GLN E 296 -23.09 -19.28 55.22
CA GLN E 296 -24.01 -18.45 55.99
C GLN E 296 -24.52 -17.25 55.19
N ARG E 297 -23.68 -16.69 54.32
CA ARG E 297 -24.04 -15.52 53.51
C ARG E 297 -24.79 -15.90 52.24
N GLY E 298 -24.92 -17.21 51.98
CA GLY E 298 -25.52 -17.67 50.73
C GLY E 298 -24.58 -17.54 49.54
N GLN E 299 -23.28 -17.57 49.80
CA GLN E 299 -22.27 -17.40 48.76
C GLN E 299 -21.35 -18.59 48.74
N SER E 300 -20.78 -18.87 47.57
CA SER E 300 -19.63 -19.75 47.53
C SER E 300 -18.45 -19.01 48.18
N MET E 301 -17.43 -19.74 48.53
CA MET E 301 -16.23 -19.15 49.03
C MET E 301 -15.63 -18.12 48.04
N ALA E 302 -15.60 -18.49 46.75
CA ALA E 302 -15.09 -17.61 45.69
C ALA E 302 -15.83 -16.31 45.70
N GLN E 303 -17.15 -16.37 45.73
CA GLN E 303 -17.95 -15.16 45.71
C GLN E 303 -17.65 -14.29 46.92
N MET E 304 -17.43 -14.91 48.08
CA MET E 304 -17.21 -14.12 49.29
C MET E 304 -15.84 -13.44 49.24
N ALA E 305 -14.84 -14.19 48.80
CA ALA E 305 -13.50 -13.62 48.61
C ALA E 305 -13.52 -12.38 47.69
N LEU E 306 -14.33 -12.42 46.63
CA LEU E 306 -14.42 -11.30 45.71
C LEU E 306 -15.22 -10.16 46.30
N SER E 307 -16.36 -10.49 46.90
CA SER E 307 -17.18 -9.48 47.58
C SER E 307 -16.36 -8.72 48.62
N TRP E 308 -15.51 -9.43 49.34
CA TRP E 308 -14.72 -8.82 50.39
C TRP E 308 -13.80 -7.76 49.87
N LEU E 309 -13.16 -8.03 48.73
CA LEU E 309 -12.31 -7.00 48.10
C LEU E 309 -13.13 -5.84 47.63
N LEU E 310 -14.33 -6.12 47.15
CA LEU E 310 -15.20 -5.09 46.59
C LEU E 310 -16.11 -4.43 47.62
N LYS E 311 -15.93 -4.78 48.89
CA LYS E 311 -16.77 -4.21 49.97
C LYS E 311 -16.61 -2.70 50.11
N ASP E 312 -15.50 -2.17 49.62
CA ASP E 312 -15.13 -0.77 49.74
C ASP E 312 -14.94 -0.14 48.40
N ASP E 313 -15.09 1.18 48.34
CA ASP E 313 -14.77 1.95 47.15
C ASP E 313 -13.25 2.03 46.95
N ARG E 314 -12.50 1.33 47.77
CA ARG E 314 -11.02 1.39 47.74
C ARG E 314 -10.38 0.63 46.58
N VAL E 315 -11.12 -0.36 46.09
CA VAL E 315 -10.72 -1.24 45.02
C VAL E 315 -11.63 -0.91 43.84
N THR E 316 -11.01 -0.57 42.71
CA THR E 316 -11.73 -0.27 41.48
C THR E 316 -12.27 -1.55 40.89
N SER E 317 -11.49 -2.61 40.92
CA SER E 317 -11.83 -3.84 40.22
C SER E 317 -11.01 -4.98 40.77
N VAL E 318 -11.53 -6.20 40.62
CA VAL E 318 -10.79 -7.40 41.01
C VAL E 318 -10.53 -8.14 39.68
N LEU E 319 -9.31 -8.60 39.50
CA LEU E 319 -8.86 -9.12 38.26
C LEU E 319 -8.85 -10.61 38.43
N ILE E 320 -9.90 -11.27 37.95
CA ILE E 320 -10.04 -12.70 38.04
C ILE E 320 -9.49 -13.43 36.82
N GLY E 321 -9.09 -14.69 37.02
CA GLY E 321 -8.80 -15.56 35.94
C GLY E 321 -9.96 -16.52 35.83
N ALA E 322 -10.01 -17.27 34.73
CA ALA E 322 -11.04 -18.24 34.53
C ALA E 322 -10.50 -19.25 33.53
N SER E 323 -10.83 -20.53 33.77
CA SER E 323 -10.47 -21.59 32.84
C SER E 323 -11.72 -22.09 32.09
N ARG E 324 -12.90 -21.64 32.49
CA ARG E 324 -14.12 -21.94 31.73
C ARG E 324 -15.21 -20.93 32.00
N ALA E 325 -16.18 -20.84 31.09
CA ALA E 325 -17.23 -19.79 31.19
C ALA E 325 -18.01 -19.81 32.49
N GLU E 326 -18.27 -21.02 33.00
CA GLU E 326 -19.15 -21.19 34.18
C GLU E 326 -18.56 -20.49 35.41
N GLN E 327 -17.23 -20.41 35.48
CA GLN E 327 -16.59 -19.69 36.58
C GLN E 327 -16.87 -18.19 36.53
N LEU E 328 -16.93 -17.61 35.34
CA LEU E 328 -17.30 -16.19 35.23
C LEU E 328 -18.70 -15.97 35.73
N GLU E 329 -19.61 -16.84 35.34
CA GLU E 329 -21.01 -16.74 35.74
C GLU E 329 -21.12 -16.77 37.23
N GLU E 330 -20.41 -17.67 37.88
CA GLU E 330 -20.43 -17.72 39.32
C GLU E 330 -19.83 -16.48 39.94
N ASN E 331 -18.66 -16.05 39.47
CA ASN E 331 -17.96 -14.98 40.13
C ASN E 331 -18.65 -13.65 40.11
N VAL E 332 -19.30 -13.31 38.99
CA VAL E 332 -19.93 -11.99 38.90
C VAL E 332 -21.10 -11.88 39.87
N GLN E 333 -21.64 -13.02 40.32
CA GLN E 333 -22.72 -12.97 41.32
C GLN E 333 -22.26 -12.49 42.69
N ALA E 334 -20.96 -12.38 42.90
CA ALA E 334 -20.41 -11.68 44.04
C ALA E 334 -21.01 -10.30 44.23
N LEU E 335 -21.38 -9.66 43.13
CA LEU E 335 -21.96 -8.33 43.19
C LEU E 335 -23.33 -8.28 43.89
N ASN E 336 -24.01 -9.41 44.02
CA ASN E 336 -25.29 -9.45 44.75
C ASN E 336 -25.16 -9.29 46.27
N ASN E 337 -23.96 -9.47 46.82
CA ASN E 337 -23.77 -9.31 48.25
C ASN E 337 -22.39 -8.72 48.58
N LEU E 338 -22.30 -7.40 48.49
CA LEU E 338 -21.08 -6.67 48.83
C LEU E 338 -21.05 -6.13 50.30
N THR E 339 -22.04 -6.45 51.13
CA THR E 339 -22.04 -5.93 52.52
C THR E 339 -21.50 -6.97 53.53
N PHE E 340 -20.64 -6.49 54.41
CA PHE E 340 -20.07 -7.30 55.52
C PHE E 340 -20.31 -6.61 56.87
N ASP E 354 -1.97 -14.07 57.49
CA ASP E 354 -1.31 -14.06 56.18
C ASP E 354 -1.05 -15.48 55.66
N GLY E 355 -1.27 -15.66 54.36
CA GLY E 355 -1.13 -16.96 53.71
C GLY E 355 0.25 -17.28 53.16
N GLU E 356 1.19 -16.32 53.26
CA GLU E 356 2.55 -16.44 52.72
C GLU E 356 2.51 -16.85 51.24
N LEU E 357 1.65 -16.18 50.47
CA LEU E 357 1.44 -16.53 49.05
C LEU E 357 1.66 -15.35 48.07
N ASN E 358 2.17 -14.22 48.57
CA ASN E 358 2.57 -13.12 47.70
C ASN E 358 3.89 -13.42 46.99
N LEU E 359 3.81 -14.09 45.84
CA LEU E 359 4.97 -14.42 44.99
C LEU E 359 5.55 -13.17 44.27
N TRP E 360 4.95 -11.97 44.43
CA TRP E 360 5.39 -10.71 43.81
C TRP E 360 5.84 -9.70 44.86
N GLN E 361 6.26 -10.23 46.00
CA GLN E 361 6.70 -9.41 47.13
C GLN E 361 8.08 -8.73 46.88
N ALA E 362 8.98 -9.40 46.11
CA ALA E 362 10.29 -8.81 45.72
C ALA E 362 10.11 -7.37 45.22
N SER E 363 9.12 -7.17 44.35
CA SER E 363 8.89 -5.84 43.77
C SER E 363 8.37 -4.81 44.82
N SER E 364 7.35 -5.19 45.62
CA SER E 364 6.69 -4.30 46.61
C SER E 364 7.56 -3.97 47.85
N ASP E 365 8.58 -4.80 48.13
CA ASP E 365 9.56 -4.54 49.21
C ASP E 365 10.64 -3.51 48.89
N LYS E 366 10.78 -3.12 47.63
CA LYS E 366 11.83 -2.16 47.24
C LYS E 366 11.38 -0.72 47.41
N TRP F 23 21.70 13.66 -15.00
CA TRP F 23 22.36 15.02 -14.80
C TRP F 23 23.32 15.07 -13.61
N LEU F 24 24.53 15.55 -13.88
CA LEU F 24 25.60 15.75 -12.88
C LEU F 24 25.89 17.25 -12.64
N ALA F 25 25.67 17.69 -11.40
CA ALA F 25 26.03 19.03 -10.96
C ALA F 25 27.55 19.30 -11.08
N ASN F 26 27.91 20.54 -11.31
CA ASN F 26 29.31 20.92 -11.34
C ASN F 26 30.07 20.49 -10.09
N PRO F 27 31.11 19.65 -10.22
CA PRO F 27 31.85 19.27 -9.02
C PRO F 27 32.51 20.42 -8.24
N GLU F 28 32.77 21.54 -8.90
CA GLU F 28 33.40 22.70 -8.25
C GLU F 28 32.38 23.69 -7.73
N ARG F 29 31.11 23.28 -7.64
CA ARG F 29 30.03 24.23 -7.31
C ARG F 29 30.21 24.88 -5.92
N TYR F 30 30.96 24.27 -5.00
CA TYR F 30 31.12 24.90 -3.72
C TYR F 30 32.42 25.72 -3.61
N GLY F 31 33.20 25.82 -4.71
CA GLY F 31 34.52 26.44 -4.68
C GLY F 31 34.50 27.95 -4.64
N GLN F 32 33.53 28.59 -5.30
CA GLN F 32 33.55 30.06 -5.42
C GLN F 32 32.48 30.81 -4.61
N MET F 33 31.29 30.24 -4.45
CA MET F 33 30.24 30.92 -3.66
C MET F 33 30.62 31.21 -2.22
N GLN F 34 30.19 32.35 -1.72
CA GLN F 34 30.38 32.71 -0.33
C GLN F 34 29.15 32.26 0.43
N TYR F 35 29.34 31.63 1.58
CA TYR F 35 28.24 31.26 2.47
C TYR F 35 28.31 32.05 3.74
N ARG F 36 27.17 32.47 4.27
CA ARG F 36 27.07 33.21 5.50
C ARG F 36 26.17 32.51 6.50
N TYR F 37 26.62 32.41 7.74
CA TYR F 37 25.77 31.91 8.82
C TYR F 37 24.57 32.78 8.91
N CYS F 38 23.40 32.14 8.97
CA CYS F 38 22.13 32.84 9.14
C CYS F 38 21.92 33.25 10.58
N GLY F 39 22.16 34.54 10.91
CA GLY F 39 22.01 35.02 12.28
C GLY F 39 22.91 34.23 13.22
N LYS F 40 22.41 33.77 14.37
CA LYS F 40 23.22 33.00 15.29
C LYS F 40 23.14 31.49 15.05
N SER F 41 22.42 31.05 14.03
CA SER F 41 22.21 29.63 13.78
C SER F 41 23.42 28.98 13.15
N GLY F 42 23.37 27.68 13.01
CA GLY F 42 24.40 26.96 12.29
C GLY F 42 24.12 26.79 10.80
N LEU F 43 23.07 27.43 10.27
CA LEU F 43 22.68 27.25 8.90
C LEU F 43 23.40 28.25 8.04
N ARG F 44 24.13 27.78 7.06
CA ARG F 44 24.83 28.70 6.19
C ARG F 44 24.05 28.86 4.90
N LEU F 45 23.57 30.08 4.63
CA LEU F 45 23.00 30.37 3.32
C LEU F 45 24.03 30.90 2.28
N PRO F 46 23.81 30.66 0.99
CA PRO F 46 24.65 31.30 0.00
C PRO F 46 24.38 32.80 0.01
N ALA F 47 25.41 33.61 -0.34
CA ALA F 47 25.34 35.06 -0.27
C ALA F 47 24.34 35.52 -1.28
N LEU F 48 24.20 34.77 -2.39
CA LEU F 48 23.08 34.97 -3.37
C LEU F 48 22.18 33.71 -3.38
N SER F 49 20.90 33.95 -3.20
CA SER F 49 19.85 32.89 -3.24
C SER F 49 18.96 33.18 -4.41
N LEU F 50 18.34 32.15 -4.97
CA LEU F 50 17.39 32.30 -6.06
C LEU F 50 15.93 32.26 -5.59
N GLY F 51 15.16 33.27 -5.97
CA GLY F 51 13.73 33.26 -5.78
C GLY F 51 12.94 32.88 -6.99
N LEU F 52 11.79 32.24 -6.78
CA LEU F 52 10.99 31.74 -7.88
C LEU F 52 9.67 32.53 -8.04
N TRP F 53 9.66 33.77 -7.54
CA TRP F 53 8.51 34.69 -7.70
C TRP F 53 8.13 34.84 -9.15
N HIS F 54 9.08 35.10 -10.03
CA HIS F 54 8.83 35.08 -11.47
C HIS F 54 9.67 34.09 -12.22
N ASN F 55 9.13 33.67 -13.35
CA ASN F 55 9.76 32.87 -14.36
C ASN F 55 9.64 31.37 -14.17
N PHE F 56 8.82 30.94 -13.19
CA PHE F 56 8.63 29.55 -12.93
C PHE F 56 7.15 29.11 -12.89
N GLY F 57 6.27 29.87 -13.56
CA GLY F 57 4.91 29.53 -13.67
C GLY F 57 4.65 28.59 -14.83
N HIS F 58 3.39 28.18 -14.94
CA HIS F 58 2.99 27.40 -16.12
C HIS F 58 3.02 28.21 -17.39
N VAL F 59 3.13 29.56 -17.29
CA VAL F 59 3.29 30.41 -18.50
C VAL F 59 4.73 30.43 -19.02
N ASN F 60 5.65 29.75 -18.31
CA ASN F 60 7.07 29.70 -18.67
C ASN F 60 7.45 28.28 -19.02
N ALA F 61 8.15 28.07 -20.12
CA ALA F 61 8.47 26.77 -20.53
C ALA F 61 9.36 26.06 -19.50
N LEU F 62 9.11 24.79 -19.26
CA LEU F 62 9.90 24.03 -18.32
C LEU F 62 11.40 23.97 -18.64
N GLU F 63 11.77 23.87 -19.91
CA GLU F 63 13.20 23.78 -20.25
C GLU F 63 13.96 25.05 -19.86
N SER F 64 13.34 26.23 -20.03
CA SER F 64 13.93 27.45 -19.56
C SER F 64 14.11 27.46 -18.04
N GLN F 65 13.11 26.97 -17.30
CA GLN F 65 13.18 26.89 -15.85
C GLN F 65 14.33 25.94 -15.45
N ARG F 66 14.41 24.81 -16.12
CA ARG F 66 15.44 23.80 -15.79
C ARG F 66 16.84 24.35 -15.94
N ALA F 67 17.04 25.12 -17.00
CA ALA F 67 18.39 25.66 -17.30
C ALA F 67 18.77 26.70 -16.21
N ILE F 68 17.80 27.44 -15.67
CA ILE F 68 18.04 28.36 -14.58
C ILE F 68 18.42 27.64 -13.27
N LEU F 69 17.68 26.63 -12.87
CA LEU F 69 17.93 25.95 -11.64
C LEU F 69 19.25 25.21 -11.71
N ARG F 70 19.55 24.57 -12.84
CA ARG F 70 20.84 23.84 -12.93
C ARG F 70 22.01 24.81 -12.80
N LYS F 71 21.89 25.96 -13.44
CA LYS F 71 22.99 26.97 -13.41
C LYS F 71 23.15 27.54 -11.99
N ALA F 72 22.03 27.80 -11.32
CA ALA F 72 22.07 28.29 -9.96
C ALA F 72 22.82 27.27 -9.06
N PHE F 73 22.47 26.02 -9.10
CA PHE F 73 23.15 25.00 -8.29
C PHE F 73 24.62 24.84 -8.70
N ASP F 74 24.91 24.91 -10.00
CA ASP F 74 26.28 24.81 -10.47
C ASP F 74 27.13 25.98 -9.97
N LEU F 75 26.52 27.14 -9.75
CA LEU F 75 27.22 28.31 -9.16
C LEU F 75 27.25 28.29 -7.60
N GLY F 76 26.74 27.22 -7.00
CA GLY F 76 26.76 27.05 -5.57
C GLY F 76 25.62 27.69 -4.87
N ILE F 77 24.63 28.15 -5.62
CA ILE F 77 23.43 28.68 -4.98
C ILE F 77 22.64 27.46 -4.52
N THR F 78 22.51 27.33 -3.21
CA THR F 78 21.89 26.16 -2.60
C THR F 78 20.49 26.49 -2.00
N HIS F 79 20.04 27.73 -2.12
CA HIS F 79 18.83 28.14 -1.49
C HIS F 79 17.86 28.65 -2.54
N PHE F 80 16.68 28.02 -2.58
CA PHE F 80 15.63 28.35 -3.50
C PHE F 80 14.42 28.77 -2.69
N ASP F 81 13.91 29.94 -3.00
CA ASP F 81 12.84 30.54 -2.21
C ASP F 81 11.55 30.52 -3.00
N LEU F 82 10.51 29.96 -2.39
CA LEU F 82 9.20 29.82 -3.00
C LEU F 82 8.12 30.37 -2.07
N ALA F 83 6.91 30.49 -2.59
CA ALA F 83 5.75 30.77 -1.77
C ALA F 83 4.60 30.06 -2.43
N ASN F 84 3.54 29.88 -1.67
CA ASN F 84 2.36 29.24 -2.23
C ASN F 84 1.88 29.86 -3.51
N ASN F 85 1.80 31.19 -3.55
CA ASN F 85 1.10 31.82 -4.67
C ASN F 85 2.03 32.21 -5.84
N TYR F 86 3.28 31.76 -5.83
CA TYR F 86 4.15 32.03 -6.97
C TYR F 86 3.75 31.28 -8.23
N GLY F 87 3.76 31.99 -9.35
CA GLY F 87 3.44 31.39 -10.65
C GLY F 87 3.71 32.37 -11.77
N PRO F 88 2.66 32.76 -12.56
CA PRO F 88 1.29 32.34 -12.49
C PRO F 88 1.03 31.03 -13.25
N PRO F 89 -0.05 30.35 -12.92
CA PRO F 89 -1.00 30.70 -11.83
C PRO F 89 -0.52 30.27 -10.44
N PRO F 90 -1.33 30.60 -9.41
CA PRO F 90 -0.84 30.39 -8.06
C PRO F 90 -0.55 28.93 -7.86
N GLY F 91 0.55 28.61 -7.18
CA GLY F 91 0.93 27.20 -7.00
C GLY F 91 1.81 26.58 -8.04
N SER F 92 1.91 27.21 -9.19
CA SER F 92 2.64 26.57 -10.31
C SER F 92 4.18 26.56 -10.18
N ALA F 93 4.76 27.56 -9.52
CA ALA F 93 6.16 27.55 -9.22
C ALA F 93 6.57 26.36 -8.36
N GLU F 94 5.81 26.13 -7.31
CA GLU F 94 6.00 25.04 -6.41
C GLU F 94 5.85 23.71 -7.13
N GLU F 95 4.81 23.56 -7.92
CA GLU F 95 4.67 22.32 -8.78
C GLU F 95 5.86 22.15 -9.77
N ASN F 96 6.19 23.20 -10.46
CA ASN F 96 7.35 23.08 -11.47
C ASN F 96 8.65 22.78 -10.75
N PHE F 97 8.83 23.40 -9.59
CA PHE F 97 10.00 23.11 -8.80
C PHE F 97 10.03 21.64 -8.37
N GLY F 98 8.90 21.14 -7.88
CA GLY F 98 8.81 19.76 -7.52
C GLY F 98 9.14 18.80 -8.61
N ARG F 99 8.69 19.12 -9.80
CA ARG F 99 9.04 18.32 -10.99
C ARG F 99 10.51 18.30 -11.30
N LEU F 100 11.13 19.48 -11.32
CA LEU F 100 12.54 19.57 -11.60
C LEU F 100 13.36 18.90 -10.47
N LEU F 101 12.87 18.97 -9.25
CA LEU F 101 13.56 18.34 -8.11
C LEU F 101 13.68 16.85 -8.31
N ARG F 102 12.55 16.26 -8.71
CA ARG F 102 12.41 14.84 -8.96
C ARG F 102 13.27 14.43 -10.15
N GLU F 103 13.24 15.22 -11.22
CA GLU F 103 14.02 14.90 -12.43
C GLU F 103 15.51 15.12 -12.26
N ASP F 104 15.94 16.27 -11.75
CA ASP F 104 17.36 16.62 -11.79
C ASP F 104 18.02 16.66 -10.43
N PHE F 105 17.24 16.80 -9.36
CA PHE F 105 17.83 16.97 -8.04
C PHE F 105 17.52 15.84 -7.10
N ALA F 106 17.23 14.66 -7.66
CA ALA F 106 16.88 13.50 -6.86
C ALA F 106 17.96 13.21 -5.81
N ALA F 107 19.20 13.29 -6.19
CA ALA F 107 20.29 12.94 -5.30
C ALA F 107 20.74 14.15 -4.50
N TYR F 108 20.14 15.33 -4.71
CA TYR F 108 20.69 16.58 -4.13
C TYR F 108 19.79 17.30 -3.09
N ARG F 109 18.64 16.72 -2.71
CA ARG F 109 17.71 17.40 -1.84
C ARG F 109 18.36 17.89 -0.55
N ASP F 110 19.22 17.06 0.04
CA ASP F 110 19.83 17.33 1.25
C ASP F 110 20.97 18.38 1.14
N GLU F 111 21.36 18.75 -0.08
CA GLU F 111 22.29 19.87 -0.30
C GLU F 111 21.47 21.15 -0.51
N LEU F 112 20.14 21.09 -0.44
CA LEU F 112 19.33 22.31 -0.81
C LEU F 112 18.56 22.85 0.37
N ILE F 113 18.33 24.18 0.39
CA ILE F 113 17.49 24.83 1.38
C ILE F 113 16.30 25.36 0.61
N ILE F 114 15.11 24.81 0.93
CA ILE F 114 13.91 25.14 0.17
C ILE F 114 13.01 25.81 1.12
N SER F 115 12.43 26.93 0.75
CA SER F 115 11.47 27.57 1.61
C SER F 115 10.12 27.69 0.92
N THR F 116 9.06 27.78 1.72
CA THR F 116 7.83 28.33 1.23
C THR F 116 7.19 29.24 2.28
N LYS F 117 6.06 29.81 1.91
CA LYS F 117 5.38 30.81 2.76
C LYS F 117 3.86 30.74 2.65
N ALA F 118 3.16 31.29 3.65
CA ALA F 118 1.75 31.62 3.52
C ALA F 118 1.47 32.93 4.20
N GLY F 119 0.61 33.72 3.58
CA GLY F 119 0.16 34.95 4.13
C GLY F 119 -0.63 35.84 3.15
N TYR F 120 -0.28 35.80 1.86
CA TYR F 120 -1.00 36.58 0.84
C TYR F 120 -2.16 35.75 0.29
N ASP F 121 -2.93 36.34 -0.61
CA ASP F 121 -4.10 35.67 -1.16
C ASP F 121 -3.61 34.46 -1.92
N MET F 122 -4.13 33.30 -1.57
CA MET F 122 -3.81 32.09 -2.31
C MET F 122 -5.05 31.45 -2.91
N TRP F 123 -6.07 31.22 -2.10
CA TRP F 123 -7.30 30.64 -2.59
C TRP F 123 -8.49 31.42 -2.07
N PRO F 124 -9.63 31.26 -2.71
CA PRO F 124 -10.74 32.15 -2.39
C PRO F 124 -11.28 31.93 -0.96
N GLY F 125 -11.86 32.98 -0.38
CA GLY F 125 -12.52 32.90 0.87
C GLY F 125 -11.71 33.29 2.08
N PRO F 126 -12.31 33.19 3.26
CA PRO F 126 -11.72 33.67 4.49
C PRO F 126 -10.58 32.83 5.06
N TYR F 127 -10.30 31.63 4.53
CA TYR F 127 -9.21 30.82 4.99
C TYR F 127 -8.06 30.78 3.96
N GLY F 128 -8.17 31.62 2.91
CA GLY F 128 -7.21 31.62 1.80
C GLY F 128 -6.17 32.73 1.80
N SER F 129 -6.10 33.46 2.90
CA SER F 129 -5.24 34.60 3.06
C SER F 129 -5.03 34.84 4.55
N GLY F 130 -4.00 35.57 4.91
CA GLY F 130 -3.83 36.05 6.29
C GLY F 130 -2.88 35.21 7.13
N GLY F 131 -3.09 35.21 8.44
CA GLY F 131 -2.21 34.49 9.38
C GLY F 131 -2.78 33.42 10.31
N SER F 132 -3.99 32.90 10.00
CA SER F 132 -4.66 31.96 10.90
C SER F 132 -3.93 30.59 10.85
N ARG F 133 -4.15 29.81 11.89
CA ARG F 133 -3.64 28.47 11.99
C ARG F 133 -4.24 27.65 10.85
N LYS F 134 -5.50 27.92 10.51
CA LYS F 134 -6.20 27.15 9.44
C LYS F 134 -5.50 27.38 8.10
N TYR F 135 -5.30 28.63 7.75
CA TYR F 135 -4.63 28.96 6.49
C TYR F 135 -3.18 28.48 6.44
N LEU F 136 -2.40 28.78 7.46
CA LEU F 136 -1.00 28.45 7.45
C LEU F 136 -0.78 26.94 7.38
N LEU F 137 -1.46 26.18 8.21
CA LEU F 137 -1.23 24.73 8.27
C LEU F 137 -1.85 23.99 7.03
N ALA F 138 -3.01 24.44 6.57
CA ALA F 138 -3.57 23.88 5.34
C ALA F 138 -2.63 24.23 4.18
N SER F 139 -2.14 25.46 4.17
CA SER F 139 -1.28 25.92 3.02
C SER F 139 0.03 25.17 2.98
N LEU F 140 0.69 25.02 4.11
CA LEU F 140 1.85 24.20 4.19
C LEU F 140 1.61 22.81 3.62
N ASP F 141 0.52 22.14 4.03
CA ASP F 141 0.21 20.82 3.46
C ASP F 141 0.09 20.85 1.93
N GLN F 142 -0.62 21.84 1.36
CA GLN F 142 -0.71 21.95 -0.08
C GLN F 142 0.66 22.20 -0.73
N SER F 143 1.48 23.06 -0.14
CA SER F 143 2.79 23.33 -0.68
C SER F 143 3.66 22.05 -0.67
N LEU F 144 3.66 21.32 0.42
CA LEU F 144 4.49 20.10 0.48
C LEU F 144 4.02 19.05 -0.58
N LYS F 145 2.71 18.96 -0.81
CA LYS F 145 2.19 18.08 -1.83
C LYS F 145 2.56 18.57 -3.25
N ARG F 146 2.43 19.87 -3.53
CA ARG F 146 2.78 20.40 -4.81
C ARG F 146 4.27 20.20 -5.11
N MET F 147 5.11 20.38 -4.13
CA MET F 147 6.56 20.21 -4.32
C MET F 147 7.05 18.75 -4.20
N GLY F 148 6.20 17.85 -3.69
CA GLY F 148 6.63 16.46 -3.52
C GLY F 148 7.62 16.28 -2.43
N LEU F 149 7.50 17.05 -1.32
CA LEU F 149 8.53 17.10 -0.24
C LEU F 149 7.92 16.68 1.07
N GLU F 150 8.69 16.00 1.91
CA GLU F 150 8.22 15.68 3.25
C GLU F 150 8.24 16.93 4.10
N TYR F 151 9.20 17.81 3.88
CA TYR F 151 9.30 19.06 4.65
C TYR F 151 10.02 20.10 3.85
N VAL F 152 9.82 21.36 4.24
CA VAL F 152 10.61 22.47 3.75
C VAL F 152 11.63 22.75 4.82
N ASP F 153 12.75 23.32 4.40
CA ASP F 153 13.74 23.82 5.29
C ASP F 153 13.31 25.01 6.06
N ILE F 154 12.60 25.93 5.41
CA ILE F 154 12.17 27.13 6.05
C ILE F 154 10.72 27.38 5.68
N PHE F 155 9.85 27.48 6.70
CA PHE F 155 8.46 27.93 6.45
C PHE F 155 8.24 29.32 7.01
N TYR F 156 7.62 30.20 6.21
CA TYR F 156 7.43 31.56 6.63
C TYR F 156 6.00 31.99 6.79
N SER F 157 5.76 32.84 7.79
CA SER F 157 4.63 33.78 7.70
C SER F 157 5.01 34.89 6.73
N HIS F 158 4.22 35.03 5.67
CA HIS F 158 4.62 35.81 4.47
C HIS F 158 4.40 37.27 4.68
N ARG F 159 3.54 37.61 5.63
CA ARG F 159 3.31 39.00 5.93
C ARG F 159 2.61 39.10 7.23
N VAL F 160 2.44 40.33 7.71
CA VAL F 160 1.72 40.59 8.93
C VAL F 160 0.21 40.52 8.71
N ASP F 161 -0.50 39.86 9.61
CA ASP F 161 -1.94 39.88 9.63
C ASP F 161 -2.32 40.54 10.94
N GLU F 162 -2.82 41.77 10.90
CA GLU F 162 -3.10 42.52 12.12
C GLU F 162 -4.37 42.01 12.80
N ASN F 163 -5.17 41.22 12.09
CA ASN F 163 -6.38 40.63 12.65
C ASN F 163 -6.23 39.24 13.19
N THR F 164 -5.05 38.65 13.09
CA THR F 164 -4.81 37.39 13.77
C THR F 164 -3.82 37.64 14.85
N PRO F 165 -4.12 37.23 16.07
CA PRO F 165 -3.09 37.37 17.06
C PRO F 165 -1.83 36.61 16.76
N MET F 166 -0.70 37.26 17.01
CA MET F 166 0.59 36.67 16.70
C MET F 166 0.84 35.39 17.43
N GLU F 167 0.21 35.22 18.58
CA GLU F 167 0.25 33.95 19.31
C GLU F 167 -0.24 32.78 18.43
N GLU F 168 -1.27 33.04 17.63
CA GLU F 168 -1.86 32.00 16.79
C GLU F 168 -0.84 31.69 15.64
N THR F 169 -0.35 32.75 14.99
CA THR F 169 0.59 32.58 13.85
C THR F 169 1.79 31.83 14.37
N ALA F 170 2.31 32.23 15.52
CA ALA F 170 3.54 31.63 16.06
C ALA F 170 3.35 30.20 16.38
N SER F 171 2.22 29.87 17.02
CA SER F 171 1.92 28.53 17.36
C SER F 171 1.75 27.63 16.12
N ALA F 172 1.21 28.15 15.04
CA ALA F 172 1.15 27.42 13.78
C ALA F 172 2.52 27.13 13.24
N LEU F 173 3.41 28.13 13.31
CA LEU F 173 4.78 27.91 12.84
C LEU F 173 5.43 26.85 13.73
N ALA F 174 5.14 26.88 15.05
CA ALA F 174 5.74 25.93 15.97
C ALA F 174 5.25 24.53 15.64
N HIS F 175 3.97 24.43 15.29
CA HIS F 175 3.42 23.10 14.99
C HIS F 175 4.05 22.53 13.74
N ALA F 176 4.32 23.39 12.80
CA ALA F 176 5.02 22.95 11.61
C ALA F 176 6.37 22.33 11.94
N VAL F 177 7.12 22.98 12.82
CA VAL F 177 8.43 22.46 13.23
C VAL F 177 8.27 21.16 14.02
N GLN F 178 7.42 21.19 15.04
CA GLN F 178 7.19 20.01 15.89
C GLN F 178 6.73 18.80 15.15
N SER F 179 5.87 19.03 14.21
CA SER F 179 5.38 17.92 13.37
C SER F 179 6.34 17.49 12.27
N GLY F 180 7.47 18.15 12.08
CA GLY F 180 8.44 17.67 11.08
C GLY F 180 8.10 18.11 9.67
N LYS F 181 7.23 19.12 9.51
CA LYS F 181 6.98 19.65 8.20
C LYS F 181 7.88 20.81 7.77
N ALA F 182 8.58 21.42 8.72
CA ALA F 182 9.46 22.53 8.47
C ALA F 182 10.66 22.41 9.45
N LEU F 183 11.92 22.54 8.97
CA LEU F 183 13.09 22.42 9.87
C LEU F 183 13.27 23.70 10.67
N TYR F 184 12.95 24.87 10.04
CA TYR F 184 13.11 26.15 10.65
C TYR F 184 11.96 27.04 10.19
N VAL F 185 11.78 28.14 10.88
CA VAL F 185 10.71 29.09 10.51
C VAL F 185 11.23 30.48 10.35
N GLY F 186 10.49 31.27 9.56
CA GLY F 186 10.88 32.63 9.32
C GLY F 186 9.65 33.51 9.19
N ILE F 187 9.92 34.82 9.11
CA ILE F 187 8.89 35.81 8.85
C ILE F 187 9.33 36.75 7.75
N SER F 188 8.35 37.41 7.13
CA SER F 188 8.66 38.31 6.08
C SER F 188 7.82 39.59 6.20
N SER F 189 8.50 40.72 6.05
CA SER F 189 7.87 42.06 6.10
C SER F 189 7.20 42.41 7.45
N TYR F 190 7.75 41.93 8.55
CA TYR F 190 7.29 42.30 9.88
C TYR F 190 8.12 43.49 10.39
N SER F 191 7.45 44.46 11.05
CA SER F 191 8.10 45.61 11.68
C SER F 191 9.07 45.10 12.74
N PRO F 192 10.06 45.96 13.15
CA PRO F 192 10.91 45.55 14.25
C PRO F 192 10.12 45.14 15.54
N GLU F 193 9.06 45.84 15.87
CA GLU F 193 8.30 45.54 17.07
C GLU F 193 7.61 44.19 16.93
N ARG F 194 7.02 43.92 15.77
CA ARG F 194 6.32 42.63 15.61
C ARG F 194 7.32 41.48 15.54
N THR F 195 8.48 41.74 14.98
CA THR F 195 9.55 40.78 14.88
C THR F 195 9.99 40.36 16.25
N GLN F 196 10.20 41.35 17.10
CA GLN F 196 10.63 41.11 18.48
C GLN F 196 9.59 40.27 19.20
N LYS F 197 8.33 40.58 19.00
CA LYS F 197 7.24 39.79 19.62
C LYS F 197 7.26 38.34 19.11
N MET F 198 7.46 38.13 17.80
CA MET F 198 7.47 36.81 17.23
C MET F 198 8.67 36.02 17.76
N VAL F 199 9.82 36.68 17.98
CA VAL F 199 10.99 36.00 18.57
C VAL F 199 10.61 35.48 19.92
N GLU F 200 9.88 36.30 20.69
CA GLU F 200 9.55 35.96 22.05
C GLU F 200 8.52 34.86 22.10
N LEU F 201 7.49 34.94 21.26
CA LEU F 201 6.44 33.87 21.21
C LEU F 201 7.01 32.54 20.77
N LEU F 202 7.91 32.55 19.78
CA LEU F 202 8.52 31.31 19.34
C LEU F 202 9.46 30.74 20.42
N ARG F 203 10.15 31.59 21.17
CA ARG F 203 11.03 31.14 22.29
C ARG F 203 10.25 30.41 23.34
N GLU F 204 9.01 30.80 23.52
CA GLU F 204 8.14 30.04 24.47
C GLU F 204 7.96 28.60 24.03
N TRP F 205 8.20 28.33 22.74
CA TRP F 205 8.14 26.96 22.24
C TRP F 205 9.50 26.36 22.12
N LYS F 206 10.53 27.06 22.59
CA LYS F 206 11.95 26.72 22.39
C LYS F 206 12.31 26.60 20.93
N ILE F 207 11.75 27.46 20.10
CA ILE F 207 12.15 27.54 18.69
C ILE F 207 12.74 28.94 18.44
N PRO F 208 13.98 29.02 17.91
CA PRO F 208 14.55 30.35 17.56
C PRO F 208 14.12 30.74 16.19
N LEU F 209 13.65 31.97 16.02
CA LEU F 209 13.30 32.48 14.74
C LEU F 209 14.54 32.51 13.89
N LEU F 210 14.54 31.82 12.76
CA LEU F 210 15.77 31.72 11.92
C LEU F 210 16.06 32.98 11.16
N ILE F 211 15.02 33.54 10.50
CA ILE F 211 15.28 34.48 9.43
C ILE F 211 14.10 35.46 9.24
N HIS F 212 14.44 36.65 8.76
CA HIS F 212 13.48 37.72 8.35
C HIS F 212 13.77 38.03 6.92
N GLN F 213 12.75 38.08 6.09
CA GLN F 213 12.89 38.42 4.68
C GLN F 213 12.14 39.77 4.40
N PRO F 214 12.89 40.89 4.35
CA PRO F 214 12.31 42.20 4.05
C PRO F 214 12.64 42.66 2.65
N SER F 215 11.82 43.55 2.10
CA SER F 215 12.22 44.18 0.84
C SER F 215 13.34 45.16 1.25
N TYR F 216 14.44 45.14 0.52
CA TYR F 216 15.60 45.92 0.87
C TYR F 216 16.47 46.07 -0.38
N ASN F 217 16.73 47.29 -0.78
CA ASN F 217 17.67 47.61 -1.87
C ASN F 217 18.11 49.04 -1.76
N LEU F 218 19.04 49.44 -2.63
CA LEU F 218 19.59 50.81 -2.58
C LEU F 218 18.49 51.89 -2.55
N LEU F 219 17.36 51.64 -3.21
CA LEU F 219 16.26 52.60 -3.32
C LEU F 219 15.08 52.33 -2.34
N ASN F 220 15.27 51.45 -1.35
CA ASN F 220 14.21 51.08 -0.40
C ASN F 220 14.86 50.62 0.86
N ARG F 221 15.00 51.55 1.80
CA ARG F 221 15.74 51.33 3.01
C ARG F 221 14.96 51.49 4.29
N TRP F 222 13.69 51.12 4.28
CA TRP F 222 12.94 51.06 5.51
C TRP F 222 13.63 50.20 6.51
N VAL F 223 14.33 49.17 6.05
CA VAL F 223 15.03 48.28 6.97
C VAL F 223 16.06 49.03 7.83
N ASP F 224 16.81 49.94 7.19
CA ASP F 224 17.86 50.71 7.89
C ASP F 224 17.13 51.70 8.84
N LYS F 225 16.25 52.51 8.24
CA LYS F 225 15.55 53.58 8.93
C LYS F 225 14.72 53.10 10.12
N SER F 226 14.07 51.92 9.96
CA SER F 226 13.23 51.39 11.04
C SER F 226 14.02 50.80 12.21
N GLY F 227 15.29 50.48 12.03
CA GLY F 227 16.03 49.77 13.09
C GLY F 227 15.95 48.24 13.02
N LEU F 228 15.47 47.72 11.90
CA LEU F 228 15.24 46.28 11.80
C LEU F 228 16.51 45.52 11.91
N LEU F 229 17.57 45.96 11.24
CA LEU F 229 18.81 45.23 11.31
C LEU F 229 19.34 45.09 12.76
N ASP F 230 19.07 46.08 13.61
CA ASP F 230 19.48 45.98 15.00
C ASP F 230 18.63 44.92 15.71
N THR F 231 17.32 44.96 15.51
CA THR F 231 16.45 43.92 16.10
C THR F 231 16.92 42.50 15.70
N LEU F 232 17.27 42.33 14.43
CA LEU F 232 17.67 41.05 13.91
C LEU F 232 18.99 40.59 14.52
N GLN F 233 20.00 41.46 14.49
CA GLN F 233 21.28 41.14 15.16
C GLN F 233 21.16 40.88 16.65
N ASN F 234 20.41 41.72 17.35
CA ASN F 234 20.22 41.48 18.77
C ASN F 234 19.60 40.12 19.07
N ASN F 235 18.79 39.60 18.15
CA ASN F 235 18.05 38.37 18.44
C ASN F 235 18.66 37.19 17.71
N GLY F 236 19.78 37.40 17.04
CA GLY F 236 20.40 36.37 16.22
C GLY F 236 19.63 35.90 15.01
N VAL F 237 18.80 36.76 14.45
CA VAL F 237 17.95 36.40 13.32
C VAL F 237 18.62 36.84 12.01
N GLY F 238 18.67 35.96 11.04
CA GLY F 238 19.23 36.25 9.72
C GLY F 238 18.34 37.20 8.91
N CYS F 239 18.89 37.73 7.83
CA CYS F 239 18.18 38.69 6.96
C CYS F 239 18.43 38.31 5.53
N ILE F 240 17.38 38.05 4.76
CA ILE F 240 17.52 37.81 3.35
C ILE F 240 16.73 38.87 2.55
N ALA F 241 17.45 39.65 1.72
CA ALA F 241 16.88 40.85 1.11
C ALA F 241 16.14 40.51 -0.14
N PHE F 242 14.89 40.90 -0.20
CA PHE F 242 14.14 40.63 -1.41
C PHE F 242 13.93 41.84 -2.29
N THR F 243 13.72 41.59 -3.57
CA THR F 243 13.81 42.61 -4.64
C THR F 243 15.10 43.47 -4.50
N PRO F 244 16.25 42.80 -4.37
CA PRO F 244 17.50 43.54 -4.17
C PRO F 244 17.91 44.40 -5.35
N LEU F 245 17.33 44.16 -6.53
CA LEU F 245 17.59 44.99 -7.72
C LEU F 245 16.42 45.89 -8.04
N ALA F 246 15.55 46.12 -7.08
CA ALA F 246 14.29 46.85 -7.27
C ALA F 246 13.58 46.36 -8.54
N GLN F 247 13.58 45.02 -8.69
CA GLN F 247 12.94 44.31 -9.81
C GLN F 247 13.60 44.42 -11.21
N GLY F 248 14.80 45.01 -11.27
CA GLY F 248 15.45 45.41 -12.52
C GLY F 248 15.76 46.91 -12.71
N LEU F 249 15.08 47.77 -11.96
CA LEU F 249 15.40 49.21 -11.95
C LEU F 249 16.91 49.48 -11.68
N LEU F 250 17.52 48.71 -10.79
CA LEU F 250 18.92 48.87 -10.43
C LEU F 250 19.80 48.04 -11.32
N THR F 251 19.37 47.86 -12.55
CA THR F 251 20.20 47.38 -13.62
C THR F 251 20.16 48.54 -14.61
N LEU F 284 16.30 59.42 -13.33
CA LEU F 284 17.12 58.95 -14.48
C LEU F 284 18.53 59.50 -14.42
N ASN F 285 18.64 60.78 -14.10
CA ASN F 285 19.93 61.47 -14.03
C ASN F 285 20.78 60.86 -12.89
N SER F 286 20.10 60.55 -11.78
CA SER F 286 20.74 59.86 -10.65
C SER F 286 21.12 58.42 -10.97
N LEU F 287 20.23 57.70 -11.66
CA LEU F 287 20.51 56.33 -12.06
C LEU F 287 21.72 56.33 -12.99
N ARG F 288 21.79 57.33 -13.86
CA ARG F 288 22.97 57.50 -14.71
C ARG F 288 24.26 57.67 -13.89
N LEU F 289 24.19 58.46 -12.83
CA LEU F 289 25.38 58.70 -12.00
C LEU F 289 25.73 57.45 -11.17
N LEU F 290 24.73 56.79 -10.61
CA LEU F 290 24.97 55.51 -9.97
C LEU F 290 25.62 54.49 -10.91
N ASN F 291 25.20 54.49 -12.17
CA ASN F 291 25.85 53.63 -13.16
C ASN F 291 27.32 53.97 -13.36
N GLU F 292 27.62 55.28 -13.33
CA GLU F 292 29.00 55.74 -13.47
C GLU F 292 29.85 55.36 -12.25
N MET F 293 29.27 55.39 -11.05
CA MET F 293 29.98 54.85 -9.87
C MET F 293 30.25 53.34 -10.01
N ALA F 294 29.28 52.60 -10.57
CA ALA F 294 29.46 51.16 -10.79
C ALA F 294 30.61 50.95 -11.78
N GLN F 295 30.56 51.68 -12.88
CA GLN F 295 31.67 51.63 -13.87
C GLN F 295 33.02 51.90 -13.23
N GLN F 296 33.11 52.92 -12.38
CA GLN F 296 34.36 53.22 -11.67
C GLN F 296 34.86 52.04 -10.83
N ARG F 297 33.92 51.25 -10.28
CA ARG F 297 34.28 50.09 -9.48
C ARG F 297 34.58 48.84 -10.32
N GLY F 298 34.39 48.94 -11.62
CA GLY F 298 34.54 47.79 -12.50
C GLY F 298 33.36 46.81 -12.40
N GLN F 299 32.17 47.33 -12.07
CA GLN F 299 30.97 46.54 -11.91
C GLN F 299 29.83 47.05 -12.78
N SER F 300 28.92 46.16 -13.13
CA SER F 300 27.65 46.60 -13.67
C SER F 300 26.88 47.21 -12.53
N MET F 301 25.87 47.97 -12.87
CA MET F 301 24.97 48.52 -11.89
C MET F 301 24.32 47.42 -11.00
N ALA F 302 23.89 46.32 -11.62
CA ALA F 302 23.31 45.15 -10.92
C ALA F 302 24.29 44.61 -9.90
N GLN F 303 25.54 44.38 -10.30
CA GLN F 303 26.52 43.88 -9.38
C GLN F 303 26.75 44.84 -8.22
N MET F 304 26.73 46.16 -8.46
CA MET F 304 27.01 47.12 -7.38
C MET F 304 25.84 47.11 -6.41
N ALA F 305 24.64 47.06 -6.94
CA ALA F 305 23.44 47.01 -6.08
C ALA F 305 23.47 45.84 -5.14
N LEU F 306 23.92 44.69 -5.64
CA LEU F 306 24.02 43.51 -4.79
C LEU F 306 25.17 43.59 -3.79
N SER F 307 26.34 44.00 -4.26
CA SER F 307 27.49 44.20 -3.38
C SER F 307 27.17 45.16 -2.25
N TRP F 308 26.39 46.20 -2.55
CA TRP F 308 26.00 47.14 -1.54
C TRP F 308 25.21 46.52 -0.42
N LEU F 309 24.23 45.64 -0.75
CA LEU F 309 23.47 45.00 0.27
C LEU F 309 24.35 44.05 1.07
N LEU F 310 25.32 43.41 0.39
CA LEU F 310 26.23 42.44 1.02
C LEU F 310 27.47 43.08 1.68
N LYS F 311 27.55 44.39 1.69
CA LYS F 311 28.78 45.10 2.20
C LYS F 311 28.95 44.87 3.70
N ASP F 312 27.88 44.49 4.37
CA ASP F 312 27.84 44.30 5.81
C ASP F 312 27.55 42.86 6.16
N ASP F 313 27.95 42.43 7.35
CA ASP F 313 27.54 41.14 7.90
C ASP F 313 26.09 41.17 8.29
N ARG F 314 25.40 42.26 8.02
CA ARG F 314 24.06 42.48 8.50
C ARG F 314 23.02 41.70 7.68
N VAL F 315 23.40 41.39 6.46
CA VAL F 315 22.59 40.74 5.49
C VAL F 315 23.20 39.38 5.25
N THR F 316 22.39 38.33 5.47
CA THR F 316 22.80 36.97 5.25
C THR F 316 22.86 36.63 3.77
N SER F 317 21.89 37.12 2.98
CA SER F 317 21.80 36.73 1.57
C SER F 317 20.99 37.76 0.83
N VAL F 318 21.19 37.84 -0.49
CA VAL F 318 20.30 38.67 -1.37
C VAL F 318 19.57 37.70 -2.29
N LEU F 319 18.29 37.93 -2.44
CA LEU F 319 17.41 36.98 -3.05
C LEU F 319 17.13 37.52 -4.42
N ILE F 320 17.87 37.05 -5.42
CA ILE F 320 17.73 37.52 -6.77
C ILE F 320 16.69 36.65 -7.53
N GLY F 321 16.11 37.25 -8.57
CA GLY F 321 15.37 36.53 -9.57
C GLY F 321 16.22 36.43 -10.81
N ALA F 322 15.83 35.57 -11.73
CA ALA F 322 16.53 35.42 -12.99
C ALA F 322 15.55 34.90 -14.00
N SER F 323 15.68 35.37 -15.24
CA SER F 323 14.89 34.86 -16.36
C SER F 323 15.75 34.07 -17.31
N ARG F 324 17.05 34.10 -17.11
CA ARG F 324 17.95 33.22 -17.87
C ARG F 324 19.26 32.97 -17.12
N ALA F 325 19.95 31.91 -17.47
CA ALA F 325 21.19 31.49 -16.78
C ALA F 325 22.28 32.56 -16.76
N GLU F 326 22.41 33.32 -17.85
CA GLU F 326 23.48 34.35 -17.97
C GLU F 326 23.39 35.43 -16.87
N GLN F 327 22.17 35.69 -16.38
CA GLN F 327 21.96 36.69 -15.34
C GLN F 327 22.50 36.21 -14.02
N LEU F 328 22.38 34.92 -13.75
CA LEU F 328 23.02 34.36 -12.57
C LEU F 328 24.53 34.51 -12.64
N GLU F 329 25.12 34.21 -13.79
CA GLU F 329 26.59 34.28 -13.95
C GLU F 329 27.11 35.71 -13.71
N GLU F 330 26.42 36.72 -14.24
CA GLU F 330 26.74 38.06 -13.95
C GLU F 330 26.57 38.43 -12.47
N ASN F 331 25.41 38.09 -11.85
CA ASN F 331 25.13 38.53 -10.51
C ASN F 331 26.09 38.00 -9.44
N VAL F 332 26.50 36.72 -9.54
CA VAL F 332 27.35 36.14 -8.52
C VAL F 332 28.72 36.82 -8.50
N GLN F 333 29.11 37.45 -9.62
CA GLN F 333 30.37 38.17 -9.62
C GLN F 333 30.39 39.42 -8.72
N ALA F 334 29.22 39.84 -8.21
CA ALA F 334 29.13 40.87 -7.14
C ALA F 334 30.07 40.56 -6.01
N LEU F 335 30.28 39.27 -5.77
CA LEU F 335 31.15 38.84 -4.69
C LEU F 335 32.61 39.19 -4.85
N ASN F 336 33.04 39.52 -6.06
CA ASN F 336 34.40 40.01 -6.29
C ASN F 336 34.69 41.42 -5.74
N ASN F 337 33.65 42.20 -5.44
CA ASN F 337 33.85 43.53 -4.88
C ASN F 337 32.77 43.90 -3.87
N LEU F 338 32.95 43.45 -2.64
CA LEU F 338 32.06 43.81 -1.54
C LEU F 338 32.48 45.04 -0.69
N THR F 339 33.54 45.74 -1.08
CA THR F 339 34.02 46.89 -0.29
C THR F 339 33.52 48.19 -0.85
N PHE F 340 33.05 49.05 0.04
CA PHE F 340 32.71 50.43 -0.27
C PHE F 340 33.44 51.35 0.69
N SER F 341 34.07 52.40 0.19
CA SER F 341 34.65 53.43 1.06
C SER F 341 33.52 54.28 1.67
N THR F 342 33.83 54.98 2.76
CA THR F 342 32.91 55.93 3.38
C THR F 342 32.46 56.94 2.38
N LYS F 343 33.37 57.35 1.51
CA LYS F 343 33.09 58.40 0.55
C LYS F 343 32.01 57.88 -0.41
N GLU F 344 32.24 56.68 -0.93
CA GLU F 344 31.29 55.99 -1.85
C GLU F 344 29.91 55.91 -1.26
N LEU F 345 29.84 55.49 -0.02
CA LEU F 345 28.54 55.36 0.62
C LEU F 345 27.82 56.71 0.71
N ALA F 346 28.58 57.78 0.89
CA ALA F 346 28.00 59.12 0.95
C ALA F 346 27.53 59.52 -0.42
N GLN F 347 28.39 59.34 -1.42
CA GLN F 347 28.04 59.74 -2.78
C GLN F 347 26.81 58.99 -3.27
N ILE F 348 26.72 57.69 -2.93
CA ILE F 348 25.55 56.88 -3.31
C ILE F 348 24.31 57.51 -2.70
N ASP F 349 24.31 57.69 -1.38
CA ASP F 349 23.18 58.37 -0.72
C ASP F 349 22.88 59.78 -1.33
N GLN F 350 23.92 60.52 -1.68
CA GLN F 350 23.74 61.86 -2.25
C GLN F 350 23.03 61.81 -3.58
N HIS F 351 23.44 60.90 -4.44
CA HIS F 351 22.77 60.82 -5.72
C HIS F 351 21.36 60.35 -5.56
N ILE F 352 21.15 59.48 -4.57
CA ILE F 352 19.95 58.67 -4.40
C ILE F 352 19.20 58.91 -3.14
N VAL G 22 -19.37 17.10 -13.09
CA VAL G 22 -18.50 17.86 -12.12
C VAL G 22 -19.35 19.00 -11.58
N TRP G 23 -19.08 19.45 -10.35
CA TRP G 23 -19.81 20.60 -9.78
C TRP G 23 -18.92 21.80 -9.50
N LEU G 24 -19.38 22.98 -9.95
CA LEU G 24 -18.76 24.29 -9.71
C LEU G 24 -19.58 25.16 -8.75
N ALA G 25 -18.98 25.46 -7.61
CA ALA G 25 -19.57 26.39 -6.65
C ALA G 25 -19.76 27.81 -7.31
N ASN G 26 -20.74 28.52 -6.80
CA ASN G 26 -20.99 29.89 -7.22
C ASN G 26 -19.75 30.78 -7.07
N PRO G 27 -19.19 31.31 -8.18
CA PRO G 27 -18.06 32.20 -8.05
C PRO G 27 -18.27 33.44 -7.15
N GLU G 28 -19.51 33.88 -6.97
CA GLU G 28 -19.78 35.05 -6.13
C GLU G 28 -20.09 34.67 -4.69
N ARG G 29 -19.76 33.43 -4.29
CA ARG G 29 -20.16 32.93 -2.97
C ARG G 29 -19.63 33.73 -1.83
N TYR G 30 -18.53 34.45 -2.02
CA TYR G 30 -17.99 35.22 -0.92
C TYR G 30 -18.38 36.71 -0.97
N GLY G 31 -19.26 37.09 -1.91
CA GLY G 31 -19.65 38.48 -2.12
C GLY G 31 -20.66 39.05 -1.16
N GLN G 32 -21.57 38.23 -0.64
CA GLN G 32 -22.63 38.71 0.25
C GLN G 32 -22.51 38.30 1.73
N MET G 33 -22.02 37.10 2.03
CA MET G 33 -21.95 36.67 3.42
C MET G 33 -21.07 37.54 4.27
N GLN G 34 -21.45 37.69 5.53
CA GLN G 34 -20.64 38.38 6.49
C GLN G 34 -19.83 37.31 7.25
N TYR G 35 -18.54 37.57 7.46
CA TYR G 35 -17.67 36.73 8.27
C TYR G 35 -17.21 37.48 9.51
N ARG G 36 -17.15 36.79 10.64
CA ARG G 36 -16.81 37.36 11.94
C ARG G 36 -15.63 36.58 12.53
N TYR G 37 -14.64 37.31 13.03
CA TYR G 37 -13.55 36.69 13.75
C TYR G 37 -14.12 35.97 14.95
N CYS G 38 -13.66 34.74 15.16
CA CYS G 38 -14.08 33.96 16.28
C CYS G 38 -13.30 34.38 17.52
N GLY G 39 -13.91 35.15 18.42
CA GLY G 39 -13.22 35.57 19.68
C GLY G 39 -11.96 36.34 19.31
N LYS G 40 -10.85 36.05 19.98
CA LYS G 40 -9.60 36.77 19.66
C LYS G 40 -8.74 36.02 18.63
N SER G 41 -9.23 34.90 18.09
CA SER G 41 -8.51 34.12 17.07
C SER G 41 -8.49 34.78 15.68
N GLY G 42 -7.72 34.20 14.75
CA GLY G 42 -7.74 34.65 13.38
C GLY G 42 -8.73 33.91 12.48
N LEU G 43 -9.57 33.07 13.07
CA LEU G 43 -10.53 32.23 12.29
C LEU G 43 -11.81 32.97 12.09
N ARG G 44 -12.15 33.23 10.85
CA ARG G 44 -13.39 33.92 10.55
C ARG G 44 -14.53 32.94 10.18
N LEU G 45 -15.56 32.86 11.02
CA LEU G 45 -16.71 32.05 10.73
C LEU G 45 -17.78 32.85 9.96
N PRO G 46 -18.55 32.17 9.08
CA PRO G 46 -19.72 32.88 8.50
C PRO G 46 -20.75 33.19 9.58
N ALA G 47 -21.49 34.32 9.39
CA ALA G 47 -22.38 34.82 10.45
C ALA G 47 -23.50 33.80 10.60
N LEU G 48 -23.83 33.06 9.52
CA LEU G 48 -24.66 31.90 9.58
C LEU G 48 -23.85 30.64 9.23
N SER G 49 -23.90 29.66 10.11
CA SER G 49 -23.29 28.33 9.88
C SER G 49 -24.43 27.30 9.72
N LEU G 50 -24.16 26.17 9.06
CA LEU G 50 -25.11 25.10 8.96
C LEU G 50 -24.77 23.90 9.84
N GLY G 51 -25.75 23.49 10.63
CA GLY G 51 -25.66 22.30 11.43
C GLY G 51 -26.34 21.09 10.81
N LEU G 52 -25.79 19.89 11.06
CA LEU G 52 -26.29 18.67 10.43
C LEU G 52 -27.00 17.74 11.44
N TRP G 53 -27.49 18.33 12.55
CA TRP G 53 -28.22 17.58 13.57
C TRP G 53 -29.41 16.89 12.99
N HIS G 54 -30.20 17.60 12.18
CA HIS G 54 -31.28 16.93 11.44
C HIS G 54 -31.14 17.08 9.96
N ASN G 55 -31.76 16.13 9.26
CA ASN G 55 -31.91 16.11 7.81
C ASN G 55 -30.76 15.49 7.02
N PHE G 56 -29.82 14.84 7.70
CA PHE G 56 -28.66 14.28 7.07
C PHE G 56 -28.36 12.87 7.52
N GLY G 57 -29.39 12.18 8.00
CA GLY G 57 -29.28 10.79 8.34
C GLY G 57 -29.51 9.87 7.15
N HIS G 58 -29.35 8.59 7.39
CA HIS G 58 -29.74 7.58 6.40
C HIS G 58 -31.23 7.50 6.16
N VAL G 59 -32.05 8.10 7.02
CA VAL G 59 -33.50 8.24 6.75
C VAL G 59 -33.84 9.37 5.78
N ASN G 60 -32.84 10.13 5.34
CA ASN G 60 -33.03 11.27 4.44
C ASN G 60 -32.29 11.01 3.12
N ALA G 61 -32.97 11.21 1.99
CA ALA G 61 -32.35 10.92 0.66
C ALA G 61 -31.09 11.76 0.46
N LEU G 62 -30.06 11.14 -0.09
CA LEU G 62 -28.81 11.81 -0.32
C LEU G 62 -28.92 12.97 -1.28
N GLU G 63 -29.80 12.87 -2.27
CA GLU G 63 -30.00 14.00 -3.18
C GLU G 63 -30.53 15.25 -2.47
N SER G 64 -31.42 15.09 -1.51
CA SER G 64 -31.94 16.22 -0.76
C SER G 64 -30.85 16.89 0.09
N GLN G 65 -30.00 16.07 0.71
CA GLN G 65 -28.87 16.55 1.47
C GLN G 65 -27.93 17.33 0.56
N ARG G 66 -27.63 16.79 -0.61
CA ARG G 66 -26.66 17.39 -1.54
C ARG G 66 -27.14 18.79 -1.92
N ALA G 67 -28.44 18.92 -2.22
CA ALA G 67 -28.99 20.24 -2.64
C ALA G 67 -28.81 21.26 -1.49
N ILE G 68 -29.00 20.83 -0.23
CA ILE G 68 -28.83 21.73 0.89
C ILE G 68 -27.35 22.18 1.02
N LEU G 69 -26.40 21.25 0.99
CA LEU G 69 -25.01 21.61 1.20
C LEU G 69 -24.47 22.46 0.06
N ARG G 70 -24.85 22.14 -1.18
CA ARG G 70 -24.43 22.97 -2.29
C ARG G 70 -24.95 24.43 -2.19
N LYS G 71 -26.21 24.56 -1.81
CA LYS G 71 -26.80 25.91 -1.63
C LYS G 71 -26.10 26.67 -0.48
N ALA G 72 -25.81 25.96 0.61
CA ALA G 72 -25.15 26.59 1.76
C ALA G 72 -23.79 27.19 1.27
N PHE G 73 -22.99 26.39 0.61
CA PHE G 73 -21.67 26.87 0.15
C PHE G 73 -21.83 27.96 -0.89
N ASP G 74 -22.82 27.86 -1.77
CA ASP G 74 -23.05 28.90 -2.77
C ASP G 74 -23.48 30.24 -2.14
N LEU G 75 -24.10 30.21 -0.96
CA LEU G 75 -24.36 31.40 -0.17
C LEU G 75 -23.18 31.91 0.70
N GLY G 76 -22.06 31.22 0.62
CA GLY G 76 -20.90 31.58 1.43
C GLY G 76 -20.85 31.00 2.80
N ILE G 77 -21.75 30.07 3.12
CA ILE G 77 -21.69 29.38 4.38
C ILE G 77 -20.56 28.36 4.28
N THR G 78 -19.53 28.54 5.08
CA THR G 78 -18.31 27.74 5.02
C THR G 78 -18.10 26.89 6.19
N HIS G 79 -19.00 26.95 7.17
CA HIS G 79 -18.86 26.15 8.38
C HIS G 79 -20.03 25.17 8.51
N PHE G 80 -19.70 23.92 8.62
CA PHE G 80 -20.65 22.81 8.76
C PHE G 80 -20.35 22.15 10.07
N ASP G 81 -21.38 22.02 10.91
CA ASP G 81 -21.21 21.55 12.23
C ASP G 81 -21.82 20.18 12.37
N LEU G 82 -21.03 19.23 12.86
CA LEU G 82 -21.47 17.84 13.03
C LEU G 82 -21.15 17.33 14.44
N ALA G 83 -21.59 16.12 14.72
CA ALA G 83 -21.27 15.44 15.96
C ALA G 83 -21.38 13.98 15.71
N ASN G 84 -20.70 13.20 16.53
CA ASN G 84 -20.72 11.77 16.35
C ASN G 84 -22.08 11.16 16.18
N ASN G 85 -23.02 11.55 17.00
CA ASN G 85 -24.30 10.86 17.05
C ASN G 85 -25.39 11.50 16.20
N TYR G 86 -25.05 12.49 15.39
CA TYR G 86 -26.04 13.01 14.47
C TYR G 86 -26.46 12.02 13.35
N GLY G 87 -27.75 12.04 13.03
CA GLY G 87 -28.34 11.07 12.05
C GLY G 87 -29.83 11.33 11.89
N PRO G 88 -30.68 10.28 12.10
CA PRO G 88 -30.36 8.95 12.54
C PRO G 88 -30.03 8.04 11.36
N PRO G 89 -29.38 6.91 11.62
CA PRO G 89 -28.88 6.50 12.93
C PRO G 89 -27.56 7.22 13.28
N PRO G 90 -27.10 7.02 14.51
CA PRO G 90 -25.92 7.69 14.96
C PRO G 90 -24.75 7.44 14.03
N GLY G 91 -24.01 8.48 13.74
CA GLY G 91 -22.91 8.39 12.77
C GLY G 91 -23.23 8.68 11.30
N SER G 92 -24.50 8.62 10.92
CA SER G 92 -24.86 8.69 9.54
C SER G 92 -24.70 10.08 8.92
N ALA G 93 -24.91 11.16 9.69
CA ALA G 93 -24.68 12.54 9.20
C ALA G 93 -23.19 12.71 8.77
N GLU G 94 -22.29 12.21 9.61
CA GLU G 94 -20.86 12.24 9.33
C GLU G 94 -20.53 11.43 8.11
N GLU G 95 -21.06 10.21 8.01
CA GLU G 95 -20.86 9.41 6.77
C GLU G 95 -21.41 10.07 5.55
N ASN G 96 -22.66 10.53 5.63
CA ASN G 96 -23.23 11.21 4.42
C ASN G 96 -22.41 12.46 4.06
N PHE G 97 -21.96 13.20 5.06
CA PHE G 97 -21.18 14.40 4.79
C PHE G 97 -19.87 14.03 4.10
N GLY G 98 -19.23 12.96 4.56
CA GLY G 98 -18.00 12.50 3.99
C GLY G 98 -18.17 12.14 2.53
N ARG G 99 -19.29 11.51 2.20
CA ARG G 99 -19.59 11.17 0.84
C ARG G 99 -19.76 12.39 -0.01
N LEU G 100 -20.56 13.33 0.46
CA LEU G 100 -20.76 14.54 -0.31
C LEU G 100 -19.49 15.37 -0.45
N LEU G 101 -18.63 15.30 0.55
CA LEU G 101 -17.35 16.03 0.51
C LEU G 101 -16.48 15.52 -0.63
N ARG G 102 -16.43 14.21 -0.72
CA ARG G 102 -15.66 13.49 -1.74
C ARG G 102 -16.25 13.75 -3.12
N GLU G 103 -17.57 13.70 -3.24
CA GLU G 103 -18.23 13.88 -4.54
C GLU G 103 -18.22 15.32 -5.04
N ASP G 104 -18.60 16.27 -4.21
CA ASP G 104 -18.82 17.65 -4.67
C ASP G 104 -17.80 18.66 -4.14
N PHE G 105 -17.11 18.35 -3.05
CA PHE G 105 -16.25 19.31 -2.40
C PHE G 105 -14.81 18.88 -2.39
N ALA G 106 -14.43 18.00 -3.34
CA ALA G 106 -13.04 17.51 -3.46
C ALA G 106 -12.07 18.69 -3.53
N ALA G 107 -12.39 19.71 -4.29
CA ALA G 107 -11.48 20.84 -4.46
C ALA G 107 -11.67 21.88 -3.37
N TYR G 108 -12.61 21.72 -2.45
CA TYR G 108 -13.00 22.80 -1.53
C TYR G 108 -12.78 22.54 -0.03
N ARG G 109 -12.16 21.43 0.36
CA ARG G 109 -11.98 21.14 1.77
C ARG G 109 -11.31 22.26 2.54
N ASP G 110 -10.30 22.87 1.96
CA ASP G 110 -9.56 23.92 2.63
C ASP G 110 -10.30 25.29 2.67
N GLU G 111 -11.47 25.36 2.01
CA GLU G 111 -12.35 26.52 2.14
C GLU G 111 -13.45 26.20 3.16
N LEU G 112 -13.42 25.02 3.82
CA LEU G 112 -14.46 24.68 4.78
C LEU G 112 -13.98 24.58 6.19
N ILE G 113 -14.85 24.85 7.17
CA ILE G 113 -14.57 24.62 8.59
C ILE G 113 -15.54 23.53 9.00
N ILE G 114 -15.00 22.37 9.38
CA ILE G 114 -15.78 21.22 9.69
C ILE G 114 -15.55 20.90 11.15
N SER G 115 -16.62 20.72 11.92
CA SER G 115 -16.48 20.36 13.30
C SER G 115 -17.09 19.04 13.61
N THR G 116 -16.57 18.37 14.66
CA THR G 116 -17.34 17.30 15.29
C THR G 116 -17.17 17.39 16.81
N LYS G 117 -17.85 16.49 17.51
CA LYS G 117 -17.94 16.53 18.96
C LYS G 117 -18.04 15.11 19.54
N ALA G 118 -17.68 14.97 20.81
CA ALA G 118 -18.00 13.82 21.57
C ALA G 118 -18.45 14.25 23.00
N GLY G 119 -19.47 13.58 23.55
CA GLY G 119 -19.94 13.84 24.88
C GLY G 119 -21.31 13.21 25.26
N TYR G 120 -22.25 13.16 24.32
CA TYR G 120 -23.50 12.42 24.49
C TYR G 120 -23.37 10.94 24.18
N ASP G 121 -24.47 10.22 24.32
CA ASP G 121 -24.47 8.78 24.09
C ASP G 121 -24.21 8.55 22.64
N MET G 122 -23.21 7.72 22.36
CA MET G 122 -22.92 7.35 20.99
C MET G 122 -22.92 5.88 20.77
N TRP G 123 -22.19 5.13 21.58
CA TRP G 123 -22.20 3.67 21.50
C TRP G 123 -22.42 3.05 22.86
N PRO G 124 -22.82 1.78 22.89
CA PRO G 124 -23.17 1.21 24.17
C PRO G 124 -21.98 1.12 25.13
N GLY G 125 -22.28 1.12 26.43
CA GLY G 125 -21.30 0.84 27.44
C GLY G 125 -20.70 2.06 28.07
N PRO G 126 -19.86 1.83 29.06
CA PRO G 126 -19.28 2.88 29.82
C PRO G 126 -18.22 3.78 29.08
N TYR G 127 -17.78 3.43 27.86
CA TYR G 127 -16.87 4.25 27.12
C TYR G 127 -17.55 5.00 25.95
N GLY G 128 -18.88 4.93 25.90
CA GLY G 128 -19.64 5.42 24.78
C GLY G 128 -20.36 6.73 24.97
N SER G 129 -20.05 7.38 26.09
CA SER G 129 -20.72 8.59 26.52
C SER G 129 -19.80 9.31 27.49
N GLY G 130 -20.01 10.60 27.69
CA GLY G 130 -19.28 11.29 28.76
C GLY G 130 -18.02 12.07 28.27
N GLY G 131 -17.09 12.32 29.18
CA GLY G 131 -15.89 13.13 28.87
C GLY G 131 -14.49 12.48 28.99
N SER G 132 -14.43 11.17 29.08
CA SER G 132 -13.15 10.50 29.35
C SER G 132 -12.24 10.58 28.09
N ARG G 133 -10.97 10.34 28.32
CA ARG G 133 -9.98 10.41 27.29
C ARG G 133 -10.27 9.26 26.33
N LYS G 134 -10.64 8.12 26.89
CA LYS G 134 -10.98 6.94 26.09
C LYS G 134 -12.09 7.30 25.08
N TYR G 135 -13.20 7.81 25.58
CA TYR G 135 -14.34 8.11 24.72
C TYR G 135 -14.01 9.19 23.71
N LEU G 136 -13.43 10.30 24.15
CA LEU G 136 -13.16 11.40 23.27
C LEU G 136 -12.19 11.03 22.13
N LEU G 137 -11.10 10.38 22.45
CA LEU G 137 -10.11 10.05 21.43
C LEU G 137 -10.57 8.89 20.51
N ALA G 138 -11.21 7.84 21.07
CA ALA G 138 -11.78 6.79 20.23
C ALA G 138 -12.84 7.38 19.35
N SER G 139 -13.65 8.27 19.89
CA SER G 139 -14.74 8.85 19.08
C SER G 139 -14.17 9.71 17.94
N LEU G 140 -13.19 10.56 18.23
CA LEU G 140 -12.62 11.42 17.19
C LEU G 140 -12.09 10.53 16.05
N ASP G 141 -11.36 9.45 16.37
CA ASP G 141 -10.92 8.56 15.36
C ASP G 141 -12.09 8.04 14.51
N GLN G 142 -13.21 7.62 15.13
CA GLN G 142 -14.32 7.10 14.37
C GLN G 142 -14.92 8.18 13.52
N SER G 143 -14.98 9.41 14.02
CA SER G 143 -15.58 10.55 13.24
C SER G 143 -14.70 10.83 11.99
N LEU G 144 -13.39 10.79 12.16
CA LEU G 144 -12.51 11.09 11.03
C LEU G 144 -12.66 10.01 9.97
N LYS G 145 -12.79 8.75 10.39
CA LYS G 145 -12.93 7.67 9.46
C LYS G 145 -14.28 7.73 8.73
N ARG G 146 -15.35 8.01 9.45
CA ARG G 146 -16.64 8.19 8.85
C ARG G 146 -16.65 9.36 7.83
N MET G 147 -16.02 10.49 8.16
CA MET G 147 -16.03 11.63 7.27
C MET G 147 -14.93 11.58 6.18
N GLY G 148 -13.96 10.67 6.32
CA GLY G 148 -12.91 10.58 5.37
C GLY G 148 -11.97 11.73 5.43
N LEU G 149 -11.68 12.22 6.64
CA LEU G 149 -10.84 13.40 6.83
C LEU G 149 -9.60 13.02 7.58
N GLU G 150 -8.50 13.73 7.32
CA GLU G 150 -7.30 13.68 8.15
C GLU G 150 -7.49 14.40 9.49
N TYR G 151 -8.24 15.51 9.49
CA TYR G 151 -8.50 16.27 10.70
C TYR G 151 -9.79 17.04 10.53
N VAL G 152 -10.39 17.40 11.69
CA VAL G 152 -11.47 18.37 11.73
C VAL G 152 -10.84 19.71 12.06
N ASP G 153 -11.49 20.79 11.67
CA ASP G 153 -11.13 22.13 12.03
C ASP G 153 -11.42 22.43 13.51
N ILE G 154 -12.53 21.93 14.05
CA ILE G 154 -12.86 22.14 15.45
C ILE G 154 -13.37 20.87 16.07
N PHE G 155 -12.72 20.42 17.14
CA PHE G 155 -13.21 19.31 17.88
C PHE G 155 -13.75 19.80 19.24
N TYR G 156 -14.96 19.37 19.59
CA TYR G 156 -15.61 19.80 20.83
C TYR G 156 -15.79 18.69 21.87
N SER G 157 -15.67 19.07 23.13
CA SER G 157 -16.37 18.41 24.20
C SER G 157 -17.83 18.87 24.13
N HIS G 158 -18.74 17.92 23.96
CA HIS G 158 -20.13 18.21 23.52
C HIS G 158 -20.97 18.65 24.70
N ARG G 159 -20.56 18.28 25.91
CA ARG G 159 -21.28 18.68 27.12
C ARG G 159 -20.41 18.44 28.29
N VAL G 160 -20.87 18.88 29.48
CA VAL G 160 -20.18 18.66 30.71
C VAL G 160 -20.33 17.25 31.22
N ASP G 161 -19.25 16.66 31.71
CA ASP G 161 -19.33 15.39 32.40
C ASP G 161 -18.79 15.72 33.81
N GLU G 162 -19.67 15.72 34.82
CA GLU G 162 -19.27 16.08 36.17
C GLU G 162 -18.47 14.95 36.84
N ASN G 163 -18.51 13.74 36.27
CA ASN G 163 -17.74 12.64 36.78
C ASN G 163 -16.37 12.45 36.16
N THR G 164 -16.01 13.24 35.15
CA THR G 164 -14.64 13.16 34.63
C THR G 164 -13.96 14.44 34.97
N PRO G 165 -12.79 14.37 35.56
CA PRO G 165 -12.14 15.65 35.83
C PRO G 165 -11.81 16.38 34.58
N MET G 166 -12.02 17.68 34.61
CA MET G 166 -11.85 18.49 33.46
C MET G 166 -10.41 18.43 32.93
N GLU G 167 -9.47 18.14 33.79
CA GLU G 167 -8.09 17.95 33.43
C GLU G 167 -7.96 16.85 32.37
N GLU G 168 -8.74 15.79 32.54
CA GLU G 168 -8.71 14.63 31.63
C GLU G 168 -9.31 15.03 30.29
N THR G 169 -10.47 15.66 30.34
CA THR G 169 -11.13 16.12 29.12
C THR G 169 -10.26 17.10 28.36
N ALA G 170 -9.69 18.06 29.06
CA ALA G 170 -8.82 19.07 28.44
C ALA G 170 -7.62 18.47 27.81
N SER G 171 -6.97 17.56 28.52
CA SER G 171 -5.83 16.92 27.97
C SER G 171 -6.15 16.07 26.72
N ALA G 172 -7.32 15.45 26.66
CA ALA G 172 -7.76 14.77 25.46
C ALA G 172 -7.97 15.72 24.30
N LEU G 173 -8.57 16.88 24.56
CA LEU G 173 -8.68 17.87 23.51
C LEU G 173 -7.27 18.33 23.07
N ALA G 174 -6.34 18.48 24.02
CA ALA G 174 -4.98 18.92 23.65
C ALA G 174 -4.25 17.86 22.82
N HIS G 175 -4.48 16.59 23.13
CA HIS G 175 -3.86 15.54 22.33
C HIS G 175 -4.41 15.51 20.90
N ALA G 176 -5.70 15.79 20.75
CA ALA G 176 -6.29 15.98 19.41
C ALA G 176 -5.53 17.04 18.59
N VAL G 177 -5.23 18.16 19.21
CA VAL G 177 -4.52 19.24 18.53
C VAL G 177 -3.07 18.90 18.25
N GLN G 178 -2.35 18.45 19.27
CA GLN G 178 -0.97 18.03 19.12
C GLN G 178 -0.74 16.96 18.10
N SER G 179 -1.63 15.99 18.03
CA SER G 179 -1.50 14.91 17.06
C SER G 179 -1.96 15.27 15.65
N GLY G 180 -2.48 16.48 15.43
CA GLY G 180 -2.88 16.87 14.12
C GLY G 180 -4.25 16.36 13.73
N LYS G 181 -5.09 15.94 14.68
CA LYS G 181 -6.40 15.47 14.32
C LYS G 181 -7.48 16.59 14.37
N ALA G 182 -7.14 17.71 14.99
CA ALA G 182 -8.05 18.86 15.12
C ALA G 182 -7.18 20.11 15.05
N LEU G 183 -7.59 21.13 14.30
CA LEU G 183 -6.84 22.38 14.24
C LEU G 183 -7.12 23.22 15.49
N TYR G 184 -8.36 23.17 15.99
CA TYR G 184 -8.78 23.96 17.13
C TYR G 184 -9.78 23.14 17.94
N VAL G 185 -10.02 23.56 19.17
CA VAL G 185 -10.95 22.84 20.03
C VAL G 185 -12.02 23.78 20.60
N GLY G 186 -13.15 23.21 20.94
CA GLY G 186 -14.23 23.98 21.50
C GLY G 186 -14.95 23.21 22.57
N ILE G 187 -15.87 23.90 23.21
CA ILE G 187 -16.78 23.28 24.21
C ILE G 187 -18.21 23.71 23.97
N SER G 188 -19.15 22.88 24.45
CA SER G 188 -20.52 23.14 24.23
C SER G 188 -21.29 22.95 25.53
N SER G 189 -22.17 23.91 25.81
CA SER G 189 -23.07 23.90 27.01
C SER G 189 -22.33 23.82 28.34
N TYR G 190 -21.18 24.47 28.46
CA TYR G 190 -20.46 24.61 29.73
C TYR G 190 -20.86 25.93 30.40
N SER G 191 -21.11 25.87 31.70
CA SER G 191 -21.31 27.06 32.54
C SER G 191 -20.13 28.01 32.44
N PRO G 192 -20.32 29.31 32.84
CA PRO G 192 -19.20 30.23 32.80
C PRO G 192 -18.04 29.75 33.65
N GLU G 193 -18.31 29.16 34.80
CA GLU G 193 -17.27 28.71 35.70
C GLU G 193 -16.49 27.55 35.09
N ARG G 194 -17.17 26.60 34.49
CA ARG G 194 -16.47 25.50 33.87
C ARG G 194 -15.72 25.88 32.59
N THR G 195 -16.28 26.82 31.83
CA THR G 195 -15.67 27.40 30.70
C THR G 195 -14.32 28.01 31.11
N GLN G 196 -14.34 28.80 32.18
CA GLN G 196 -13.14 29.46 32.68
C GLN G 196 -12.08 28.46 33.06
N LYS G 197 -12.48 27.41 33.74
CA LYS G 197 -11.53 26.37 34.10
C LYS G 197 -10.96 25.69 32.84
N MET G 198 -11.81 25.40 31.86
CA MET G 198 -11.31 24.77 30.61
C MET G 198 -10.33 25.70 29.88
N VAL G 199 -10.59 27.01 29.84
CA VAL G 199 -9.63 27.94 29.24
C VAL G 199 -8.28 27.81 29.94
N GLU G 200 -8.30 27.73 31.27
CA GLU G 200 -7.06 27.67 32.01
CA GLU G 200 -7.05 27.67 32.08
C GLU G 200 -6.31 26.37 31.78
N LEU G 201 -7.05 25.26 31.79
CA LEU G 201 -6.40 23.94 31.61
C LEU G 201 -5.80 23.82 30.18
N LEU G 202 -6.48 24.35 29.18
CA LEU G 202 -5.97 24.31 27.84
C LEU G 202 -4.74 25.24 27.67
N ARG G 203 -4.73 26.38 28.38
CA ARG G 203 -3.57 27.30 28.38
C ARG G 203 -2.34 26.61 28.90
N GLU G 204 -2.49 25.70 29.84
CA GLU G 204 -1.32 24.93 30.35
C GLU G 204 -0.71 24.13 29.22
N TRP G 205 -1.48 23.85 28.15
CA TRP G 205 -0.95 23.15 26.99
C TRP G 205 -0.57 24.10 25.87
N LYS G 206 -0.62 25.40 26.14
CA LYS G 206 -0.46 26.48 25.15
C LYS G 206 -1.46 26.33 24.01
N ILE G 207 -2.69 25.95 24.33
CA ILE G 207 -3.76 25.94 23.37
C ILE G 207 -4.87 26.90 23.83
N PRO G 208 -5.26 27.89 22.99
CA PRO G 208 -6.41 28.74 23.32
C PRO G 208 -7.74 28.10 22.98
N LEU G 209 -8.70 28.09 23.91
CA LEU G 209 -10.02 27.56 23.62
C LEU G 209 -10.68 28.43 22.56
N LEU G 210 -11.11 27.82 21.45
CA LEU G 210 -11.50 28.66 20.29
C LEU G 210 -12.90 29.21 20.46
N ILE G 211 -13.79 28.33 20.85
CA ILE G 211 -15.21 28.61 20.68
C ILE G 211 -16.05 27.83 21.73
N HIS G 212 -17.19 28.42 22.03
CA HIS G 212 -18.19 27.90 22.91
C HIS G 212 -19.47 27.85 22.10
N GLN G 213 -20.20 26.74 22.18
CA GLN G 213 -21.43 26.55 21.46
C GLN G 213 -22.60 26.31 22.47
N PRO G 214 -23.33 27.38 22.84
CA PRO G 214 -24.47 27.26 23.77
C PRO G 214 -25.78 27.33 23.02
N SER G 215 -26.84 26.77 23.60
CA SER G 215 -28.17 27.03 23.10
C SER G 215 -28.48 28.47 23.42
N TYR G 216 -28.98 29.21 22.44
CA TYR G 216 -29.20 30.63 22.61
C TYR G 216 -30.17 31.07 21.53
N ASN G 217 -31.29 31.68 21.94
CA ASN G 217 -32.25 32.28 21.00
C ASN G 217 -33.14 33.27 21.77
N LEU G 218 -34.00 33.96 21.07
CA LEU G 218 -34.92 34.96 21.68
C LEU G 218 -35.73 34.40 22.89
N LEU G 219 -36.05 33.10 22.85
CA LEU G 219 -36.79 32.41 23.93
C LEU G 219 -35.93 31.54 24.88
N ASN G 220 -34.62 31.69 24.84
CA ASN G 220 -33.71 30.89 25.71
C ASN G 220 -32.42 31.70 25.88
N ARG G 221 -32.33 32.43 26.99
CA ARG G 221 -31.26 33.37 27.24
C ARG G 221 -30.43 33.12 28.47
N TRP G 222 -30.24 31.86 28.82
CA TRP G 222 -29.34 31.57 29.93
C TRP G 222 -27.99 32.17 29.65
N VAL G 223 -27.59 32.27 28.38
CA VAL G 223 -26.28 32.83 28.00
C VAL G 223 -26.13 34.26 28.51
N ASP G 224 -27.21 35.05 28.36
CA ASP G 224 -27.20 36.45 28.82
C ASP G 224 -27.20 36.51 30.36
N LYS G 225 -28.21 35.88 30.94
CA LYS G 225 -28.43 35.85 32.38
C LYS G 225 -27.23 35.30 33.17
N SER G 226 -26.58 34.25 32.64
CA SER G 226 -25.48 33.61 33.36
C SER G 226 -24.20 34.44 33.34
N GLY G 227 -24.11 35.40 32.45
CA GLY G 227 -22.83 36.11 32.25
C GLY G 227 -21.87 35.44 31.28
N LEU G 228 -22.35 34.46 30.52
CA LEU G 228 -21.42 33.64 29.66
C LEU G 228 -20.76 34.51 28.63
N LEU G 229 -21.50 35.40 28.00
CA LEU G 229 -20.88 36.28 27.02
C LEU G 229 -19.70 37.14 27.54
N ASP G 230 -19.78 37.58 28.79
CA ASP G 230 -18.68 38.30 29.42
C ASP G 230 -17.50 37.35 29.66
N THR G 231 -17.75 36.15 30.16
CA THR G 231 -16.65 35.16 30.33
C THR G 231 -15.94 34.95 28.95
N LEU G 232 -16.74 34.75 27.90
CA LEU G 232 -16.18 34.44 26.59
C LEU G 232 -15.32 35.58 26.05
N GLN G 233 -15.85 36.79 26.06
CA GLN G 233 -15.09 37.96 25.69
C GLN G 233 -13.84 38.15 26.51
N ASN G 234 -13.92 37.99 27.81
CA ASN G 234 -12.74 38.18 28.67
C ASN G 234 -11.67 37.14 28.38
N ASN G 235 -12.02 36.03 27.76
CA ASN G 235 -11.04 35.01 27.47
C ASN G 235 -10.74 34.90 25.97
N GLY G 236 -11.34 35.78 25.18
CA GLY G 236 -11.20 35.75 23.76
C GLY G 236 -11.81 34.53 23.08
N VAL G 237 -12.84 33.93 23.66
CA VAL G 237 -13.49 32.77 23.12
C VAL G 237 -14.73 33.17 22.28
N GLY G 238 -14.89 32.57 21.08
CA GLY G 238 -16.05 32.84 20.22
C GLY G 238 -17.32 32.22 20.81
N CYS G 239 -18.47 32.56 20.19
CA CYS G 239 -19.73 32.02 20.56
C CYS G 239 -20.53 31.67 19.34
N ILE G 240 -20.98 30.40 19.21
CA ILE G 240 -21.82 30.01 18.10
C ILE G 240 -23.13 29.50 18.71
N ALA G 241 -24.22 30.22 18.37
CA ALA G 241 -25.51 30.03 18.93
C ALA G 241 -26.26 28.85 18.31
N PHE G 242 -26.60 27.84 19.12
CA PHE G 242 -27.33 26.70 18.58
C PHE G 242 -28.82 26.74 18.89
N THR G 243 -29.61 26.07 18.05
CA THR G 243 -31.09 26.21 18.02
C THR G 243 -31.52 27.69 18.02
N PRO G 244 -30.94 28.47 17.16
CA PRO G 244 -31.22 29.92 17.15
C PRO G 244 -32.65 30.29 16.74
N LEU G 245 -33.36 29.33 16.14
CA LEU G 245 -34.76 29.50 15.79
C LEU G 245 -35.64 28.69 16.68
N ALA G 246 -35.12 28.30 17.85
CA ALA G 246 -35.83 27.42 18.78
C ALA G 246 -36.43 26.19 18.06
N GLN G 247 -35.62 25.66 17.12
CA GLN G 247 -35.96 24.52 16.24
C GLN G 247 -37.02 24.77 15.14
N GLY G 248 -37.40 26.03 14.89
CA GLY G 248 -38.58 26.39 14.05
C GLY G 248 -39.71 27.18 14.71
N LEU G 249 -39.81 27.10 16.03
CA LEU G 249 -40.80 27.90 16.77
C LEU G 249 -40.71 29.40 16.40
N LEU G 250 -39.51 29.92 16.23
CA LEU G 250 -39.31 31.33 15.96
C LEU G 250 -39.37 31.58 14.49
N THR G 251 -40.07 30.74 13.77
CA THR G 251 -40.28 30.99 12.34
C THR G 251 -41.71 31.42 12.08
N GLY G 252 -42.61 31.29 13.06
CA GLY G 252 -44.01 31.63 12.80
C GLY G 252 -44.72 30.51 12.08
N LYS G 253 -43.97 29.50 11.60
CA LYS G 253 -44.59 28.39 10.82
C LYS G 253 -45.65 27.67 11.69
N TYR G 254 -45.66 27.87 13.00
CA TYR G 254 -46.66 27.22 13.88
C TYR G 254 -47.67 28.20 14.51
N LEU G 255 -47.91 29.33 13.85
CA LEU G 255 -48.89 30.30 14.31
C LEU G 255 -50.34 29.83 14.05
N ASN G 256 -50.61 29.30 12.86
CA ASN G 256 -51.96 28.82 12.49
C ASN G 256 -52.00 27.38 11.97
N GLY G 257 -51.53 26.43 12.79
CA GLY G 257 -51.47 25.01 12.44
C GLY G 257 -50.06 24.43 12.47
N ILE G 258 -49.96 23.11 12.52
CA ILE G 258 -48.69 22.35 12.43
C ILE G 258 -48.54 21.73 10.99
N PRO G 259 -47.75 22.37 10.09
CA PRO G 259 -47.67 21.87 8.70
C PRO G 259 -47.15 20.43 8.57
N GLN G 260 -47.57 19.77 7.51
CA GLN G 260 -47.14 18.41 7.19
C GLN G 260 -45.62 18.29 7.02
N ASP G 261 -45.09 19.06 6.08
CA ASP G 261 -43.67 19.21 5.88
C ASP G 261 -43.05 20.14 6.94
N SER G 262 -42.98 19.66 8.18
CA SER G 262 -42.32 20.39 9.30
C SER G 262 -41.69 19.38 10.28
N ARG G 263 -40.65 19.81 10.99
CA ARG G 263 -40.03 18.99 12.06
C ARG G 263 -41.03 18.54 13.12
N MET G 264 -41.97 19.43 13.49
CA MET G 264 -42.93 19.11 14.57
C MET G 264 -43.90 17.97 14.14
N HIS G 265 -44.21 17.86 12.85
CA HIS G 265 -45.07 16.77 12.39
C HIS G 265 -44.32 15.47 12.23
N ARG G 266 -42.98 15.50 12.19
CA ARG G 266 -42.17 14.27 11.98
C ARG G 266 -41.67 13.65 13.28
N LEU G 274 -38.96 18.57 19.82
CA LEU G 274 -39.91 19.55 19.20
C LEU G 274 -41.35 19.06 18.99
N THR G 275 -42.20 19.43 19.96
CA THR G 275 -43.57 18.96 20.05
C THR G 275 -44.56 20.15 20.24
N PRO G 276 -45.87 19.87 20.13
CA PRO G 276 -46.90 20.90 20.39
C PRO G 276 -46.99 21.28 21.87
N LYS G 277 -46.40 20.48 22.77
CA LYS G 277 -46.26 20.84 24.20
C LYS G 277 -45.51 22.18 24.36
N MET G 278 -44.55 22.43 23.45
CA MET G 278 -43.83 23.71 23.40
C MET G 278 -44.70 24.91 22.98
N LEU G 279 -45.78 24.69 22.21
CA LEU G 279 -46.70 25.79 21.85
C LEU G 279 -47.63 26.20 23.05
N THR G 280 -47.06 26.66 24.15
CA THR G 280 -47.86 26.98 25.37
C THR G 280 -48.53 28.35 25.20
N GLU G 281 -49.32 28.78 26.20
CA GLU G 281 -49.96 30.09 26.08
C GLU G 281 -48.85 31.14 25.98
N ALA G 282 -47.85 31.01 26.86
CA ALA G 282 -46.58 31.71 26.72
C ALA G 282 -45.88 31.22 25.44
N SER G 286 -46.07 35.40 22.80
CA SER G 286 -44.69 35.74 22.49
C SER G 286 -44.67 35.79 21.00
N LEU G 287 -45.07 34.69 20.39
CA LEU G 287 -44.79 34.54 18.99
C LEU G 287 -45.62 35.51 18.13
N ARG G 288 -46.90 35.68 18.48
CA ARG G 288 -47.77 36.60 17.72
C ARG G 288 -47.22 38.03 17.82
N LEU G 289 -46.70 38.40 18.98
CA LEU G 289 -46.11 39.71 19.16
C LEU G 289 -44.84 39.89 18.39
N LEU G 290 -43.96 38.91 18.55
CA LEU G 290 -42.72 38.93 17.81
C LEU G 290 -42.95 39.02 16.31
N ASN G 291 -43.97 38.32 15.82
CA ASN G 291 -44.23 38.35 14.38
C ASN G 291 -44.60 39.75 13.87
N GLU G 292 -45.33 40.49 14.69
CA GLU G 292 -45.66 41.87 14.36
C GLU G 292 -44.45 42.71 14.32
N MET G 293 -43.60 42.56 15.33
CA MET G 293 -42.39 43.37 15.37
C MET G 293 -41.57 43.07 14.09
N ALA G 294 -41.56 41.82 13.64
CA ALA G 294 -40.76 41.44 12.48
C ALA G 294 -41.34 42.09 11.27
N GLN G 295 -42.65 41.97 11.13
CA GLN G 295 -43.35 42.68 10.05
C GLN G 295 -42.99 44.17 10.01
N GLN G 296 -43.04 44.83 11.16
CA GLN G 296 -42.70 46.25 11.27
C GLN G 296 -41.28 46.51 10.70
N ARG G 297 -40.35 45.55 10.86
CA ARG G 297 -38.97 45.68 10.39
C ARG G 297 -38.80 45.27 8.92
N GLY G 298 -39.85 44.76 8.30
CA GLY G 298 -39.75 44.21 6.95
C GLY G 298 -39.01 42.86 6.92
N GLN G 299 -39.07 42.12 8.00
CA GLN G 299 -38.44 40.80 8.11
C GLN G 299 -39.49 39.72 8.41
N SER G 300 -39.23 38.48 7.98
CA SER G 300 -39.92 37.35 8.53
C SER G 300 -39.50 37.21 9.98
N MET G 301 -40.29 36.49 10.74
CA MET G 301 -39.95 36.16 12.09
C MET G 301 -38.56 35.44 12.20
N ALA G 302 -38.30 34.50 11.30
CA ALA G 302 -37.02 33.74 11.26
C ALA G 302 -35.86 34.70 11.12
N GLN G 303 -35.97 35.59 10.14
CA GLN G 303 -34.92 36.58 9.92
C GLN G 303 -34.69 37.44 11.14
N MET G 304 -35.75 37.83 11.83
CA MET G 304 -35.58 38.73 12.99
C MET G 304 -34.90 37.99 14.13
N ALA G 305 -35.34 36.76 14.34
CA ALA G 305 -34.74 35.90 15.37
C ALA G 305 -33.21 35.79 15.18
N LEU G 306 -32.77 35.63 13.92
CA LEU G 306 -31.35 35.53 13.60
C LEU G 306 -30.65 36.87 13.74
N SER G 307 -31.23 37.93 13.17
CA SER G 307 -30.70 39.27 13.33
C SER G 307 -30.51 39.67 14.80
N TRP G 308 -31.47 39.29 15.64
CA TRP G 308 -31.37 39.58 17.04
C TRP G 308 -30.18 38.97 17.69
N LEU G 309 -29.90 37.68 17.40
CA LEU G 309 -28.70 37.04 17.99
C LEU G 309 -27.46 37.77 17.48
N LEU G 310 -27.49 38.18 16.22
CA LEU G 310 -26.32 38.76 15.55
C LEU G 310 -26.16 40.29 15.77
N LYS G 311 -27.04 40.86 16.59
CA LYS G 311 -26.99 42.32 16.86
C LYS G 311 -25.69 42.69 17.71
N ASP G 312 -25.13 41.69 18.40
CA ASP G 312 -24.02 41.77 19.41
C ASP G 312 -22.77 41.26 18.66
N ASP G 313 -21.62 41.92 18.76
CA ASP G 313 -20.38 41.41 18.15
C ASP G 313 -19.79 40.22 18.94
N ARG G 314 -20.36 39.87 20.07
CA ARG G 314 -19.81 38.75 20.83
C ARG G 314 -20.41 37.41 20.37
N VAL G 315 -21.49 37.45 19.56
CA VAL G 315 -22.01 36.23 18.93
C VAL G 315 -21.27 36.16 17.58
N THR G 316 -20.43 35.12 17.45
CA THR G 316 -19.66 34.92 16.23
C THR G 316 -20.54 34.42 15.04
N SER G 317 -21.53 33.55 15.33
CA SER G 317 -22.30 32.94 14.29
C SER G 317 -23.57 32.40 14.93
N VAL G 318 -24.58 32.20 14.13
CA VAL G 318 -25.77 31.41 14.51
C VAL G 318 -25.80 30.13 13.66
N LEU G 319 -26.07 29.03 14.34
CA LEU G 319 -25.94 27.70 13.74
C LEU G 319 -27.31 27.25 13.39
N ILE G 320 -27.71 27.45 12.14
CA ILE G 320 -29.05 27.10 11.67
C ILE G 320 -29.09 25.65 11.13
N GLY G 321 -30.28 25.05 11.19
CA GLY G 321 -30.55 23.84 10.47
C GLY G 321 -31.39 24.20 9.28
N ALA G 322 -31.53 23.27 8.35
CA ALA G 322 -32.33 23.52 7.15
C ALA G 322 -32.78 22.17 6.64
N SER G 323 -34.03 22.12 6.16
CA SER G 323 -34.55 20.89 5.57
C SER G 323 -34.67 21.08 4.06
N ARG G 324 -34.47 22.29 3.55
CA ARG G 324 -34.45 22.55 2.12
C ARG G 324 -33.70 23.84 1.79
N ALA G 325 -33.24 23.94 0.55
CA ALA G 325 -32.40 25.03 0.10
C ALA G 325 -33.06 26.41 0.30
N GLU G 326 -34.36 26.50 0.06
CA GLU G 326 -35.08 27.81 0.13
C GLU G 326 -35.01 28.45 1.52
N GLN G 327 -34.88 27.61 2.56
CA GLN G 327 -34.76 28.11 3.93
C GLN G 327 -33.44 28.83 4.12
N LEU G 328 -32.37 28.31 3.51
CA LEU G 328 -31.09 29.00 3.58
C LEU G 328 -31.18 30.38 2.90
N GLU G 329 -31.77 30.42 1.73
CA GLU G 329 -31.94 31.68 1.00
C GLU G 329 -32.70 32.74 1.81
N GLU G 330 -33.78 32.35 2.45
CA GLU G 330 -34.47 33.28 3.35
C GLU G 330 -33.62 33.70 4.55
N ASN G 331 -33.00 32.74 5.23
CA ASN G 331 -32.31 33.04 6.46
C ASN G 331 -31.13 33.97 6.33
N VAL G 332 -30.32 33.82 5.25
CA VAL G 332 -29.13 34.64 5.10
C VAL G 332 -29.51 36.11 4.93
N GLN G 333 -30.73 36.38 4.48
CA GLN G 333 -31.17 37.79 4.35
C GLN G 333 -31.35 38.54 5.70
N ALA G 334 -31.27 37.82 6.81
CA ALA G 334 -31.15 38.41 8.12
C ALA G 334 -30.05 39.44 8.19
N LEU G 335 -29.00 39.21 7.41
CA LEU G 335 -27.85 40.10 7.41
C LEU G 335 -28.16 41.48 6.86
N ASN G 336 -29.26 41.65 6.15
CA ASN G 336 -29.67 42.99 5.69
C ASN G 336 -30.13 43.93 6.79
N ASN G 337 -30.50 43.40 7.97
CA ASN G 337 -31.02 44.23 9.06
C ASN G 337 -30.63 43.71 10.44
N LEU G 338 -29.40 44.06 10.83
CA LEU G 338 -28.88 43.71 12.14
C LEU G 338 -29.04 44.77 13.23
N THR G 339 -29.75 45.86 12.94
CA THR G 339 -29.96 46.92 13.94
C THR G 339 -31.27 46.81 14.69
N PHE G 340 -31.22 46.97 16.01
CA PHE G 340 -32.42 47.07 16.88
C PHE G 340 -32.36 48.35 17.72
N SER G 341 -33.45 49.12 17.77
CA SER G 341 -33.55 50.32 18.61
C SER G 341 -33.63 49.89 20.07
N THR G 342 -33.36 50.83 20.99
CA THR G 342 -33.54 50.61 22.44
C THR G 342 -34.96 50.21 22.78
N LYS G 343 -35.93 50.81 22.09
CA LYS G 343 -37.31 50.50 22.32
C LYS G 343 -37.59 49.03 21.97
N GLU G 344 -37.15 48.61 20.78
CA GLU G 344 -37.31 47.20 20.31
C GLU G 344 -36.74 46.21 21.30
N LEU G 345 -35.50 46.45 21.73
CA LEU G 345 -34.85 45.56 22.68
C LEU G 345 -35.59 45.55 24.01
N ALA G 346 -36.16 46.70 24.39
CA ALA G 346 -36.86 46.86 25.64
C ALA G 346 -38.14 46.07 25.58
N GLN G 347 -38.89 46.22 24.48
CA GLN G 347 -40.16 45.45 24.34
C GLN G 347 -39.94 43.92 24.35
N ILE G 348 -38.91 43.47 23.65
CA ILE G 348 -38.55 42.07 23.62
C ILE G 348 -38.23 41.58 25.04
N ASP G 349 -37.28 42.22 25.73
CA ASP G 349 -36.98 41.87 27.13
C ASP G 349 -38.21 41.92 28.04
N GLN G 350 -39.09 42.89 27.82
CA GLN G 350 -40.30 43.00 28.63
C GLN G 350 -41.24 41.82 28.43
N HIS G 351 -41.50 41.51 27.17
CA HIS G 351 -42.68 40.79 26.74
C HIS G 351 -42.46 39.42 26.08
N ILE G 352 -41.22 38.90 26.07
CA ILE G 352 -40.93 37.54 25.56
C ILE G 352 -40.27 36.67 26.63
N ALA G 353 -41.11 35.91 27.36
CA ALA G 353 -40.69 35.12 28.53
C ALA G 353 -39.88 33.90 28.09
N ASP G 354 -39.16 33.30 29.02
CA ASP G 354 -38.43 32.09 28.70
C ASP G 354 -39.41 31.09 28.16
N GLY G 355 -38.99 30.39 27.11
CA GLY G 355 -39.85 29.44 26.43
C GLY G 355 -39.85 28.03 27.00
N GLU G 356 -39.04 27.79 28.04
CA GLU G 356 -38.89 26.45 28.67
C GLU G 356 -38.58 25.39 27.61
N LEU G 357 -37.66 25.73 26.71
CA LEU G 357 -37.29 24.85 25.58
C LEU G 357 -35.77 24.53 25.50
N ASN G 358 -35.00 24.93 26.54
CA ASN G 358 -33.59 24.53 26.64
C ASN G 358 -33.48 23.09 27.08
N LEU G 359 -33.51 22.18 26.11
CA LEU G 359 -33.34 20.73 26.36
C LEU G 359 -31.90 20.33 26.78
N TRP G 360 -30.96 21.27 26.83
CA TRP G 360 -29.52 21.02 27.12
C TRP G 360 -29.11 21.74 28.37
N GLN G 361 -30.12 22.02 29.20
CA GLN G 361 -29.93 22.78 30.43
C GLN G 361 -29.19 21.94 31.49
N ALA G 362 -29.40 20.64 31.47
CA ALA G 362 -28.68 19.70 32.36
C ALA G 362 -27.18 20.04 32.38
N SER G 363 -26.60 20.22 31.19
CA SER G 363 -25.14 20.45 31.05
C SER G 363 -24.75 21.82 31.63
N SER G 364 -25.48 22.88 31.26
CA SER G 364 -25.14 24.29 31.63
C SER G 364 -25.41 24.62 33.12
N ASP G 365 -26.27 23.82 33.78
CA ASP G 365 -26.51 23.94 35.24
C ASP G 365 -25.45 23.32 36.17
N LYS G 366 -24.51 22.55 35.62
CA LYS G 366 -23.46 21.93 36.43
C LYS G 366 -22.28 22.89 36.64
N TRP H 23 19.95 -18.65 10.53
CA TRP H 23 21.11 -18.62 11.50
C TRP H 23 20.60 -18.52 12.93
N LEU H 24 21.19 -19.34 13.79
CA LEU H 24 20.93 -19.35 15.24
C LEU H 24 22.16 -18.86 16.06
N ALA H 25 21.95 -17.77 16.78
CA ALA H 25 22.94 -17.26 17.72
C ALA H 25 23.25 -18.27 18.81
N ASN H 26 24.46 -18.18 19.31
CA ASN H 26 24.87 -19.00 20.43
C ASN H 26 23.94 -18.86 21.65
N PRO H 27 23.31 -19.97 22.09
CA PRO H 27 22.40 -19.82 23.22
C PRO H 27 23.07 -19.35 24.51
N GLU H 28 24.39 -19.51 24.63
CA GLU H 28 25.10 -19.12 25.84
C GLU H 28 25.65 -17.72 25.75
N ARG H 29 25.21 -16.95 24.75
CA ARG H 29 25.85 -15.69 24.45
C ARG H 29 25.80 -14.73 25.59
N TYR H 30 24.82 -14.85 26.48
CA TYR H 30 24.78 -13.90 27.62
C TYR H 30 25.46 -14.41 28.89
N GLY H 31 26.07 -15.57 28.82
CA GLY H 31 26.67 -16.20 30.01
C GLY H 31 28.01 -15.63 30.48
N GLN H 32 28.88 -15.20 29.56
CA GLN H 32 30.22 -14.76 29.92
C GLN H 32 30.46 -13.25 29.84
N MET H 33 29.78 -12.54 28.92
CA MET H 33 29.97 -11.12 28.81
C MET H 33 29.59 -10.37 30.06
N GLN H 34 30.36 -9.35 30.39
CA GLN H 34 30.02 -8.45 31.46
C GLN H 34 29.20 -7.27 30.86
N TYR H 35 28.14 -6.87 31.54
CA TYR H 35 27.36 -5.69 31.17
C TYR H 35 27.45 -4.63 32.26
N ARG H 36 27.54 -3.36 31.87
CA ARG H 36 27.62 -2.26 32.77
C ARG H 36 26.51 -1.24 32.47
N TYR H 37 25.90 -0.74 33.52
CA TYR H 37 24.94 0.33 33.41
C TYR H 37 25.61 1.53 32.85
N CYS H 38 24.95 2.16 31.88
CA CYS H 38 25.49 3.33 31.23
C CYS H 38 25.17 4.53 32.10
N GLY H 39 26.14 5.01 32.88
CA GLY H 39 25.95 6.22 33.71
C GLY H 39 24.81 5.93 34.66
N LYS H 40 23.87 6.86 34.83
CA LYS H 40 22.77 6.66 35.77
C LYS H 40 21.56 6.03 35.11
N SER H 41 21.64 5.71 33.82
CA SER H 41 20.49 5.17 33.10
C SER H 41 20.24 3.69 33.46
N GLY H 42 19.15 3.15 32.94
CA GLY H 42 18.90 1.71 33.04
C GLY H 42 19.46 0.87 31.88
N LEU H 43 20.20 1.49 30.96
CA LEU H 43 20.68 0.78 29.75
C LEU H 43 22.03 0.13 30.05
N ARG H 44 22.11 -1.17 29.87
CA ARG H 44 23.33 -1.89 30.13
C ARG H 44 24.07 -2.17 28.85
N LEU H 45 25.28 -1.64 28.73
CA LEU H 45 26.08 -1.96 27.56
C LEU H 45 27.03 -3.13 27.84
N PRO H 46 27.44 -3.86 26.79
CA PRO H 46 28.51 -4.82 26.98
C PRO H 46 29.81 -4.11 27.23
N ALA H 47 30.68 -4.74 28.04
CA ALA H 47 31.92 -4.11 28.50
C ALA H 47 32.80 -3.90 27.31
N LEU H 48 32.69 -4.78 26.31
CA LEU H 48 33.26 -4.55 25.00
C LEU H 48 32.10 -4.37 23.98
N SER H 49 32.18 -3.30 23.22
CA SER H 49 31.27 -3.01 22.07
C SER H 49 32.05 -3.09 20.77
N LEU H 50 31.41 -3.42 19.64
CA LEU H 50 32.06 -3.41 18.30
C LEU H 50 31.73 -2.15 17.51
N GLY H 51 32.79 -1.51 17.02
CA GLY H 51 32.65 -0.40 16.12
C GLY H 51 32.86 -0.80 14.69
N LEU H 52 32.20 -0.10 13.78
CA LEU H 52 32.28 -0.42 12.36
C LEU H 52 33.01 0.61 11.53
N TRP H 53 33.87 1.38 12.20
CA TRP H 53 34.66 2.39 11.51
C TRP H 53 35.46 1.80 10.38
N HIS H 54 36.14 0.69 10.63
CA HIS H 54 36.81 -0.06 9.56
C HIS H 54 36.34 -1.47 9.39
N ASN H 55 36.56 -1.98 8.17
CA ASN H 55 36.28 -3.36 7.77
C ASN H 55 34.87 -3.67 7.34
N PHE H 56 34.01 -2.63 7.19
CA PHE H 56 32.61 -2.85 6.83
C PHE H 56 32.16 -2.00 5.69
N GLY H 57 33.12 -1.60 4.86
CA GLY H 57 32.83 -0.85 3.64
C GLY H 57 32.58 -1.76 2.45
N HIS H 58 32.25 -1.16 1.33
CA HIS H 58 32.07 -1.90 0.10
C HIS H 58 33.38 -2.42 -0.42
N VAL H 59 34.50 -1.93 0.09
CA VAL H 59 35.82 -2.51 -0.21
C VAL H 59 36.11 -3.83 0.56
N ASN H 60 35.24 -4.23 1.49
CA ASN H 60 35.41 -5.43 2.30
C ASN H 60 34.32 -6.43 1.96
N ALA H 61 34.68 -7.69 1.74
CA ALA H 61 33.69 -8.70 1.29
C ALA H 61 32.63 -8.88 2.39
N LEU H 62 31.38 -9.02 1.97
CA LEU H 62 30.28 -9.18 2.91
C LEU H 62 30.40 -10.44 3.78
N GLU H 63 30.94 -11.51 3.25
CA GLU H 63 31.09 -12.71 4.04
C GLU H 63 32.03 -12.50 5.19
N SER H 64 33.12 -11.78 5.01
CA SER H 64 33.99 -11.44 6.12
C SER H 64 33.31 -10.60 7.18
N GLN H 65 32.49 -9.63 6.75
CA GLN H 65 31.73 -8.80 7.67
C GLN H 65 30.73 -9.62 8.47
N ARG H 66 30.06 -10.53 7.78
CA ARG H 66 29.08 -11.40 8.42
C ARG H 66 29.70 -12.26 9.52
N ALA H 67 30.86 -12.82 9.25
CA ALA H 67 31.52 -13.73 10.24
C ALA H 67 31.91 -12.89 11.48
N ILE H 68 32.27 -11.60 11.30
CA ILE H 68 32.62 -10.75 12.44
C ILE H 68 31.37 -10.45 13.31
N LEU H 69 30.28 -10.02 12.69
CA LEU H 69 29.14 -9.64 13.45
C LEU H 69 28.54 -10.83 14.14
N ARG H 70 28.47 -11.98 13.46
CA ARG H 70 27.94 -13.19 14.12
C ARG H 70 28.77 -13.58 15.39
N LYS H 71 30.09 -13.49 15.28
CA LYS H 71 30.97 -13.83 16.40
C LYS H 71 30.77 -12.84 17.52
N ALA H 72 30.61 -11.55 17.17
CA ALA H 72 30.45 -10.54 18.20
C ALA H 72 29.19 -10.85 18.99
N PHE H 73 28.09 -11.11 18.32
CA PHE H 73 26.84 -11.41 19.04
C PHE H 73 26.93 -12.73 19.81
N ASP H 74 27.59 -13.74 19.25
CA ASP H 74 27.79 -15.01 19.94
C ASP H 74 28.61 -14.85 21.21
N LEU H 75 29.50 -13.85 21.28
CA LEU H 75 30.23 -13.51 22.51
C LEU H 75 29.47 -12.57 23.46
N GLY H 76 28.23 -12.20 23.10
CA GLY H 76 27.44 -11.33 23.93
C GLY H 76 27.66 -9.86 23.71
N ILE H 77 28.40 -9.49 22.67
CA ILE H 77 28.53 -8.13 22.33
C ILE H 77 27.21 -7.70 21.64
N THR H 78 26.48 -6.84 22.29
CA THR H 78 25.16 -6.41 21.82
C THR H 78 25.11 -5.02 21.25
N HIS H 79 26.23 -4.30 21.28
CA HIS H 79 26.27 -2.89 20.88
C HIS H 79 27.16 -2.74 19.68
N PHE H 80 26.61 -2.15 18.62
CA PHE H 80 27.29 -1.98 17.39
C PHE H 80 27.23 -0.50 17.07
N ASP H 81 28.40 0.08 16.88
CA ASP H 81 28.55 1.48 16.78
C ASP H 81 28.86 1.83 15.37
N LEU H 82 28.03 2.72 14.81
CA LEU H 82 28.23 3.20 13.42
C LEU H 82 28.29 4.71 13.36
N ALA H 83 28.49 5.24 12.17
CA ALA H 83 28.36 6.65 11.89
C ALA H 83 28.04 6.80 10.43
N ASN H 84 27.45 7.91 10.05
CA ASN H 84 27.10 8.10 8.68
C ASN H 84 28.23 7.82 7.72
N ASN H 85 29.43 8.35 8.03
CA ASN H 85 30.48 8.32 7.00
C ASN H 85 31.41 7.11 7.10
N TYR H 86 31.06 6.13 7.92
CA TYR H 86 31.88 4.91 7.95
C TYR H 86 31.77 4.11 6.65
N GLY H 87 32.91 3.63 6.18
CA GLY H 87 33.00 2.81 4.98
C GLY H 87 34.40 2.23 4.80
N PRO H 88 35.05 2.51 3.64
CA PRO H 88 34.60 3.37 2.53
C PRO H 88 33.85 2.60 1.48
N PRO H 89 33.08 3.30 0.63
CA PRO H 89 32.78 4.71 0.74
C PRO H 89 31.79 5.11 1.85
N PRO H 90 31.66 6.41 2.07
CA PRO H 90 30.80 6.88 3.12
C PRO H 90 29.42 6.28 3.00
N GLY H 91 28.81 5.92 4.13
CA GLY H 91 27.52 5.30 4.11
C GLY H 91 27.48 3.78 3.95
N SER H 92 28.57 3.19 3.48
CA SER H 92 28.56 1.75 3.18
C SER H 92 28.52 0.85 4.41
N ALA H 93 29.14 1.24 5.51
CA ALA H 93 29.05 0.44 6.76
C ALA H 93 27.61 0.31 7.24
N GLU H 94 26.88 1.42 7.20
CA GLU H 94 25.48 1.44 7.54
C GLU H 94 24.67 0.55 6.59
N GLU H 95 24.90 0.66 5.28
CA GLU H 95 24.19 -0.18 4.34
C GLU H 95 24.49 -1.67 4.57
N ASN H 96 25.78 -1.99 4.66
CA ASN H 96 26.14 -3.40 4.91
C ASN H 96 25.55 -3.92 6.21
N PHE H 97 25.58 -3.10 7.25
CA PHE H 97 25.00 -3.51 8.48
C PHE H 97 23.53 -3.77 8.35
N GLY H 98 22.83 -2.86 7.68
CA GLY H 98 21.42 -3.05 7.41
C GLY H 98 21.09 -4.35 6.66
N ARG H 99 21.89 -4.68 5.67
CA ARG H 99 21.78 -5.99 5.01
C ARG H 99 21.93 -7.17 5.95
N LEU H 100 22.99 -7.16 6.74
CA LEU H 100 23.26 -8.29 7.62
C LEU H 100 22.18 -8.36 8.70
N LEU H 101 21.65 -7.22 9.10
CA LEU H 101 20.60 -7.18 10.11
C LEU H 101 19.34 -7.92 9.63
N ARG H 102 19.00 -7.66 8.37
CA ARG H 102 17.86 -8.25 7.66
C ARG H 102 18.10 -9.74 7.45
N GLU H 103 19.30 -10.11 7.01
CA GLU H 103 19.61 -11.52 6.75
C GLU H 103 19.76 -12.36 8.02
N ASP H 104 20.58 -11.93 8.97
CA ASP H 104 20.97 -12.78 10.09
C ASP H 104 20.42 -12.32 11.45
N PHE H 105 19.98 -11.07 11.58
CA PHE H 105 19.50 -10.58 12.84
C PHE H 105 18.04 -10.18 12.83
N ALA H 106 17.25 -10.73 11.91
CA ALA H 106 15.81 -10.45 11.82
C ALA H 106 15.11 -10.62 13.17
N ALA H 107 15.39 -11.72 13.86
CA ALA H 107 14.72 -12.00 15.11
C ALA H 107 15.44 -11.34 16.29
N TYR H 108 16.54 -10.62 16.07
CA TYR H 108 17.37 -10.11 17.18
C TYR H 108 17.53 -8.58 17.31
N ARG H 109 16.78 -7.80 16.53
CA ARG H 109 16.90 -6.34 16.65
C ARG H 109 16.73 -5.79 18.05
N ASP H 110 15.75 -6.29 18.78
CA ASP H 110 15.44 -5.83 20.08
C ASP H 110 16.42 -6.31 21.17
N GLU H 111 17.34 -7.19 20.80
CA GLU H 111 18.51 -7.52 21.67
C GLU H 111 19.76 -6.68 21.32
N LEU H 112 19.65 -5.75 20.36
CA LEU H 112 20.83 -5.00 19.96
C LEU H 112 20.71 -3.53 20.30
N ILE H 113 21.88 -2.86 20.50
CA ILE H 113 21.93 -1.41 20.69
C ILE H 113 22.72 -0.91 19.49
N ILE H 114 22.07 -0.09 18.66
CA ILE H 114 22.65 0.37 17.42
C ILE H 114 22.76 1.86 17.50
N SER H 115 23.94 2.39 17.20
CA SER H 115 24.11 3.81 17.20
C SER H 115 24.50 4.34 15.85
N THR H 116 24.14 5.59 15.60
CA THR H 116 24.82 6.33 14.55
C THR H 116 25.10 7.77 14.98
N LYS H 117 25.69 8.54 14.07
CA LYS H 117 26.21 9.85 14.40
C LYS H 117 26.21 10.74 13.19
N ALA H 118 26.22 12.02 13.46
CA ALA H 118 26.45 13.00 12.43
C ALA H 118 27.29 14.14 13.01
N GLY H 119 28.25 14.61 12.22
CA GLY H 119 29.11 15.76 12.64
C GLY H 119 30.32 16.00 11.73
N TYR H 120 30.92 14.93 11.22
CA TYR H 120 32.03 15.04 10.29
C TYR H 120 31.52 15.13 8.84
N ASP H 121 32.45 15.28 7.89
CA ASP H 121 32.09 15.48 6.48
C ASP H 121 31.43 14.26 5.99
N MET H 122 30.24 14.43 5.43
CA MET H 122 29.51 13.27 4.90
C MET H 122 29.16 13.47 3.47
N TRP H 123 28.52 14.58 3.13
CA TRP H 123 28.24 14.92 1.76
C TRP H 123 28.69 16.33 1.42
N PRO H 124 28.79 16.63 0.16
CA PRO H 124 29.38 17.92 -0.19
C PRO H 124 28.52 19.08 0.21
N GLY H 125 29.17 20.21 0.44
CA GLY H 125 28.46 21.46 0.66
C GLY H 125 28.28 21.84 2.13
N PRO H 126 27.68 23.01 2.37
CA PRO H 126 27.53 23.55 3.69
C PRO H 126 26.57 22.82 4.63
N TYR H 127 25.77 21.85 4.15
CA TYR H 127 24.81 21.13 5.03
C TYR H 127 25.27 19.71 5.24
N GLY H 128 26.46 19.41 4.75
CA GLY H 128 27.00 18.03 4.80
C GLY H 128 28.02 17.73 5.89
N SER H 129 28.15 18.67 6.83
CA SER H 129 29.12 18.59 7.89
C SER H 129 28.65 19.48 9.02
N GLY H 130 29.15 19.24 10.23
CA GLY H 130 28.93 20.19 11.33
C GLY H 130 27.79 19.81 12.25
N GLY H 131 27.20 20.81 12.90
CA GLY H 131 26.18 20.55 13.95
C GLY H 131 24.78 21.14 13.76
N SER H 132 24.47 21.58 12.54
CA SER H 132 23.18 22.28 12.29
C SER H 132 22.02 21.26 12.41
N ARG H 133 20.84 21.79 12.64
CA ARG H 133 19.63 21.00 12.67
C ARG H 133 19.44 20.37 11.32
N LYS H 134 19.71 21.14 10.25
CA LYS H 134 19.55 20.64 8.87
C LYS H 134 20.38 19.37 8.70
N TYR H 135 21.66 19.46 9.03
CA TYR H 135 22.58 18.35 8.75
C TYR H 135 22.24 17.17 9.64
N LEU H 136 22.05 17.42 10.93
CA LEU H 136 21.81 16.31 11.87
C LEU H 136 20.48 15.54 11.50
N LEU H 137 19.39 16.27 11.24
CA LEU H 137 18.11 15.62 11.02
C LEU H 137 18.07 14.98 9.62
N ALA H 138 18.67 15.63 8.62
CA ALA H 138 18.70 15.02 7.31
C ALA H 138 19.57 13.80 7.35
N SER H 139 20.66 13.90 8.09
CA SER H 139 21.58 12.74 8.21
C SER H 139 20.96 11.55 8.88
N LEU H 140 20.31 11.78 10.02
CA LEU H 140 19.64 10.73 10.70
C LEU H 140 18.67 10.02 9.77
N ASP H 141 17.85 10.76 9.02
CA ASP H 141 16.96 10.12 8.05
C ASP H 141 17.69 9.24 7.07
N GLN H 142 18.79 9.73 6.52
CA GLN H 142 19.60 8.92 5.57
C GLN H 142 20.14 7.67 6.26
N SER H 143 20.59 7.79 7.52
CA SER H 143 21.19 6.63 8.24
C SER H 143 20.11 5.59 8.48
N LEU H 144 18.88 6.03 8.81
CA LEU H 144 17.82 5.08 9.07
C LEU H 144 17.42 4.36 7.81
N LYS H 145 17.45 5.06 6.70
CA LYS H 145 17.11 4.46 5.44
C LYS H 145 18.19 3.49 5.00
N ARG H 146 19.45 3.88 5.10
CA ARG H 146 20.53 2.96 4.79
C ARG H 146 20.50 1.69 5.64
N MET H 147 20.22 1.82 6.93
CA MET H 147 20.21 0.64 7.82
C MET H 147 18.88 -0.12 7.83
N GLY H 148 17.82 0.47 7.26
CA GLY H 148 16.54 -0.20 7.22
C GLY H 148 15.87 -0.24 8.60
N LEU H 149 16.06 0.78 9.42
CA LEU H 149 15.60 0.82 10.79
C LEU H 149 14.57 1.93 10.96
N GLU H 150 13.60 1.71 11.85
CA GLU H 150 12.71 2.76 12.31
C GLU H 150 13.40 3.74 13.24
N TYR H 151 14.36 3.25 14.04
CA TYR H 151 15.06 4.12 14.96
C TYR H 151 16.37 3.50 15.35
N VAL H 152 17.33 4.37 15.75
CA VAL H 152 18.60 3.93 16.34
C VAL H 152 18.39 4.01 17.84
N ASP H 153 19.13 3.21 18.56
CA ASP H 153 19.11 3.25 20.00
C ASP H 153 19.79 4.48 20.53
N ILE H 154 20.84 4.91 19.86
CA ILE H 154 21.61 6.09 20.26
C ILE H 154 21.98 6.89 19.06
N PHE H 155 21.57 8.15 19.06
CA PHE H 155 22.07 9.05 18.08
C PHE H 155 23.04 10.03 18.71
N TYR H 156 24.20 10.23 18.05
CA TYR H 156 25.21 11.17 18.52
C TYR H 156 25.45 12.41 17.67
N SER H 157 25.71 13.53 18.34
CA SER H 157 26.56 14.62 17.75
C SER H 157 27.98 14.13 17.79
N HIS H 158 28.57 14.01 16.60
CA HIS H 158 29.82 13.24 16.41
C HIS H 158 31.02 14.04 16.83
N ARG H 159 30.87 15.36 16.86
CA ARG H 159 31.97 16.23 17.30
C ARG H 159 31.42 17.61 17.53
N VAL H 160 32.27 18.50 18.05
CA VAL H 160 31.88 19.83 18.36
C VAL H 160 31.88 20.68 17.08
N ASP H 161 30.84 21.51 16.93
CA ASP H 161 30.83 22.50 15.87
C ASP H 161 30.75 23.84 16.59
N GLU H 162 31.83 24.61 16.55
CA GLU H 162 31.91 25.84 17.34
C GLU H 162 31.13 26.94 16.66
N ASN H 163 30.75 26.74 15.42
CA ASN H 163 29.90 27.69 14.69
C ASN H 163 28.42 27.42 14.69
N THR H 164 27.98 26.33 15.32
CA THR H 164 26.57 26.15 15.55
C THR H 164 26.32 26.27 17.03
N PRO H 165 25.31 27.06 17.39
CA PRO H 165 25.06 27.10 18.82
C PRO H 165 24.58 25.78 19.34
N MET H 166 25.08 25.40 20.50
CA MET H 166 24.77 24.14 21.10
C MET H 166 23.24 23.98 21.35
N GLU H 167 22.54 25.09 21.53
CA GLU H 167 21.09 25.08 21.61
C GLU H 167 20.47 24.42 20.37
N GLU H 168 21.04 24.70 19.20
CA GLU H 168 20.53 24.14 17.93
C GLU H 168 20.84 22.64 17.82
N THR H 169 22.10 22.27 18.09
CA THR H 169 22.47 20.87 18.11
C THR H 169 21.65 20.07 19.11
N ALA H 170 21.54 20.55 20.35
CA ALA H 170 20.74 19.89 21.37
C ALA H 170 19.31 19.73 20.98
N SER H 171 18.70 20.78 20.45
CA SER H 171 17.32 20.68 20.03
C SER H 171 17.06 19.70 18.88
N ALA H 172 18.03 19.53 17.98
CA ALA H 172 17.97 18.54 16.96
C ALA H 172 18.03 17.17 17.55
N LEU H 173 18.91 16.97 18.55
CA LEU H 173 18.95 15.66 19.20
C LEU H 173 17.62 15.43 19.88
N ALA H 174 17.06 16.47 20.47
CA ALA H 174 15.77 16.33 21.22
C ALA H 174 14.64 15.93 20.25
N HIS H 175 14.68 16.49 19.04
CA HIS H 175 13.64 16.17 18.03
C HIS H 175 13.75 14.73 17.59
N ALA H 176 14.97 14.25 17.52
CA ALA H 176 15.26 12.84 17.19
C ALA H 176 14.59 11.91 18.19
N VAL H 177 14.73 12.23 19.46
CA VAL H 177 14.07 11.44 20.52
C VAL H 177 12.55 11.59 20.51
N GLN H 178 12.05 12.82 20.50
CA GLN H 178 10.61 13.10 20.46
C GLN H 178 9.90 12.48 19.33
N SER H 179 10.53 12.51 18.15
CA SER H 179 9.93 11.93 16.96
C SER H 179 10.13 10.45 16.84
N GLY H 180 10.80 9.83 17.78
CA GLY H 180 10.88 8.33 17.78
C GLY H 180 11.91 7.81 16.84
N LYS H 181 12.87 8.66 16.44
CA LYS H 181 13.94 8.19 15.55
C LYS H 181 15.22 7.76 16.28
N ALA H 182 15.29 8.07 17.56
CA ALA H 182 16.41 7.65 18.46
C ALA H 182 15.82 7.44 19.87
N LEU H 183 16.22 6.36 20.55
CA LEU H 183 15.72 6.11 21.89
C LEU H 183 16.48 6.99 22.89
N TYR H 184 17.78 7.18 22.65
CA TYR H 184 18.68 7.94 23.54
C TYR H 184 19.65 8.74 22.67
N VAL H 185 20.27 9.73 23.24
CA VAL H 185 21.23 10.52 22.52
C VAL H 185 22.59 10.58 23.21
N GLY H 186 23.62 10.84 22.42
CA GLY H 186 24.98 10.93 22.96
C GLY H 186 25.78 12.00 22.28
N ILE H 187 26.96 12.27 22.84
CA ILE H 187 27.94 13.19 22.22
C ILE H 187 29.32 12.59 22.21
N SER H 188 30.15 13.06 21.28
CA SER H 188 31.44 12.47 21.07
C SER H 188 32.46 13.57 20.96
N SER H 189 33.56 13.41 21.70
CA SER H 189 34.70 14.34 21.66
C SER H 189 34.35 15.76 22.07
N TYR H 190 33.42 15.93 23.02
CA TYR H 190 33.10 17.23 23.62
C TYR H 190 33.97 17.43 24.88
N SER H 191 34.55 18.64 25.04
CA SER H 191 35.23 19.04 26.26
C SER H 191 34.33 18.90 27.47
N PRO H 192 34.90 18.86 28.68
CA PRO H 192 34.05 18.84 29.89
C PRO H 192 33.06 20.01 29.96
N GLU H 193 33.49 21.20 29.58
CA GLU H 193 32.63 22.38 29.64
C GLU H 193 31.49 22.29 28.65
N ARG H 194 31.76 21.82 27.44
CA ARG H 194 30.71 21.71 26.45
C ARG H 194 29.74 20.54 26.78
N THR H 195 30.28 19.46 27.34
CA THR H 195 29.53 18.37 27.82
C THR H 195 28.51 18.80 28.86
N GLN H 196 28.98 19.54 29.85
CA GLN H 196 28.11 20.06 30.90
C GLN H 196 27.00 20.96 30.31
N LYS H 197 27.34 21.79 29.35
CA LYS H 197 26.31 22.62 28.67
C LYS H 197 25.28 21.74 27.93
N MET H 198 25.73 20.68 27.26
CA MET H 198 24.83 19.81 26.53
C MET H 198 23.92 19.09 27.51
N VAL H 199 24.45 18.65 28.66
CA VAL H 199 23.60 18.02 29.66
C VAL H 199 22.48 18.97 30.07
N GLU H 200 22.83 20.21 30.29
CA GLU H 200 21.86 21.20 30.72
C GLU H 200 20.82 21.48 29.65
N LEU H 201 21.26 21.62 28.40
CA LEU H 201 20.33 21.95 27.34
C LEU H 201 19.34 20.80 27.12
N LEU H 202 19.82 19.58 27.21
CA LEU H 202 18.98 18.44 26.99
C LEU H 202 18.00 18.25 28.19
N ARG H 203 18.41 18.63 29.39
CA ARG H 203 17.53 18.59 30.56
C ARG H 203 16.35 19.53 30.36
N GLU H 204 16.58 20.65 29.66
CA GLU H 204 15.45 21.57 29.39
C GLU H 204 14.37 20.87 28.58
N TRP H 205 14.73 19.81 27.86
CA TRP H 205 13.77 19.04 27.08
C TRP H 205 13.32 17.81 27.84
N LYS H 206 13.74 17.68 29.10
CA LYS H 206 13.54 16.47 29.92
C LYS H 206 14.16 15.24 29.30
N ILE H 207 15.34 15.40 28.69
CA ILE H 207 16.04 14.27 28.15
C ILE H 207 17.41 14.19 28.85
N PRO H 208 17.76 13.03 29.45
CA PRO H 208 19.10 12.89 30.00
C PRO H 208 20.11 12.48 28.95
N LEU H 209 21.28 13.16 28.88
CA LEU H 209 22.30 12.76 28.01
C LEU H 209 22.76 11.37 28.41
N LEU H 210 22.71 10.41 27.50
CA LEU H 210 23.06 9.04 27.88
C LEU H 210 24.54 8.81 28.02
N ILE H 211 25.31 9.23 27.00
CA ILE H 211 26.66 8.72 26.85
C ILE H 211 27.58 9.70 26.13
N HIS H 212 28.87 9.59 26.46
CA HIS H 212 29.93 10.38 25.85
C HIS H 212 30.87 9.39 25.28
N GLN H 213 31.35 9.62 24.06
CA GLN H 213 32.29 8.72 23.37
C GLN H 213 33.61 9.48 23.08
N PRO H 214 34.65 9.31 23.93
CA PRO H 214 35.92 10.04 23.73
C PRO H 214 36.96 9.12 23.27
N SER H 215 38.00 9.63 22.61
CA SER H 215 39.16 8.78 22.38
C SER H 215 39.85 8.59 23.75
N TYR H 216 40.23 7.36 24.11
CA TYR H 216 40.79 7.09 25.42
C TYR H 216 41.50 5.73 25.38
N ASN H 217 42.78 5.73 25.74
CA ASN H 217 43.56 4.52 25.82
C ASN H 217 44.79 4.78 26.70
N LEU H 218 45.55 3.74 27.00
CA LEU H 218 46.75 3.88 27.81
C LEU H 218 47.69 5.03 27.35
N LEU H 219 47.79 5.27 26.02
CA LEU H 219 48.67 6.30 25.44
C LEU H 219 47.97 7.61 25.11
N ASN H 220 46.73 7.79 25.57
CA ASN H 220 45.94 9.00 25.23
C ASN H 220 44.92 9.21 26.32
N ARG H 221 45.27 10.07 27.27
CA ARG H 221 44.48 10.25 28.48
C ARG H 221 43.94 11.62 28.71
N TRP H 222 43.62 12.34 27.65
CA TRP H 222 43.07 13.68 27.81
C TRP H 222 41.82 13.57 28.66
N VAL H 223 41.13 12.43 28.58
CA VAL H 223 39.94 12.23 29.35
C VAL H 223 40.21 12.36 30.85
N ASP H 224 41.30 11.75 31.32
CA ASP H 224 41.69 11.80 32.75
C ASP H 224 42.11 13.25 33.10
N LYS H 225 43.12 13.73 32.39
CA LYS H 225 43.73 15.05 32.60
C LYS H 225 42.74 16.23 32.50
N SER H 226 41.80 16.16 31.56
CA SER H 226 40.82 17.24 31.40
C SER H 226 39.77 17.29 32.54
N GLY H 227 39.61 16.20 33.26
CA GLY H 227 38.47 16.11 34.20
C GLY H 227 37.15 15.60 33.62
N LEU H 228 37.19 15.04 32.41
CA LEU H 228 35.95 14.58 31.74
C LEU H 228 35.25 13.48 32.52
N LEU H 229 35.98 12.49 33.00
CA LEU H 229 35.35 11.42 33.74
C LEU H 229 34.58 11.94 34.96
N ASP H 230 35.06 13.01 35.59
CA ASP H 230 34.34 13.58 36.72
C ASP H 230 33.05 14.22 36.21
N THR H 231 33.14 14.99 35.12
CA THR H 231 31.93 15.65 34.57
C THR H 231 30.87 14.58 34.25
N LEU H 232 31.32 13.46 33.67
CA LEU H 232 30.43 12.41 33.28
C LEU H 232 29.76 11.77 34.48
N GLN H 233 30.56 11.37 35.46
CA GLN H 233 30.01 10.79 36.69
C GLN H 233 29.10 11.75 37.42
N ASN H 234 29.50 13.01 37.53
CA ASN H 234 28.63 13.99 38.21
C ASN H 234 27.31 14.19 37.54
N ASN H 235 27.23 13.92 36.25
CA ASN H 235 25.97 14.13 35.51
C ASN H 235 25.27 12.82 35.17
N GLY H 236 25.81 11.70 35.63
CA GLY H 236 25.26 10.39 35.31
C GLY H 236 25.36 9.99 33.84
N VAL H 237 26.37 10.47 33.13
CA VAL H 237 26.59 10.16 31.72
C VAL H 237 27.61 9.00 31.60
N GLY H 238 27.30 8.03 30.77
CA GLY H 238 28.20 6.91 30.49
C GLY H 238 29.40 7.35 29.68
N CYS H 239 30.38 6.46 29.56
CA CYS H 239 31.58 6.71 28.81
C CYS H 239 31.92 5.49 28.01
N ILE H 240 32.07 5.64 26.68
CA ILE H 240 32.49 4.52 25.86
C ILE H 240 33.78 4.94 25.17
N ALA H 241 34.87 4.20 25.46
CA ALA H 241 36.25 4.56 25.01
C ALA H 241 36.47 4.15 23.56
N PHE H 242 36.81 5.11 22.69
CA PHE H 242 37.13 4.76 21.30
C PHE H 242 38.61 4.76 21.00
N THR H 243 38.98 4.00 19.98
CA THR H 243 40.38 3.60 19.71
C THR H 243 41.11 3.12 21.01
N PRO H 244 40.51 2.15 21.71
CA PRO H 244 41.06 1.71 22.99
C PRO H 244 42.39 0.97 22.86
N LEU H 245 42.72 0.55 21.65
CA LEU H 245 44.02 -0.06 21.38
C LEU H 245 44.93 0.85 20.59
N ALA H 246 44.64 2.15 20.60
CA ALA H 246 45.36 3.12 19.78
C ALA H 246 45.52 2.64 18.32
N GLN H 247 44.43 2.05 17.81
CA GLN H 247 44.30 1.52 16.46
C GLN H 247 45.07 0.25 16.15
N GLY H 248 45.62 -0.41 17.20
CA GLY H 248 46.58 -1.51 17.04
C GLY H 248 47.97 -1.31 17.64
N LEU H 249 48.37 -0.06 17.84
CA LEU H 249 49.63 0.23 18.51
C LEU H 249 49.78 -0.51 19.84
N LEU H 250 48.71 -0.62 20.62
CA LEU H 250 48.72 -1.29 21.93
C LEU H 250 48.46 -2.79 21.79
N THR H 251 48.83 -3.34 20.64
CA THR H 251 48.98 -4.74 20.44
C THR H 251 50.49 -4.87 20.14
N LEU H 290 56.01 -2.65 28.47
CA LEU H 290 54.56 -2.84 28.64
C LEU H 290 54.13 -4.24 28.24
N ASN H 291 54.69 -4.75 27.15
CA ASN H 291 54.43 -6.11 26.74
C ASN H 291 54.90 -7.11 27.79
N GLU H 292 56.02 -6.79 28.43
CA GLU H 292 56.53 -7.65 29.51
C GLU H 292 55.61 -7.59 30.75
N MET H 293 55.05 -6.43 31.09
CA MET H 293 54.04 -6.38 32.16
C MET H 293 52.80 -7.23 31.81
N ALA H 294 52.41 -7.22 30.55
CA ALA H 294 51.25 -7.98 30.12
C ALA H 294 51.56 -9.46 30.27
N GLN H 295 52.73 -9.86 29.78
CA GLN H 295 53.20 -11.25 29.94
C GLN H 295 53.17 -11.67 31.40
N GLN H 296 53.65 -10.81 32.31
CA GLN H 296 53.60 -11.09 33.75
C GLN H 296 52.19 -11.36 34.24
N ARG H 297 51.19 -10.68 33.65
CA ARG H 297 49.79 -10.85 34.03
C ARG H 297 49.11 -12.02 33.34
N GLY H 298 49.81 -12.68 32.43
CA GLY H 298 49.22 -13.75 31.64
C GLY H 298 48.30 -13.22 30.53
N GLN H 299 48.54 -11.99 30.08
CA GLN H 299 47.72 -11.34 29.05
C GLN H 299 48.54 -10.93 27.85
N SER H 300 47.91 -10.90 26.69
CA SER H 300 48.52 -10.20 25.55
C SER H 300 48.50 -8.73 25.88
N MET H 301 49.32 -7.99 25.17
CA MET H 301 49.32 -6.54 25.31
C MET H 301 47.90 -5.92 25.03
N ALA H 302 47.22 -6.43 24.01
CA ALA H 302 45.86 -5.97 23.65
C ALA H 302 44.93 -6.17 24.82
N GLN H 303 44.97 -7.36 25.42
CA GLN H 303 44.08 -7.66 26.56
C GLN H 303 44.37 -6.74 27.73
N MET H 304 45.64 -6.42 27.97
CA MET H 304 45.95 -5.58 29.09
C MET H 304 45.45 -4.16 28.85
N ALA H 305 45.68 -3.67 27.64
CA ALA H 305 45.21 -2.32 27.27
C ALA H 305 43.70 -2.17 27.51
N LEU H 306 42.93 -3.21 27.18
CA LEU H 306 41.48 -3.19 27.39
C LEU H 306 41.10 -3.32 28.85
N SER H 307 41.73 -4.27 29.55
CA SER H 307 41.54 -4.42 30.98
C SER H 307 41.81 -3.12 31.72
N TRP H 308 42.86 -2.41 31.31
CA TRP H 308 43.23 -1.19 31.96
C TRP H 308 42.13 -0.16 31.87
N LEU H 309 41.51 -0.02 30.69
CA LEU H 309 40.40 0.94 30.54
C LEU H 309 39.22 0.49 31.43
N LEU H 310 39.02 -0.83 31.52
CA LEU H 310 37.90 -1.39 32.22
C LEU H 310 38.18 -1.66 33.70
N LYS H 311 39.37 -1.26 34.18
CA LYS H 311 39.72 -1.46 35.58
C LYS H 311 38.79 -0.74 36.57
N ASP H 312 38.11 0.30 36.10
CA ASP H 312 37.29 1.19 36.89
C ASP H 312 35.87 1.13 36.43
N ASP H 313 34.93 1.49 37.30
CA ASP H 313 33.56 1.72 36.90
C ASP H 313 33.40 3.05 36.15
N ARG H 314 34.51 3.71 35.83
CA ARG H 314 34.49 5.03 35.17
C ARG H 314 34.19 4.92 33.66
N VAL H 315 34.46 3.75 33.09
CA VAL H 315 34.27 3.46 31.71
C VAL H 315 33.17 2.43 31.62
N THR H 316 32.13 2.75 30.85
CA THR H 316 30.99 1.83 30.62
C THR H 316 31.39 0.72 29.65
N SER H 317 32.19 1.04 28.62
CA SER H 317 32.50 0.08 27.58
C SER H 317 33.71 0.54 26.84
N VAL H 318 34.41 -0.41 26.21
CA VAL H 318 35.50 -0.10 25.32
C VAL H 318 35.04 -0.53 23.93
N LEU H 319 35.29 0.32 22.94
CA LEU H 319 34.75 0.17 21.62
C LEU H 319 35.86 -0.32 20.75
N ILE H 320 35.93 -1.62 20.56
CA ILE H 320 36.93 -2.24 19.76
C ILE H 320 36.51 -2.37 18.28
N GLY H 321 37.51 -2.41 17.40
CA GLY H 321 37.33 -2.78 16.00
C GLY H 321 37.89 -4.18 15.81
N ALA H 322 37.61 -4.78 14.65
CA ALA H 322 38.10 -6.09 14.36
C ALA H 322 38.06 -6.28 12.87
N SER H 323 39.06 -7.00 12.34
CA SER H 323 39.10 -7.37 10.95
C SER H 323 38.83 -8.84 10.78
N ARG H 324 38.77 -9.59 11.90
CA ARG H 324 38.41 -11.02 11.83
C ARG H 324 37.89 -11.53 13.18
N ALA H 325 37.15 -12.63 13.14
CA ALA H 325 36.48 -13.16 14.38
C ALA H 325 37.47 -13.49 15.51
N GLU H 326 38.65 -14.00 15.15
CA GLU H 326 39.62 -14.42 16.16
C GLU H 326 40.03 -13.25 17.08
N GLN H 327 40.04 -12.03 16.54
CA GLN H 327 40.45 -10.87 17.32
C GLN H 327 39.42 -10.59 18.39
N LEU H 328 38.15 -10.81 18.08
CA LEU H 328 37.12 -10.63 19.09
C LEU H 328 37.29 -11.64 20.21
N GLU H 329 37.54 -12.91 19.85
CA GLU H 329 37.77 -13.98 20.85
C GLU H 329 38.91 -13.64 21.79
N GLU H 330 40.03 -13.16 21.25
CA GLU H 330 41.13 -12.71 22.10
C GLU H 330 40.76 -11.54 22.98
N ASN H 331 40.12 -10.51 22.39
CA ASN H 331 39.88 -9.30 23.14
C ASN H 331 38.95 -9.44 24.31
N VAL H 332 37.90 -10.22 24.15
CA VAL H 332 36.90 -10.33 25.23
C VAL H 332 37.53 -11.02 26.46
N GLN H 333 38.60 -11.77 26.25
CA GLN H 333 39.25 -12.44 27.38
C GLN H 333 39.92 -11.44 28.35
N ALA H 334 39.99 -10.17 27.96
CA ALA H 334 40.41 -9.10 28.87
C ALA H 334 39.61 -9.12 30.14
N LEU H 335 38.35 -9.56 30.03
CA LEU H 335 37.46 -9.57 31.18
C LEU H 335 37.92 -10.56 32.27
N ASN H 336 38.78 -11.51 31.92
CA ASN H 336 39.33 -12.43 32.92
C ASN H 336 40.28 -11.80 33.94
N ASN H 337 40.81 -10.63 33.63
CA ASN H 337 41.73 -9.96 34.53
C ASN H 337 41.63 -8.44 34.50
N LEU H 338 40.68 -7.92 35.25
CA LEU H 338 40.45 -6.49 35.34
C LEU H 338 41.11 -5.81 36.56
N THR H 339 41.90 -6.55 37.33
CA THR H 339 42.57 -5.97 38.51
C THR H 339 43.99 -5.52 38.20
N PHE H 340 44.32 -4.32 38.65
CA PHE H 340 45.68 -3.78 38.62
C PHE H 340 46.06 -3.34 40.04
N SER H 341 47.24 -3.78 40.51
CA SER H 341 47.75 -3.32 41.81
C SER H 341 48.18 -1.87 41.67
N THR H 342 48.30 -1.19 42.82
CA THR H 342 48.82 0.19 42.87
C THR H 342 50.22 0.28 42.23
N LYS H 343 51.03 -0.77 42.45
CA LYS H 343 52.39 -0.88 41.92
C LYS H 343 52.32 -0.82 40.39
N GLU H 344 51.50 -1.72 39.85
CA GLU H 344 51.30 -1.83 38.40
C GLU H 344 50.91 -0.51 37.76
N LEU H 345 49.93 0.16 38.37
CA LEU H 345 49.48 1.44 37.85
C LEU H 345 50.60 2.47 38.06
N GLY H 355 51.19 9.48 23.67
CA GLY H 355 51.58 8.94 22.38
C GLY H 355 51.41 9.92 21.22
N GLU H 356 50.82 11.09 21.48
CA GLU H 356 50.51 12.10 20.45
C GLU H 356 49.75 11.49 19.27
N LEU H 357 48.74 10.68 19.58
CA LEU H 357 47.97 9.93 18.57
C LEU H 357 46.45 10.19 18.61
N ASN H 358 46.03 11.18 19.39
CA ASN H 358 44.64 11.65 19.38
C ASN H 358 44.37 12.48 18.12
N LEU H 359 43.96 11.80 17.05
CA LEU H 359 43.60 12.46 15.78
C LEU H 359 42.23 13.21 15.85
N TRP H 360 41.52 13.18 17.01
CA TRP H 360 40.23 13.84 17.24
C TRP H 360 40.32 14.91 18.30
N GLN H 361 41.54 15.44 18.44
CA GLN H 361 41.85 16.46 19.44
C GLN H 361 41.26 17.85 19.07
N ALA H 362 41.16 18.15 17.76
CA ALA H 362 40.51 19.39 17.28
C ALA H 362 39.17 19.61 18.01
N SER H 363 38.35 18.56 18.08
CA SER H 363 37.02 18.66 18.69
C SER H 363 37.08 18.89 20.23
N SER H 364 37.90 18.09 20.95
CA SER H 364 38.00 18.14 22.43
C SER H 364 38.70 19.41 22.97
N ASP H 365 39.48 20.10 22.12
CA ASP H 365 40.14 21.39 22.46
C ASP H 365 39.28 22.64 22.37
N LYS H 366 38.08 22.52 21.82
CA LYS H 366 37.15 23.66 21.72
C LYS H 366 36.29 23.87 22.97
PA NAP I . -41.70 -5.86 -11.73
O1A NAP I . -41.49 -7.09 -10.74
O2A NAP I . -42.20 -5.77 -13.23
O5B NAP I . -42.28 -4.55 -10.90
C5B NAP I . -41.61 -4.18 -9.68
C4B NAP I . -42.38 -3.11 -8.97
O4B NAP I . -43.77 -3.51 -8.90
C3B NAP I . -41.89 -2.86 -7.54
O3B NAP I . -40.83 -1.88 -7.44
C2B NAP I . -43.18 -2.46 -6.85
O2B NAP I . -43.42 -1.07 -7.13
C1B NAP I . -44.25 -3.30 -7.56
N9A NAP I . -44.50 -4.60 -6.84
C8A NAP I . -43.61 -5.61 -6.65
N7A NAP I . -44.21 -6.62 -5.95
C5A NAP I . -45.49 -6.26 -5.68
C6A NAP I . -46.66 -6.85 -4.99
N6A NAP I . -46.61 -8.05 -4.41
N1A NAP I . -47.81 -6.14 -4.92
C2A NAP I . -47.92 -4.91 -5.47
N3A NAP I . -46.89 -4.32 -6.14
C4A NAP I . -45.68 -4.92 -6.27
O3 NAP I . -40.15 -5.40 -11.76
PN NAP I . -39.43 -4.09 -12.41
O1N NAP I . -38.92 -3.26 -11.22
O2N NAP I . -40.35 -3.56 -13.54
O5D NAP I . -38.23 -4.98 -13.03
C5D NAP I . -37.71 -6.07 -12.26
C4D NAP I . -36.19 -6.04 -12.27
O4D NAP I . -35.92 -6.48 -13.60
C3D NAP I . -35.46 -4.71 -12.15
O3D NAP I . -35.19 -4.32 -10.81
C2D NAP I . -34.21 -4.88 -13.08
O2D NAP I . -32.91 -5.29 -12.50
C1D NAP I . -34.75 -5.86 -14.15
N1N NAP I . -35.01 -5.17 -15.46
C2N NAP I . -34.12 -5.40 -16.45
C3N NAP I . -34.22 -4.78 -17.72
C7N NAP I . -33.24 -5.09 -18.85
O7N NAP I . -33.34 -4.43 -19.89
N7N NAP I . -32.30 -6.02 -18.69
C4N NAP I . -35.31 -3.89 -17.91
C5N NAP I . -36.18 -3.67 -16.85
C6N NAP I . -35.99 -4.29 -15.63
P2B NAP I . -44.16 0.05 -6.22
O1X NAP I . -44.33 1.16 -7.25
O2X NAP I . -45.45 -0.57 -5.70
O3X NAP I . -43.12 0.28 -5.17
CAC FLC J . -32.74 2.43 -20.30
CA FLC J . -33.03 0.95 -20.26
CB FLC J . -33.10 0.44 -18.83
CBC FLC J . -31.80 0.77 -18.08
CG FLC J . -33.32 -1.08 -18.89
CGC FLC J . -32.99 -1.70 -17.55
OA1 FLC J . -33.61 3.18 -20.81
OA2 FLC J . -31.64 2.84 -19.86
OB1 FLC J . -30.68 0.63 -18.63
OB2 FLC J . -31.86 1.16 -16.90
OG1 FLC J . -33.61 -1.18 -16.60
OG2 FLC J . -32.19 -2.68 -17.38
OHB FLC J . -34.26 1.11 -18.24
PA NAP K . 35.61 -17.88 -19.30
O1A NAP K . 35.55 -16.52 -19.98
O2A NAP K . 35.79 -19.28 -19.91
O5B NAP K . 36.67 -17.73 -18.08
C5B NAP K . 36.78 -16.39 -17.59
C4B NAP K . 37.74 -16.23 -16.42
O4B NAP K . 39.06 -16.24 -17.01
C3B NAP K . 37.60 -14.89 -15.68
O3B NAP K . 36.78 -14.89 -14.51
C2B NAP K . 39.04 -14.60 -15.30
O2B NAP K . 39.35 -15.44 -14.16
C1B NAP K . 39.80 -15.09 -16.56
N9A NAP K . 40.00 -14.13 -17.71
C8A NAP K . 39.07 -13.65 -18.60
N7A NAP K . 39.64 -12.82 -19.51
C5A NAP K . 40.95 -12.76 -19.25
C6A NAP K . 42.15 -12.07 -19.83
N6A NAP K . 42.04 -11.26 -20.90
N1A NAP K . 43.35 -12.28 -19.22
C2A NAP K . 43.51 -13.09 -18.14
N3A NAP K . 42.47 -13.75 -17.57
C4A NAP K . 41.20 -13.63 -18.06
O3 NAP K . 34.14 -17.81 -18.60
PN NAP K . 33.68 -18.33 -17.11
O1N NAP K . 33.96 -17.24 -16.09
O2N NAP K . 34.09 -19.79 -16.82
O5D NAP K . 32.09 -18.32 -17.47
C5D NAP K . 31.49 -17.24 -18.20
C4D NAP K . 29.97 -17.23 -18.04
O4D NAP K . 29.35 -18.30 -18.79
C3D NAP K . 29.51 -17.42 -16.59
O3D NAP K . 29.53 -16.22 -15.78
C2D NAP K . 28.12 -18.00 -16.77
O2D NAP K . 27.20 -16.89 -16.87
C1D NAP K . 28.22 -18.83 -18.06
N1N NAP K . 28.28 -20.27 -17.71
C2N NAP K . 27.13 -20.99 -17.89
C3N NAP K . 27.02 -22.34 -17.54
C7N NAP K . 25.74 -23.16 -17.78
O7N NAP K . 25.66 -24.29 -17.24
N7N NAP K . 24.71 -22.71 -18.54
C4N NAP K . 28.20 -22.93 -16.99
C5N NAP K . 29.35 -22.17 -16.76
C6N NAP K . 29.35 -20.84 -17.13
P2B NAP K . 40.43 -15.07 -12.99
O1X NAP K . 41.53 -16.07 -13.23
O2X NAP K . 40.76 -13.63 -13.29
O3X NAP K . 39.65 -15.24 -11.69
CAC FLC L . 26.61 -26.56 -11.02
CA FLC L . 26.35 -25.95 -12.42
CB FLC L . 26.74 -24.49 -12.64
CBC FLC L . 26.28 -23.48 -11.57
CG FLC L . 26.11 -24.03 -13.97
CGC FLC L . 26.51 -22.61 -14.31
OA1 FLC L . 27.29 -27.63 -10.93
OA2 FLC L . 26.08 -25.99 -9.99
OB1 FLC L . 25.14 -22.97 -11.67
OB2 FLC L . 27.02 -23.08 -10.63
OG1 FLC L . 27.60 -22.28 -13.85
OG2 FLC L . 25.79 -21.79 -14.99
OHB FLC L . 28.19 -24.47 -12.82
PA NAP M . -5.38 -42.48 8.69
O1A NAP M . -3.84 -42.41 8.49
O2A NAP M . -6.36 -43.51 8.08
O5B NAP M . -5.51 -42.37 10.32
C5B NAP M . -4.94 -41.27 11.05
C4B NAP M . -5.19 -41.39 12.53
O4B NAP M . -4.86 -42.73 12.95
C3B NAP M . -4.36 -40.45 13.38
O3B NAP M . -4.93 -39.13 13.53
C2B NAP M . -4.27 -41.22 14.69
O2B NAP M . -5.48 -41.00 15.44
C1B NAP M . -4.18 -42.66 14.22
N9A NAP M . -2.76 -43.12 14.05
C8A NAP M . -1.94 -42.78 13.03
N7A NAP M . -0.73 -43.37 13.17
C5A NAP M . -0.79 -44.13 14.28
C6A NAP M . 0.15 -45.03 15.01
N6A NAP M . 1.41 -45.21 14.54
N1A NAP M . -0.32 -45.60 16.17
C2A NAP M . -1.57 -45.41 16.64
N3A NAP M . -2.48 -44.63 16.02
C4A NAP M . -2.14 -43.97 14.86
O3 NAP M . -5.78 -41.01 8.12
PN NAP M . -7.04 -40.00 8.40
O1N NAP M . -6.63 -38.96 9.47
O2N NAP M . -8.30 -40.86 8.55
O5D NAP M . -6.88 -39.31 6.94
C5D NAP M . -5.58 -38.95 6.46
C4D NAP M . -5.61 -37.66 5.69
O4D NAP M . -6.23 -37.98 4.43
C3D NAP M . -6.43 -36.49 6.20
O3D NAP M . -5.74 -35.64 7.19
C2D NAP M . -6.79 -35.75 4.88
O2D NAP M . -5.73 -34.87 4.44
C1D NAP M . -7.03 -36.89 3.87
N1N NAP M . -8.44 -37.28 3.62
C2N NAP M . -9.05 -36.90 2.47
C3N NAP M . -10.40 -37.20 2.18
C7N NAP M . -11.10 -36.84 0.87
O7N NAP M . -12.33 -36.78 0.74
N7N NAP M . -10.32 -36.58 -0.18
C4N NAP M . -11.07 -37.92 3.15
C5N NAP M . -10.44 -38.30 4.34
C6N NAP M . -9.14 -37.94 4.56
P2B NAP M . -5.65 -40.93 17.06
O1X NAP M . -6.46 -42.18 17.32
O2X NAP M . -4.24 -40.87 17.62
O3X NAP M . -6.42 -39.65 17.38
CAC FLC N . -17.00 -33.91 4.50
CA FLC N . -16.02 -34.80 3.79
CB FLC N . -14.64 -34.81 4.41
CBC FLC N . -14.32 -33.40 4.95
CG FLC N . -13.68 -35.24 3.29
CGC FLC N . -12.22 -34.97 3.60
OA1 FLC N . -17.92 -34.45 5.15
OA2 FLC N . -16.88 -32.69 4.38
OB1 FLC N . -13.86 -32.59 4.11
OB2 FLC N . -14.54 -33.11 6.18
OG1 FLC N . -11.93 -35.09 4.80
OG2 FLC N . -11.37 -34.62 2.68
OHB FLC N . -14.59 -35.79 5.47
CAC FLC O . 10.61 10.51 -36.34
CA FLC O . 9.21 10.00 -36.67
CB FLC O . 8.09 10.95 -36.21
CBC FLC O . 8.12 10.93 -34.65
CG FLC O . 6.72 10.54 -36.79
CGC FLC O . 5.51 11.07 -36.03
OA1 FLC O . 11.11 11.35 -37.12
OA2 FLC O . 11.25 10.10 -35.34
OB1 FLC O . 8.29 9.87 -34.02
OB2 FLC O . 8.00 11.99 -33.98
OG1 FLC O . 5.63 12.25 -35.63
OG2 FLC O . 4.42 10.39 -35.82
OHB FLC O . 8.47 12.21 -36.85
PA NAP P . -7.45 -15.56 40.66
O1A NAP P . -8.74 -14.76 40.49
O2A NAP P . -6.65 -15.67 41.97
O5B NAP P . -7.61 -17.08 40.09
C5B NAP P . -8.25 -17.48 38.88
C4B NAP P . -8.21 -19.00 38.80
O4B NAP P . -8.96 -19.56 39.89
C3B NAP P . -8.83 -19.58 37.51
O3B NAP P . -7.86 -19.87 36.46
C2B NAP P . -9.45 -20.87 37.99
O2B NAP P . -8.44 -21.86 37.89
C1B NAP P . -9.79 -20.64 39.45
N9A NAP P . -11.19 -20.18 39.64
C8A NAP P . -11.61 -18.97 39.25
N7A NAP P . -12.91 -18.77 39.55
C5A NAP P . -13.36 -19.90 40.16
C6A NAP P . -14.66 -20.33 40.72
N6A NAP P . -15.72 -19.48 40.70
N1A NAP P . -14.74 -21.59 41.24
C2A NAP P . -13.68 -22.42 41.29
N3A NAP P . -12.47 -22.08 40.79
C4A NAP P . -12.23 -20.84 40.22
O3 NAP P . -6.47 -14.77 39.63
PN NAP P . -5.21 -15.34 38.82
O1N NAP P . -5.72 -16.14 37.65
O2N NAP P . -4.23 -15.99 39.80
O5D NAP P . -4.70 -13.90 38.36
C5D NAP P . -5.69 -12.97 37.97
C4D NAP P . -5.15 -12.03 36.88
O4D NAP P . -4.48 -10.94 37.57
C3D NAP P . -4.19 -12.56 35.83
O3D NAP P . -4.92 -13.10 34.72
C2D NAP P . -3.35 -11.31 35.54
O2D NAP P . -3.90 -10.46 34.52
C1D NAP P . -3.29 -10.56 36.91
N1N NAP P . -2.01 -10.85 37.63
C2N NAP P . -1.09 -9.86 37.69
C3N NAP P . 0.18 -10.01 38.25
C7N NAP P . 1.15 -8.88 38.32
O7N NAP P . 2.31 -9.06 38.74
N7N NAP P . 0.76 -7.67 37.94
C4N NAP P . 0.50 -11.28 38.76
C5N NAP P . -0.43 -12.30 38.69
C6N NAP P . -1.69 -12.06 38.10
P2B NAP P . -8.62 -23.39 37.53
O1X NAP P . -8.32 -23.99 38.91
O2X NAP P . -10.05 -23.27 37.05
O3X NAP P . -7.73 -23.96 36.44
CAC FLC Q . 6.54 -13.50 36.24
CA FLC Q . 5.64 -12.52 36.91
CB FLC Q . 4.24 -12.71 36.38
CBC FLC Q . 4.18 -12.69 34.85
CG FLC Q . 3.36 -11.57 36.83
CGC FLC Q . 2.01 -11.58 36.15
OA1 FLC Q . 7.31 -14.15 36.97
OA2 FLC Q . 6.49 -13.60 34.99
OB1 FLC Q . 4.52 -11.64 34.23
OB2 FLC Q . 3.74 -13.74 34.28
OG1 FLC Q . 1.41 -12.68 36.05
OG2 FLC Q . 1.55 -10.46 35.75
OHB FLC Q . 3.77 -13.95 36.92
PA NAP R . 15.21 41.43 -8.32
O1A NAP R . 16.51 40.59 -8.21
O2A NAP R . 14.92 42.77 -7.67
O5B NAP R . 14.84 41.37 -9.93
C5B NAP R . 15.08 40.14 -10.64
C4B NAP R . 14.77 40.36 -12.10
O4B NAP R . 15.64 41.42 -12.57
C3B NAP R . 15.02 39.15 -13.02
O3B NAP R . 13.87 38.31 -13.18
C2B NAP R . 15.39 39.82 -14.33
O2B NAP R . 14.21 40.29 -14.99
C1B NAP R . 16.18 41.04 -13.85
N9A NAP R . 17.61 40.77 -13.63
C8A NAP R . 18.16 40.02 -12.64
N7A NAP R . 19.51 40.01 -12.76
C5A NAP R . 19.83 40.77 -13.84
C6A NAP R . 21.09 41.20 -14.53
N6A NAP R . 22.29 40.77 -14.03
N1A NAP R . 20.98 41.99 -15.63
C2A NAP R . 19.78 42.42 -16.12
N3A NAP R . 18.61 42.09 -15.54
C4A NAP R . 18.58 41.28 -14.42
O3 NAP R . 14.28 40.29 -7.60
PN NAP R . 12.74 39.84 -7.90
O1N NAP R . 12.64 38.66 -8.89
O2N NAP R . 11.93 41.12 -8.07
O5D NAP R . 12.52 39.22 -6.43
C5D NAP R . 13.60 38.44 -5.94
C4D NAP R . 13.05 37.32 -5.08
O4D NAP R . 12.62 37.98 -3.88
C3D NAP R . 11.83 36.56 -5.61
O3D NAP R . 12.12 35.55 -6.61
C2D NAP R . 11.18 36.07 -4.31
O2D NAP R . 11.60 34.73 -3.94
C1D NAP R . 11.55 37.22 -3.29
N1N NAP R . 10.43 38.16 -3.00
C2N NAP R . 9.81 38.07 -1.83
C3N NAP R . 8.74 38.91 -1.50
C7N NAP R . 8.10 38.84 -0.15
O7N NAP R . 7.12 39.60 0.08
N7N NAP R . 8.63 37.96 0.74
C4N NAP R . 8.28 39.85 -2.47
C5N NAP R . 8.93 39.92 -3.67
C6N NAP R . 9.98 39.04 -3.92
P2B NAP R . 13.96 40.35 -16.61
O1X NAP R . 13.78 41.83 -16.88
O2X NAP R . 15.21 39.67 -17.13
O3X NAP R . 12.70 39.56 -16.91
CAC FLC S . 1.42 39.19 -3.55
CA FLC S . 2.56 39.31 -2.59
CB FLC S . 3.78 38.82 -3.34
CBC FLC S . 3.48 37.38 -3.83
CG FLC S . 5.01 38.90 -2.43
CGC FLC S . 6.06 37.96 -2.93
OA1 FLC S . 0.82 40.23 -3.87
OA2 FLC S . 1.19 38.03 -4.01
OB1 FLC S . 3.09 36.56 -2.99
OB2 FLC S . 3.60 37.02 -5.04
OG1 FLC S . 6.21 37.96 -4.18
OG2 FLC S . 6.72 37.23 -2.11
OHB FLC S . 4.07 39.77 -4.39
PA NAP T . -32.83 25.93 14.24
O1A NAP T . -32.18 26.87 13.25
O2A NAP T . -33.49 26.42 15.53
O5B NAP T . -33.91 24.94 13.55
C5B NAP T . -33.74 24.68 12.16
C4B NAP T . -34.96 24.02 11.57
O4B NAP T . -35.86 25.12 11.46
C3B NAP T . -34.76 23.48 10.16
O3B NAP T . -34.28 22.10 10.09
C2B NAP T . -36.13 23.71 9.59
O2B NAP T . -36.99 22.68 10.09
C1B NAP T . -36.60 25.00 10.23
N9A NAP T . -36.36 26.24 9.48
C8A NAP T . -35.15 26.83 9.34
N7A NAP T . -35.31 27.97 8.60
C5A NAP T . -36.59 28.12 8.27
C6A NAP T . -37.38 29.13 7.50
N6A NAP T . -36.75 30.17 6.95
N1A NAP T . -38.74 28.92 7.35
C2A NAP T . -39.33 27.84 7.90
N3A NAP T . -38.65 26.89 8.61
C4A NAP T . -37.30 26.97 8.82
O3 NAP T . -31.60 24.86 14.60
PN NAP T . -31.64 23.24 14.78
O1N NAP T . -31.85 22.55 13.42
O2N NAP T . -32.61 22.76 15.85
O5D NAP T . -30.14 23.06 15.39
C5D NAP T . -29.15 23.68 14.54
C4D NAP T . -27.77 23.12 14.74
O4D NAP T . -27.28 23.42 16.04
C3D NAP T . -27.69 21.63 14.66
O3D NAP T . -27.78 21.26 13.29
C2D NAP T . -26.37 21.32 15.37
O2D NAP T . -25.29 21.65 14.47
C1D NAP T . -26.48 22.30 16.52
N1N NAP T . -27.02 21.79 17.80
C2N NAP T . -26.13 21.60 18.81
C3N NAP T . -26.48 21.12 20.04
C7N NAP T . -25.44 20.93 21.15
O7N NAP T . -25.75 20.27 22.10
N7N NAP T . -24.24 21.49 21.12
C4N NAP T . -27.84 20.84 20.23
C5N NAP T . -28.77 21.06 19.21
C6N NAP T . -28.32 21.53 18.00
P2B NAP T . -38.17 21.95 9.24
O1X NAP T . -39.41 22.21 10.09
O2X NAP T . -38.14 22.59 7.85
O3X NAP T . -37.79 20.49 9.28
CAC FLC U . -28.56 14.19 22.57
CA FLC U . -27.86 15.55 22.50
CB FLC U . -27.87 16.20 21.11
CBC FLC U . -27.45 15.08 20.14
CG FLC U . -26.95 17.42 21.05
CGC FLC U . -26.81 17.96 19.63
OA1 FLC U . -29.47 14.06 23.40
OA2 FLC U . -28.21 13.21 21.86
OB1 FLC U . -26.27 14.63 20.17
OB2 FLC U . -28.35 14.60 19.40
OG1 FLC U . -27.78 17.81 18.86
OG2 FLC U . -25.75 18.57 19.25
OHB FLC U . -29.20 16.70 20.83
PA NAP V . 41.06 -0.20 18.15
O1A NAP V . 40.39 -1.39 18.91
O2A NAP V . 42.01 0.86 18.73
O5B NAP V . 41.72 -0.79 16.81
C5B NAP V . 41.07 -1.94 16.27
C4B NAP V . 41.91 -2.48 15.14
O4B NAP V . 43.09 -3.08 15.72
C3B NAP V . 41.14 -3.57 14.41
O3B NAP V . 40.45 -3.11 13.24
C2B NAP V . 42.23 -4.55 14.05
O2B NAP V . 42.79 -4.06 12.82
C1B NAP V . 43.22 -4.43 15.22
N9A NAP V . 42.99 -5.38 16.36
C8A NAP V . 41.92 -5.43 17.20
N7A NAP V . 42.07 -6.43 18.12
C5A NAP V . 43.28 -6.97 17.89
C6A NAP V . 44.10 -8.08 18.48
N6A NAP V . 43.58 -8.75 19.54
N1A NAP V . 45.31 -8.38 17.93
C2A NAP V . 45.80 -7.73 16.85
N3A NAP V . 45.10 -6.72 16.27
C4A NAP V . 43.88 -6.30 16.73
O3 NAP V . 39.76 0.66 17.66
PN NAP V . 39.50 1.44 16.28
O1N NAP V . 39.12 0.35 15.28
O2N NAP V . 40.63 2.39 15.85
O5D NAP V . 38.18 2.20 16.76
C5D NAP V . 37.15 1.26 17.11
C4D NAP V . 35.79 1.89 17.04
O4D NAP V . 35.81 3.08 17.84
C3D NAP V . 35.39 2.31 15.65
O3D NAP V . 34.92 1.21 14.84
C2D NAP V . 34.37 3.42 15.98
O2D NAP V . 33.06 2.92 16.25
C1D NAP V . 34.96 4.09 17.25
N1N NAP V . 35.64 5.36 16.87
C2N NAP V . 34.98 6.52 17.08
C3N NAP V . 35.52 7.74 16.69
C7N NAP V . 34.85 9.08 16.96
O7N NAP V . 35.39 10.07 16.46
N7N NAP V . 33.73 9.17 17.72
C4N NAP V . 36.75 7.71 16.04
C5N NAP V . 37.39 6.51 15.80
C6N NAP V . 36.80 5.33 16.21
P2B NAP V . 43.76 -4.91 11.84
O1X NAP V . 45.15 -4.38 12.13
O2X NAP V . 43.44 -6.35 12.25
O3X NAP V . 43.27 -4.57 10.45
CAC FLC W . 36.67 11.87 10.15
CA FLC W . 36.53 11.45 11.64
CB FLC W . 36.14 9.99 11.93
CBC FLC W . 35.05 9.48 10.98
CG FLC W . 35.59 9.80 13.35
CGC FLC W . 35.10 8.38 13.62
OA1 FLC W . 37.45 12.78 9.81
OA2 FLC W . 35.96 11.33 9.26
OB1 FLC W . 33.95 10.05 10.96
OB2 FLC W . 35.26 8.48 10.24
OG1 FLC W . 35.78 7.43 13.16
OG2 FLC W . 34.05 8.19 14.32
OHB FLC W . 37.38 9.28 11.87
#